data_7OLE
#
_entry.id   7OLE
#
_cell.length_a   1.00
_cell.length_b   1.00
_cell.length_c   1.00
_cell.angle_alpha   90.00
_cell.angle_beta   90.00
_cell.angle_gamma   90.00
#
_symmetry.space_group_name_H-M   'P 1'
#
loop_
_entity.id
_entity.type
_entity.pdbx_description
1 polymer 'RuvB-like 1'
2 polymer 'RuvB-like 2'
3 polymer 'TELO2-interacting protein 1 homolog,TELO2-interacting protein 1 homolog,TTI1'
4 polymer 'TELO2-interacting protein 2,TELO2-interacting protein 2,TTI2'
5 polymer 'Telomere length regulation protein TEL2 homolog'
6 non-polymer "ADENOSINE-5'-DIPHOSPHATE"
#
loop_
_entity_poly.entity_id
_entity_poly.type
_entity_poly.pdbx_seq_one_letter_code
_entity_poly.pdbx_strand_id
1 'polypeptide(L)'
;MKIEEVKSTTKTQRIASHSHVKGLGLDESGLAKQAASGLVGQENAREACGVIVELIKSKKMAGRAVLLAGPPGTGKTALA
LAIAQELGSKVPFCPMVGSEVYSTEIKKTEVLMENFRRAIGLRIKETKEVYEGEVTELTPCETENPMGGYGKTISHVIIG
LKTAKGTKQLKLDPSIFESLQKERVEAGDVIYIEANSGAVKRQGRCDTYATEFDLEAEEYVPLPKGDVHKKKEIIQDVTL
HDLDVANARPQGGQDILSMMGQLMKPKKTEITDKLRGEINKVVNKYIDQGIAELVPGVLFVDEVHMLDIECFTYLHRALE
SSIAPIVIFASNRGNCVIRGTEDITSPHGIPLDLLDRVMIIRTMLYTPQEMKQIIKIRAQTEGINISEEALNHLGEIGTK
TTLRYSVQLLTPANLLAKINGKDSIEKEHVEEISELFYDAKSSAKILADQQDKYMK
;
A,C,E
2 'polypeptide(L)'
;MATVTATTKVPEIRDVTRIERIGAHSHIRGLGLDDALEPRQASQGMVGQLAARRAAGVVLEMIREGKIAGRAVLIAGQPG
TGKTAIAMGMAQALGPDTPFTAIAGSEIFSLEMSKTEALTQAFRRSIGVRIKEETEIIEGEVVEIQIDRPATGTGSKVGK
LTLKTTEMETIYDLGTKMIESLTKDKVQAGDVITIDKATGKISKLGRSFTRARDYDAMGSQTKFVQCPDGELQKRKEVVH
TVSLHEIDVINSRTQGFLALFSGDTGEIKSEVREQINAKVAEWREEGKAEIIPGVLFIDEVHMLDIESFSFLNRALESDM
APVLIMATNRGITRIRGTSYQSPHGIPIDLLDRLLIVSTTPYSEKDTKQILRIRCEEEDVEMSEDAYTVLTRIGLETSLR
YAIQLITAASLVCRKRKGTEVQVDDIKRVYSLFLDESRSTQYMKEYQDAFLFNELKGETMDTS
;
B,D,F
3 'polypeptide(L)'
;MAVFDTPEEAFGVLRPVCVQLTKTQTVENVEHLQTRLQAVSDSALQELQQYILFPLRFTLKTPGPKRERLIQSVVECLTF
VLSSTCVKEQELLQELFSELSACLYSPSSQKPAAVSEELKLAVIQGLSTLMHSAYGDIILTFYEPSILPRLGFAVSLLLG
LAEQEKSKQIKIAALKCLQVLLLQCDCQDHPRSLDELEQKQLGDLFASFLPGISTALTRLITGDFKQGHSIVVSSLKIFY
KTVSFIMADEQLKRISKVQAKPAVEHRVAELMVYREADWVKKTGDKLTILIKKIIECVSVHPHWKVRLELVELVEDLLLK
CSQSLVECAGPLLKALVGLVNDESPEIQAQCNKVLRHFADQKVVVGNKALADILSESLHSLATSLPRLMNSQDDQGKFST
LSLLLGYLKLLGPKINFVLNSVAHLQRLSKALIQVLELDVADIKIVEERRWNSDDLNASPKTSATQPWNRIQRRYFRFFT
DERIFMLLRQVCQLLGYYGNLYLLVDHFMELYHQSVVYRKQAAMILNELVTGAAGLEVEDLHEKHIKTNPEELREIVTSI
LEEYTSQENWYLVTCLETEEMGEELMMEHPGLQAITSGEHTCQVTSFLAFSKPSPTICSMNSNIWQICIQLEGIGQFAYA
LGKDFCLLLMSALYPVLEKAGDQTLLISQVATSTMMDVCRACGYDSLQHLINQNSDYLVNGISLNLRHLALHPHTPKVLE
VMLRNSDANLLPLVADVVQDVLATLDQFYDKRAASFVSVLHALMAALAQWFPDTGNLGHLQEQSLGEEGSHLNQRPAALE
KSTTTAEDIEQFLLNYLKEKDVADGNVSDFDNEEEEQSVPPKVDENDTRPDVEPPLPLQIQIAMDVMERCIHLLSDKNLQ
IRLKVLDVLDLCVVVLQSHKNQLLPLAHQAWPSLVHRLTRDAPLAVLRAFKVLRTLGSKCGDFLRSRFCKDVLPKLAGSL
VTQAPISARAGPVYSHTLAFKLQLAVLQGLGPLCERLDLGEGDLNKVADACLIYLSVKQPVKLQEAARSVFLHLMKVDPD
STWFLLNELYCPVQFTPPHPSLHPVQLHGASGQQNPYTTNVLQLLKELQ(UNK)(UNK)(UNK)(UNK)(UNK)(UNK)
(UNK)(UNK)(UNK)(UNK)(UNK)(UNK)(UNK)(UNK)(UNK)(UNK)(UNK)(UNK)(UNK)(UNK)(UNK)(UNK)
(UNK)(UNK)(UNK)(UNK)(UNK)(UNK)(UNK)(UNK)(UNK)(UNK)(UNK)(UNK)(UNK)(UNK)(UNK)(UNK)
(UNK)(UNK)(UNK)(UNK)(UNK)(UNK)(UNK)(UNK)(UNK)(UNK)(UNK)(UNK)(UNK)(UNK)(UNK)(UNK)
(UNK)(UNK)(UNK)(UNK)(UNK)(UNK)(UNK)(UNK)(UNK)(UNK)(UNK)(UNK)(UNK)(UNK)(UNK)(UNK)
(UNK)(UNK)(UNK)(UNK)(UNK)(UNK)(UNK)(UNK)(UNK)(UNK)(UNK)(UNK)(UNK)(UNK)(UNK)(UNK)
(UNK)(UNK)(UNK)(UNK)(UNK)(UNK)(UNK)(UNK)(UNK)(UNK)(UNK)(UNK)(UNK)(UNK)(UNK)(UNK)
(UNK)(UNK)(UNK)(UNK)(UNK)(UNK)(UNK)(UNK)(UNK)(UNK)(UNK)G(UNK)G(UNK)(UNK)(UNK)
(UNK)(UNK)(UNK)(UNK)(UNK)(UNK)(UNK)(UNK)(UNK)(UNK)(UNK)(UNK)(UNK)(UNK)(UNK)(UNK)
(UNK)(UNK)(UNK)(UNK)(UNK)(UNK)G(UNK)(UNK)(UNK)(UNK)(UNK)(UNK)(UNK)(UNK)(UNK)
(UNK)(UNK)(UNK)(UNK)(UNK)(UNK)(UNK)(UNK)(UNK)(UNK)(UNK)(UNK)(UNK)(UNK)(UNK)(UNK)
(UNK)(UNK)(UNK)(UNK)(UNK)(UNK)(UNK)(UNK)(UNK)(UNK)(UNK)(UNK)(UNK)(UNK)(UNK)(UNK)
(UNK)(UNK)(UNK)(UNK)(UNK)(UNK)(UNK)(UNK)(UNK)(UNK)(UNK)(UNK)(UNK)(UNK)(UNK)(UNK)
(UNK)(UNK)(UNK)(UNK)(UNK)(UNK)(UNK)(UNK)(UNK)(UNK)(UNK)(UNK)(UNK)(UNK)(UNK)(UNK)
(UNK)(UNK)(UNK)(UNK)(UNK)(UNK)(UNK)(UNK)(UNK)(UNK)(UNK)(UNK)(UNK)(UNK)(UNK)(UNK)
(UNK)(UNK)(UNK)(UNK)(UNK)(UNK)(UNK)(UNK)(UNK)(UNK)(UNK)(UNK)(UNK)(UNK)(UNK)(UNK)
(UNK)(UNK)(UNK)(UNK)(UNK)(UNK)(UNK)(UNK)(UNK)(UNK)(UNK)(UNK)(UNK)(UNK)(UNK)(UNK)
(UNK)(UNK)(UNK)(UNK)(UNK)(UNK)(UNK)(UNK)(UNK)(UNK)(UNK)(UNK)(UNK)(UNK)(UNK)G
(UNK)(UNK)(UNK)(UNK)(UNK)(UNK)(UNK)(UNK)(UNK)(UNK)(UNK)(UNK)(UNK)(UNK)(UNK)(UNK)
(UNK)(UNK)(UNK)(UNK)(UNK)(UNK)(UNK)(UNK)(UNK)(UNK)(UNK)(UNK)(UNK)(UNK)(UNK)(UNK)
(UNK)(UNK)(UNK)(UNK)(UNK)(UNK)(UNK)(UNK)(UNK)(UNK)(UNK)(UNK)(UNK)(UNK)(UNK)(UNK)
(UNK)(UNK)(UNK)(UNK)(UNK)(UNK)(UNK)(UNK)(UNK)(UNK)(UNK)(UNK)(UNK)(UNK)(UNK)(UNK)
(UNK)G(UNK)(UNK)(UNK)(UNK)(UNK)(UNK)(UNK)(UNK)(UNK)(UNK)(UNK)(UNK)(UNK)(UNK)
(UNK)(UNK)(UNK)(UNK)(UNK)(UNK)(UNK)(UNK)(UNK)(UNK)(UNK)(UNK)(UNK)(UNK)(UNK)(UNK)
(UNK)(UNK)(UNK)(UNK)(UNK)(UNK)(UNK)(UNK)(UNK)(UNK)(UNK)(UNK)(UNK)(UNK)(UNK)(UNK)
(UNK)(UNK)(UNK)(UNK)(UNK)(UNK)(UNK)(UNK)(UNK)(UNK)(UNK)(UNK)(UNK)(UNK)(UNK)(UNK)
(UNK)(UNK)(UNK)(UNK)(UNK)(UNK)(UNK)(UNK)(UNK)(UNK)(UNK)(UNK)(UNK)(UNK)(UNK)(UNK)
(UNK)(UNK)(UNK)(UNK)(UNK)(UNK)(UNK)(UNK)(UNK)(UNK)(UNK)(UNK)(UNK)(UNK)(UNK)(UNK)
(UNK)(UNK)(UNK)(UNK)(UNK)(UNK)(UNK)(UNK)(UNK)(UNK)(UNK)(UNK)(UNK)(UNK)(UNK)(UNK)
(UNK)(UNK)(UNK)(UNK)(UNK)(UNK)(UNK)(UNK)(UNK)(UNK)(UNK)(UNK)(UNK)(UNK)(UNK)(UNK)
(UNK)(UNK)(UNK)(UNK)(UNK)(UNK)(UNK)(UNK)(UNK)(UNK)(UNK)(UNK)(UNK)(UNK)(UNK)(UNK)
(UNK)(UNK)(UNK)(UNK)(UNK)(UNK)(UNK)(UNK)(UNK)(UNK)(UNK)(UNK)(UNK)(UNK)(UNK)(UNK)
(UNK)G(UNK)(UNK)(UNK)(UNK)(UNK)(UNK)(UNK)(UNK)(UNK)(UNK)(UNK)(UNK)(UNK)(UNK)
(UNK)(UNK)(UNK)(UNK)(UNK)(UNK)(UNK)(UNK)(UNK)(UNK)(UNK)(UNK)(UNK)(UNK)(UNK)(UNK)
(UNK)(UNK)(UNK)(UNK)(UNK)(UNK)(UNK)(UNK)(UNK)(UNK)(UNK)(UNK)(UNK)(UNK)(UNK)(UNK)
(UNK)(UNK)(UNK)(UNK)(UNK)(UNK)(UNK)(UNK)(UNK)(UNK)(UNK)(UNK)(UNK)(UNK)(UNK)(UNK)
(UNK)(UNK)(UNK)(UNK)(UNK)(UNK)(UNK)(UNK)(UNK)(UNK)(UNK)(UNK)(UNK)(UNK)(UNK)(UNK)
(UNK)(UNK)(UNK)(UNK)(UNK)(UNK)(UNK)(UNK)(UNK)(UNK)(UNK)(UNK)(UNK)(UNK)(UNK)(UNK)
(UNK)(UNK)(UNK)(UNK)(UNK)(UNK)(UNK)(UNK)(UNK)(UNK)(UNK)(UNK)(UNK)(UNK)(UNK)(UNK)
(UNK)(UNK)(UNK)(UNK)(UNK)(UNK)(UNK)(UNK)(UNK)(UNK)(UNK)(UNK)(UNK)(UNK)(UNK)(UNK)
(UNK)(UNK)(UNK)(UNK)(UNK)(UNK)(UNK)(UNK)(UNK)(UNK)(UNK)(UNK)(UNK)
;
H
4 'polypeptide(L)'
;MELDSALEAPSQEDSNLSEELSHSAFGQAFSKILHCLARPEARRGNVKDAVLKDLGDLIEATEFDRLFEGTGARLRGMPE
TLGQVAKALEKYAAPSKEEEGGGDGHSEAAEKAAQVGLLFLKLLGKVETAKNSLVGPAWQTGLHHLAGPVYIFAITHSLE
QPWTTPRSREVAREVLTSLLQVTECGSVAGFLHGENEDEKGRLSVILGLLKPDLYKESWKNNPAIKHVFSWTLQQVTRPW
LSQHLERVLPASLVISDDYQTENKILGVHCLHHIVLNVPAADLLQYNRAQVLYHAISNHLYTPEHHLIQAVLLCLLDLFP
ILEKTLHWKGDGARPTTHCDEVLRLILTHMEPEHRLLLRRTYARNLPAFVNRLGILTVRHLKRLERVIIGYLEVYDGPEE
EARLKILETLKLLMQHTWPRVSCRLVVLLKALLKLICDVARDPNLTPESVKSALLQEATDCLILLDRCSQGRVKGLLAKI
PQSCEDRKVVNYIRKVQQVSEGAPYNGT(UNK)(UNK)(UNK)(UNK)(UNK)(UNK)(UNK)(UNK)(UNK)(UNK)
(UNK)(UNK)(UNK)(UNK)(UNK)(UNK)(UNK)(UNK)(UNK)(UNK)(UNK)(UNK)(UNK)(UNK)(UNK)(UNK)
(UNK)(UNK)(UNK)(UNK)(UNK)(UNK)(UNK)(UNK)(UNK)(UNK)(UNK)(UNK)(UNK)(UNK)(UNK)(UNK)
(UNK)(UNK)(UNK)(UNK)(UNK)(UNK)(UNK)(UNK)(UNK)(UNK)(UNK)(UNK)(UNK)(UNK)(UNK)(UNK)
(UNK)(UNK)(UNK)(UNK)(UNK)(UNK)(UNK)(UNK)(UNK)(UNK)(UNK)(UNK)(UNK)(UNK)(UNK)(UNK)
(UNK)(UNK)(UNK)(UNK)(UNK)(UNK)(UNK)(UNK)(UNK)(UNK)(UNK)(UNK)(UNK)(UNK)(UNK)(UNK)
(UNK)(UNK)(UNK)(UNK)(UNK)(UNK)(UNK)(UNK)(UNK)(UNK)(UNK)(UNK)(UNK)(UNK)(UNK)(UNK)
(UNK)(UNK)(UNK)(UNK)(UNK)(UNK)(UNK)G(UNK)G(UNK)(UNK)(UNK)(UNK)(UNK)(UNK)(UNK)
(UNK)(UNK)(UNK)(UNK)(UNK)(UNK)(UNK)(UNK)(UNK)(UNK)(UNK)(UNK)(UNK)(UNK)(UNK)(UNK)
(UNK)(UNK)G(UNK)(UNK)(UNK)(UNK)(UNK)(UNK)(UNK)(UNK)(UNK)(UNK)(UNK)(UNK)(UNK)
(UNK)(UNK)(UNK)(UNK)(UNK)(UNK)(UNK)(UNK)(UNK)(UNK)(UNK)(UNK)(UNK)(UNK)(UNK)(UNK)
(UNK)(UNK)(UNK)(UNK)(UNK)(UNK)(UNK)(UNK)(UNK)(UNK)(UNK)(UNK)(UNK)(UNK)(UNK)(UNK)
(UNK)(UNK)(UNK)(UNK)(UNK)(UNK)(UNK)(UNK)(UNK)(UNK)(UNK)(UNK)(UNK)(UNK)(UNK)(UNK)
(UNK)(UNK)(UNK)(UNK)(UNK)(UNK)(UNK)(UNK)(UNK)(UNK)(UNK)(UNK)(UNK)(UNK)(UNK)(UNK)
(UNK)(UNK)(UNK)(UNK)(UNK)(UNK)(UNK)(UNK)(UNK)(UNK)(UNK)(UNK)(UNK)(UNK)(UNK)(UNK)
(UNK)(UNK)(UNK)(UNK)(UNK)(UNK)(UNK)(UNK)(UNK)(UNK)(UNK)(UNK)(UNK)(UNK)(UNK)(UNK)
(UNK)(UNK)(UNK)(UNK)(UNK)(UNK)(UNK)(UNK)(UNK)(UNK)(UNK)(UNK)(UNK)(UNK)(UNK)(UNK)
(UNK)(UNK)(UNK)(UNK)(UNK)(UNK)(UNK)(UNK)(UNK)(UNK)(UNK)G(UNK)(UNK)(UNK)(UNK)
(UNK)(UNK)(UNK)(UNK)(UNK)(UNK)(UNK)(UNK)(UNK)(UNK)(UNK)(UNK)(UNK)(UNK)(UNK)(UNK)
(UNK)(UNK)(UNK)(UNK)(UNK)(UNK)(UNK)(UNK)(UNK)(UNK)(UNK)(UNK)(UNK)(UNK)(UNK)(UNK)
(UNK)(UNK)(UNK)(UNK)(UNK)(UNK)(UNK)(UNK)(UNK)(UNK)(UNK)(UNK)(UNK)(UNK)(UNK)(UNK)
(UNK)(UNK)(UNK)(UNK)(UNK)(UNK)(UNK)(UNK)(UNK)(UNK)(UNK)(UNK)(UNK)G(UNK)(UNK)G
(UNK)(UNK)(UNK)(UNK)(UNK)(UNK)(UNK)(UNK)(UNK)(UNK)(UNK)(UNK)(UNK)(UNK)(UNK)(UNK)
(UNK)(UNK)(UNK)(UNK)(UNK)(UNK)(UNK)(UNK)(UNK)(UNK)(UNK)(UNK)(UNK)(UNK)(UNK)(UNK)
(UNK)(UNK)(UNK)(UNK)(UNK)(UNK)(UNK)(UNK)(UNK)(UNK)(UNK)(UNK)(UNK)(UNK)(UNK)(UNK)
(UNK)(UNK)(UNK)(UNK)(UNK)(UNK)(UNK)(UNK)(UNK)(UNK)(UNK)(UNK)(UNK)(UNK)(UNK)(UNK)
(UNK)(UNK)(UNK)(UNK)(UNK)(UNK)(UNK)(UNK)(UNK)(UNK)(UNK)(UNK)(UNK)(UNK)(UNK)(UNK)
(UNK)(UNK)(UNK)(UNK)(UNK)(UNK)(UNK)(UNK)(UNK)(UNK)(UNK)(UNK)(UNK)(UNK)(UNK)(UNK)
(UNK)(UNK)(UNK)(UNK)(UNK)(UNK)(UNK)(UNK)(UNK)(UNK)(UNK)(UNK)
;
J
5 'polypeptide(L)'
;MEPAPSEVRLAVREAIHALSSSEDGGHIFCTLESLKRYLGEMEPPALPRE(UNK)(UNK)(UNK)(UNK)(UNK)(UNK)
(UNK)(UNK)(UNK)(UNK)KEEFASAHFSPVLRCLASRLSPAWLELLPHGRLE(UNK)(UNK)(UNK)(UNK)(UNK)
(UNK)(UNK)(UNK)ELWASFFLEGPADQAFLVLMETIEGAAGPSFRLMKMARLLARFLREGRLAVLMEAQCRQQTQPGF
ILLRETLLGKVV(UNK)(UNK)(UNK)(UNK)(UNK)(UNK)(UNK)(UNK)(UNK)(UNK)(UNK)(UNK)(UNK)
(UNK)(UNK)(UNK)(UNK)(UNK)ALPDHLGNRLQQENLAEFFPQNYFRLLGEEVVRVLQAVVDSLQGGLDSSVSFVSQ
VLGKACVHGRQQEILGVLVPRLAALTQGSYLHQRVCWRLVEQVPDRAMEAVLTGLVEAALGPEVLSRLLGNLVVKNKKAQ
FVMTQKLLFLQSRLTTPMLQSLLGHLAMDSQRRPLLLQVLKELLETWGSSSAIRHTPLPQQRHVSKAVLICLAQLGEPEL
RDSRDELLASMMAGVKCRLDSSLPPVRRLGMIVAEVVSARIHPEGPPLKFQYEEDELSLELLALASPQPAGDGASEAGT
;
K
#
# COMPACT_ATOMS: atom_id res chain seq x y z
N GLU A 5 9.28 -46.66 51.72
CA GLU A 5 8.80 -47.04 50.40
C GLU A 5 9.93 -46.89 49.38
N VAL A 6 10.82 -47.87 49.38
CA VAL A 6 12.05 -47.81 48.60
C VAL A 6 12.21 -49.15 47.87
N LYS A 7 12.29 -49.12 46.53
CA LYS A 7 12.27 -50.39 45.84
C LYS A 7 13.30 -50.48 44.72
N SER A 8 13.50 -49.42 43.97
CA SER A 8 14.49 -49.38 42.88
C SER A 8 14.38 -50.59 41.97
N THR A 9 13.23 -50.72 41.34
CA THR A 9 12.99 -51.82 40.43
C THR A 9 13.75 -51.65 39.13
N THR A 10 14.74 -52.51 38.94
CA THR A 10 15.38 -52.69 37.65
C THR A 10 14.77 -53.91 36.98
N LYS A 11 13.81 -53.67 36.09
CA LYS A 11 13.02 -54.74 35.53
C LYS A 11 13.88 -55.64 34.64
N THR A 12 13.25 -56.68 34.09
CA THR A 12 13.94 -57.71 33.32
C THR A 12 13.86 -57.34 31.84
N GLN A 13 14.82 -56.54 31.35
CA GLN A 13 14.73 -56.27 29.94
C GLN A 13 15.69 -57.06 29.05
N ARG A 14 16.97 -56.67 29.01
CA ARG A 14 17.81 -57.31 27.98
C ARG A 14 19.31 -57.32 28.27
N ILE A 15 19.80 -57.27 29.51
CA ILE A 15 21.13 -56.68 29.72
C ILE A 15 22.17 -57.63 30.31
N ALA A 16 22.17 -58.89 29.88
CA ALA A 16 22.70 -59.98 30.70
C ALA A 16 24.20 -59.92 30.97
N SER A 17 24.61 -59.40 32.14
CA SER A 17 25.98 -59.56 32.65
C SER A 17 26.14 -60.11 34.07
N HIS A 18 25.54 -59.47 35.08
CA HIS A 18 25.69 -59.87 36.47
C HIS A 18 24.33 -59.79 37.15
N SER A 19 24.13 -60.52 38.23
CA SER A 19 22.80 -60.58 38.82
C SER A 19 22.21 -59.19 39.10
N HIS A 20 22.86 -58.39 39.93
CA HIS A 20 22.60 -56.96 40.05
C HIS A 20 23.54 -56.37 41.09
N VAL A 21 23.87 -55.09 40.91
CA VAL A 21 24.76 -54.39 41.81
C VAL A 21 24.15 -53.03 42.11
N LYS A 22 24.33 -52.59 43.36
CA LYS A 22 23.84 -51.29 43.76
C LYS A 22 24.99 -50.41 44.22
N GLY A 23 25.72 -50.89 45.24
CA GLY A 23 26.72 -50.12 45.92
C GLY A 23 28.13 -50.51 45.50
N LEU A 24 29.10 -49.90 46.20
CA LEU A 24 30.54 -50.01 45.87
C LEU A 24 31.39 -50.70 46.93
N GLY A 25 31.61 -50.10 48.09
CA GLY A 25 32.24 -50.84 49.16
C GLY A 25 33.57 -50.43 49.74
N LEU A 26 33.84 -49.14 49.90
CA LEU A 26 34.96 -48.72 50.71
C LEU A 26 34.52 -47.65 51.69
N ASP A 27 35.39 -47.32 52.64
CA ASP A 27 35.05 -46.39 53.71
C ASP A 27 35.33 -44.93 53.30
N GLU A 28 35.33 -44.03 54.29
CA GLU A 28 35.29 -42.60 53.97
C GLU A 28 36.68 -42.00 53.82
N SER A 29 37.70 -42.60 54.44
CA SER A 29 39.02 -41.96 54.46
C SER A 29 39.85 -42.26 53.22
N GLY A 30 39.25 -42.82 52.18
CA GLY A 30 39.99 -43.03 50.97
C GLY A 30 41.01 -44.15 51.04
N LEU A 31 41.58 -44.42 52.20
CA LEU A 31 42.54 -45.50 52.32
C LEU A 31 41.78 -46.80 52.09
N ALA A 32 41.82 -47.28 50.86
CA ALA A 32 40.91 -48.33 50.43
C ALA A 32 41.51 -49.69 50.74
N LYS A 33 40.79 -50.73 50.32
CA LYS A 33 41.24 -52.10 50.43
C LYS A 33 42.16 -52.41 49.27
N GLN A 34 42.46 -53.68 49.09
CA GLN A 34 43.35 -54.00 47.99
C GLN A 34 42.64 -54.05 46.65
N ALA A 35 41.75 -55.02 46.48
CA ALA A 35 40.91 -54.99 45.28
C ALA A 35 39.49 -55.29 45.73
N ALA A 36 38.77 -54.24 46.03
CA ALA A 36 37.43 -54.29 46.57
C ALA A 36 36.83 -52.92 46.29
N SER A 37 35.55 -52.75 46.63
CA SER A 37 34.91 -51.43 46.57
C SER A 37 34.83 -50.90 45.14
N GLY A 38 34.20 -51.68 44.26
CA GLY A 38 34.04 -51.19 42.91
C GLY A 38 33.77 -52.23 41.84
N LEU A 39 33.38 -51.71 40.68
CA LEU A 39 33.46 -52.45 39.43
C LEU A 39 34.90 -52.83 39.17
N VAL A 40 35.14 -53.43 38.01
CA VAL A 40 36.45 -53.95 37.65
C VAL A 40 36.79 -53.36 36.29
N GLY A 41 37.41 -52.19 36.30
CA GLY A 41 37.55 -51.39 35.11
C GLY A 41 36.72 -50.12 35.17
N GLN A 42 36.88 -49.30 34.14
CA GLN A 42 36.05 -48.14 33.90
C GLN A 42 36.29 -47.01 34.86
N GLU A 43 37.06 -47.23 35.90
CA GLU A 43 36.53 -46.64 37.14
C GLU A 43 36.60 -45.16 37.15
N ASN A 44 37.05 -44.68 36.01
CA ASN A 44 37.10 -43.27 35.67
C ASN A 44 35.79 -42.56 35.92
N ALA A 45 34.73 -43.33 36.13
CA ALA A 45 33.50 -42.74 36.63
C ALA A 45 33.64 -42.39 38.10
N ARG A 46 34.65 -42.96 38.77
CA ARG A 46 34.69 -42.83 40.22
C ARG A 46 34.73 -41.39 40.72
N GLU A 47 35.65 -40.57 40.21
CA GLU A 47 36.10 -39.36 40.92
C GLU A 47 35.08 -38.23 41.08
N ALA A 48 34.56 -37.68 39.98
CA ALA A 48 33.97 -36.34 40.03
C ALA A 48 32.81 -36.24 41.02
N CYS A 49 32.31 -37.37 41.51
CA CYS A 49 31.22 -37.37 42.49
C CYS A 49 31.56 -36.55 43.72
N GLY A 50 32.86 -36.31 43.96
CA GLY A 50 33.28 -35.61 45.16
C GLY A 50 33.81 -34.21 44.89
N VAL A 51 34.45 -34.00 43.74
CA VAL A 51 34.86 -32.63 43.43
C VAL A 51 33.63 -31.75 43.29
N ILE A 52 32.49 -32.36 42.98
CA ILE A 52 31.27 -31.57 42.91
C ILE A 52 30.94 -30.96 44.27
N VAL A 53 31.03 -31.74 45.34
CA VAL A 53 30.83 -31.18 46.67
C VAL A 53 32.00 -30.31 47.06
N GLU A 54 33.17 -30.53 46.48
CA GLU A 54 34.22 -29.54 46.56
C GLU A 54 33.85 -28.25 45.85
N LEU A 55 32.79 -28.25 45.04
CA LEU A 55 32.45 -27.09 44.24
C LEU A 55 31.02 -26.59 44.46
N ILE A 56 30.09 -27.41 44.96
CA ILE A 56 28.70 -26.96 45.05
C ILE A 56 28.42 -26.21 46.35
N LYS A 57 28.67 -26.85 47.51
CA LYS A 57 28.33 -26.20 48.78
C LYS A 57 29.22 -25.00 49.08
N SER A 58 30.13 -24.65 48.17
CA SER A 58 30.90 -23.42 48.23
C SER A 58 30.11 -22.23 47.71
N LYS A 59 28.78 -22.32 47.76
CA LYS A 59 27.84 -21.38 47.15
C LYS A 59 28.26 -20.98 45.74
N LYS A 60 28.70 -21.96 44.94
CA LYS A 60 29.29 -21.69 43.63
C LYS A 60 28.57 -22.31 42.45
N MET A 61 28.24 -23.60 42.49
CA MET A 61 27.85 -24.34 41.29
C MET A 61 26.54 -25.11 41.48
N ALA A 62 25.49 -24.42 41.91
CA ALA A 62 24.14 -25.01 41.95
C ALA A 62 23.47 -24.78 40.60
N GLY A 63 22.70 -25.76 40.14
CA GLY A 63 22.08 -25.70 38.83
C GLY A 63 22.96 -26.30 37.76
N ARG A 64 23.35 -27.56 37.94
CA ARG A 64 24.44 -28.17 37.21
C ARG A 64 23.98 -29.44 36.50
N ALA A 65 24.36 -29.54 35.23
CA ALA A 65 24.09 -30.71 34.39
C ALA A 65 25.41 -31.29 33.93
N VAL A 66 25.55 -32.60 34.08
CA VAL A 66 26.84 -33.29 33.93
C VAL A 66 26.58 -34.66 33.34
N LEU A 67 27.53 -35.19 32.58
CA LEU A 67 27.22 -36.40 31.82
C LEU A 67 28.41 -37.34 31.65
N LEU A 68 28.05 -38.62 31.62
CA LEU A 68 28.92 -39.73 31.26
C LEU A 68 29.47 -39.49 29.87
N ALA A 69 30.35 -40.40 29.45
CA ALA A 69 30.56 -40.72 28.04
C ALA A 69 30.18 -42.19 27.90
N GLY A 70 28.95 -42.44 27.44
CA GLY A 70 28.28 -43.70 27.71
C GLY A 70 28.31 -44.76 26.62
N PRO A 71 28.80 -45.95 26.95
CA PRO A 71 28.79 -47.05 25.99
C PRO A 71 27.37 -47.52 25.73
N PRO A 72 27.19 -48.45 24.79
CA PRO A 72 25.84 -48.92 24.46
C PRO A 72 25.36 -50.19 25.14
N GLY A 73 24.10 -50.19 25.58
CA GLY A 73 23.45 -51.39 26.08
C GLY A 73 23.39 -51.49 27.58
N THR A 74 23.23 -50.36 28.25
CA THR A 74 23.47 -50.30 29.68
C THR A 74 22.24 -49.96 30.49
N GLY A 75 21.55 -48.89 30.14
CA GLY A 75 20.76 -48.28 31.18
C GLY A 75 21.75 -47.90 32.24
N LYS A 76 22.61 -46.95 31.91
CA LYS A 76 23.62 -46.47 32.83
C LYS A 76 22.99 -45.54 33.86
N THR A 77 23.70 -45.34 34.95
CA THR A 77 23.03 -44.97 36.18
C THR A 77 23.45 -43.63 36.76
N ALA A 78 23.52 -42.57 35.96
CA ALA A 78 23.58 -41.27 36.59
C ALA A 78 22.18 -40.76 36.92
N LEU A 79 21.15 -41.58 36.68
CA LEU A 79 19.76 -41.18 36.66
C LEU A 79 19.32 -40.30 37.82
N ALA A 80 19.30 -40.85 39.04
CA ALA A 80 18.84 -40.04 40.17
C ALA A 80 19.49 -40.35 41.52
N LEU A 81 20.52 -41.19 41.64
CA LEU A 81 20.94 -41.65 42.97
C LEU A 81 22.46 -41.63 43.24
N ALA A 82 23.31 -41.47 42.22
CA ALA A 82 24.72 -41.87 42.27
C ALA A 82 25.45 -41.69 43.60
N ILE A 83 25.20 -40.60 44.33
CA ILE A 83 25.87 -40.36 45.60
C ILE A 83 25.24 -41.14 46.76
N ALA A 84 23.92 -41.37 46.73
CA ALA A 84 23.22 -41.92 47.88
C ALA A 84 22.92 -43.40 47.75
N GLN A 85 23.53 -44.05 46.77
CA GLN A 85 23.33 -45.48 46.59
C GLN A 85 23.48 -46.19 47.92
N GLU A 86 24.56 -45.90 48.62
CA GLU A 86 24.75 -46.42 49.96
C GLU A 86 24.95 -45.28 50.94
N LEU A 87 24.69 -44.06 50.51
CA LEU A 87 24.18 -43.11 51.49
C LEU A 87 22.77 -43.48 51.89
N GLY A 88 22.19 -44.48 51.26
CA GLY A 88 21.08 -45.23 51.85
C GLY A 88 19.76 -45.38 51.11
N SER A 89 19.56 -46.58 50.57
CA SER A 89 18.25 -47.20 50.37
C SER A 89 17.27 -46.40 49.50
N LYS A 90 17.59 -46.25 48.22
CA LYS A 90 16.59 -46.13 47.17
C LYS A 90 15.75 -44.85 47.27
N VAL A 91 16.37 -43.71 47.03
CA VAL A 91 15.72 -42.39 46.91
C VAL A 91 15.46 -42.13 45.41
N PRO A 92 14.91 -40.98 44.98
CA PRO A 92 13.97 -41.02 43.85
C PRO A 92 14.64 -41.42 42.54
N PHE A 93 13.82 -41.58 41.51
CA PHE A 93 14.27 -42.22 40.28
C PHE A 93 13.82 -41.46 39.04
N CYS A 94 14.33 -41.91 37.91
CA CYS A 94 13.85 -41.65 36.55
C CYS A 94 14.66 -42.54 35.63
N PRO A 95 14.04 -43.30 34.73
CA PRO A 95 14.80 -44.32 33.98
C PRO A 95 15.68 -43.69 32.92
N MET A 96 16.17 -44.53 32.00
CA MET A 96 17.09 -44.15 30.91
C MET A 96 16.60 -44.80 29.60
N VAL A 97 15.65 -44.15 28.92
CA VAL A 97 14.88 -44.88 27.89
C VAL A 97 14.92 -44.30 26.48
N GLY A 98 14.34 -43.12 26.26
CA GLY A 98 14.26 -42.60 24.91
C GLY A 98 13.68 -41.21 24.69
N SER A 99 13.36 -40.88 23.42
CA SER A 99 13.10 -39.51 22.95
C SER A 99 11.60 -39.27 23.04
N GLU A 100 11.18 -38.73 24.18
CA GLU A 100 9.77 -38.41 24.39
C GLU A 100 9.30 -37.28 23.49
N VAL A 101 9.96 -36.13 23.58
CA VAL A 101 9.45 -34.91 22.94
C VAL A 101 9.68 -34.89 21.44
N TYR A 102 10.12 -36.00 20.85
CA TYR A 102 10.65 -36.02 19.48
C TYR A 102 10.22 -37.25 18.66
N SER A 103 8.92 -37.54 18.59
CA SER A 103 8.49 -38.73 17.83
C SER A 103 7.13 -38.42 17.20
N THR A 104 6.33 -39.43 16.83
CA THR A 104 5.34 -39.29 15.76
C THR A 104 3.91 -38.90 16.19
N GLU A 105 3.72 -37.69 16.73
CA GLU A 105 2.43 -37.08 16.36
C GLU A 105 2.23 -35.57 16.23
N ILE A 106 2.58 -34.75 17.25
CA ILE A 106 2.08 -33.36 17.39
C ILE A 106 3.09 -32.28 17.79
N LYS A 107 2.59 -31.10 18.14
CA LYS A 107 3.42 -30.07 18.76
C LYS A 107 3.80 -30.48 20.18
N LYS A 108 4.78 -29.77 20.74
CA LYS A 108 5.54 -30.30 21.87
C LYS A 108 5.55 -29.43 23.13
N THR A 109 6.00 -28.18 23.07
CA THR A 109 6.61 -27.53 24.23
C THR A 109 5.78 -27.54 25.50
N GLU A 110 4.48 -27.79 25.38
CA GLU A 110 3.68 -28.02 26.57
C GLU A 110 4.27 -29.15 27.40
N VAL A 111 4.53 -30.29 26.76
CA VAL A 111 5.18 -31.36 27.50
C VAL A 111 6.67 -31.08 27.70
N LEU A 112 7.25 -30.09 27.01
CA LEU A 112 8.55 -29.59 27.44
C LEU A 112 8.46 -29.11 28.87
N MET A 113 7.62 -28.10 29.10
CA MET A 113 7.32 -27.62 30.45
C MET A 113 7.08 -28.78 31.41
N GLU A 114 6.20 -29.71 31.04
CA GLU A 114 5.97 -30.83 31.96
C GLU A 114 7.23 -31.65 32.18
N ASN A 115 8.06 -31.80 31.16
CA ASN A 115 9.34 -32.47 31.29
C ASN A 115 10.41 -31.52 31.76
N PHE A 116 10.17 -30.22 31.63
CA PHE A 116 10.80 -29.28 32.52
C PHE A 116 10.33 -29.49 33.95
N ARG A 117 9.36 -30.39 34.15
CA ARG A 117 8.81 -30.62 35.46
C ARG A 117 8.71 -32.07 35.85
N ARG A 118 8.60 -33.01 34.91
CA ARG A 118 8.33 -34.39 35.26
C ARG A 118 9.24 -34.92 36.35
N ALA A 119 10.39 -34.29 36.57
CA ALA A 119 11.23 -34.62 37.70
C ALA A 119 10.64 -34.15 39.02
N ILE A 120 9.67 -34.87 39.58
CA ILE A 120 8.97 -34.41 40.78
C ILE A 120 8.43 -35.58 41.59
N GLY A 121 8.76 -35.60 42.90
CA GLY A 121 8.18 -36.54 43.85
C GLY A 121 8.48 -36.16 45.29
N LEU A 122 7.44 -36.23 46.13
CA LEU A 122 7.46 -35.63 47.48
C LEU A 122 6.79 -36.56 48.48
N ARG A 123 6.38 -35.99 49.64
CA ARG A 123 5.65 -36.72 50.67
C ARG A 123 5.24 -35.78 51.81
N ILE A 124 4.24 -36.20 52.59
CA ILE A 124 3.72 -35.43 53.75
C ILE A 124 3.23 -36.41 54.81
N LYS A 125 3.07 -35.91 56.04
CA LYS A 125 2.46 -36.67 57.13
C LYS A 125 1.35 -35.83 57.76
N GLU A 126 0.30 -36.50 58.24
CA GLU A 126 -0.90 -35.83 58.73
C GLU A 126 -1.51 -36.65 59.87
N THR A 127 -1.93 -35.98 60.94
CA THR A 127 -2.56 -36.68 62.07
C THR A 127 -4.08 -36.68 61.89
N LYS A 128 -4.68 -37.86 62.00
CA LYS A 128 -6.12 -38.04 61.82
C LYS A 128 -6.68 -38.94 62.92
N GLU A 129 -8.01 -38.96 63.03
CA GLU A 129 -8.69 -39.63 64.12
C GLU A 129 -8.94 -41.10 63.78
N VAL A 130 -8.60 -41.98 64.72
CA VAL A 130 -8.83 -43.42 64.61
C VAL A 130 -9.74 -43.86 65.75
N TYR A 131 -10.63 -44.79 65.47
CA TYR A 131 -11.68 -45.20 66.41
C TYR A 131 -11.64 -46.71 66.63
N GLU A 132 -12.21 -47.14 67.76
CA GLU A 132 -11.91 -48.46 68.31
C GLU A 132 -13.14 -49.04 69.00
N GLY A 133 -13.68 -50.14 68.48
CA GLY A 133 -14.57 -50.99 69.25
C GLY A 133 -15.70 -51.69 68.50
N GLU A 134 -16.23 -52.74 69.13
CA GLU A 134 -17.11 -53.71 68.48
C GLU A 134 -18.20 -53.04 67.63
N VAL A 135 -18.52 -53.69 66.51
CA VAL A 135 -19.46 -53.15 65.52
C VAL A 135 -20.87 -53.58 65.87
N THR A 136 -21.85 -52.73 65.57
CA THR A 136 -23.25 -53.14 65.65
C THR A 136 -23.93 -53.13 64.29
N GLU A 137 -23.99 -51.98 63.60
CA GLU A 137 -24.55 -51.88 62.26
C GLU A 137 -24.40 -50.44 61.75
N LEU A 138 -24.27 -50.26 60.44
CA LEU A 138 -24.15 -48.92 59.87
C LEU A 138 -25.40 -48.10 60.17
N THR A 139 -25.20 -46.87 60.68
CA THR A 139 -26.37 -46.06 61.01
C THR A 139 -26.42 -44.81 60.15
N PRO A 140 -27.61 -44.39 59.71
CA PRO A 140 -27.76 -43.05 59.14
C PRO A 140 -28.11 -42.04 60.22
N CYS A 141 -28.36 -40.79 59.84
CA CYS A 141 -28.77 -39.75 60.78
C CYS A 141 -30.27 -39.91 61.05
N GLU A 142 -30.58 -40.53 62.19
CA GLU A 142 -31.94 -40.91 62.55
C GLU A 142 -32.28 -40.53 63.99
N THR A 143 -31.95 -39.31 64.38
CA THR A 143 -32.17 -38.85 65.75
C THR A 143 -33.64 -38.43 65.90
N GLU A 144 -34.06 -38.11 67.12
CA GLU A 144 -35.44 -37.73 67.38
C GLU A 144 -35.75 -36.37 66.78
N ASN A 145 -36.98 -36.21 66.29
CA ASN A 145 -37.45 -34.97 65.70
C ASN A 145 -38.80 -34.60 66.30
N PRO A 146 -39.00 -33.32 66.65
CA PRO A 146 -40.27 -32.93 67.29
C PRO A 146 -41.42 -32.83 66.31
N MET A 147 -41.17 -32.44 65.07
CA MET A 147 -42.23 -32.22 64.08
C MET A 147 -42.45 -33.49 63.27
N GLY A 148 -43.73 -33.82 63.02
CA GLY A 148 -44.07 -34.99 62.26
C GLY A 148 -43.99 -34.77 60.75
N GLY A 149 -44.07 -35.86 60.02
CA GLY A 149 -43.97 -35.80 58.57
C GLY A 149 -44.52 -37.06 57.95
N TYR A 150 -44.16 -37.26 56.68
CA TYR A 150 -44.60 -38.42 55.93
C TYR A 150 -43.44 -38.98 55.11
N GLY A 151 -43.56 -40.23 54.71
CA GLY A 151 -42.57 -40.87 53.87
C GLY A 151 -41.28 -41.23 54.57
N LYS A 152 -41.34 -42.14 55.54
CA LYS A 152 -40.16 -42.55 56.29
C LYS A 152 -40.34 -43.97 56.81
N THR A 153 -39.47 -44.88 56.37
CA THR A 153 -39.44 -46.25 56.86
C THR A 153 -37.99 -46.72 56.88
N ILE A 154 -37.32 -46.56 58.02
CA ILE A 154 -35.94 -46.99 58.18
C ILE A 154 -35.80 -47.64 59.55
N SER A 155 -34.87 -48.59 59.65
CA SER A 155 -34.59 -49.31 60.90
C SER A 155 -33.10 -49.63 60.95
N HIS A 156 -32.37 -48.93 61.80
CA HIS A 156 -30.92 -49.14 61.94
C HIS A 156 -30.51 -48.81 63.36
N VAL A 157 -29.33 -49.31 63.74
CA VAL A 157 -28.75 -49.05 65.05
C VAL A 157 -27.40 -48.38 64.87
N ILE A 158 -26.96 -47.69 65.93
CA ILE A 158 -25.76 -46.87 65.87
C ILE A 158 -24.54 -47.74 65.57
N ILE A 159 -23.56 -47.17 64.83
CA ILE A 159 -22.47 -47.98 64.28
C ILE A 159 -21.30 -47.99 65.24
N GLY A 160 -20.78 -49.19 65.49
CA GLY A 160 -19.61 -49.33 66.34
C GLY A 160 -18.31 -49.36 65.55
N LEU A 161 -17.64 -48.22 65.48
CA LEU A 161 -16.31 -48.19 64.88
C LEU A 161 -15.35 -48.98 65.76
N LYS A 162 -14.45 -49.72 65.10
CA LYS A 162 -13.97 -51.01 65.59
C LYS A 162 -12.44 -51.11 65.64
N THR A 163 -11.96 -51.50 66.81
CA THR A 163 -10.71 -52.20 67.01
C THR A 163 -10.98 -53.13 68.19
N ALA A 164 -10.11 -54.12 68.39
CA ALA A 164 -10.40 -55.22 69.32
C ALA A 164 -10.57 -54.77 70.77
N LYS A 165 -10.48 -53.46 71.03
CA LYS A 165 -10.45 -52.98 72.41
C LYS A 165 -11.83 -52.86 73.03
N GLY A 166 -12.66 -51.96 72.51
CA GLY A 166 -13.90 -51.61 73.18
C GLY A 166 -15.13 -51.68 72.31
N THR A 167 -15.85 -50.55 72.20
CA THR A 167 -17.03 -50.47 71.34
C THR A 167 -17.23 -49.01 70.95
N LYS A 168 -16.83 -48.63 69.73
CA LYS A 168 -16.92 -47.21 69.36
C LYS A 168 -18.31 -46.90 68.79
N GLN A 169 -19.31 -46.98 69.67
CA GLN A 169 -20.68 -46.71 69.23
C GLN A 169 -20.88 -45.23 69.00
N LEU A 170 -21.18 -44.86 67.76
CA LEU A 170 -21.47 -43.49 67.38
C LEU A 170 -22.03 -43.51 65.97
N LYS A 171 -22.25 -42.32 65.41
CA LYS A 171 -22.67 -42.15 64.03
C LYS A 171 -21.65 -41.26 63.30
N LEU A 172 -21.45 -41.54 62.02
CA LEU A 172 -20.41 -40.84 61.28
C LEU A 172 -20.73 -40.96 59.79
N ASP A 173 -19.87 -40.39 58.95
CA ASP A 173 -20.03 -40.22 57.51
C ASP A 173 -19.18 -41.23 56.73
N PRO A 174 -19.53 -41.48 55.46
CA PRO A 174 -18.95 -42.61 54.71
C PRO A 174 -17.48 -42.51 54.33
N SER A 175 -17.10 -43.39 53.39
CA SER A 175 -15.78 -43.56 52.76
C SER A 175 -14.79 -44.48 53.48
N ILE A 176 -15.26 -45.35 54.38
CA ILE A 176 -14.44 -46.49 54.78
C ILE A 176 -15.23 -47.81 54.72
N PHE A 177 -16.44 -47.83 55.27
CA PHE A 177 -16.97 -49.03 55.90
C PHE A 177 -17.94 -49.88 55.08
N GLU A 178 -18.70 -49.33 54.15
CA GLU A 178 -19.83 -50.11 53.61
C GLU A 178 -19.34 -51.31 52.82
N SER A 179 -18.28 -51.15 52.01
CA SER A 179 -17.70 -52.31 51.35
C SER A 179 -16.92 -53.16 52.33
N LEU A 180 -16.36 -52.54 53.37
CA LEU A 180 -15.88 -53.31 54.50
C LEU A 180 -17.03 -54.06 55.17
N GLN A 181 -18.15 -53.39 55.38
CA GLN A 181 -19.30 -54.02 56.05
C GLN A 181 -19.75 -55.27 55.31
N LYS A 182 -19.93 -55.18 53.99
CA LYS A 182 -20.34 -56.36 53.24
C LYS A 182 -19.21 -57.35 53.05
N GLU A 183 -18.00 -57.03 53.50
CA GLU A 183 -16.89 -57.96 53.54
C GLU A 183 -16.95 -58.89 54.75
N ARG A 184 -18.15 -59.01 55.33
CA ARG A 184 -18.42 -59.88 56.47
C ARG A 184 -17.60 -59.46 57.70
N VAL A 185 -17.90 -58.27 58.21
CA VAL A 185 -17.35 -57.78 59.47
C VAL A 185 -18.48 -57.27 60.33
N GLU A 186 -18.46 -57.67 61.60
CA GLU A 186 -19.39 -57.15 62.59
C GLU A 186 -18.69 -57.25 63.95
N ALA A 187 -19.47 -57.19 65.02
CA ALA A 187 -18.92 -57.48 66.34
C ALA A 187 -18.21 -58.83 66.33
N GLY A 188 -17.09 -58.88 67.04
CA GLY A 188 -16.24 -60.05 66.99
C GLY A 188 -15.21 -60.05 65.89
N ASP A 189 -15.43 -59.29 64.82
CA ASP A 189 -14.41 -59.05 63.80
C ASP A 189 -13.72 -57.73 64.08
N VAL A 190 -12.40 -57.74 63.91
CA VAL A 190 -11.55 -56.60 64.23
C VAL A 190 -11.03 -56.01 62.92
N ILE A 191 -11.10 -54.68 62.82
CA ILE A 191 -10.70 -53.96 61.62
C ILE A 191 -9.82 -52.80 62.04
N TYR A 192 -9.33 -52.06 61.05
CA TYR A 192 -8.64 -50.79 61.28
C TYR A 192 -9.30 -49.75 60.40
N ILE A 193 -9.94 -48.76 61.03
CA ILE A 193 -10.65 -47.73 60.28
C ILE A 193 -10.18 -46.36 60.74
N GLU A 194 -10.76 -45.31 60.16
CA GLU A 194 -10.28 -43.96 60.39
C GLU A 194 -11.42 -43.05 60.82
N ALA A 195 -11.19 -41.74 60.82
CA ALA A 195 -12.19 -40.76 61.21
C ALA A 195 -13.42 -40.75 60.31
N ASN A 196 -13.50 -41.63 59.31
CA ASN A 196 -14.63 -41.73 58.39
C ASN A 196 -14.99 -43.21 58.24
N SER A 197 -16.25 -43.49 57.89
CA SER A 197 -16.69 -44.88 57.73
C SER A 197 -18.05 -44.94 57.05
N GLY A 198 -18.18 -45.79 56.04
CA GLY A 198 -19.46 -46.02 55.40
C GLY A 198 -19.50 -46.05 53.88
N ALA A 199 -18.35 -46.18 53.22
CA ALA A 199 -18.35 -46.43 51.78
C ALA A 199 -17.27 -47.45 51.45
N VAL A 200 -16.90 -47.51 50.17
CA VAL A 200 -16.08 -48.60 49.64
C VAL A 200 -14.67 -48.56 50.18
N LYS A 201 -14.34 -49.53 51.05
CA LYS A 201 -12.96 -49.86 51.39
C LYS A 201 -12.97 -51.22 52.08
N ARG A 202 -12.11 -52.13 51.63
CA ARG A 202 -12.07 -53.46 52.20
C ARG A 202 -10.98 -53.58 53.26
N GLN A 203 -11.40 -53.84 54.50
CA GLN A 203 -10.50 -54.10 55.61
C GLN A 203 -10.59 -55.55 56.09
N GLY A 204 -11.74 -56.18 55.89
CA GLY A 204 -11.87 -57.61 56.12
C GLY A 204 -11.82 -57.97 57.59
N ARG A 205 -11.53 -59.25 57.84
CA ARG A 205 -11.78 -59.87 59.14
C ARG A 205 -10.71 -59.43 60.15
N CYS A 206 -10.65 -60.16 61.27
CA CYS A 206 -9.87 -59.74 62.42
C CYS A 206 -8.42 -59.44 62.06
N ASP A 207 -8.04 -58.17 62.19
CA ASP A 207 -6.66 -57.75 62.01
C ASP A 207 -5.78 -58.01 63.23
N THR A 208 -6.28 -57.68 64.43
CA THR A 208 -5.57 -58.06 65.65
C THR A 208 -5.29 -59.55 65.67
N TYR A 209 -6.30 -60.37 65.39
CA TYR A 209 -6.16 -61.82 65.38
C TYR A 209 -5.69 -62.27 63.99
N ALA A 210 -4.42 -61.96 63.72
CA ALA A 210 -3.81 -62.31 62.44
C ALA A 210 -3.41 -63.78 62.42
N THR A 211 -4.37 -64.67 62.67
CA THR A 211 -4.12 -66.10 62.72
C THR A 211 -4.74 -66.83 61.55
N GLU A 212 -5.98 -66.50 61.18
CA GLU A 212 -6.57 -67.04 59.96
C GLU A 212 -5.78 -66.59 58.74
N PHE A 213 -5.19 -65.41 58.81
CA PHE A 213 -4.31 -64.87 57.78
C PHE A 213 -3.32 -63.95 58.46
N ASP A 214 -2.07 -64.39 58.62
CA ASP A 214 -1.04 -63.51 59.14
C ASP A 214 -0.71 -62.39 58.16
N LEU A 215 -0.81 -62.66 56.87
CA LEU A 215 -0.66 -61.65 55.83
C LEU A 215 -1.60 -61.99 54.68
N GLU A 216 -2.32 -60.99 54.20
CA GLU A 216 -3.30 -61.14 53.14
C GLU A 216 -3.60 -59.74 52.61
N ALA A 217 -4.49 -59.64 51.61
CA ALA A 217 -4.85 -58.35 51.04
C ALA A 217 -5.32 -57.34 52.08
N GLU A 218 -5.61 -57.80 53.29
CA GLU A 218 -5.96 -56.93 54.39
C GLU A 218 -4.80 -56.89 55.39
N GLU A 219 -4.65 -55.74 56.06
CA GLU A 219 -3.60 -55.63 57.06
C GLU A 219 -3.92 -56.53 58.24
N TYR A 220 -3.02 -57.47 58.53
CA TYR A 220 -3.24 -58.45 59.58
C TYR A 220 -2.07 -58.40 60.56
N VAL A 221 -2.17 -57.50 61.54
CA VAL A 221 -1.18 -57.39 62.61
C VAL A 221 -1.91 -57.22 63.94
N PRO A 222 -1.39 -57.77 65.03
CA PRO A 222 -2.05 -57.58 66.33
C PRO A 222 -2.04 -56.13 66.76
N LEU A 223 -3.21 -55.49 66.77
CA LEU A 223 -3.33 -54.10 67.17
C LEU A 223 -3.58 -54.05 68.66
N PRO A 224 -2.66 -53.51 69.46
CA PRO A 224 -2.85 -53.48 70.92
C PRO A 224 -3.98 -52.51 71.27
N LYS A 225 -4.27 -52.46 72.56
CA LYS A 225 -5.33 -51.60 73.06
C LYS A 225 -4.81 -50.17 73.25
N GLY A 226 -5.75 -49.24 73.41
CA GLY A 226 -5.39 -47.84 73.49
C GLY A 226 -6.57 -46.96 73.81
N ASP A 227 -6.70 -45.84 73.10
CA ASP A 227 -7.83 -44.95 73.29
C ASP A 227 -8.98 -45.39 72.37
N VAL A 228 -10.20 -44.98 72.71
CA VAL A 228 -11.35 -45.30 71.88
C VAL A 228 -11.56 -44.27 70.78
N HIS A 229 -11.09 -43.05 70.99
CA HIS A 229 -11.23 -41.96 70.02
C HIS A 229 -9.89 -41.23 70.01
N LYS A 230 -8.96 -41.70 69.18
CA LYS A 230 -7.56 -41.31 69.28
C LYS A 230 -7.11 -40.57 68.02
N LYS A 231 -5.90 -40.03 68.08
CA LYS A 231 -5.27 -39.34 66.98
C LYS A 231 -3.94 -40.02 66.65
N LYS A 232 -3.68 -40.22 65.37
CA LYS A 232 -2.45 -40.85 64.92
C LYS A 232 -1.98 -40.16 63.65
N GLU A 233 -0.68 -39.85 63.58
CA GLU A 233 -0.14 -39.22 62.39
C GLU A 233 0.05 -40.30 61.33
N ILE A 234 -0.98 -40.49 60.52
CA ILE A 234 -0.90 -41.27 59.30
C ILE A 234 0.01 -40.52 58.33
N ILE A 235 0.42 -41.17 57.25
CA ILE A 235 1.34 -40.58 56.29
C ILE A 235 0.65 -40.54 54.93
N GLN A 236 0.84 -39.44 54.21
CA GLN A 236 0.34 -39.30 52.85
C GLN A 236 1.57 -39.19 51.94
N ASP A 237 1.88 -40.27 51.23
CA ASP A 237 2.96 -40.20 50.25
C ASP A 237 2.41 -39.63 48.94
N VAL A 238 2.89 -38.46 48.56
CA VAL A 238 2.30 -37.73 47.46
C VAL A 238 3.39 -37.00 46.68
N THR A 239 3.35 -37.12 45.34
CA THR A 239 4.32 -36.44 44.51
C THR A 239 3.94 -34.98 44.30
N LEU A 240 4.95 -34.17 43.99
CA LEU A 240 4.68 -32.77 43.70
C LEU A 240 3.63 -32.61 42.63
N HIS A 241 3.70 -33.41 41.57
CA HIS A 241 2.73 -33.28 40.50
C HIS A 241 1.32 -33.55 40.96
N ASP A 242 1.14 -34.47 41.90
CA ASP A 242 -0.20 -34.69 42.43
C ASP A 242 -0.70 -33.44 43.13
N LEU A 243 0.17 -32.77 43.87
CA LEU A 243 -0.21 -31.49 44.43
C LEU A 243 -0.62 -30.52 43.35
N ASP A 244 0.14 -30.49 42.26
CA ASP A 244 -0.14 -29.55 41.19
C ASP A 244 -1.52 -29.79 40.60
N VAL A 245 -1.81 -31.04 40.26
CA VAL A 245 -3.09 -31.34 39.64
C VAL A 245 -4.22 -31.11 40.62
N ALA A 246 -3.99 -31.38 41.90
CA ALA A 246 -5.02 -31.20 42.91
C ALA A 246 -5.61 -29.79 42.83
N ASN A 247 -4.75 -28.79 42.71
CA ASN A 247 -5.20 -27.41 42.73
C ASN A 247 -5.66 -26.91 41.38
N ALA A 248 -6.09 -27.80 40.50
CA ALA A 248 -6.68 -27.37 39.24
C ALA A 248 -8.17 -27.71 39.18
N ARG A 249 -8.57 -28.80 39.83
CA ARG A 249 -9.95 -29.26 39.85
C ARG A 249 -10.49 -29.49 38.45
N THR A 269 -7.66 -26.60 29.46
CA THR A 269 -7.69 -26.90 30.88
C THR A 269 -6.29 -27.24 31.38
N GLU A 270 -5.27 -26.79 30.64
CA GLU A 270 -3.88 -27.04 31.03
C GLU A 270 -3.57 -26.30 32.32
N ILE A 271 -2.46 -26.67 32.96
CA ILE A 271 -2.07 -26.10 34.24
C ILE A 271 -1.16 -24.91 33.98
N THR A 272 -1.35 -23.84 34.76
CA THR A 272 -0.50 -22.67 34.64
C THR A 272 0.84 -22.90 35.34
N ASP A 273 1.62 -21.84 35.45
CA ASP A 273 2.88 -21.89 36.18
C ASP A 273 2.72 -21.62 37.66
N LYS A 274 1.93 -20.61 38.03
CA LYS A 274 1.90 -20.13 39.40
C LYS A 274 1.61 -21.24 40.38
N LEU A 275 0.78 -22.20 39.95
CA LEU A 275 0.48 -23.37 40.79
C LEU A 275 1.75 -23.98 41.35
N ARG A 276 2.76 -24.20 40.49
CA ARG A 276 4.03 -24.69 41.00
C ARG A 276 4.60 -23.71 42.01
N GLY A 277 4.72 -22.44 41.62
CA GLY A 277 5.28 -21.45 42.54
C GLY A 277 4.54 -21.42 43.86
N GLU A 278 3.22 -21.54 43.82
CA GLU A 278 2.45 -21.50 45.06
C GLU A 278 2.77 -22.70 45.94
N ILE A 279 2.65 -23.91 45.39
CA ILE A 279 2.91 -25.11 46.17
C ILE A 279 4.33 -25.11 46.70
N ASN A 280 5.25 -24.45 46.00
CA ASN A 280 6.62 -24.34 46.48
C ASN A 280 6.66 -23.74 47.88
N LYS A 281 5.76 -22.81 48.16
CA LYS A 281 5.71 -22.23 49.51
C LYS A 281 5.04 -23.17 50.49
N VAL A 282 3.78 -23.54 50.20
CA VAL A 282 2.98 -24.29 51.17
C VAL A 282 3.69 -25.58 51.56
N VAL A 283 4.53 -26.12 50.68
CA VAL A 283 5.26 -27.31 51.05
C VAL A 283 6.27 -26.99 52.14
N ASN A 284 6.92 -25.84 52.05
CA ASN A 284 7.94 -25.50 53.04
C ASN A 284 7.34 -25.47 54.43
N LYS A 285 6.09 -25.03 54.53
CA LYS A 285 5.41 -25.05 55.82
C LYS A 285 5.45 -26.45 56.42
N TYR A 286 4.71 -27.39 55.82
CA TYR A 286 4.69 -28.74 56.33
C TYR A 286 6.10 -29.28 56.48
N ILE A 287 7.02 -28.83 55.63
CA ILE A 287 8.42 -29.21 55.77
C ILE A 287 8.97 -28.74 57.10
N ASP A 288 8.97 -27.43 57.32
CA ASP A 288 9.75 -26.88 58.42
C ASP A 288 9.13 -27.22 59.76
N GLN A 289 7.80 -27.24 59.85
CA GLN A 289 7.19 -27.71 61.08
C GLN A 289 7.26 -29.21 61.23
N GLY A 290 8.02 -29.91 60.39
CA GLY A 290 8.14 -31.34 60.48
C GLY A 290 6.86 -32.11 60.29
N ILE A 291 5.72 -31.43 60.11
CA ILE A 291 4.49 -32.13 59.75
C ILE A 291 4.70 -32.96 58.52
N ALA A 292 5.51 -32.47 57.59
CA ALA A 292 5.92 -33.22 56.43
C ALA A 292 7.43 -33.11 56.27
N GLU A 293 7.94 -33.96 55.40
CA GLU A 293 9.30 -33.85 54.93
C GLU A 293 9.28 -34.25 53.46
N LEU A 294 9.75 -33.36 52.60
CA LEU A 294 9.89 -33.71 51.19
C LEU A 294 10.84 -34.89 51.12
N VAL A 295 10.51 -35.83 50.25
CA VAL A 295 11.36 -37.00 50.13
C VAL A 295 10.96 -37.68 48.83
N PRO A 296 11.88 -38.33 48.21
CA PRO A 296 11.57 -39.26 47.12
C PRO A 296 10.30 -40.07 47.31
N GLY A 297 9.58 -40.34 46.21
CA GLY A 297 8.32 -41.06 46.27
C GLY A 297 7.92 -41.66 44.93
N VAL A 298 7.08 -42.69 44.94
CA VAL A 298 6.77 -43.43 43.72
C VAL A 298 5.94 -42.61 42.73
N LEU A 299 6.35 -42.62 41.46
CA LEU A 299 5.60 -42.09 40.33
C LEU A 299 6.11 -42.74 39.03
N PHE A 300 5.19 -43.08 38.13
CA PHE A 300 5.54 -43.79 36.90
C PHE A 300 6.13 -42.81 35.89
N VAL A 301 7.45 -42.87 35.73
CA VAL A 301 8.25 -41.90 34.99
C VAL A 301 9.07 -42.63 33.95
N ASP A 302 9.16 -42.09 32.74
CA ASP A 302 9.63 -42.89 31.62
C ASP A 302 10.26 -42.01 30.54
N GLU A 303 10.77 -42.69 29.51
CA GLU A 303 11.27 -42.12 28.25
C GLU A 303 12.48 -41.19 28.36
N VAL A 304 13.67 -41.73 28.67
CA VAL A 304 14.79 -40.89 29.12
C VAL A 304 16.15 -41.04 28.39
N HIS A 305 16.18 -41.29 27.06
CA HIS A 305 17.50 -41.44 26.41
C HIS A 305 17.93 -40.46 25.30
N MET A 306 17.29 -40.43 24.12
CA MET A 306 17.98 -39.82 22.97
C MET A 306 17.52 -38.41 22.61
N LEU A 307 17.23 -37.58 23.59
CA LEU A 307 16.96 -36.17 23.36
C LEU A 307 18.22 -35.40 22.98
N ASP A 308 18.06 -34.08 22.83
CA ASP A 308 19.07 -33.21 22.24
C ASP A 308 19.86 -32.47 23.32
N ILE A 309 20.84 -31.69 22.86
CA ILE A 309 21.80 -31.06 23.78
C ILE A 309 21.11 -30.30 24.87
N GLU A 310 20.28 -29.32 24.51
CA GLU A 310 19.70 -28.41 25.49
C GLU A 310 19.15 -29.18 26.67
N CYS A 311 18.46 -30.28 26.38
CA CYS A 311 17.93 -31.12 27.44
C CYS A 311 19.02 -31.56 28.39
N PHE A 312 20.10 -32.11 27.86
CA PHE A 312 21.22 -32.51 28.69
C PHE A 312 21.69 -31.39 29.57
N THR A 313 21.77 -30.18 29.04
CA THR A 313 22.10 -29.07 29.90
C THR A 313 20.99 -28.76 30.87
N TYR A 314 19.75 -29.04 30.50
CA TYR A 314 18.66 -28.75 31.44
C TYR A 314 18.75 -29.61 32.67
N LEU A 315 19.59 -30.63 32.68
CA LEU A 315 19.81 -31.39 33.89
C LEU A 315 20.57 -30.55 34.91
N HIS A 316 20.69 -29.26 34.61
CA HIS A 316 21.32 -28.30 35.50
C HIS A 316 20.63 -28.30 36.86
N ARG A 317 19.35 -27.95 36.90
CA ARG A 317 18.55 -28.04 38.11
C ARG A 317 18.41 -29.48 38.60
N ALA A 318 19.03 -30.42 37.89
CA ALA A 318 18.81 -31.84 38.16
C ALA A 318 20.08 -32.55 38.54
N LEU A 319 20.96 -31.93 39.29
CA LEU A 319 22.00 -32.70 39.92
C LEU A 319 21.97 -32.64 41.43
N GLU A 320 20.95 -32.05 42.04
CA GLU A 320 20.51 -32.48 43.36
C GLU A 320 19.03 -32.93 43.29
N SER A 321 18.86 -34.21 42.94
CA SER A 321 17.54 -34.75 42.63
C SER A 321 16.76 -34.88 43.91
N SER A 322 16.54 -33.75 44.57
CA SER A 322 15.94 -33.71 45.90
C SER A 322 14.43 -33.55 45.82
N ILE A 323 13.87 -33.70 44.61
CA ILE A 323 12.46 -33.39 44.38
C ILE A 323 11.79 -34.52 43.58
N ALA A 324 12.61 -35.42 43.06
CA ALA A 324 12.18 -36.36 42.04
C ALA A 324 11.26 -37.43 42.62
N PRO A 325 10.61 -38.20 41.75
CA PRO A 325 9.83 -39.36 42.20
C PRO A 325 10.57 -40.69 42.07
N ILE A 326 9.85 -41.76 42.45
CA ILE A 326 10.35 -43.13 42.40
C ILE A 326 9.73 -43.84 41.20
N VAL A 327 10.55 -44.60 40.45
CA VAL A 327 10.07 -45.29 39.25
C VAL A 327 11.08 -46.36 38.83
N ILE A 328 10.63 -47.30 37.98
CA ILE A 328 11.24 -48.59 37.64
C ILE A 328 12.28 -48.53 36.51
N PHE A 329 13.04 -49.64 36.25
CA PHE A 329 14.27 -49.65 35.44
C PHE A 329 14.44 -50.91 34.58
N ALA A 330 14.74 -50.78 33.27
CA ALA A 330 15.79 -51.57 32.58
C ALA A 330 15.77 -51.43 31.06
N SER A 331 16.93 -51.61 30.38
CA SER A 331 17.05 -52.01 28.96
C SER A 331 18.49 -51.91 28.42
N ASN A 332 18.71 -52.31 27.16
CA ASN A 332 20.00 -52.13 26.47
C ASN A 332 19.77 -51.58 25.05
N ARG A 333 20.67 -50.70 24.58
CA ARG A 333 20.58 -50.16 23.22
C ARG A 333 21.91 -49.55 22.80
N GLY A 334 22.12 -49.47 21.48
CA GLY A 334 23.42 -49.21 20.89
C GLY A 334 23.92 -47.78 20.77
N ASN A 335 25.18 -47.63 20.35
CA ASN A 335 25.85 -46.34 20.23
C ASN A 335 25.26 -45.52 19.08
N CYS A 336 25.51 -44.21 19.10
CA CYS A 336 24.91 -43.30 18.13
C CYS A 336 25.67 -41.98 18.11
N VAL A 337 25.05 -40.97 17.52
CA VAL A 337 25.59 -39.63 17.33
C VAL A 337 24.72 -38.64 18.08
N ILE A 338 25.35 -37.64 18.71
CA ILE A 338 24.63 -36.57 19.37
C ILE A 338 23.60 -35.98 18.41
N ARG A 339 22.39 -35.71 18.91
CA ARG A 339 21.42 -35.01 18.10
C ARG A 339 21.37 -33.55 18.51
N GLY A 340 21.51 -32.66 17.52
CA GLY A 340 21.62 -31.26 17.75
C GLY A 340 22.92 -30.65 17.24
N THR A 341 24.02 -31.38 17.32
CA THR A 341 25.24 -30.92 16.68
C THR A 341 25.26 -31.27 15.20
N GLU A 342 24.74 -32.44 14.87
CA GLU A 342 24.58 -32.97 13.52
C GLU A 342 25.90 -33.37 12.91
N ASP A 343 27.00 -33.26 13.62
CA ASP A 343 28.25 -33.79 13.11
C ASP A 343 29.08 -34.49 14.16
N ILE A 344 28.80 -34.31 15.45
CA ILE A 344 29.68 -34.81 16.49
C ILE A 344 29.10 -36.10 17.03
N THR A 345 29.94 -37.12 17.11
CA THR A 345 29.52 -38.45 17.56
C THR A 345 30.04 -38.62 18.97
N SER A 346 29.28 -39.31 19.79
CA SER A 346 29.70 -39.63 21.14
C SER A 346 29.14 -41.00 21.51
N PRO A 347 29.70 -41.64 22.52
CA PRO A 347 29.20 -42.96 22.92
C PRO A 347 27.75 -42.89 23.38
N HIS A 348 26.96 -43.89 22.95
CA HIS A 348 25.52 -43.96 23.24
C HIS A 348 24.86 -42.59 23.12
N GLY A 349 25.35 -41.79 22.20
CA GLY A 349 24.66 -40.53 21.96
C GLY A 349 24.91 -39.40 22.93
N ILE A 350 25.09 -39.71 24.20
CA ILE A 350 25.12 -38.63 25.19
C ILE A 350 26.44 -37.87 25.05
N PRO A 351 26.47 -36.58 25.31
CA PRO A 351 27.73 -35.87 25.36
C PRO A 351 28.46 -36.17 26.65
N LEU A 352 29.75 -35.88 26.65
CA LEU A 352 30.62 -36.23 27.77
C LEU A 352 30.97 -35.05 28.63
N ASP A 353 30.06 -34.09 28.80
CA ASP A 353 30.40 -32.81 29.39
C ASP A 353 31.17 -32.96 30.69
N LEU A 354 30.68 -33.80 31.60
CA LEU A 354 31.34 -34.02 32.88
C LEU A 354 30.84 -35.33 33.45
N LEU A 355 31.75 -36.28 33.63
CA LEU A 355 31.41 -37.59 34.15
C LEU A 355 31.20 -37.53 35.64
N ASP A 356 30.24 -36.73 36.10
CA ASP A 356 30.20 -36.31 37.49
C ASP A 356 29.52 -37.30 38.44
N ARG A 357 28.23 -37.57 38.26
CA ARG A 357 27.54 -38.56 39.08
C ARG A 357 27.13 -39.70 38.20
N VAL A 358 28.08 -40.14 37.36
CA VAL A 358 27.85 -40.93 36.17
C VAL A 358 28.48 -42.30 36.35
N MET A 359 27.87 -43.31 35.75
CA MET A 359 28.41 -44.65 35.92
C MET A 359 27.73 -45.63 34.97
N ILE A 360 28.49 -46.51 34.40
CA ILE A 360 27.95 -47.50 33.48
C ILE A 360 27.56 -48.75 34.26
N ILE A 361 26.63 -49.53 33.71
CA ILE A 361 26.26 -50.82 34.30
C ILE A 361 25.61 -51.69 33.23
N ARG A 362 25.59 -52.99 33.49
CA ARG A 362 24.77 -53.93 32.72
C ARG A 362 24.74 -55.23 33.52
N THR A 363 23.55 -55.79 33.75
CA THR A 363 23.40 -56.83 34.75
C THR A 363 22.32 -57.83 34.31
N MET A 364 22.18 -58.91 35.08
CA MET A 364 21.58 -60.14 34.57
C MET A 364 20.11 -60.02 34.26
N LEU A 365 19.77 -60.15 32.98
CA LEU A 365 18.58 -60.91 32.59
C LEU A 365 19.04 -62.31 32.22
N TYR A 366 18.49 -63.30 32.89
CA TYR A 366 19.10 -64.61 32.96
C TYR A 366 18.86 -65.41 31.66
N THR A 367 19.24 -66.69 31.64
CA THR A 367 19.44 -67.40 30.38
C THR A 367 18.12 -67.67 29.66
N PRO A 368 18.17 -67.87 28.34
CA PRO A 368 16.96 -68.20 27.57
C PRO A 368 16.05 -69.23 28.22
N GLN A 369 16.65 -70.14 28.96
CA GLN A 369 15.85 -71.19 29.58
C GLN A 369 15.48 -70.77 30.99
N GLU A 370 16.17 -69.77 31.50
CA GLU A 370 15.71 -69.05 32.66
C GLU A 370 14.70 -67.99 32.30
N MET A 371 14.34 -67.87 31.02
CA MET A 371 13.29 -66.94 30.63
C MET A 371 11.97 -67.34 31.26
N LYS A 372 11.94 -68.51 31.89
CA LYS A 372 10.73 -68.94 32.55
C LYS A 372 10.87 -68.88 34.06
N GLN A 373 12.09 -69.09 34.55
CA GLN A 373 12.31 -69.10 35.99
C GLN A 373 12.15 -67.71 36.60
N ILE A 374 13.01 -66.76 36.18
CA ILE A 374 13.03 -65.42 36.76
C ILE A 374 12.33 -64.39 35.88
N ILE A 375 12.03 -64.70 34.62
CA ILE A 375 11.26 -63.79 33.77
C ILE A 375 10.04 -64.47 33.16
N LYS A 376 9.37 -65.35 33.90
CA LYS A 376 8.04 -65.72 33.44
C LYS A 376 6.98 -65.69 34.53
N ILE A 377 7.37 -65.68 35.80
CA ILE A 377 6.38 -65.59 36.86
C ILE A 377 5.51 -64.37 36.67
N ARG A 378 6.12 -63.23 36.33
CA ARG A 378 5.40 -62.00 36.00
C ARG A 378 4.55 -62.15 34.74
N ALA A 379 4.48 -63.36 34.21
CA ALA A 379 3.52 -63.72 33.19
C ALA A 379 2.57 -64.82 33.62
N GLN A 380 3.04 -65.81 34.37
CA GLN A 380 2.16 -66.89 34.78
C GLN A 380 1.10 -66.39 35.75
N THR A 381 1.54 -65.83 36.87
CA THR A 381 0.67 -65.59 38.02
C THR A 381 -0.46 -64.61 37.75
N GLU A 382 -0.53 -64.04 36.55
CA GLU A 382 -1.48 -62.97 36.36
C GLU A 382 -2.81 -63.50 35.84
N GLY A 383 -3.22 -64.68 36.28
CA GLY A 383 -4.54 -65.19 36.03
C GLY A 383 -4.61 -66.00 34.76
N ILE A 384 -3.46 -66.47 34.30
CA ILE A 384 -3.37 -67.22 33.06
C ILE A 384 -2.82 -68.60 33.40
N ASN A 385 -3.30 -69.60 32.68
CA ASN A 385 -2.80 -70.94 32.87
C ASN A 385 -2.15 -71.44 31.59
N ILE A 386 -1.05 -72.14 31.74
CA ILE A 386 -0.15 -72.43 30.63
C ILE A 386 0.36 -73.86 30.76
N SER A 387 0.41 -74.56 29.64
CA SER A 387 1.03 -75.87 29.61
C SER A 387 2.54 -75.72 29.50
N GLU A 388 3.26 -76.54 30.25
CA GLU A 388 4.70 -76.40 30.36
C GLU A 388 5.39 -76.43 29.01
N GLU A 389 4.94 -77.30 28.13
CA GLU A 389 5.55 -77.42 26.82
C GLU A 389 5.30 -76.20 25.95
N ALA A 390 4.06 -75.70 25.92
CA ALA A 390 3.81 -74.43 25.25
C ALA A 390 4.76 -73.37 25.77
N LEU A 391 4.81 -73.23 27.10
CA LEU A 391 5.81 -72.38 27.71
C LEU A 391 7.19 -72.71 27.17
N ASN A 392 7.52 -73.99 27.11
CA ASN A 392 8.81 -74.39 26.59
C ASN A 392 8.94 -74.14 25.10
N HIS A 393 7.84 -73.94 24.40
CA HIS A 393 7.92 -73.42 23.05
C HIS A 393 7.97 -71.90 23.05
N LEU A 394 7.07 -71.27 23.80
CA LEU A 394 7.08 -69.83 23.89
C LEU A 394 8.43 -69.33 24.38
N GLY A 395 8.92 -69.94 25.45
CA GLY A 395 10.12 -69.44 26.09
C GLY A 395 11.34 -69.38 25.19
N GLU A 396 11.23 -69.92 23.98
CA GLU A 396 12.32 -69.82 23.04
C GLU A 396 11.98 -68.95 21.85
N ILE A 397 10.70 -68.66 21.62
CA ILE A 397 10.39 -67.70 20.57
C ILE A 397 10.86 -66.33 20.98
N GLY A 398 10.91 -66.05 22.28
CA GLY A 398 11.55 -64.84 22.74
C GLY A 398 12.99 -64.79 22.31
N THR A 399 13.71 -65.89 22.53
CA THR A 399 15.07 -66.02 22.01
C THR A 399 15.11 -65.77 20.51
N LYS A 400 14.03 -66.04 19.81
CA LYS A 400 14.01 -65.77 18.39
C LYS A 400 13.93 -64.29 18.10
N THR A 401 13.00 -63.59 18.74
CA THR A 401 12.85 -62.16 18.51
C THR A 401 13.18 -61.34 19.76
N THR A 402 12.37 -61.46 20.81
CA THR A 402 12.57 -60.74 22.04
C THR A 402 11.48 -61.14 23.02
N LEU A 403 11.83 -61.14 24.29
CA LEU A 403 10.86 -61.54 25.29
C LEU A 403 9.80 -60.49 25.53
N ARG A 404 10.16 -59.21 25.50
CA ARG A 404 9.10 -58.22 25.70
C ARG A 404 8.19 -58.13 24.49
N TYR A 405 8.32 -59.08 23.57
CA TYR A 405 7.31 -59.38 22.56
C TYR A 405 6.49 -60.61 22.90
N SER A 406 7.15 -61.71 23.20
CA SER A 406 6.44 -62.94 23.46
C SER A 406 5.49 -62.75 24.63
N VAL A 407 5.98 -62.17 25.72
CA VAL A 407 5.15 -61.95 26.89
C VAL A 407 3.87 -61.24 26.51
N GLN A 408 3.94 -60.38 25.51
CA GLN A 408 2.76 -59.66 25.08
C GLN A 408 1.76 -60.60 24.44
N LEU A 409 2.22 -61.74 23.94
CA LEU A 409 1.33 -62.62 23.19
C LEU A 409 0.38 -63.40 24.07
N LEU A 410 0.49 -63.27 25.39
CA LEU A 410 -0.31 -64.14 26.24
C LEU A 410 -1.79 -63.92 26.03
N THR A 411 -2.27 -62.76 26.45
CA THR A 411 -3.71 -62.54 26.48
C THR A 411 -4.41 -62.89 25.18
N PRO A 412 -3.91 -62.52 23.99
CA PRO A 412 -4.64 -62.93 22.79
C PRO A 412 -4.74 -64.44 22.67
N ALA A 413 -3.64 -65.15 22.90
CA ALA A 413 -3.71 -66.60 22.98
C ALA A 413 -4.75 -67.00 24.01
N ASN A 414 -4.64 -66.46 25.21
CA ASN A 414 -5.61 -66.77 26.25
C ASN A 414 -7.02 -66.56 25.75
N LEU A 415 -7.22 -65.51 24.95
CA LEU A 415 -8.53 -65.31 24.36
C LEU A 415 -8.88 -66.44 23.42
N LEU A 416 -7.96 -66.77 22.51
CA LEU A 416 -8.23 -67.82 21.55
C LEU A 416 -8.62 -69.12 22.24
N ALA A 417 -7.74 -69.61 23.12
CA ALA A 417 -8.06 -70.82 23.85
C ALA A 417 -9.37 -70.68 24.58
N LYS A 418 -9.67 -69.47 25.07
CA LYS A 418 -10.95 -69.25 25.72
C LYS A 418 -12.10 -69.52 24.77
N ILE A 419 -11.93 -69.19 23.49
CA ILE A 419 -12.97 -69.51 22.51
C ILE A 419 -13.23 -71.01 22.51
N ASN A 420 -12.24 -71.78 22.91
CA ASN A 420 -12.35 -73.22 22.80
C ASN A 420 -12.34 -73.91 24.14
N GLY A 421 -12.66 -73.19 25.21
CA GLY A 421 -12.91 -73.80 26.50
C GLY A 421 -11.77 -74.64 27.03
N LYS A 422 -10.63 -74.03 27.28
CA LYS A 422 -9.49 -74.74 27.84
C LYS A 422 -8.76 -73.78 28.76
N ASP A 423 -8.83 -74.04 30.07
CA ASP A 423 -8.19 -73.16 31.03
C ASP A 423 -6.75 -72.88 30.67
N SER A 424 -5.91 -73.90 30.69
CA SER A 424 -4.51 -73.70 30.40
C SER A 424 -4.33 -73.46 28.90
N ILE A 425 -3.20 -72.85 28.57
CA ILE A 425 -2.84 -72.70 27.17
C ILE A 425 -1.88 -73.81 26.79
N GLU A 426 -2.24 -74.56 25.76
CA GLU A 426 -1.46 -75.72 25.36
C GLU A 426 -0.64 -75.41 24.12
N LYS A 427 0.35 -76.26 23.87
CA LYS A 427 1.33 -76.07 22.81
C LYS A 427 0.67 -75.72 21.50
N GLU A 428 -0.54 -76.19 21.27
CA GLU A 428 -1.16 -75.93 19.98
C GLU A 428 -1.68 -74.50 19.81
N HIS A 429 -2.31 -73.91 20.81
CA HIS A 429 -2.87 -72.58 20.61
C HIS A 429 -1.79 -71.59 20.20
N VAL A 430 -0.66 -71.61 20.88
CA VAL A 430 0.34 -70.59 20.64
C VAL A 430 0.90 -70.68 19.23
N GLU A 431 0.99 -71.89 18.68
CA GLU A 431 1.40 -71.99 17.28
C GLU A 431 0.26 -71.56 16.37
N GLU A 432 -0.93 -71.40 16.95
CA GLU A 432 -2.09 -71.02 16.15
C GLU A 432 -2.24 -69.51 16.12
N ILE A 433 -1.54 -68.81 16.99
CA ILE A 433 -1.62 -67.35 16.98
C ILE A 433 -0.32 -66.75 16.49
N SER A 434 0.82 -67.33 16.85
CA SER A 434 2.11 -66.71 16.55
C SER A 434 2.24 -66.41 15.07
N GLU A 435 1.82 -67.34 14.23
CA GLU A 435 1.86 -67.11 12.80
C GLU A 435 0.86 -66.07 12.35
N LEU A 436 0.07 -65.55 13.26
CA LEU A 436 -0.92 -64.56 12.85
C LEU A 436 -0.47 -63.15 13.13
N PHE A 437 0.23 -62.91 14.23
CA PHE A 437 0.70 -61.58 14.59
C PHE A 437 2.22 -61.62 14.51
N TYR A 438 2.79 -60.64 13.82
CA TYR A 438 4.22 -60.62 13.62
C TYR A 438 4.87 -59.55 14.48
N ASP A 439 6.08 -59.82 14.91
CA ASP A 439 6.90 -58.74 15.42
C ASP A 439 7.22 -57.78 14.30
N ALA A 440 7.57 -56.56 14.66
CA ALA A 440 7.91 -55.58 13.65
C ALA A 440 9.06 -56.06 12.78
N LYS A 441 10.20 -56.35 13.39
CA LYS A 441 11.43 -56.62 12.67
C LYS A 441 11.21 -57.58 11.53
N SER A 442 10.43 -58.61 11.77
CA SER A 442 10.07 -59.53 10.70
C SER A 442 9.08 -58.93 9.72
N SER A 443 8.02 -58.27 10.21
CA SER A 443 6.98 -57.78 9.33
C SER A 443 7.55 -56.92 8.21
N ALA A 444 8.25 -55.85 8.58
CA ALA A 444 8.87 -55.02 7.56
C ALA A 444 9.75 -55.85 6.65
N LYS A 445 10.68 -56.59 7.26
CA LYS A 445 11.40 -57.63 6.55
C LYS A 445 10.46 -58.40 5.65
N ILE A 446 9.47 -59.06 6.25
CA ILE A 446 8.44 -59.77 5.49
C ILE A 446 7.91 -58.91 4.37
N LEU A 447 7.45 -57.70 4.70
CA LEU A 447 6.95 -56.83 3.65
C LEU A 447 8.03 -56.54 2.63
N ALA A 448 9.21 -56.14 3.09
CA ALA A 448 10.32 -55.98 2.18
C ALA A 448 10.57 -57.26 1.41
N ASP A 449 10.51 -58.40 2.10
CA ASP A 449 10.72 -59.69 1.43
C ASP A 449 9.80 -59.86 0.24
N GLN A 450 8.65 -59.17 0.26
CA GLN A 450 7.93 -58.96 -0.98
C GLN A 450 8.41 -57.68 -1.64
N GLN A 451 8.44 -56.60 -0.87
CA GLN A 451 8.66 -55.26 -1.40
C GLN A 451 10.04 -55.09 -1.99
N ASP A 452 11.01 -55.90 -1.57
CA ASP A 452 12.38 -55.75 -2.06
C ASP A 452 12.46 -55.73 -3.58
N LYS A 453 11.57 -56.45 -4.26
CA LYS A 453 11.49 -56.37 -5.71
C LYS A 453 10.57 -55.26 -6.17
N TYR A 454 9.72 -54.74 -5.28
CA TYR A 454 8.75 -53.71 -5.66
C TYR A 454 9.24 -52.30 -5.33
N MET A 455 9.49 -52.01 -4.06
CA MET A 455 10.01 -50.70 -3.68
C MET A 455 11.52 -50.78 -3.47
N LYS A 456 12.22 -51.03 -4.57
CA LYS A 456 13.67 -51.15 -4.54
C LYS A 456 14.31 -49.77 -4.46
N GLY B 23 38.72 -33.39 43.05
CA GLY B 23 39.76 -34.33 42.69
C GLY B 23 41.04 -33.86 43.33
N ALA B 24 42.16 -34.14 42.67
CA ALA B 24 43.43 -33.53 43.06
C ALA B 24 43.24 -32.05 43.33
N HIS B 25 42.28 -31.46 42.60
CA HIS B 25 41.78 -30.14 42.90
C HIS B 25 41.58 -29.92 44.39
N SER B 26 41.15 -30.96 45.11
CA SER B 26 41.14 -30.89 46.56
C SER B 26 42.48 -30.40 47.09
N HIS B 27 43.56 -31.03 46.65
CA HIS B 27 44.85 -30.67 47.21
C HIS B 27 45.59 -29.67 46.34
N ILE B 28 45.31 -29.65 45.05
CA ILE B 28 46.09 -28.83 44.12
C ILE B 28 46.10 -27.42 44.65
N ARG B 29 47.29 -26.89 44.92
CA ARG B 29 47.39 -25.58 45.55
C ARG B 29 48.50 -24.75 44.94
N GLY B 30 48.67 -24.80 43.63
CA GLY B 30 49.64 -23.96 42.99
C GLY B 30 50.37 -24.71 41.90
N LEU B 31 51.62 -24.31 41.68
CA LEU B 31 52.44 -24.94 40.65
C LEU B 31 53.61 -25.69 41.25
N GLY B 32 54.20 -25.17 42.31
CA GLY B 32 55.32 -25.84 42.93
C GLY B 32 56.62 -25.35 42.33
N LEU B 33 56.52 -24.32 41.50
CA LEU B 33 57.65 -23.76 40.80
C LEU B 33 58.46 -22.92 41.78
N ASP B 34 59.76 -22.84 41.57
CA ASP B 34 60.57 -22.03 42.46
C ASP B 34 60.53 -20.57 42.03
N ASP B 35 61.25 -19.74 42.78
CA ASP B 35 61.47 -18.36 42.38
C ASP B 35 61.99 -18.29 40.96
N ALA B 36 63.01 -19.08 40.65
CA ALA B 36 63.60 -19.08 39.33
C ALA B 36 62.72 -19.75 38.29
N LEU B 37 61.48 -20.08 38.64
CA LEU B 37 60.54 -20.72 37.74
C LEU B 37 61.07 -22.08 37.29
N GLU B 38 61.50 -22.87 38.26
CA GLU B 38 61.95 -24.22 38.03
C GLU B 38 61.11 -25.17 38.87
N PRO B 39 60.51 -26.19 38.27
CA PRO B 39 59.61 -27.06 39.03
C PRO B 39 60.39 -27.93 39.99
N ARG B 40 59.96 -27.95 41.25
CA ARG B 40 60.60 -28.81 42.23
C ARG B 40 60.18 -30.26 42.10
N GLN B 41 59.34 -30.59 41.12
CA GLN B 41 58.97 -31.95 40.73
C GLN B 41 58.03 -32.62 41.72
N ALA B 42 57.87 -32.05 42.91
CA ALA B 42 56.90 -32.61 43.85
C ALA B 42 56.53 -31.62 44.94
N SER B 43 55.31 -31.09 44.90
CA SER B 43 54.73 -30.30 45.97
C SER B 43 53.32 -29.93 45.56
N GLN B 44 52.55 -29.38 46.48
CA GLN B 44 51.30 -28.72 46.13
C GLN B 44 50.44 -29.59 45.23
N GLY B 45 50.69 -30.88 45.23
CA GLY B 45 50.10 -31.76 44.26
C GLY B 45 50.70 -31.70 42.88
N MET B 46 51.78 -30.94 42.67
CA MET B 46 52.39 -31.01 41.36
C MET B 46 53.01 -32.39 41.18
N VAL B 47 52.81 -33.00 40.02
CA VAL B 47 53.38 -34.30 39.72
C VAL B 47 53.89 -34.31 38.28
N GLY B 48 55.20 -34.14 38.11
CA GLY B 48 55.72 -34.16 36.77
C GLY B 48 55.06 -33.13 35.88
N GLN B 49 54.80 -33.53 34.63
CA GLN B 49 54.14 -32.66 33.66
C GLN B 49 54.81 -31.30 33.61
N LEU B 50 56.14 -31.31 33.59
CA LEU B 50 56.88 -30.09 33.86
C LEU B 50 56.61 -29.02 32.81
N ALA B 51 56.95 -29.31 31.56
CA ALA B 51 56.93 -28.31 30.50
C ALA B 51 55.73 -27.39 30.62
N ALA B 52 54.55 -27.99 30.64
CA ALA B 52 53.33 -27.19 30.77
C ALA B 52 53.35 -26.38 32.05
N ARG B 53 53.84 -26.96 33.13
CA ARG B 53 53.80 -26.24 34.39
C ARG B 53 54.70 -25.03 34.38
N ARG B 54 55.91 -25.18 33.86
CA ARG B 54 56.78 -24.02 33.72
C ARG B 54 56.13 -22.98 32.81
N ALA B 55 55.47 -23.44 31.77
CA ALA B 55 54.76 -22.51 30.90
C ALA B 55 53.73 -21.72 31.70
N ALA B 56 52.98 -22.41 32.55
CA ALA B 56 52.00 -21.72 33.37
C ALA B 56 52.66 -20.69 34.25
N GLY B 57 53.84 -21.02 34.79
CA GLY B 57 54.55 -20.04 35.59
C GLY B 57 54.86 -18.79 34.79
N VAL B 58 55.34 -18.97 33.57
CA VAL B 58 55.59 -17.81 32.73
C VAL B 58 54.32 -17.02 32.51
N VAL B 59 53.21 -17.70 32.29
CA VAL B 59 51.96 -16.99 32.08
C VAL B 59 51.60 -16.18 33.31
N LEU B 60 51.81 -16.75 34.49
CA LEU B 60 51.63 -15.98 35.71
C LEU B 60 52.46 -14.72 35.69
N GLU B 61 53.71 -14.84 35.30
CA GLU B 61 54.57 -13.66 35.21
C GLU B 61 53.94 -12.62 34.31
N MET B 62 53.45 -13.05 33.14
CA MET B 62 52.81 -12.10 32.25
C MET B 62 51.59 -11.47 32.90
N ILE B 63 50.89 -12.22 33.73
CA ILE B 63 49.72 -11.68 34.42
C ILE B 63 50.12 -10.55 35.34
N ARG B 64 51.11 -10.80 36.20
CA ARG B 64 51.44 -9.82 37.23
C ARG B 64 51.90 -8.51 36.65
N GLU B 65 52.15 -8.46 35.33
CA GLU B 65 52.50 -7.21 34.68
C GLU B 65 51.43 -6.76 33.70
N GLY B 66 50.26 -7.38 33.74
CA GLY B 66 49.15 -6.91 32.94
C GLY B 66 49.31 -7.22 31.48
N LYS B 67 50.54 -7.42 31.05
CA LYS B 67 50.83 -7.61 29.63
C LYS B 67 50.07 -8.76 29.02
N ILE B 68 49.38 -9.55 29.84
CA ILE B 68 48.43 -10.52 29.31
C ILE B 68 47.29 -9.83 28.59
N ALA B 69 47.13 -8.52 28.80
CA ALA B 69 46.01 -7.78 28.24
C ALA B 69 45.79 -8.13 26.79
N GLY B 70 44.54 -8.39 26.43
CA GLY B 70 44.22 -8.77 25.08
C GLY B 70 44.66 -10.14 24.67
N ARG B 71 45.20 -10.95 25.59
CA ARG B 71 45.64 -12.28 25.25
C ARG B 71 44.94 -13.31 26.13
N ALA B 72 44.66 -14.47 25.56
CA ALA B 72 44.13 -15.60 26.29
C ALA B 72 45.03 -16.80 26.06
N VAL B 73 44.86 -17.81 26.89
CA VAL B 73 45.73 -18.98 26.86
C VAL B 73 44.89 -20.22 26.66
N LEU B 74 45.39 -21.14 25.84
CA LEU B 74 44.69 -22.36 25.50
C LEU B 74 45.58 -23.53 25.87
N ILE B 75 44.97 -24.70 26.02
CA ILE B 75 45.69 -25.89 26.41
C ILE B 75 45.21 -27.07 25.58
N ALA B 76 46.13 -27.98 25.27
CA ALA B 76 45.81 -29.15 24.47
C ALA B 76 46.44 -30.38 25.08
N GLY B 77 45.67 -31.45 25.13
CA GLY B 77 46.04 -32.70 25.77
C GLY B 77 44.78 -33.54 25.84
N GLN B 78 44.94 -34.84 25.59
CA GLN B 78 43.79 -35.60 25.12
C GLN B 78 42.72 -35.80 26.19
N PRO B 79 42.90 -36.62 27.23
CA PRO B 79 41.94 -36.57 28.31
C PRO B 79 42.40 -35.65 29.44
N GLY B 80 41.82 -34.46 29.54
CA GLY B 80 41.87 -33.62 30.72
C GLY B 80 43.19 -33.55 31.48
N THR B 81 44.28 -33.98 30.86
CA THR B 81 45.43 -34.51 31.59
C THR B 81 46.12 -33.44 32.40
N GLY B 82 45.52 -33.09 33.53
CA GLY B 82 46.03 -32.05 34.37
C GLY B 82 45.55 -30.70 33.90
N LYS B 83 44.93 -30.69 32.72
CA LYS B 83 44.46 -29.44 32.13
C LYS B 83 43.65 -28.65 33.13
N THR B 84 42.52 -29.21 33.56
CA THR B 84 41.78 -28.59 34.64
C THR B 84 42.68 -28.38 35.85
N ALA B 85 43.52 -29.37 36.16
CA ALA B 85 44.39 -29.24 37.31
C ALA B 85 45.36 -28.10 37.14
N ILE B 86 45.91 -27.94 35.93
CA ILE B 86 46.84 -26.84 35.71
C ILE B 86 46.15 -25.51 35.90
N ALA B 87 44.94 -25.38 35.35
CA ALA B 87 44.18 -24.16 35.55
C ALA B 87 44.00 -23.89 37.04
N MET B 88 43.63 -24.93 37.78
CA MET B 88 43.39 -24.75 39.20
C MET B 88 44.65 -24.32 39.92
N GLY B 89 45.79 -24.93 39.58
CA GLY B 89 47.02 -24.56 40.21
C GLY B 89 47.38 -23.12 39.92
N MET B 90 47.13 -22.66 38.70
CA MET B 90 47.36 -21.26 38.40
C MET B 90 46.46 -20.38 39.25
N ALA B 91 45.18 -20.72 39.32
CA ALA B 91 44.25 -19.95 40.13
C ALA B 91 44.76 -19.85 41.56
N GLN B 92 45.25 -20.95 42.10
CA GLN B 92 45.81 -20.93 43.44
C GLN B 92 46.99 -19.97 43.52
N ALA B 93 48.05 -20.26 42.78
CA ALA B 93 49.27 -19.47 42.87
C ALA B 93 49.01 -18.00 42.67
N LEU B 94 48.03 -17.66 41.84
CA LEU B 94 47.74 -16.26 41.59
C LEU B 94 47.28 -15.58 42.87
N GLY B 95 46.33 -16.18 43.56
CA GLY B 95 45.79 -15.61 44.77
C GLY B 95 45.11 -16.65 45.63
N PRO B 96 45.22 -16.49 46.94
CA PRO B 96 44.70 -17.50 47.86
C PRO B 96 43.18 -17.57 47.86
N ASP B 97 42.55 -16.65 47.17
CA ASP B 97 41.11 -16.54 47.21
C ASP B 97 40.49 -16.27 45.85
N THR B 98 41.31 -16.07 44.83
CA THR B 98 40.80 -15.67 43.54
C THR B 98 39.72 -16.64 43.06
N PRO B 99 38.66 -16.13 42.45
CA PRO B 99 37.55 -17.01 42.07
C PRO B 99 37.92 -17.82 40.83
N PHE B 100 37.31 -18.99 40.71
CA PHE B 100 37.61 -19.92 39.64
C PHE B 100 36.31 -20.57 39.24
N THR B 101 36.17 -20.92 37.96
CA THR B 101 34.92 -21.45 37.44
C THR B 101 35.16 -22.27 36.19
N ALA B 102 34.84 -23.55 36.25
CA ALA B 102 35.13 -24.45 35.14
C ALA B 102 33.89 -24.80 34.35
N ILE B 103 33.48 -23.94 33.43
CA ILE B 103 32.32 -24.25 32.61
C ILE B 103 32.70 -25.23 31.52
N ALA B 104 31.83 -26.18 31.27
CA ALA B 104 31.98 -27.07 30.13
C ALA B 104 31.35 -26.42 28.91
N GLY B 105 32.10 -26.40 27.82
CA GLY B 105 31.73 -25.63 26.64
C GLY B 105 30.31 -25.80 26.17
N SER B 106 29.73 -26.98 26.37
CA SER B 106 28.39 -27.21 25.84
C SER B 106 27.33 -26.59 26.73
N GLU B 107 27.69 -26.18 27.95
CA GLU B 107 26.70 -25.73 28.90
C GLU B 107 26.05 -24.42 28.52
N ILE B 108 26.49 -23.80 27.44
CA ILE B 108 25.85 -22.54 27.06
C ILE B 108 24.54 -22.76 26.34
N PHE B 109 24.24 -23.99 25.94
CA PHE B 109 23.01 -24.29 25.22
C PHE B 109 22.01 -24.82 26.22
N SER B 110 21.14 -23.93 26.68
CA SER B 110 20.12 -24.32 27.65
C SER B 110 18.76 -24.02 27.06
N LEU B 111 17.74 -24.21 27.90
CA LEU B 111 16.40 -23.93 27.43
C LEU B 111 15.95 -22.55 27.85
N GLU B 112 16.34 -22.15 29.06
CA GLU B 112 15.92 -20.86 29.60
C GLU B 112 16.90 -19.77 29.19
N MET B 113 18.14 -19.92 29.59
CA MET B 113 19.14 -18.88 29.39
C MET B 113 19.53 -18.84 27.92
N SER B 114 19.42 -17.67 27.32
CA SER B 114 20.06 -17.45 26.04
C SER B 114 21.55 -17.67 26.17
N LYS B 115 22.20 -17.94 25.05
CA LYS B 115 23.65 -18.12 25.07
C LYS B 115 24.34 -16.95 25.76
N THR B 116 24.18 -15.75 25.18
CA THR B 116 24.82 -14.58 25.75
C THR B 116 24.48 -14.43 27.22
N GLU B 117 23.27 -14.82 27.60
CA GLU B 117 22.95 -14.81 29.01
C GLU B 117 23.87 -15.72 29.78
N ALA B 118 24.10 -16.93 29.28
CA ALA B 118 24.94 -17.88 29.98
C ALA B 118 26.36 -17.36 30.08
N LEU B 119 26.86 -16.78 28.99
CA LEU B 119 28.22 -16.28 29.02
C LEU B 119 28.36 -15.18 30.05
N THR B 120 27.43 -14.24 30.05
CA THR B 120 27.44 -13.19 31.06
C THR B 120 27.40 -13.77 32.45
N GLN B 121 26.54 -14.77 32.66
CA GLN B 121 26.50 -15.46 33.94
C GLN B 121 27.89 -15.91 34.34
N ALA B 122 28.56 -16.62 33.43
CA ALA B 122 29.88 -17.13 33.75
C ALA B 122 30.82 -16.01 34.13
N PHE B 123 30.82 -14.93 33.35
CA PHE B 123 31.76 -13.86 33.63
C PHE B 123 31.50 -13.26 35.00
N ARG B 124 30.25 -12.91 35.28
CA ARG B 124 29.92 -12.39 36.60
C ARG B 124 30.36 -13.37 37.68
N ARG B 125 30.25 -14.66 37.40
CA ARG B 125 30.73 -15.65 38.34
C ARG B 125 32.22 -15.54 38.53
N SER B 126 32.93 -15.10 37.50
CA SER B 126 34.39 -15.12 37.51
C SER B 126 35.01 -13.96 38.27
N ILE B 127 34.34 -12.82 38.35
CA ILE B 127 34.94 -11.62 38.91
C ILE B 127 34.59 -11.49 40.38
N GLY B 128 35.53 -11.85 41.25
CA GLY B 128 35.28 -11.73 42.67
C GLY B 128 35.52 -10.32 43.17
N VAL B 129 34.78 -9.96 44.21
CA VAL B 129 34.93 -8.67 44.89
C VAL B 129 35.12 -8.94 46.37
N ARG B 130 36.02 -8.20 46.99
CA ARG B 130 36.39 -8.45 48.37
C ARG B 130 35.42 -7.71 49.28
N ILE B 131 34.23 -8.27 49.44
CA ILE B 131 33.26 -7.68 50.36
C ILE B 131 33.83 -7.67 51.77
N LYS B 132 33.86 -6.48 52.36
CA LYS B 132 34.65 -6.20 53.56
C LYS B 132 33.72 -5.81 54.71
N GLU B 133 33.49 -6.74 55.64
CA GLU B 133 32.57 -6.54 56.75
C GLU B 133 33.38 -6.37 58.04
N GLU B 134 33.26 -5.20 58.67
CA GLU B 134 34.05 -4.88 59.88
C GLU B 134 33.38 -5.47 61.11
N THR B 135 33.71 -6.73 61.37
CA THR B 135 33.23 -7.44 62.55
C THR B 135 34.05 -7.00 63.78
N GLU B 136 33.53 -7.31 64.96
CA GLU B 136 34.05 -6.86 66.24
C GLU B 136 34.46 -8.06 67.07
N ILE B 137 35.73 -8.11 67.48
CA ILE B 137 36.34 -9.33 67.99
C ILE B 137 37.01 -9.05 69.34
N ILE B 138 36.93 -10.03 70.24
CA ILE B 138 37.56 -9.99 71.56
C ILE B 138 38.79 -10.89 71.54
N GLU B 139 39.84 -10.49 72.27
CA GLU B 139 41.08 -11.27 72.37
C GLU B 139 41.38 -11.49 73.85
N GLY B 140 40.97 -12.64 74.37
CA GLY B 140 41.26 -12.99 75.75
C GLY B 140 41.04 -14.46 76.04
N GLU B 141 42.02 -15.10 76.69
CA GLU B 141 41.92 -16.53 76.93
C GLU B 141 40.86 -16.82 77.99
N VAL B 142 40.26 -18.00 77.88
CA VAL B 142 39.18 -18.41 78.77
C VAL B 142 39.76 -19.47 79.70
N VAL B 143 40.31 -19.03 80.82
CA VAL B 143 40.87 -19.95 81.81
C VAL B 143 39.71 -20.28 82.75
N GLU B 144 38.97 -21.33 82.41
CA GLU B 144 37.86 -21.76 83.23
C GLU B 144 37.73 -23.27 83.11
N ILE B 145 37.04 -23.85 84.08
CA ILE B 145 36.79 -25.29 84.10
C ILE B 145 35.59 -25.58 83.21
N GLN B 146 35.38 -26.85 82.88
CA GLN B 146 34.37 -27.25 81.91
C GLN B 146 32.97 -27.20 82.55
N ILE B 147 32.52 -25.98 82.83
CA ILE B 147 31.15 -25.78 83.30
C ILE B 147 30.27 -25.14 82.24
N ASP B 148 30.83 -24.73 81.11
CA ASP B 148 30.06 -24.11 80.05
C ASP B 148 29.45 -25.11 79.08
N ARG B 149 29.91 -26.36 79.09
CA ARG B 149 29.35 -27.40 78.23
C ARG B 149 27.84 -27.57 78.41
N PRO B 150 27.34 -27.76 79.64
CA PRO B 150 25.89 -27.97 79.79
C PRO B 150 25.11 -26.71 79.47
N ALA B 151 23.90 -26.93 78.96
CA ALA B 151 22.99 -25.84 78.62
C ALA B 151 21.75 -25.94 79.50
N THR B 152 21.31 -24.80 80.03
CA THR B 152 20.26 -24.78 81.04
C THR B 152 18.88 -24.45 80.49
N GLY B 153 18.72 -23.30 79.83
CA GLY B 153 17.41 -22.81 79.45
C GLY B 153 17.36 -22.37 77.99
N THR B 154 16.14 -22.13 77.54
CA THR B 154 15.84 -21.67 76.19
C THR B 154 14.90 -20.46 76.29
N GLY B 155 14.94 -19.60 75.27
CA GLY B 155 14.13 -18.40 75.22
C GLY B 155 14.99 -17.16 75.16
N SER B 156 14.68 -16.18 76.00
CA SER B 156 15.53 -15.01 76.13
C SER B 156 16.88 -15.40 76.71
N LYS B 157 16.89 -15.87 77.95
CA LYS B 157 18.04 -16.48 78.61
C LYS B 157 19.29 -15.62 78.43
N VAL B 158 19.23 -14.43 79.02
CA VAL B 158 20.37 -13.52 78.97
C VAL B 158 21.58 -14.15 79.65
N GLY B 159 21.38 -14.72 80.84
CA GLY B 159 22.41 -15.49 81.50
C GLY B 159 23.62 -14.65 81.90
N LYS B 160 24.59 -15.33 82.51
CA LYS B 160 25.84 -14.72 82.92
C LYS B 160 26.82 -15.81 83.32
N LEU B 161 28.07 -15.66 82.89
CA LEU B 161 29.13 -16.60 83.25
C LEU B 161 30.46 -15.88 83.16
N THR B 162 31.37 -16.24 84.05
CA THR B 162 32.66 -15.58 84.18
C THR B 162 33.78 -16.45 83.63
N LEU B 163 34.84 -15.80 83.15
CA LEU B 163 36.01 -16.52 82.69
C LEU B 163 37.21 -15.60 82.85
N LYS B 164 38.29 -16.11 83.41
CA LYS B 164 39.45 -15.28 83.71
C LYS B 164 40.49 -15.39 82.61
N THR B 165 41.15 -14.26 82.36
CA THR B 165 42.21 -14.16 81.37
C THR B 165 43.41 -13.53 82.07
N THR B 166 44.62 -14.02 81.77
CA THR B 166 45.80 -13.51 82.44
C THR B 166 45.98 -12.00 82.27
N GLU B 167 45.28 -11.39 81.31
CA GLU B 167 45.33 -9.93 81.20
C GLU B 167 44.28 -9.29 82.11
N MET B 168 43.01 -9.69 81.97
CA MET B 168 41.98 -9.30 82.93
C MET B 168 40.79 -10.23 82.75
N GLU B 169 40.01 -10.38 83.83
CA GLU B 169 38.86 -11.27 83.81
C GLU B 169 37.76 -10.68 82.93
N THR B 170 37.01 -11.55 82.26
CA THR B 170 35.91 -11.14 81.41
C THR B 170 34.63 -11.87 81.82
N ILE B 171 33.55 -11.11 81.93
CA ILE B 171 32.23 -11.65 82.27
C ILE B 171 31.36 -11.53 81.03
N TYR B 172 30.66 -12.60 80.68
CA TYR B 172 29.80 -12.58 79.51
C TYR B 172 28.41 -13.02 79.89
N ASP B 173 27.49 -12.88 78.94
CA ASP B 173 26.09 -13.25 79.11
C ASP B 173 25.85 -14.63 78.53
N LEU B 174 25.34 -15.55 79.36
CA LEU B 174 25.01 -16.89 78.91
C LEU B 174 23.77 -16.81 78.03
N GLY B 175 23.97 -16.67 76.72
CA GLY B 175 22.86 -16.56 75.79
C GLY B 175 22.12 -17.87 75.65
N THR B 176 20.99 -17.79 74.93
CA THR B 176 20.18 -18.98 74.67
C THR B 176 20.93 -19.95 73.77
N LYS B 177 21.25 -19.52 72.54
CA LYS B 177 21.97 -20.38 71.61
C LYS B 177 23.43 -20.54 72.01
N MET B 178 24.02 -19.52 72.63
CA MET B 178 25.43 -19.58 73.01
C MET B 178 25.73 -20.80 73.86
N ILE B 179 25.01 -20.96 74.97
CA ILE B 179 25.22 -22.10 75.86
C ILE B 179 24.91 -23.42 75.16
N GLU B 180 24.17 -23.40 74.04
CA GLU B 180 23.95 -24.62 73.27
C GLU B 180 25.23 -25.07 72.58
N SER B 181 26.02 -24.14 72.08
CA SER B 181 27.19 -24.51 71.30
C SER B 181 28.39 -24.89 72.16
N LEU B 182 28.34 -24.58 73.46
CA LEU B 182 29.48 -24.83 74.33
C LEU B 182 29.60 -26.28 74.75
N THR B 183 28.65 -27.14 74.38
CA THR B 183 28.76 -28.56 74.72
C THR B 183 29.99 -29.19 74.10
N LYS B 184 30.37 -28.77 72.89
CA LYS B 184 31.61 -29.22 72.29
C LYS B 184 32.83 -28.46 72.80
N ASP B 185 32.62 -27.28 73.37
CA ASP B 185 33.73 -26.46 73.83
C ASP B 185 34.45 -27.16 74.98
N LYS B 186 35.70 -27.53 74.74
CA LYS B 186 36.55 -28.20 75.73
C LYS B 186 37.49 -27.14 76.30
N VAL B 187 36.99 -26.36 77.24
CA VAL B 187 37.71 -25.18 77.72
C VAL B 187 38.74 -25.60 78.76
N GLN B 188 39.94 -25.03 78.64
CA GLN B 188 41.00 -25.25 79.61
C GLN B 188 41.75 -23.95 79.84
N ALA B 189 42.92 -24.03 80.48
CA ALA B 189 43.68 -22.83 80.84
C ALA B 189 44.37 -22.26 79.62
N GLY B 190 43.83 -21.17 79.07
CA GLY B 190 44.50 -20.45 78.01
C GLY B 190 43.97 -20.65 76.60
N ASP B 191 42.66 -20.57 76.41
CA ASP B 191 42.05 -20.60 75.08
C ASP B 191 41.08 -19.44 74.93
N VAL B 192 41.08 -18.82 73.75
CA VAL B 192 40.36 -17.58 73.51
C VAL B 192 39.06 -17.87 72.80
N ILE B 193 38.08 -17.00 72.98
CA ILE B 193 36.83 -17.01 72.22
C ILE B 193 36.59 -15.61 71.67
N THR B 194 35.74 -15.51 70.65
CA THR B 194 35.70 -14.31 69.82
C THR B 194 34.54 -13.38 70.11
N ILE B 195 33.47 -13.85 70.76
CA ILE B 195 32.25 -13.06 70.92
C ILE B 195 32.07 -12.60 72.36
N ASP B 196 32.52 -13.37 73.34
CA ASP B 196 32.23 -13.08 74.73
C ASP B 196 32.88 -11.77 75.17
N LYS B 197 32.09 -10.93 75.84
CA LYS B 197 32.52 -9.59 76.24
C LYS B 197 33.76 -9.61 77.13
N ALA B 198 34.69 -8.68 76.90
CA ALA B 198 35.84 -8.49 77.78
C ALA B 198 35.83 -7.12 78.45
N THR B 199 35.78 -6.04 77.67
CA THR B 199 35.80 -4.68 78.21
C THR B 199 34.50 -3.92 77.93
N GLY B 200 34.13 -3.78 76.66
CA GLY B 200 32.90 -3.10 76.30
C GLY B 200 32.84 -1.61 76.63
N LYS B 201 33.89 -0.87 76.29
CA LYS B 201 33.84 0.58 76.47
C LYS B 201 33.04 1.24 75.35
N ILE B 202 33.52 1.12 74.12
CA ILE B 202 32.80 1.57 72.93
C ILE B 202 32.90 0.45 71.90
N SER B 203 31.89 -0.43 71.86
CA SER B 203 32.01 -1.64 71.05
C SER B 203 30.67 -2.34 70.83
N LYS B 204 30.41 -2.73 69.59
CA LYS B 204 29.27 -3.62 69.26
C LYS B 204 29.79 -5.04 69.38
N LEU B 205 29.86 -5.50 70.63
CA LEU B 205 30.55 -6.75 70.98
C LEU B 205 29.71 -7.93 70.51
N GLY B 206 30.12 -8.56 69.43
CA GLY B 206 29.45 -9.76 68.96
C GLY B 206 28.48 -9.51 67.82
N ARG B 207 28.91 -9.79 66.59
CA ARG B 207 28.06 -9.67 65.42
C ARG B 207 27.66 -11.04 64.87
N SER B 208 28.17 -12.11 65.47
CA SER B 208 27.89 -13.46 65.01
C SER B 208 27.46 -14.41 66.11
N PHE B 209 27.85 -14.17 67.37
CA PHE B 209 27.54 -15.06 68.48
C PHE B 209 28.02 -16.48 68.22
N THR B 210 29.31 -16.64 67.94
CA THR B 210 29.91 -17.94 67.69
C THR B 210 30.98 -18.22 68.74
N ARG B 211 31.42 -19.48 68.78
CA ARG B 211 32.37 -19.96 69.79
C ARG B 211 33.53 -20.68 69.09
N ALA B 212 34.66 -20.00 69.01
CA ALA B 212 35.90 -20.61 68.53
C ALA B 212 36.80 -20.92 69.72
N ARG B 213 37.51 -22.04 69.65
CA ARG B 213 38.38 -22.47 70.73
C ARG B 213 39.73 -22.90 70.17
N ASP B 214 40.78 -22.66 70.96
CA ASP B 214 42.15 -22.97 70.58
C ASP B 214 42.83 -23.77 71.70
N TYR B 215 44.13 -24.04 71.53
CA TYR B 215 44.85 -24.84 72.49
C TYR B 215 45.31 -23.99 73.68
N ASP B 216 45.85 -24.66 74.69
CA ASP B 216 46.20 -23.96 75.92
C ASP B 216 47.51 -23.18 75.79
N ALA B 217 48.62 -23.86 75.57
CA ALA B 217 49.93 -23.23 75.44
C ALA B 217 50.87 -24.25 74.80
N MET B 218 52.15 -23.89 74.70
CA MET B 218 53.16 -24.74 74.09
C MET B 218 54.29 -24.98 75.09
N GLY B 219 55.18 -25.91 74.75
CA GLY B 219 56.33 -26.20 75.58
C GLY B 219 57.52 -25.33 75.23
N SER B 220 57.80 -24.34 76.07
CA SER B 220 58.87 -23.38 75.83
C SER B 220 60.12 -23.80 76.59
N GLN B 221 61.21 -23.07 76.35
CA GLN B 221 62.49 -23.38 76.95
C GLN B 221 62.91 -22.41 78.05
N THR B 222 62.56 -21.14 77.95
CA THR B 222 62.89 -20.16 78.98
C THR B 222 61.72 -19.88 79.91
N LYS B 223 60.52 -19.70 79.37
CA LYS B 223 59.33 -19.43 80.17
C LYS B 223 58.12 -19.55 79.25
N PHE B 224 56.99 -19.92 79.85
CA PHE B 224 55.73 -19.97 79.11
C PHE B 224 55.34 -18.55 78.71
N VAL B 225 55.26 -18.30 77.41
CA VAL B 225 55.04 -16.95 76.90
C VAL B 225 53.63 -16.49 77.26
N GLN B 226 53.50 -15.19 77.51
CA GLN B 226 52.20 -14.60 77.82
C GLN B 226 51.29 -14.67 76.61
N CYS B 227 50.08 -15.22 76.80
CA CYS B 227 49.17 -15.38 75.67
C CYS B 227 48.52 -14.07 75.25
N PRO B 228 47.90 -13.26 76.14
CA PRO B 228 47.29 -12.01 75.69
C PRO B 228 48.31 -10.89 75.56
N ASP B 229 48.44 -10.37 74.35
CA ASP B 229 49.34 -9.25 74.06
C ASP B 229 48.61 -8.19 73.24
N GLY B 230 48.41 -7.03 73.84
CA GLY B 230 47.75 -5.92 73.17
C GLY B 230 46.38 -5.61 73.77
N GLU B 231 45.60 -4.85 73.00
CA GLU B 231 44.29 -4.43 73.44
C GLU B 231 43.29 -5.59 73.38
N LEU B 232 42.31 -5.53 74.28
CA LEU B 232 41.31 -6.59 74.40
C LEU B 232 40.23 -6.53 73.35
N GLN B 233 40.32 -5.60 72.41
CA GLN B 233 39.27 -5.40 71.42
C GLN B 233 39.90 -5.14 70.06
N LYS B 234 39.28 -5.65 69.00
CA LYS B 234 39.72 -5.35 67.65
C LYS B 234 38.51 -5.20 66.75
N ARG B 235 38.64 -4.35 65.75
CA ARG B 235 37.64 -4.16 64.71
C ARG B 235 38.25 -4.66 63.41
N LYS B 236 37.93 -5.90 63.03
CA LYS B 236 38.59 -6.52 61.89
C LYS B 236 37.63 -6.57 60.70
N GLU B 237 38.12 -6.18 59.54
CA GLU B 237 37.33 -6.23 58.31
C GLU B 237 37.43 -7.64 57.72
N VAL B 238 36.62 -8.55 58.28
CA VAL B 238 36.54 -9.88 57.71
C VAL B 238 36.05 -9.78 56.27
N VAL B 239 36.84 -10.28 55.34
CA VAL B 239 36.56 -10.01 53.94
C VAL B 239 35.87 -11.19 53.29
N HIS B 240 34.54 -11.20 53.33
CA HIS B 240 33.78 -12.27 52.70
C HIS B 240 33.75 -12.02 51.20
N THR B 241 34.89 -12.30 50.56
CA THR B 241 34.98 -12.13 49.12
C THR B 241 33.93 -12.98 48.43
N VAL B 242 33.33 -12.43 47.39
CA VAL B 242 32.10 -12.98 46.82
C VAL B 242 32.05 -12.62 45.34
N SER B 243 31.50 -13.53 44.53
CA SER B 243 31.37 -13.24 43.12
C SER B 243 30.35 -12.14 42.91
N LEU B 244 30.41 -11.51 41.75
CA LEU B 244 29.29 -10.70 41.33
C LEU B 244 28.03 -11.54 41.26
N HIS B 245 28.05 -12.57 40.42
CA HIS B 245 26.89 -13.43 40.26
C HIS B 245 26.35 -13.96 41.58
N GLU B 246 27.21 -14.20 42.56
CA GLU B 246 26.72 -14.63 43.87
C GLU B 246 25.76 -13.61 44.46
N ILE B 247 26.20 -12.36 44.57
CA ILE B 247 25.32 -11.37 45.14
C ILE B 247 24.12 -11.15 44.22
N ASP B 248 24.30 -11.34 42.92
CA ASP B 248 23.19 -11.18 42.00
C ASP B 248 22.08 -12.17 42.31
N VAL B 249 22.43 -13.45 42.44
CA VAL B 249 21.41 -14.45 42.71
C VAL B 249 20.88 -14.27 44.13
N ILE B 250 21.71 -13.75 45.03
CA ILE B 250 21.20 -13.39 46.34
C ILE B 250 20.03 -12.41 46.20
N ASN B 251 20.22 -11.40 45.36
CA ASN B 251 19.22 -10.34 45.26
C ASN B 251 18.19 -10.59 44.18
N SER B 252 18.19 -11.76 43.54
CA SER B 252 17.14 -12.09 42.59
C SER B 252 16.11 -13.07 43.14
N ARG B 253 16.52 -14.25 43.58
CA ARG B 253 15.56 -15.24 44.06
C ARG B 253 15.17 -14.95 45.50
N GLU B 267 18.40 -16.35 33.31
CA GLU B 267 17.24 -16.49 34.17
C GLU B 267 16.96 -15.18 34.89
N ILE B 268 18.01 -14.55 35.42
CA ILE B 268 17.81 -13.36 36.22
C ILE B 268 17.43 -12.19 35.32
N LYS B 269 16.78 -11.20 35.93
CA LYS B 269 16.40 -10.00 35.19
C LYS B 269 17.65 -9.24 34.78
N SER B 270 17.58 -8.60 33.62
CA SER B 270 18.70 -7.79 33.17
C SER B 270 18.95 -6.62 34.12
N GLU B 271 17.89 -6.13 34.76
CA GLU B 271 18.02 -4.94 35.57
C GLU B 271 18.71 -5.23 36.90
N VAL B 272 18.23 -6.26 37.61
CA VAL B 272 18.73 -6.52 38.95
C VAL B 272 20.25 -6.63 38.96
N ARG B 273 20.81 -7.32 37.97
CA ARG B 273 22.26 -7.35 37.84
C ARG B 273 22.82 -5.97 37.57
N GLU B 274 22.14 -5.23 36.69
CA GLU B 274 22.62 -3.89 36.36
C GLU B 274 22.71 -3.01 37.59
N GLN B 275 21.64 -2.96 38.39
CA GLN B 275 21.68 -2.10 39.56
C GLN B 275 22.68 -2.58 40.58
N ILE B 276 22.95 -3.89 40.63
CA ILE B 276 24.07 -4.37 41.42
C ILE B 276 25.39 -3.95 40.79
N ASN B 277 25.50 -4.10 39.47
CA ASN B 277 26.59 -3.46 38.75
C ASN B 277 26.62 -1.97 39.03
N ALA B 278 25.48 -1.39 39.35
CA ALA B 278 25.44 0.00 39.79
C ALA B 278 25.76 0.14 41.27
N LYS B 279 25.26 -0.77 42.10
CA LYS B 279 25.49 -0.65 43.53
C LYS B 279 26.97 -0.85 43.86
N VAL B 280 27.66 -1.69 43.10
CA VAL B 280 29.08 -1.89 43.34
C VAL B 280 29.86 -0.63 43.01
N ALA B 281 29.30 0.22 42.17
CA ALA B 281 29.99 1.43 41.72
C ALA B 281 30.19 2.40 42.88
N GLU B 282 29.80 2.00 44.07
CA GLU B 282 30.19 2.70 45.29
C GLU B 282 30.88 1.81 46.31
N TRP B 283 30.64 0.49 46.27
CA TRP B 283 31.23 -0.40 47.26
C TRP B 283 32.75 -0.29 47.25
N ARG B 284 33.35 -0.31 46.06
CA ARG B 284 34.77 0.02 45.97
C ARG B 284 35.03 1.44 46.42
N GLU B 285 34.19 2.36 45.95
CA GLU B 285 34.42 3.78 46.14
C GLU B 285 34.30 4.20 47.59
N GLU B 286 33.55 3.43 48.39
CA GLU B 286 33.60 3.61 49.84
C GLU B 286 34.74 2.82 50.47
N GLY B 287 35.42 1.98 49.71
CA GLY B 287 36.31 1.00 50.30
C GLY B 287 35.62 -0.15 50.96
N LYS B 288 34.28 -0.15 51.00
CA LYS B 288 33.53 -1.25 51.60
C LYS B 288 33.84 -2.58 50.93
N ALA B 289 34.42 -2.55 49.74
CA ALA B 289 34.88 -3.76 49.07
C ALA B 289 35.86 -3.34 47.98
N GLU B 290 36.40 -4.33 47.29
CA GLU B 290 37.25 -4.09 46.12
C GLU B 290 37.24 -5.34 45.27
N ILE B 291 37.32 -5.15 43.96
CA ILE B 291 37.17 -6.26 43.03
C ILE B 291 38.49 -6.98 42.85
N ILE B 292 38.40 -8.23 42.42
CA ILE B 292 39.59 -9.02 42.08
C ILE B 292 39.29 -9.87 40.85
N PRO B 293 39.88 -9.58 39.72
CA PRO B 293 39.65 -10.40 38.53
C PRO B 293 40.03 -11.84 38.77
N GLY B 294 39.32 -12.78 38.14
CA GLY B 294 39.60 -14.18 38.35
C GLY B 294 40.06 -14.92 37.11
N VAL B 295 39.70 -16.20 37.04
CA VAL B 295 40.13 -17.08 35.96
C VAL B 295 38.94 -17.87 35.48
N LEU B 296 38.56 -17.72 34.22
CA LEU B 296 37.37 -18.39 33.71
C LEU B 296 37.80 -19.55 32.84
N PHE B 297 37.95 -20.71 33.44
CA PHE B 297 38.29 -21.89 32.66
C PHE B 297 37.09 -22.31 31.81
N ILE B 298 37.38 -22.85 30.63
CA ILE B 298 36.34 -23.41 29.77
C ILE B 298 36.86 -24.73 29.24
N ASP B 299 36.01 -25.46 28.53
CA ASP B 299 36.42 -26.77 28.03
C ASP B 299 35.74 -27.11 26.71
N GLU B 300 36.33 -28.08 26.01
CA GLU B 300 35.90 -28.55 24.70
C GLU B 300 35.38 -27.44 23.82
N VAL B 301 36.09 -26.31 23.80
CA VAL B 301 35.60 -25.09 23.20
C VAL B 301 35.08 -25.32 21.79
N HIS B 302 35.51 -26.40 21.13
CA HIS B 302 35.03 -26.68 19.80
C HIS B 302 33.55 -27.00 19.80
N MET B 303 32.92 -26.97 20.97
CA MET B 303 31.47 -27.04 21.02
C MET B 303 30.85 -25.67 20.80
N LEU B 304 31.60 -24.60 21.01
CA LEU B 304 31.08 -23.26 20.83
C LEU B 304 30.82 -22.98 19.36
N ASP B 305 30.41 -21.75 19.06
CA ASP B 305 30.19 -21.33 17.69
C ASP B 305 30.58 -19.87 17.54
N ILE B 306 30.45 -19.36 16.31
CA ILE B 306 30.93 -18.02 16.01
C ILE B 306 30.29 -16.99 16.91
N GLU B 307 28.96 -16.98 16.99
CA GLU B 307 28.30 -15.97 17.80
C GLU B 307 28.83 -15.94 19.20
N SER B 308 29.13 -17.10 19.78
CA SER B 308 29.76 -17.13 21.08
C SER B 308 31.14 -16.49 21.06
N PHE B 309 31.98 -16.82 20.09
CA PHE B 309 33.31 -16.23 20.05
C PHE B 309 33.22 -14.72 19.95
N SER B 310 32.44 -14.22 18.99
CA SER B 310 32.26 -12.79 18.86
C SER B 310 31.95 -12.13 20.19
N PHE B 311 31.15 -12.78 21.03
CA PHE B 311 30.93 -12.27 22.36
C PHE B 311 32.23 -12.24 23.14
N LEU B 312 32.98 -13.34 23.10
CA LEU B 312 34.18 -13.44 23.91
C LEU B 312 35.13 -12.28 23.66
N ASN B 313 35.37 -11.96 22.40
CA ASN B 313 36.21 -10.81 22.09
C ASN B 313 35.72 -9.58 22.83
N ARG B 314 34.46 -9.24 22.63
CA ARG B 314 33.86 -8.09 23.30
C ARG B 314 34.21 -8.06 24.77
N ALA B 315 33.91 -9.13 25.49
CA ALA B 315 34.13 -9.13 26.92
C ALA B 315 35.60 -8.92 27.24
N LEU B 316 36.48 -9.40 26.38
CA LEU B 316 37.91 -9.29 26.67
C LEU B 316 38.37 -7.86 26.81
N GLU B 317 37.74 -6.91 26.13
CA GLU B 317 38.24 -5.56 26.19
C GLU B 317 38.01 -4.90 27.53
N SER B 318 37.01 -5.36 28.29
CA SER B 318 36.69 -4.71 29.55
C SER B 318 37.91 -4.64 30.44
N ASP B 319 38.07 -3.50 31.12
CA ASP B 319 39.22 -3.31 31.98
C ASP B 319 39.27 -4.36 33.08
N MET B 320 38.16 -4.55 33.79
CA MET B 320 38.17 -5.42 34.96
C MET B 320 38.17 -6.89 34.57
N ALA B 321 38.08 -7.20 33.28
CA ALA B 321 37.87 -8.55 32.77
C ALA B 321 38.81 -9.58 33.40
N PRO B 322 38.38 -10.83 33.52
CA PRO B 322 39.25 -11.86 34.07
C PRO B 322 40.18 -12.38 33.00
N VAL B 323 40.95 -13.41 33.29
CA VAL B 323 41.82 -14.02 32.31
C VAL B 323 41.14 -15.30 31.82
N LEU B 324 41.24 -15.54 30.53
CA LEU B 324 40.53 -16.66 29.93
C LEU B 324 41.46 -17.85 29.76
N ILE B 325 40.92 -19.05 29.89
CA ILE B 325 41.69 -20.25 29.62
C ILE B 325 40.83 -21.27 28.89
N MET B 326 41.00 -21.37 27.58
CA MET B 326 40.30 -22.43 26.88
C MET B 326 41.04 -23.75 27.06
N ALA B 327 40.50 -24.78 26.45
CA ALA B 327 41.12 -26.11 26.46
C ALA B 327 40.40 -26.98 25.47
N THR B 328 41.14 -27.90 24.86
CA THR B 328 40.52 -28.83 23.92
C THR B 328 41.49 -29.93 23.60
N ASN B 329 40.98 -30.94 22.89
CA ASN B 329 41.78 -32.06 22.45
C ASN B 329 41.44 -32.44 21.02
N ARG B 330 41.24 -31.45 20.16
CA ARG B 330 40.85 -31.70 18.80
C ARG B 330 41.85 -31.06 17.85
N GLY B 331 42.06 -31.69 16.71
CA GLY B 331 42.93 -31.12 15.72
C GLY B 331 42.17 -30.20 14.79
N ILE B 332 42.47 -30.29 13.50
CA ILE B 332 41.73 -29.55 12.51
C ILE B 332 40.26 -29.92 12.62
N THR B 333 39.38 -28.94 12.66
CA THR B 333 37.96 -29.22 12.87
C THR B 333 37.15 -28.10 12.24
N ARG B 334 35.93 -28.44 11.86
CA ARG B 334 35.04 -27.42 11.34
C ARG B 334 34.57 -26.53 12.47
N ILE B 335 34.55 -25.23 12.22
CA ILE B 335 34.06 -24.29 13.21
C ILE B 335 32.54 -24.37 13.23
N ARG B 336 31.97 -24.62 14.41
CA ARG B 336 30.53 -24.76 14.51
C ARG B 336 29.84 -23.48 14.11
N GLY B 337 28.90 -23.59 13.20
CA GLY B 337 28.21 -22.45 12.68
C GLY B 337 28.70 -21.99 11.34
N THR B 338 29.79 -22.55 10.84
CA THR B 338 30.34 -22.16 9.54
C THR B 338 30.64 -23.43 8.76
N SER B 339 31.37 -23.28 7.65
CA SER B 339 31.78 -24.40 6.85
C SER B 339 33.28 -24.42 6.60
N TYR B 340 34.09 -24.13 7.60
CA TYR B 340 35.51 -23.97 7.41
C TYR B 340 36.28 -24.74 8.46
N GLN B 341 37.36 -25.38 8.04
CA GLN B 341 38.24 -26.02 8.99
C GLN B 341 39.12 -25.00 9.68
N SER B 342 39.68 -25.39 10.82
CA SER B 342 40.67 -24.58 11.51
C SER B 342 41.23 -25.41 12.65
N PRO B 343 42.42 -25.10 13.11
CA PRO B 343 42.96 -25.78 14.27
C PRO B 343 42.02 -25.67 15.46
N HIS B 344 41.65 -26.79 16.04
CA HIS B 344 40.76 -26.84 17.19
C HIS B 344 39.43 -26.16 16.92
N GLY B 345 39.08 -25.98 15.65
CA GLY B 345 37.82 -25.35 15.32
C GLY B 345 37.64 -23.99 15.95
N ILE B 346 38.64 -23.13 15.85
CA ILE B 346 38.60 -21.79 16.44
C ILE B 346 38.88 -20.79 15.33
N PRO B 347 38.17 -19.67 15.26
CA PRO B 347 38.45 -18.69 14.22
C PRO B 347 39.82 -18.08 14.41
N ILE B 348 40.45 -17.74 13.29
CA ILE B 348 41.83 -17.29 13.31
C ILE B 348 41.99 -16.07 14.20
N ASP B 349 41.17 -15.06 13.98
CA ASP B 349 41.29 -13.80 14.70
C ASP B 349 41.42 -14.01 16.20
N LEU B 350 40.94 -15.13 16.70
CA LEU B 350 41.17 -15.45 18.09
C LEU B 350 42.47 -16.21 18.28
N LEU B 351 42.83 -17.06 17.33
CA LEU B 351 44.02 -17.89 17.48
C LEU B 351 45.25 -17.03 17.68
N ASP B 352 45.58 -16.21 16.68
CA ASP B 352 46.71 -15.31 16.69
C ASP B 352 46.89 -14.64 18.04
N ARG B 353 45.81 -14.36 18.73
CA ARG B 353 45.92 -13.69 20.01
C ARG B 353 46.13 -14.65 21.17
N LEU B 354 46.43 -15.91 20.93
CA LEU B 354 46.52 -16.86 22.01
C LEU B 354 47.96 -17.21 22.34
N LEU B 355 48.15 -17.89 23.47
CA LEU B 355 49.43 -18.50 23.81
C LEU B 355 49.08 -19.93 24.21
N ILE B 356 49.31 -20.85 23.31
CA ILE B 356 48.83 -22.22 23.50
C ILE B 356 49.92 -23.03 24.15
N VAL B 357 49.53 -23.93 25.05
CA VAL B 357 50.46 -24.76 25.80
C VAL B 357 49.94 -26.19 25.74
N SER B 358 50.80 -27.11 25.33
CA SER B 358 50.38 -28.49 25.24
C SER B 358 50.90 -29.29 26.42
N THR B 359 50.30 -30.46 26.62
CA THR B 359 50.70 -31.37 27.67
C THR B 359 50.99 -32.74 27.09
N THR B 360 51.70 -33.44 27.76
CA THR B 360 52.01 -34.78 27.30
C THR B 360 51.23 -35.80 28.09
N PRO B 361 50.99 -36.98 27.52
CA PRO B 361 50.39 -38.06 28.30
C PRO B 361 51.29 -38.42 29.47
N TYR B 362 50.65 -38.56 30.63
CA TYR B 362 51.38 -38.90 31.84
C TYR B 362 52.20 -40.17 31.62
N SER B 363 53.34 -40.22 32.31
CA SER B 363 54.13 -41.44 32.39
C SER B 363 53.61 -42.32 33.51
N GLU B 364 53.81 -43.62 33.34
CA GLU B 364 53.37 -44.58 34.35
C GLU B 364 53.86 -44.15 35.72
N LYS B 365 55.17 -43.95 35.85
CA LYS B 365 55.71 -43.55 37.14
C LYS B 365 55.02 -42.31 37.67
N ASP B 366 54.86 -41.31 36.81
CA ASP B 366 54.05 -40.16 37.20
C ASP B 366 52.64 -40.59 37.54
N THR B 367 52.05 -41.45 36.71
CA THR B 367 50.68 -41.91 36.98
C THR B 367 50.59 -42.50 38.37
N LYS B 368 51.37 -43.54 38.62
CA LYS B 368 51.46 -44.10 39.95
C LYS B 368 51.65 -43.01 40.99
N GLN B 369 52.52 -42.06 40.69
CA GLN B 369 52.78 -41.00 41.65
C GLN B 369 51.51 -40.20 41.93
N ILE B 370 50.56 -40.20 41.00
CA ILE B 370 49.31 -39.49 41.26
C ILE B 370 48.41 -40.32 42.16
N LEU B 371 48.23 -41.58 41.80
CA LEU B 371 47.44 -42.43 42.67
C LEU B 371 48.08 -42.54 44.04
N ARG B 372 49.36 -42.17 44.18
CA ARG B 372 49.85 -41.98 45.53
C ARG B 372 48.97 -41.04 46.32
N ILE B 373 48.12 -40.28 45.65
CA ILE B 373 47.16 -39.45 46.33
C ILE B 373 45.80 -40.14 46.41
N ARG B 374 45.78 -41.46 46.19
CA ARG B 374 44.70 -42.31 46.65
C ARG B 374 44.31 -42.00 48.08
N CYS B 375 45.24 -41.50 48.86
CA CYS B 375 44.96 -41.08 50.21
C CYS B 375 44.88 -39.57 50.24
N GLU B 376 44.21 -38.99 49.25
CA GLU B 376 44.03 -37.55 49.12
C GLU B 376 43.51 -36.93 50.40
N GLU B 377 43.09 -37.76 51.35
CA GLU B 377 42.84 -37.28 52.69
C GLU B 377 44.17 -36.90 53.37
N GLU B 378 45.25 -37.63 53.04
CA GLU B 378 46.57 -37.31 53.55
C GLU B 378 47.68 -37.67 52.57
N ASP B 379 47.31 -38.09 51.36
CA ASP B 379 48.26 -38.34 50.28
C ASP B 379 49.40 -39.28 50.69
N VAL B 380 49.06 -40.52 50.98
CA VAL B 380 50.04 -41.53 51.32
C VAL B 380 49.97 -42.66 50.28
N GLU B 381 50.93 -43.57 50.35
CA GLU B 381 51.02 -44.72 49.47
C GLU B 381 49.82 -45.64 49.67
N MET B 382 49.79 -46.73 48.92
CA MET B 382 48.78 -47.76 49.03
C MET B 382 49.47 -49.10 48.80
N SER B 383 48.69 -50.16 48.70
CA SER B 383 49.24 -51.49 48.49
C SER B 383 49.84 -51.58 47.10
N GLU B 384 51.07 -51.08 46.98
CA GLU B 384 51.70 -50.64 45.74
C GLU B 384 51.26 -51.42 44.52
N ASP B 385 51.14 -52.74 44.65
CA ASP B 385 50.58 -53.50 43.55
C ASP B 385 49.19 -52.99 43.16
N ALA B 386 48.42 -52.54 44.15
CA ALA B 386 47.26 -51.68 43.85
C ALA B 386 47.67 -50.62 42.87
N TYR B 387 48.55 -49.74 43.30
CA TYR B 387 49.08 -48.71 42.43
C TYR B 387 49.52 -49.31 41.10
N THR B 388 50.26 -50.42 41.15
CA THR B 388 50.62 -51.08 39.90
C THR B 388 49.37 -51.50 39.16
N VAL B 389 48.61 -52.44 39.73
CA VAL B 389 47.49 -53.04 39.03
C VAL B 389 46.51 -52.00 38.54
N LEU B 390 46.40 -50.86 39.23
CA LEU B 390 45.68 -49.73 38.69
C LEU B 390 46.43 -49.04 37.57
N THR B 391 47.63 -48.56 37.82
CA THR B 391 48.38 -47.92 36.76
C THR B 391 48.43 -48.78 35.53
N ARG B 392 48.35 -50.09 35.71
CA ARG B 392 48.16 -50.96 34.55
C ARG B 392 46.96 -50.50 33.75
N ILE B 393 45.77 -50.57 34.33
CA ILE B 393 44.58 -50.22 33.57
C ILE B 393 44.53 -48.73 33.34
N GLY B 394 44.95 -47.95 34.33
CA GLY B 394 45.02 -46.52 34.17
C GLY B 394 45.71 -46.16 32.88
N LEU B 395 46.95 -46.65 32.72
CA LEU B 395 47.63 -46.53 31.44
C LEU B 395 46.82 -47.19 30.34
N GLU B 396 46.26 -48.36 30.62
CA GLU B 396 45.66 -49.14 29.56
C GLU B 396 44.37 -48.51 29.06
N THR B 397 43.54 -47.98 29.95
CA THR B 397 42.26 -47.44 29.50
C THR B 397 42.21 -45.91 29.60
N SER B 398 42.33 -45.36 30.80
CA SER B 398 42.37 -43.91 30.98
C SER B 398 42.52 -43.65 32.46
N LEU B 399 42.42 -42.40 32.88
CA LEU B 399 42.91 -42.03 34.20
C LEU B 399 41.89 -41.24 35.01
N ARG B 400 40.64 -41.19 34.59
CA ARG B 400 39.74 -40.25 35.24
C ARG B 400 39.25 -40.74 36.61
N TYR B 401 40.05 -41.52 37.34
CA TYR B 401 39.75 -41.90 38.71
C TYR B 401 40.98 -41.93 39.60
N ALA B 402 42.03 -41.22 39.20
CA ALA B 402 43.40 -41.43 39.68
C ALA B 402 43.53 -41.17 41.18
N ILE B 403 43.17 -39.96 41.58
CA ILE B 403 43.35 -39.58 42.97
C ILE B 403 42.21 -40.15 43.80
N GLN B 404 41.04 -40.35 43.19
CA GLN B 404 39.92 -41.00 43.84
C GLN B 404 39.41 -42.16 42.99
N LEU B 405 39.74 -43.38 43.42
CA LEU B 405 38.84 -44.53 43.31
C LEU B 405 38.22 -44.77 44.69
N ILE B 406 37.25 -43.89 45.02
CA ILE B 406 36.78 -43.68 46.37
C ILE B 406 35.26 -43.79 46.49
N THR B 407 34.52 -43.53 45.42
CA THR B 407 33.22 -42.85 45.51
C THR B 407 32.19 -43.41 46.48
N ALA B 408 31.12 -42.64 46.76
CA ALA B 408 30.28 -42.66 47.96
C ALA B 408 29.37 -43.87 48.04
N ALA B 409 29.56 -44.96 47.30
CA ALA B 409 28.88 -46.22 47.59
C ALA B 409 29.90 -47.18 48.20
N SER B 410 29.45 -48.07 49.09
CA SER B 410 30.32 -49.05 49.73
C SER B 410 29.61 -50.32 50.20
N LEU B 411 29.93 -51.48 49.59
CA LEU B 411 29.63 -52.76 50.24
C LEU B 411 30.83 -53.70 50.29
N VAL B 412 31.64 -53.72 49.23
CA VAL B 412 32.65 -54.75 49.04
C VAL B 412 33.54 -54.95 50.25
N CYS B 413 34.23 -53.90 50.74
CA CYS B 413 35.07 -54.10 51.91
C CYS B 413 34.29 -54.62 53.10
N ARG B 414 32.97 -54.74 52.98
CA ARG B 414 32.15 -55.28 54.05
C ARG B 414 31.60 -56.65 53.67
N LYS B 415 30.95 -56.77 52.50
CA LYS B 415 30.48 -58.09 52.11
C LYS B 415 31.65 -59.05 51.89
N ARG B 416 32.77 -58.57 51.38
CA ARG B 416 34.02 -59.31 51.45
C ARG B 416 34.70 -59.10 52.79
N LYS B 417 34.27 -58.09 53.54
CA LYS B 417 34.84 -57.75 54.83
C LYS B 417 36.35 -57.59 54.76
N GLY B 418 36.84 -57.24 53.59
CA GLY B 418 38.20 -56.77 53.53
C GLY B 418 38.16 -55.37 54.07
N THR B 419 38.12 -55.27 55.40
CA THR B 419 37.82 -54.00 56.05
C THR B 419 38.88 -52.94 55.76
N GLU B 420 40.07 -53.35 55.32
CA GLU B 420 41.17 -52.41 55.21
C GLU B 420 42.13 -52.93 54.15
N VAL B 421 43.20 -52.17 53.89
CA VAL B 421 44.33 -52.55 53.05
C VAL B 421 44.64 -54.04 53.16
N GLN B 422 44.70 -54.74 52.02
CA GLN B 422 45.21 -56.11 51.99
C GLN B 422 46.20 -56.24 50.84
N VAL B 423 47.47 -55.88 51.11
CA VAL B 423 48.44 -55.59 50.05
C VAL B 423 48.48 -56.66 48.97
N ASP B 424 48.06 -57.88 49.27
CA ASP B 424 48.07 -58.93 48.26
C ASP B 424 46.72 -59.11 47.60
N ASP B 425 45.66 -58.48 48.12
CA ASP B 425 44.29 -58.81 47.73
C ASP B 425 43.96 -58.23 46.36
N ILE B 426 44.73 -58.66 45.36
CA ILE B 426 44.44 -58.27 43.97
C ILE B 426 43.30 -59.19 43.55
N LYS B 427 42.09 -58.79 43.92
CA LYS B 427 40.92 -59.66 43.79
C LYS B 427 39.69 -58.98 43.25
N ARG B 428 39.52 -57.67 43.39
CA ARG B 428 38.38 -57.06 42.74
C ARG B 428 38.80 -56.07 41.69
N VAL B 429 39.69 -55.14 42.04
CA VAL B 429 40.21 -54.23 41.03
C VAL B 429 40.76 -54.97 39.84
N TYR B 430 40.99 -56.28 39.94
CA TYR B 430 41.50 -57.03 38.81
C TYR B 430 40.69 -58.28 38.56
N SER B 431 39.40 -58.26 38.89
CA SER B 431 38.57 -59.47 38.73
C SER B 431 37.76 -59.54 37.43
N LEU B 432 36.77 -58.63 37.26
CA LEU B 432 35.64 -58.91 36.36
C LEU B 432 35.41 -57.91 35.23
N PHE B 433 35.22 -56.64 35.55
CA PHE B 433 34.38 -55.74 34.77
C PHE B 433 35.04 -55.27 33.47
N LEU B 434 34.42 -54.28 32.84
CA LEU B 434 34.59 -54.00 31.41
C LEU B 434 35.56 -52.85 31.15
N ASP B 435 35.77 -52.59 29.86
CA ASP B 435 36.68 -51.54 29.39
C ASP B 435 35.94 -50.65 28.41
N GLU B 436 35.89 -49.35 28.70
CA GLU B 436 35.01 -48.42 28.01
C GLU B 436 35.19 -48.49 26.51
N SER B 437 36.39 -48.15 26.04
CA SER B 437 36.67 -48.21 24.63
C SER B 437 36.27 -49.54 24.03
N ARG B 438 36.45 -50.62 24.80
CA ARG B 438 35.98 -51.91 24.32
C ARG B 438 34.50 -52.11 24.60
N SER B 439 34.00 -51.68 25.75
CA SER B 439 32.56 -51.74 25.96
C SER B 439 31.81 -50.91 24.94
N THR B 440 32.45 -49.94 24.31
CA THR B 440 31.89 -49.40 23.09
C THR B 440 31.73 -50.50 22.05
N GLN B 441 32.81 -51.24 21.80
CA GLN B 441 32.77 -52.30 20.81
C GLN B 441 31.83 -53.40 21.27
N TYR B 442 31.71 -53.57 22.59
CA TYR B 442 30.86 -54.60 23.16
C TYR B 442 29.49 -54.63 22.53
N MET B 443 29.04 -53.52 21.97
CA MET B 443 27.79 -53.54 21.25
C MET B 443 28.05 -53.33 19.76
N LYS B 444 29.18 -52.71 19.44
CA LYS B 444 29.60 -52.69 18.05
C LYS B 444 29.77 -54.08 17.48
N GLU B 445 30.55 -54.94 18.15
CA GLU B 445 30.63 -56.32 17.71
C GLU B 445 29.29 -57.02 17.77
N TYR B 446 28.44 -56.64 18.72
CA TYR B 446 27.06 -57.07 18.66
C TYR B 446 26.38 -56.54 17.42
N GLN B 447 26.60 -55.27 17.12
CA GLN B 447 25.83 -54.64 16.06
C GLN B 447 26.05 -55.32 14.72
N ASP B 448 27.31 -55.45 14.31
CA ASP B 448 27.61 -56.17 13.08
C ASP B 448 27.22 -57.63 13.15
N ALA B 449 27.22 -58.23 14.35
CA ALA B 449 26.96 -59.65 14.48
C ALA B 449 25.67 -60.07 13.81
N PHE B 450 24.65 -59.22 13.81
CA PHE B 450 23.43 -59.47 13.06
C PHE B 450 23.36 -58.67 11.77
N LEU B 451 24.07 -57.55 11.69
CA LEU B 451 24.16 -56.81 10.43
C LEU B 451 24.78 -57.67 9.34
N PHE B 452 25.75 -58.51 9.71
CA PHE B 452 26.38 -59.44 8.78
C PHE B 452 25.53 -60.71 8.72
N ASN B 453 24.38 -60.59 8.06
CA ASN B 453 23.46 -61.70 7.93
C ASN B 453 23.16 -62.01 6.46
N GLU C 5 36.35 17.02 24.31
CA GLU C 5 35.87 16.47 25.57
C GLU C 5 35.49 15.00 25.42
N VAL C 6 36.08 14.34 24.44
CA VAL C 6 35.80 12.95 24.15
C VAL C 6 37.01 12.11 24.54
N LYS C 7 36.86 10.79 24.50
CA LYS C 7 37.91 9.89 24.97
C LYS C 7 38.58 9.10 23.84
N SER C 8 38.08 9.20 22.61
CA SER C 8 38.71 8.54 21.46
C SER C 8 38.90 7.06 21.72
N THR C 9 37.78 6.35 21.79
CA THR C 9 37.72 4.97 22.27
C THR C 9 38.49 3.97 21.40
N THR C 10 39.24 4.42 20.39
CA THR C 10 39.98 3.52 19.52
C THR C 10 40.79 2.52 20.31
N LYS C 11 40.55 1.24 20.06
CA LYS C 11 41.18 0.15 20.80
C LYS C 11 42.63 0.05 20.39
N THR C 12 43.54 0.39 21.30
CA THR C 12 44.94 0.45 20.94
C THR C 12 45.55 -0.94 20.82
N GLN C 13 45.30 -1.79 21.81
CA GLN C 13 45.98 -3.07 21.89
C GLN C 13 45.76 -3.90 20.64
N ARG C 14 44.69 -3.62 19.90
CA ARG C 14 44.53 -4.33 18.64
C ARG C 14 45.31 -3.68 17.52
N ILE C 15 46.02 -2.59 17.78
CA ILE C 15 46.91 -2.00 16.78
C ILE C 15 48.24 -1.72 17.43
N ALA C 16 48.34 -1.99 18.73
CA ALA C 16 49.53 -1.61 19.48
C ALA C 16 50.80 -2.20 18.89
N SER C 17 50.67 -3.27 18.12
CA SER C 17 51.84 -3.93 17.57
C SER C 17 52.27 -3.35 16.24
N HIS C 18 52.01 -2.07 15.99
CA HIS C 18 52.21 -1.51 14.67
C HIS C 18 52.91 -0.16 14.73
N SER C 19 54.04 -0.10 15.39
CA SER C 19 54.71 1.17 15.63
C SER C 19 55.76 1.51 14.58
N HIS C 20 55.57 1.12 13.33
CA HIS C 20 56.30 1.73 12.21
C HIS C 20 55.33 2.69 11.54
N VAL C 21 55.44 3.96 11.92
CA VAL C 21 54.64 5.01 11.32
C VAL C 21 55.41 5.65 10.18
N LYS C 22 55.31 5.06 9.00
CA LYS C 22 55.95 5.66 7.84
C LYS C 22 55.02 5.83 6.65
N GLY C 23 54.13 4.89 6.37
CA GLY C 23 53.28 5.02 5.23
C GLY C 23 54.04 4.74 3.96
N LEU C 24 53.41 4.04 3.02
CA LEU C 24 53.96 4.03 1.68
C LEU C 24 53.58 5.31 0.95
N GLY C 25 52.30 5.69 0.97
CA GLY C 25 51.87 6.99 0.47
C GLY C 25 50.93 7.00 -0.73
N LEU C 26 50.07 5.99 -0.84
CA LEU C 26 49.28 5.75 -2.04
C LEU C 26 48.20 6.84 -2.18
N ASP C 27 47.98 7.26 -3.41
CA ASP C 27 47.28 8.47 -3.78
C ASP C 27 45.85 8.49 -3.23
N GLU C 28 45.19 9.65 -3.34
CA GLU C 28 43.75 9.69 -3.18
C GLU C 28 43.10 8.85 -4.24
N SER C 29 43.81 8.60 -5.34
CA SER C 29 43.46 7.56 -6.28
C SER C 29 44.10 6.22 -5.94
N GLY C 30 45.11 6.19 -5.06
CA GLY C 30 45.54 4.96 -4.43
C GLY C 30 46.93 4.47 -4.82
N LEU C 31 47.78 5.32 -5.36
CA LEU C 31 49.12 4.89 -5.73
C LEU C 31 50.17 5.83 -5.14
N ALA C 32 51.43 5.39 -5.11
CA ALA C 32 52.51 6.22 -4.57
C ALA C 32 53.74 6.11 -5.47
N LYS C 33 54.85 6.67 -5.01
CA LYS C 33 56.17 6.45 -5.61
C LYS C 33 56.88 5.43 -4.73
N GLN C 34 56.69 4.15 -5.07
CA GLN C 34 56.96 3.03 -4.18
C GLN C 34 58.37 3.07 -3.63
N ALA C 35 59.36 3.12 -4.51
CA ALA C 35 60.68 2.63 -4.20
C ALA C 35 61.31 3.41 -3.05
N ALA C 36 61.31 2.79 -1.88
CA ALA C 36 62.25 3.10 -0.79
C ALA C 36 62.41 1.81 0.01
N SER C 37 63.38 1.00 -0.41
CA SER C 37 63.76 -0.25 0.25
C SER C 37 62.62 -1.24 0.48
N GLY C 38 61.92 -1.67 -0.58
CA GLY C 38 61.26 -2.98 -0.57
C GLY C 38 59.83 -3.16 -0.09
N LEU C 39 58.86 -2.48 -0.70
CA LEU C 39 57.45 -2.64 -0.31
C LEU C 39 56.53 -2.43 -1.51
N VAL C 40 56.15 -3.54 -2.14
CA VAL C 40 55.32 -3.61 -3.34
C VAL C 40 54.31 -4.73 -3.06
N GLY C 41 53.39 -5.00 -3.98
CA GLY C 41 52.76 -6.31 -4.00
C GLY C 41 51.25 -6.26 -4.22
N GLN C 42 50.74 -7.31 -4.88
CA GLN C 42 49.30 -7.53 -5.12
C GLN C 42 48.67 -6.35 -5.88
N GLU C 43 49.06 -6.33 -7.15
CA GLU C 43 48.90 -5.25 -8.11
C GLU C 43 47.57 -5.27 -8.85
N ASN C 44 47.03 -6.45 -9.17
CA ASN C 44 45.62 -6.49 -9.55
C ASN C 44 44.74 -6.15 -8.37
N ALA C 45 45.06 -6.72 -7.22
CA ALA C 45 44.50 -6.25 -5.97
C ALA C 45 44.52 -4.74 -5.90
N ARG C 46 45.72 -4.15 -5.95
CA ARG C 46 45.93 -2.73 -5.74
C ARG C 46 45.26 -1.83 -6.79
N GLU C 47 45.17 -2.26 -8.05
CA GLU C 47 44.55 -1.31 -8.97
C GLU C 47 43.03 -1.45 -8.97
N ALA C 48 42.51 -2.66 -8.76
CA ALA C 48 41.07 -2.80 -8.54
C ALA C 48 40.66 -2.03 -7.29
N CYS C 49 41.50 -2.03 -6.27
CA CYS C 49 41.44 -1.03 -5.22
C CYS C 49 41.31 0.39 -5.77
N GLY C 50 42.25 0.78 -6.63
CA GLY C 50 42.23 2.11 -7.22
C GLY C 50 40.89 2.47 -7.82
N VAL C 51 40.22 1.47 -8.39
CA VAL C 51 38.92 1.72 -8.97
C VAL C 51 37.80 1.77 -7.94
N ILE C 52 37.88 0.98 -6.86
CA ILE C 52 37.01 1.26 -5.70
C ILE C 52 37.05 2.74 -5.37
N VAL C 53 38.27 3.27 -5.19
CA VAL C 53 38.40 4.60 -4.59
C VAL C 53 38.01 5.68 -5.57
N GLU C 54 38.29 5.48 -6.84
CA GLU C 54 37.73 6.44 -7.77
C GLU C 54 36.23 6.22 -7.99
N LEU C 55 35.68 5.09 -7.55
CA LEU C 55 34.24 4.95 -7.47
C LEU C 55 33.66 5.81 -6.37
N ILE C 56 34.26 5.76 -5.18
CA ILE C 56 33.93 6.75 -4.18
C ILE C 56 34.53 8.11 -4.52
N LYS C 57 35.26 8.20 -5.65
CA LYS C 57 35.49 9.47 -6.30
C LYS C 57 34.56 9.69 -7.50
N SER C 58 33.74 8.70 -7.86
CA SER C 58 32.76 8.85 -8.94
C SER C 58 31.42 8.18 -8.59
N LYS C 59 30.93 8.42 -7.36
CA LYS C 59 29.56 8.07 -6.92
C LYS C 59 29.17 6.62 -7.25
N LYS C 60 30.02 5.66 -6.85
CA LYS C 60 29.77 4.25 -7.15
C LYS C 60 30.20 3.33 -6.00
N MET C 61 29.81 3.64 -4.77
CA MET C 61 30.18 2.81 -3.61
C MET C 61 28.98 2.04 -3.06
N ALA C 62 28.19 1.51 -3.97
CA ALA C 62 26.96 0.77 -3.67
C ALA C 62 27.15 -0.74 -3.68
N GLY C 63 27.83 -1.29 -2.69
CA GLY C 63 27.78 -2.72 -2.44
C GLY C 63 27.97 -3.63 -3.63
N ARG C 64 29.20 -3.72 -4.14
CA ARG C 64 29.49 -4.54 -5.32
C ARG C 64 30.78 -5.32 -5.07
N ALA C 65 31.19 -6.16 -6.01
CA ALA C 65 32.18 -7.15 -5.65
C ALA C 65 32.94 -7.65 -6.88
N VAL C 66 33.86 -8.60 -6.64
CA VAL C 66 35.16 -8.67 -7.32
C VAL C 66 35.28 -9.93 -8.16
N LEU C 67 36.41 -10.01 -8.90
CA LEU C 67 36.91 -11.26 -9.51
C LEU C 67 38.43 -11.14 -9.65
N LEU C 68 39.16 -11.77 -8.72
CA LEU C 68 40.60 -11.50 -8.52
C LEU C 68 41.21 -12.54 -7.57
N ALA C 69 42.49 -12.37 -7.19
CA ALA C 69 43.02 -13.08 -6.03
C ALA C 69 44.24 -12.34 -5.49
N GLY C 70 44.81 -12.85 -4.37
CA GLY C 70 45.66 -12.02 -3.55
C GLY C 70 46.32 -12.58 -2.28
N PRO C 71 46.11 -11.88 -1.18
CA PRO C 71 47.14 -11.73 -0.13
C PRO C 71 47.17 -12.86 0.89
N PRO C 72 48.28 -13.60 0.99
CA PRO C 72 48.40 -14.63 2.03
C PRO C 72 49.21 -14.23 3.26
N GLY C 73 48.87 -14.83 4.40
CA GLY C 73 49.81 -15.00 5.50
C GLY C 73 49.98 -13.94 6.57
N THR C 74 50.79 -12.89 6.33
CA THR C 74 51.23 -12.01 7.41
C THR C 74 51.43 -10.58 6.96
N GLY C 75 51.37 -9.64 7.90
CA GLY C 75 51.78 -8.28 7.64
C GLY C 75 50.96 -7.48 6.64
N LYS C 76 49.68 -7.79 6.47
CA LYS C 76 48.87 -6.96 5.58
C LYS C 76 48.51 -5.67 6.27
N THR C 77 47.87 -5.78 7.44
CA THR C 77 47.28 -4.62 8.10
C THR C 77 48.30 -3.51 8.28
N ALA C 78 49.59 -3.87 8.33
CA ALA C 78 50.62 -2.87 8.30
C ALA C 78 50.35 -1.88 7.18
N LEU C 79 50.02 -2.39 5.99
CA LEU C 79 49.80 -1.50 4.87
C LEU C 79 48.56 -0.66 5.05
N ALA C 80 47.48 -1.24 5.57
CA ALA C 80 46.30 -0.43 5.82
C ALA C 80 46.65 0.75 6.71
N LEU C 81 47.36 0.48 7.80
CA LEU C 81 47.72 1.56 8.70
C LEU C 81 48.64 2.55 8.01
N ALA C 82 49.50 2.06 7.13
CA ALA C 82 50.34 2.97 6.36
C ALA C 82 49.48 3.93 5.56
N ILE C 83 48.59 3.40 4.73
CA ILE C 83 47.62 4.23 4.02
C ILE C 83 46.94 5.21 4.93
N ALA C 84 46.66 4.80 6.16
CA ALA C 84 46.05 5.71 7.12
C ALA C 84 46.96 6.90 7.39
N GLN C 85 48.21 6.64 7.71
CA GLN C 85 48.99 7.82 8.06
C GLN C 85 49.20 8.75 6.95
N GLU C 86 49.39 8.32 5.71
CA GLU C 86 49.80 9.27 4.68
C GLU C 86 48.67 10.22 4.33
N LEU C 87 47.43 9.75 4.37
CA LEU C 87 46.28 10.59 4.06
C LEU C 87 46.07 11.53 5.24
N GLY C 88 47.02 12.43 5.44
CA GLY C 88 46.89 13.36 6.54
C GLY C 88 47.07 12.70 7.88
N SER C 89 47.43 13.47 8.90
CA SER C 89 47.57 12.88 10.21
C SER C 89 46.21 12.62 10.83
N LYS C 90 46.20 11.70 11.79
CA LYS C 90 45.05 11.42 12.64
C LYS C 90 43.75 11.39 11.86
N VAL C 91 43.64 10.41 10.97
CA VAL C 91 42.39 10.11 10.30
C VAL C 91 41.86 8.82 10.92
N PRO C 92 40.56 8.54 10.82
CA PRO C 92 40.01 7.34 11.48
C PRO C 92 40.54 6.07 10.84
N PHE C 93 40.86 5.08 11.67
CA PHE C 93 41.31 3.77 11.23
C PHE C 93 40.77 2.77 12.22
N CYS C 94 39.72 2.04 11.83
CA CYS C 94 39.14 1.06 12.74
C CYS C 94 39.16 -0.32 12.11
N PRO C 95 40.13 -1.14 12.39
CA PRO C 95 40.22 -2.45 11.77
C PRO C 95 39.33 -3.45 12.48
N MET C 96 38.57 -4.20 11.70
CA MET C 96 37.70 -5.22 12.25
C MET C 96 37.78 -6.47 11.38
N VAL C 97 37.46 -7.61 11.97
CA VAL C 97 37.53 -8.89 11.27
C VAL C 97 36.12 -9.23 10.83
N GLY C 98 36.01 -10.13 9.86
CA GLY C 98 34.72 -10.46 9.31
C GLY C 98 33.79 -11.08 10.34
N SER C 99 34.35 -11.69 11.37
CA SER C 99 33.52 -12.46 12.30
C SER C 99 32.65 -11.56 13.16
N GLU C 100 32.92 -10.26 13.18
CA GLU C 100 32.23 -9.39 14.12
C GLU C 100 30.73 -9.49 14.00
N VAL C 101 30.22 -9.63 12.77
CA VAL C 101 28.79 -9.46 12.57
C VAL C 101 28.01 -10.57 13.25
N TYR C 102 28.58 -11.76 13.36
CA TYR C 102 27.84 -12.89 13.92
C TYR C 102 27.87 -12.80 15.44
N SER C 103 27.24 -11.74 15.94
CA SER C 103 27.11 -11.54 17.37
C SER C 103 25.70 -11.87 17.79
N THR C 104 25.59 -12.49 18.97
CA THR C 104 24.29 -12.89 19.46
C THR C 104 23.58 -11.75 20.15
N GLU C 105 24.31 -10.88 20.84
CA GLU C 105 23.68 -9.79 21.57
C GLU C 105 23.01 -8.85 20.61
N ILE C 106 23.78 -8.14 19.80
CA ILE C 106 23.27 -7.20 18.83
C ILE C 106 23.33 -7.84 17.46
N LYS C 107 22.57 -7.31 16.52
CA LYS C 107 22.53 -7.93 15.21
C LYS C 107 23.46 -7.21 14.26
N LYS C 108 23.41 -7.61 12.99
CA LYS C 108 24.42 -7.17 12.04
C LYS C 108 24.40 -5.66 11.85
N THR C 109 23.28 -5.13 11.37
CA THR C 109 23.23 -3.73 10.97
C THR C 109 23.79 -2.83 12.06
N GLU C 110 23.54 -3.19 13.31
CA GLU C 110 24.07 -2.42 14.43
C GLU C 110 25.57 -2.29 14.32
N VAL C 111 26.27 -3.42 14.37
CA VAL C 111 27.72 -3.38 14.38
C VAL C 111 28.25 -2.81 13.08
N LEU C 112 27.53 -3.03 11.98
CA LEU C 112 28.00 -2.50 10.71
C LEU C 112 28.02 -0.98 10.75
N MET C 113 26.87 -0.37 11.02
CA MET C 113 26.82 1.08 11.11
C MET C 113 27.77 1.59 12.18
N GLU C 114 27.94 0.83 13.26
CA GLU C 114 28.85 1.25 14.29
C GLU C 114 30.26 1.36 13.76
N ASN C 115 30.77 0.30 13.17
CA ASN C 115 32.12 0.37 12.65
C ASN C 115 32.26 1.40 11.57
N PHE C 116 31.20 1.66 10.80
CA PHE C 116 31.24 2.80 9.91
C PHE C 116 31.53 4.08 10.66
N ARG C 117 30.58 4.51 11.50
CA ARG C 117 30.76 5.81 12.13
C ARG C 117 31.91 5.81 13.12
N ARG C 118 32.58 4.68 13.28
CA ARG C 118 33.94 4.71 13.83
C ARG C 118 34.88 5.36 12.84
N ALA C 119 34.69 5.10 11.56
CA ALA C 119 35.62 5.54 10.52
C ALA C 119 35.17 6.83 9.87
N ILE C 120 34.91 7.89 10.64
CA ILE C 120 34.54 9.17 10.07
C ILE C 120 35.20 10.26 10.90
N GLY C 121 36.04 11.07 10.26
CA GLY C 121 36.83 12.03 10.99
C GLY C 121 36.22 13.40 11.04
N LEU C 122 36.17 13.97 12.23
CA LEU C 122 35.72 15.33 12.44
C LEU C 122 36.86 16.17 12.96
N ARG C 123 37.23 17.18 12.19
CA ARG C 123 38.27 18.14 12.54
C ARG C 123 37.57 19.37 13.10
N ILE C 124 37.15 19.28 14.36
CA ILE C 124 36.40 20.36 14.99
C ILE C 124 37.36 21.48 15.36
N LYS C 125 37.16 22.65 14.75
CA LYS C 125 38.00 23.82 14.98
C LYS C 125 37.32 24.67 16.05
N GLU C 126 38.01 24.85 17.17
CA GLU C 126 37.45 25.56 18.32
C GLU C 126 38.28 26.80 18.66
N THR C 127 37.60 27.82 19.16
CA THR C 127 38.22 29.07 19.59
C THR C 127 38.19 29.13 21.11
N LYS C 128 39.34 29.42 21.72
CA LYS C 128 39.49 29.38 23.16
C LYS C 128 40.09 30.69 23.67
N GLU C 129 39.60 31.12 24.84
CA GLU C 129 40.05 32.35 25.48
C GLU C 129 41.27 32.05 26.34
N VAL C 130 42.45 32.44 25.87
CA VAL C 130 43.71 31.93 26.39
C VAL C 130 44.45 33.03 27.14
N TYR C 131 44.98 32.70 28.30
CA TYR C 131 46.02 33.46 28.95
C TYR C 131 47.31 32.66 28.86
N GLU C 132 48.39 33.31 28.44
CA GLU C 132 49.69 32.67 28.29
C GLU C 132 50.65 33.30 29.28
N GLY C 133 51.28 32.46 30.11
CA GLY C 133 52.13 32.96 31.16
C GLY C 133 52.92 31.88 31.87
N GLU C 134 52.95 31.96 33.20
CA GLU C 134 53.66 30.99 34.03
C GLU C 134 52.82 30.70 35.26
N VAL C 135 53.22 29.68 36.00
CA VAL C 135 52.63 29.37 37.30
C VAL C 135 53.59 29.85 38.37
N THR C 136 53.07 30.60 39.35
CA THR C 136 53.87 31.07 40.46
C THR C 136 53.58 30.33 41.75
N GLU C 137 52.32 30.30 42.18
CA GLU C 137 51.95 29.62 43.41
C GLU C 137 50.45 29.41 43.38
N LEU C 138 50.02 28.34 44.04
CA LEU C 138 48.61 27.99 44.17
C LEU C 138 48.30 27.96 45.67
N THR C 139 48.02 29.12 46.23
CA THR C 139 47.75 29.27 47.65
C THR C 139 46.59 30.24 47.84
N PRO C 140 45.46 29.78 48.39
CA PRO C 140 44.34 30.71 48.65
C PRO C 140 44.69 31.66 49.78
N CYS C 141 44.24 32.91 49.64
CA CYS C 141 44.54 33.95 50.61
C CYS C 141 43.55 33.88 51.78
N GLU C 142 43.52 34.93 52.60
CA GLU C 142 42.70 34.99 53.81
C GLU C 142 41.80 36.23 53.76
N THR C 143 41.15 36.44 52.62
CA THR C 143 40.25 37.57 52.50
C THR C 143 39.03 37.35 53.38
N GLU C 144 38.53 38.45 53.95
CA GLU C 144 37.43 38.40 54.89
C GLU C 144 36.10 38.31 54.13
N ASN C 145 35.00 38.27 54.86
CA ASN C 145 33.69 38.16 54.24
C ASN C 145 33.17 39.52 53.81
N PRO C 146 32.36 39.57 52.75
CA PRO C 146 31.69 40.84 52.42
C PRO C 146 30.74 41.29 53.51
N MET C 147 30.17 40.35 54.26
CA MET C 147 29.28 40.63 55.38
C MET C 147 30.03 40.42 56.69
N GLY C 148 29.56 41.08 57.73
CA GLY C 148 30.14 40.90 59.06
C GLY C 148 29.92 39.50 59.59
N GLY C 149 30.98 38.71 59.66
CA GLY C 149 30.85 37.34 60.14
C GLY C 149 32.21 36.70 60.30
N TYR C 150 32.20 35.48 60.83
CA TYR C 150 33.42 34.72 61.06
C TYR C 150 33.22 33.28 60.61
N GLY C 151 34.32 32.64 60.23
CA GLY C 151 34.29 31.25 59.81
C GLY C 151 33.73 31.04 58.42
N LYS C 152 34.34 31.68 57.43
CA LYS C 152 33.91 31.52 56.04
C LYS C 152 35.03 32.00 55.13
N THR C 153 35.50 31.13 54.25
CA THR C 153 36.63 31.42 53.36
C THR C 153 36.21 31.19 51.93
N ILE C 154 36.48 32.16 51.06
CA ILE C 154 36.17 32.04 49.63
C ILE C 154 37.35 31.37 48.93
N SER C 155 37.07 30.71 47.81
CA SER C 155 38.07 29.96 47.05
C SER C 155 38.48 30.77 45.83
N HIS C 156 39.60 31.47 45.92
CA HIS C 156 40.18 32.19 44.80
C HIS C 156 41.67 32.36 45.05
N VAL C 157 42.48 31.83 44.14
CA VAL C 157 43.94 31.87 44.25
C VAL C 157 44.48 32.94 43.31
N ILE C 158 45.43 33.73 43.79
CA ILE C 158 46.11 34.73 42.98
C ILE C 158 47.31 34.06 42.32
N ILE C 159 47.36 34.11 40.99
CA ILE C 159 48.41 33.43 40.23
C ILE C 159 49.05 34.44 39.28
N GLY C 160 50.37 34.44 39.25
CA GLY C 160 51.10 35.35 38.38
C GLY C 160 51.52 34.69 37.08
N LEU C 161 50.93 35.14 35.97
CA LEU C 161 51.25 34.61 34.65
C LEU C 161 52.29 35.53 34.03
N LYS C 162 53.56 35.27 34.35
CA LYS C 162 54.66 36.13 33.95
C LYS C 162 55.58 35.36 33.02
N THR C 163 55.28 35.35 31.74
CA THR C 163 56.12 34.73 30.74
C THR C 163 56.92 35.79 30.00
N ALA C 164 57.52 35.40 28.88
CA ALA C 164 58.34 36.33 28.09
C ALA C 164 57.57 37.61 27.78
N LYS C 165 56.45 37.49 27.09
CA LYS C 165 55.66 38.63 26.66
C LYS C 165 54.25 38.62 27.25
N GLY C 166 54.08 38.01 28.42
CA GLY C 166 52.80 37.99 29.09
C GLY C 166 52.92 38.23 30.58
N THR C 167 52.23 39.24 31.10
CA THR C 167 52.30 39.59 32.51
C THR C 167 50.86 39.79 33.02
N LYS C 168 50.35 38.80 33.74
CA LYS C 168 49.00 38.83 34.25
C LYS C 168 49.00 38.48 35.73
N GLN C 169 47.96 38.94 36.43
CA GLN C 169 47.76 38.61 37.84
C GLN C 169 46.31 38.17 37.98
N LEU C 170 46.07 36.87 37.87
CA LEU C 170 44.73 36.34 37.69
C LEU C 170 44.21 35.68 38.95
N LYS C 171 42.90 35.57 39.03
CA LYS C 171 42.19 34.88 40.10
C LYS C 171 41.67 33.57 39.56
N LEU C 172 42.33 32.48 39.93
CA LEU C 172 41.97 31.14 39.49
C LEU C 172 41.31 30.38 40.63
N ASP C 173 40.92 29.14 40.32
CA ASP C 173 40.47 28.21 41.35
C ASP C 173 41.61 27.24 41.67
N PRO C 174 41.96 27.05 42.95
CA PRO C 174 43.10 26.17 43.27
C PRO C 174 42.82 24.71 42.96
N SER C 175 43.81 23.86 43.22
CA SER C 175 43.76 22.41 43.07
C SER C 175 43.66 21.93 41.63
N ILE C 176 43.71 22.83 40.65
CA ILE C 176 43.69 22.43 39.25
C ILE C 176 45.06 22.48 38.60
N PHE C 177 46.00 23.30 39.10
CA PHE C 177 47.34 23.32 38.52
C PHE C 177 48.11 22.07 38.88
N GLU C 178 48.01 21.60 40.13
CA GLU C 178 48.70 20.37 40.52
C GLU C 178 48.24 19.20 39.68
N SER C 179 46.98 19.21 39.24
CA SER C 179 46.44 18.09 38.47
C SER C 179 46.98 18.08 37.05
N LEU C 180 46.75 19.15 36.30
CA LEU C 180 47.15 19.19 34.90
C LEU C 180 48.53 19.79 34.68
N GLN C 181 49.40 19.73 35.68
CA GLN C 181 50.79 20.14 35.51
C GLN C 181 51.64 19.08 34.84
N LYS C 182 51.02 17.95 34.45
CA LYS C 182 51.72 16.84 33.82
C LYS C 182 51.49 16.82 32.31
N GLU C 183 51.30 17.99 31.71
CA GLU C 183 51.10 18.11 30.27
C GLU C 183 52.42 18.20 29.50
N ARG C 184 53.12 17.08 29.35
CA ARG C 184 54.47 16.98 28.78
C ARG C 184 55.41 18.05 29.33
N VAL C 185 55.12 18.57 30.52
CA VAL C 185 55.86 19.69 31.10
C VAL C 185 56.13 19.39 32.57
N GLU C 186 56.85 20.30 33.20
CA GLU C 186 57.05 20.31 34.64
C GLU C 186 56.33 21.52 35.23
N ALA C 187 56.53 21.75 36.53
CA ALA C 187 55.91 22.89 37.19
C ALA C 187 56.70 24.15 36.87
N GLY C 188 56.07 25.11 36.20
CA GLY C 188 56.71 26.40 35.98
C GLY C 188 56.83 26.82 34.53
N ASP C 189 56.43 25.95 33.61
CA ASP C 189 56.57 26.25 32.19
C ASP C 189 55.52 27.26 31.74
N VAL C 190 55.56 27.63 30.47
CA VAL C 190 54.57 28.55 29.94
C VAL C 190 53.20 27.87 29.97
N ILE C 191 52.32 28.39 30.80
CA ILE C 191 50.95 27.90 30.85
C ILE C 191 50.15 28.60 29.77
N TYR C 192 49.36 27.82 29.04
CA TYR C 192 48.57 28.30 27.91
C TYR C 192 47.14 27.88 28.23
N ILE C 193 46.47 28.66 29.05
CA ILE C 193 45.30 28.19 29.79
C ILE C 193 44.06 28.95 29.35
N GLU C 194 42.92 28.44 29.77
CA GLU C 194 41.65 29.13 29.63
C GLU C 194 41.16 29.39 31.05
N ALA C 195 41.63 30.48 31.65
CA ALA C 195 41.29 30.76 33.05
C ALA C 195 39.82 31.14 33.19
N ASN C 196 39.30 31.88 32.20
CA ASN C 196 37.89 32.23 32.18
C ASN C 196 37.02 31.02 31.88
N SER C 197 37.56 30.02 31.19
CA SER C 197 36.87 28.78 30.92
C SER C 197 37.20 27.68 31.92
N GLY C 198 38.22 27.89 32.75
CA GLY C 198 38.60 26.89 33.73
C GLY C 198 39.44 25.77 33.17
N ALA C 199 40.11 26.00 32.05
CA ALA C 199 40.92 24.97 31.39
C ALA C 199 42.39 25.39 31.50
N VAL C 200 43.07 24.89 32.52
CA VAL C 200 44.49 25.12 32.68
C VAL C 200 45.24 24.14 31.76
N LYS C 201 46.14 24.68 30.95
CA LYS C 201 46.87 23.88 29.97
C LYS C 201 48.26 24.46 29.83
N ARG C 202 49.28 23.60 29.85
CA ARG C 202 50.66 24.03 29.66
C ARG C 202 51.16 23.49 28.32
N GLN C 203 51.54 24.41 27.43
CA GLN C 203 51.93 24.03 26.07
C GLN C 203 53.42 23.70 25.99
N GLY C 204 54.27 24.64 26.37
CA GLY C 204 55.71 24.47 26.28
C GLY C 204 56.41 25.08 27.46
N ARG C 205 57.74 24.94 27.47
CA ARG C 205 58.53 25.43 28.59
C ARG C 205 58.54 26.96 28.62
N CYS C 206 58.79 27.51 29.79
CA CYS C 206 58.83 28.95 30.00
C CYS C 206 60.27 29.46 29.96
N ASP C 207 60.44 30.73 30.27
CA ASP C 207 61.76 31.32 30.49
C ASP C 207 61.86 32.05 31.82
N THR C 208 60.78 32.64 32.32
CA THR C 208 60.82 33.38 33.57
C THR C 208 60.79 32.43 34.78
N TYR C 209 59.80 31.54 34.82
CA TYR C 209 59.70 30.59 35.93
C TYR C 209 60.52 29.34 35.66
N ALA C 210 61.76 29.54 35.23
CA ALA C 210 62.67 28.45 34.88
C ALA C 210 63.41 27.90 36.09
N THR C 211 62.91 28.14 37.30
CA THR C 211 63.56 27.63 38.49
C THR C 211 63.24 26.17 38.75
N GLU C 212 62.13 25.67 38.21
CA GLU C 212 61.67 24.32 38.51
C GLU C 212 61.69 23.38 37.30
N PHE C 213 61.97 23.90 36.10
CA PHE C 213 62.11 23.05 34.92
C PHE C 213 63.43 23.35 34.22
N ASP C 214 64.00 22.32 33.59
CA ASP C 214 65.24 22.48 32.84
C ASP C 214 65.10 21.88 31.45
N LEU C 215 64.41 20.76 31.34
CA LEU C 215 64.26 20.07 30.07
C LEU C 215 63.42 20.90 29.11
N GLU C 216 64.05 21.40 28.04
CA GLU C 216 63.34 22.18 27.03
C GLU C 216 62.84 21.24 25.93
N ALA C 217 61.90 20.39 26.33
CA ALA C 217 61.19 19.50 25.41
C ALA C 217 60.00 20.17 24.76
N GLU C 218 60.03 21.50 24.64
CA GLU C 218 58.96 22.22 23.98
C GLU C 218 58.72 21.65 22.58
N GLU C 219 57.51 21.83 22.09
CA GLU C 219 57.27 21.75 20.66
C GLU C 219 58.23 22.70 19.96
N TYR C 220 58.69 22.33 18.77
CA TYR C 220 59.87 22.95 18.20
C TYR C 220 59.59 24.38 17.75
N VAL C 221 59.23 25.22 18.71
CA VAL C 221 58.99 26.65 18.50
C VAL C 221 59.54 27.35 19.73
N PRO C 222 60.02 28.59 19.59
CA PRO C 222 60.30 29.41 20.78
C PRO C 222 59.14 29.34 21.76
N LEU C 223 59.49 29.37 23.06
CA LEU C 223 58.56 29.20 24.17
C LEU C 223 57.25 29.93 23.91
N PRO C 224 56.11 29.31 24.22
CA PRO C 224 54.81 29.83 23.75
C PRO C 224 54.60 31.30 24.07
N LYS C 225 54.52 32.10 23.01
CA LYS C 225 54.39 33.55 23.11
C LYS C 225 52.92 33.91 23.24
N GLY C 226 52.60 35.19 23.07
CA GLY C 226 51.23 35.65 23.07
C GLY C 226 51.06 36.93 23.85
N ASP C 227 49.85 37.47 23.78
CA ASP C 227 49.51 38.69 24.48
C ASP C 227 48.95 38.37 25.86
N VAL C 228 48.37 39.38 26.51
CA VAL C 228 47.70 39.17 27.80
C VAL C 228 46.62 38.11 27.66
N HIS C 229 45.81 38.22 26.62
CA HIS C 229 44.71 37.29 26.40
C HIS C 229 44.44 37.18 24.91
N LYS C 230 44.40 35.95 24.40
CA LYS C 230 44.20 35.71 22.97
C LYS C 230 43.07 34.73 22.73
N LYS C 231 42.88 34.36 21.46
CA LYS C 231 41.90 33.35 21.06
C LYS C 231 42.68 32.28 20.29
N LYS C 232 42.98 31.16 20.96
CA LYS C 232 43.65 30.08 20.28
C LYS C 232 42.66 29.25 19.48
N GLU C 233 43.17 28.59 18.44
CA GLU C 233 42.39 27.68 17.61
C GLU C 233 43.13 26.36 17.57
N ILE C 234 42.90 25.51 18.56
CA ILE C 234 43.56 24.22 18.67
C ILE C 234 42.54 23.18 18.20
N ILE C 235 42.61 22.82 16.93
CA ILE C 235 41.61 21.95 16.33
C ILE C 235 41.73 20.56 16.95
N GLN C 236 40.59 19.98 17.29
CA GLN C 236 40.51 18.65 17.87
C GLN C 236 39.93 17.71 16.83
N ASP C 237 40.17 16.42 16.98
CA ASP C 237 39.61 15.44 16.06
C ASP C 237 38.84 14.38 16.81
N VAL C 238 37.70 13.99 16.24
CA VAL C 238 36.85 12.96 16.82
C VAL C 238 36.32 12.07 15.70
N THR C 239 35.63 11.02 16.11
CA THR C 239 34.81 10.24 15.22
C THR C 239 33.36 10.38 15.63
N LEU C 240 32.47 9.91 14.78
CA LEU C 240 31.06 9.93 15.15
C LEU C 240 30.82 9.07 16.38
N HIS C 241 31.19 7.79 16.30
CA HIS C 241 30.97 6.91 17.43
C HIS C 241 31.64 7.44 18.69
N ASP C 242 32.73 8.18 18.55
CA ASP C 242 33.33 8.85 19.69
C ASP C 242 32.29 9.67 20.44
N LEU C 243 31.70 10.66 19.79
CA LEU C 243 30.76 11.53 20.47
C LEU C 243 29.49 10.78 20.83
N ASP C 244 29.14 9.74 20.06
CA ASP C 244 27.99 8.94 20.39
C ASP C 244 28.13 8.33 21.78
N VAL C 245 29.18 7.54 21.98
CA VAL C 245 29.40 6.96 23.29
C VAL C 245 29.68 8.04 24.32
N ALA C 246 30.20 9.19 23.88
CA ALA C 246 30.42 10.28 24.82
C ALA C 246 29.11 10.75 25.45
N ASN C 247 28.15 11.15 24.62
CA ASN C 247 26.90 11.68 25.13
C ASN C 247 25.88 10.59 25.45
N ALA C 248 26.25 9.31 25.33
CA ALA C 248 25.34 8.27 25.78
C ALA C 248 25.04 8.39 27.27
N ARG C 249 26.09 8.37 28.10
CA ARG C 249 25.92 8.49 29.55
C ARG C 249 27.21 8.96 30.20
N ILE C 271 24.11 1.57 20.93
CA ILE C 271 23.19 2.50 21.57
C ILE C 271 21.96 2.65 20.70
N THR C 272 20.85 3.08 21.32
CA THR C 272 19.60 3.19 20.62
C THR C 272 19.68 4.20 19.48
N ASP C 273 18.84 3.98 18.47
CA ASP C 273 18.85 4.85 17.29
C ASP C 273 18.40 6.25 17.64
N LYS C 274 17.49 6.39 18.60
CA LYS C 274 17.03 7.72 18.97
C LYS C 274 18.18 8.58 19.46
N LEU C 275 19.18 7.97 20.10
CA LEU C 275 20.32 8.75 20.55
C LEU C 275 21.13 9.24 19.36
N ARG C 276 21.33 8.39 18.36
CA ARG C 276 21.94 8.87 17.12
C ARG C 276 20.94 9.67 16.31
N GLY C 277 19.65 9.35 16.43
CA GLY C 277 18.63 10.06 15.68
C GLY C 277 18.70 11.56 15.85
N GLU C 278 19.22 12.03 16.98
CA GLU C 278 19.41 13.46 17.18
C GLU C 278 20.82 13.90 16.81
N ILE C 279 21.83 13.35 17.49
CA ILE C 279 23.19 13.88 17.41
C ILE C 279 23.79 13.69 16.03
N ASN C 280 23.17 12.89 15.17
CA ASN C 280 23.52 12.86 13.76
C ASN C 280 23.13 14.13 13.04
N LYS C 281 22.28 14.96 13.63
CA LYS C 281 21.82 16.17 12.96
C LYS C 281 22.32 17.44 13.62
N VAL C 282 22.62 17.41 14.92
CA VAL C 282 23.24 18.57 15.54
C VAL C 282 24.58 18.84 14.89
N VAL C 283 25.26 17.79 14.45
CA VAL C 283 26.46 17.96 13.63
C VAL C 283 26.07 18.42 12.23
N ASN C 284 25.00 17.86 11.68
CA ASN C 284 24.46 18.38 10.43
C ASN C 284 24.08 19.84 10.59
N LYS C 285 23.72 20.25 11.80
CA LYS C 285 23.62 21.67 12.11
C LYS C 285 25.01 22.27 12.31
N TYR C 286 25.83 21.62 13.15
CA TYR C 286 27.18 22.11 13.42
C TYR C 286 27.96 22.35 12.14
N ILE C 287 27.76 21.49 11.13
CA ILE C 287 28.47 21.64 9.88
C ILE C 287 27.98 22.85 9.12
N ASP C 288 26.71 23.21 9.30
CA ASP C 288 26.22 24.45 8.73
C ASP C 288 26.77 25.64 9.49
N GLN C 289 26.94 25.50 10.80
CA GLN C 289 27.76 26.45 11.53
C GLN C 289 29.24 26.29 11.19
N GLY C 290 29.61 25.16 10.60
CA GLY C 290 30.99 24.88 10.26
C GLY C 290 31.91 24.76 11.44
N ILE C 291 31.44 24.20 12.56
CA ILE C 291 32.31 24.09 13.74
C ILE C 291 33.38 23.02 13.55
N ALA C 292 33.23 22.12 12.58
CA ALA C 292 34.04 20.93 12.49
C ALA C 292 34.21 20.52 11.04
N GLU C 293 35.35 19.92 10.74
CA GLU C 293 35.66 19.50 9.38
C GLU C 293 35.41 18.01 9.22
N LEU C 294 34.96 17.60 8.04
CA LEU C 294 34.49 16.25 7.80
C LEU C 294 35.46 15.51 6.88
N VAL C 295 36.12 14.48 7.40
CA VAL C 295 37.11 13.72 6.65
C VAL C 295 36.78 12.23 6.78
N PRO C 296 36.62 11.51 5.68
CA PRO C 296 36.40 10.06 5.77
C PRO C 296 37.71 9.30 5.75
N GLY C 297 38.06 8.67 6.86
CA GLY C 297 39.37 8.07 6.91
C GLY C 297 39.62 6.71 6.27
N VAL C 298 39.29 5.61 6.97
CA VAL C 298 39.77 4.29 6.58
C VAL C 298 38.98 3.21 7.31
N LEU C 299 38.62 2.14 6.62
CA LEU C 299 37.96 1.01 7.26
C LEU C 299 38.57 -0.29 6.75
N PHE C 300 39.10 -1.08 7.66
CA PHE C 300 39.74 -2.33 7.30
C PHE C 300 38.82 -3.49 7.60
N VAL C 301 38.69 -4.40 6.64
CA VAL C 301 37.81 -5.56 6.77
C VAL C 301 38.64 -6.79 6.47
N ASP C 302 38.92 -7.58 7.50
CA ASP C 302 39.67 -8.79 7.29
C ASP C 302 38.74 -10.00 7.26
N GLU C 303 39.26 -11.11 6.74
CA GLU C 303 38.54 -12.38 6.78
C GLU C 303 37.21 -12.28 6.06
N VAL C 304 37.23 -11.61 4.91
CA VAL C 304 35.98 -11.27 4.26
C VAL C 304 35.17 -12.49 3.92
N HIS C 305 35.82 -13.62 3.66
CA HIS C 305 35.06 -14.80 3.28
C HIS C 305 34.16 -15.29 4.40
N MET C 306 34.21 -14.66 5.56
CA MET C 306 33.28 -14.97 6.63
C MET C 306 32.01 -14.15 6.54
N LEU C 307 31.98 -13.14 5.69
CA LEU C 307 30.79 -12.31 5.56
C LEU C 307 29.79 -12.96 4.62
N ASP C 308 28.51 -12.84 4.93
CA ASP C 308 27.47 -13.46 4.12
C ASP C 308 26.99 -12.51 3.04
N ILE C 309 26.06 -13.00 2.23
CA ILE C 309 25.60 -12.26 1.07
C ILE C 309 25.01 -10.91 1.43
N GLU C 310 24.30 -10.81 2.54
CA GLU C 310 23.59 -9.57 2.78
C GLU C 310 24.53 -8.40 3.03
N CYS C 311 25.41 -8.52 4.02
CA CYS C 311 26.25 -7.39 4.39
C CYS C 311 26.98 -6.81 3.18
N PHE C 312 27.29 -7.63 2.19
CA PHE C 312 27.82 -7.05 0.96
C PHE C 312 26.80 -6.10 0.34
N THR C 313 25.65 -6.61 -0.05
CA THR C 313 24.59 -5.79 -0.61
C THR C 313 24.35 -4.59 0.29
N TYR C 314 24.53 -4.77 1.59
CA TYR C 314 24.41 -3.62 2.48
C TYR C 314 25.34 -2.49 2.11
N LEU C 315 26.43 -2.76 1.42
CA LEU C 315 27.41 -1.72 1.28
C LEU C 315 26.98 -0.63 0.31
N HIS C 316 25.86 0.03 0.59
CA HIS C 316 25.46 1.23 -0.14
C HIS C 316 25.41 2.44 0.78
N ARG C 317 24.59 2.39 1.83
CA ARG C 317 23.95 3.57 2.44
C ARG C 317 24.91 4.67 2.88
N ALA C 318 25.75 4.39 3.88
CA ALA C 318 26.73 5.37 4.36
C ALA C 318 28.00 5.35 3.55
N LEU C 319 28.01 4.63 2.43
CA LEU C 319 29.23 4.51 1.63
C LEU C 319 29.01 4.84 0.16
N GLU C 320 27.89 4.44 -0.42
CA GLU C 320 27.59 4.91 -1.76
C GLU C 320 27.62 6.43 -1.79
N SER C 321 27.20 7.05 -0.69
CA SER C 321 27.32 8.49 -0.56
C SER C 321 28.79 8.90 -0.61
N SER C 322 29.01 10.15 -1.01
CA SER C 322 30.34 10.61 -1.32
C SER C 322 31.21 10.86 -0.09
N ILE C 323 30.72 10.51 1.09
CA ILE C 323 31.53 10.74 2.29
C ILE C 323 32.01 9.42 2.85
N ALA C 324 32.04 8.38 2.04
CA ALA C 324 32.42 7.07 2.51
C ALA C 324 33.89 7.05 2.93
N PRO C 325 34.24 6.31 3.94
CA PRO C 325 35.64 6.00 4.15
C PRO C 325 36.06 5.00 3.09
N ILE C 326 37.36 4.73 2.98
CA ILE C 326 37.85 3.80 2.00
C ILE C 326 37.85 2.42 2.65
N VAL C 327 37.30 1.43 1.96
CA VAL C 327 37.23 0.10 2.53
C VAL C 327 38.33 -0.76 1.94
N ILE C 328 39.03 -1.49 2.79
CA ILE C 328 40.12 -2.36 2.37
C ILE C 328 39.77 -3.76 2.84
N PHE C 329 39.66 -4.69 1.92
CA PHE C 329 39.47 -6.07 2.32
C PHE C 329 40.80 -6.79 2.41
N ALA C 330 40.76 -8.02 2.90
CA ALA C 330 41.97 -8.82 3.00
C ALA C 330 41.56 -10.27 3.05
N SER C 331 42.13 -11.08 2.17
CA SER C 331 41.73 -12.47 2.02
C SER C 331 42.95 -13.33 1.76
N ASN C 332 43.22 -14.27 2.65
CA ASN C 332 44.27 -15.23 2.38
C ASN C 332 43.76 -16.44 1.62
N ARG C 333 42.47 -16.72 1.69
CA ARG C 333 41.91 -17.82 0.95
C ARG C 333 41.92 -17.51 -0.54
N GLY C 334 41.65 -18.53 -1.34
CA GLY C 334 41.51 -18.35 -2.76
C GLY C 334 40.06 -18.43 -3.16
N ASN C 335 39.77 -19.17 -4.22
CA ASN C 335 38.41 -19.29 -4.70
C ASN C 335 37.61 -20.16 -3.74
N CYS C 336 36.65 -19.56 -3.06
CA CYS C 336 35.83 -20.28 -2.09
C CYS C 336 34.36 -20.01 -2.38
N VAL C 337 33.52 -20.52 -1.51
CA VAL C 337 32.08 -20.47 -1.72
C VAL C 337 31.52 -19.24 -1.02
N ILE C 338 30.50 -18.64 -1.63
CA ILE C 338 29.92 -17.43 -1.08
C ILE C 338 29.03 -17.83 0.08
N ARG C 339 29.38 -17.37 1.27
CA ARG C 339 28.56 -17.66 2.44
C ARG C 339 27.18 -17.06 2.25
N GLY C 340 26.17 -17.85 2.54
CA GLY C 340 24.80 -17.45 2.35
C GLY C 340 24.08 -18.17 1.23
N THR C 341 24.77 -18.48 0.15
CA THR C 341 24.17 -19.26 -0.93
C THR C 341 24.62 -20.72 -0.92
N GLU C 342 25.76 -21.00 -0.30
CA GLU C 342 26.30 -22.33 -0.05
C GLU C 342 26.38 -23.22 -1.28
N ASP C 343 26.17 -22.68 -2.44
CA ASP C 343 26.49 -23.51 -3.59
C ASP C 343 27.24 -22.76 -4.67
N ILE C 344 27.19 -21.43 -4.65
CA ILE C 344 27.91 -20.64 -5.64
C ILE C 344 29.27 -20.24 -5.07
N THR C 345 30.32 -20.54 -5.81
CA THR C 345 31.66 -20.11 -5.43
C THR C 345 32.06 -18.88 -6.21
N SER C 346 33.16 -18.27 -5.78
CA SER C 346 33.69 -17.06 -6.39
C SER C 346 35.02 -16.73 -5.73
N PRO C 347 35.82 -15.88 -6.32
CA PRO C 347 37.06 -15.47 -5.66
C PRO C 347 36.83 -14.93 -4.26
N HIS C 348 37.41 -15.57 -3.26
CA HIS C 348 37.36 -15.09 -1.88
C HIS C 348 35.94 -14.99 -1.36
N GLY C 349 35.06 -15.80 -1.92
CA GLY C 349 33.69 -15.82 -1.45
C GLY C 349 33.03 -14.47 -1.57
N ILE C 350 33.61 -13.59 -2.36
CA ILE C 350 33.06 -12.27 -2.61
C ILE C 350 32.12 -12.42 -3.79
N PRO C 351 31.06 -11.66 -3.88
CA PRO C 351 30.23 -11.69 -5.09
C PRO C 351 31.01 -11.14 -6.26
N LEU C 352 30.38 -10.95 -7.41
CA LEU C 352 31.14 -10.49 -8.56
C LEU C 352 30.50 -9.28 -9.21
N ASP C 353 30.21 -8.25 -8.42
CA ASP C 353 29.49 -7.11 -8.97
C ASP C 353 30.44 -6.01 -9.43
N LEU C 354 31.28 -5.51 -8.52
CA LEU C 354 32.29 -4.50 -8.85
C LEU C 354 33.35 -5.21 -9.66
N LEU C 355 32.98 -5.50 -10.92
CA LEU C 355 33.32 -6.76 -11.58
C LEU C 355 34.66 -7.26 -11.12
N ASP C 356 35.68 -6.41 -11.20
CA ASP C 356 36.99 -6.72 -10.66
C ASP C 356 37.47 -5.71 -9.64
N ARG C 357 36.78 -4.59 -9.50
CA ARG C 357 37.39 -3.33 -9.14
C ARG C 357 37.40 -3.15 -7.63
N VAL C 358 38.12 -4.02 -6.94
CA VAL C 358 38.03 -4.10 -5.49
C VAL C 358 39.42 -4.17 -4.87
N MET C 359 39.47 -4.17 -3.53
CA MET C 359 40.69 -3.90 -2.76
C MET C 359 41.00 -5.03 -1.79
N ILE C 360 42.02 -5.83 -2.09
CA ILE C 360 42.39 -6.95 -1.23
C ILE C 360 43.91 -7.15 -1.22
N ILE C 361 44.58 -6.71 -0.16
CA ILE C 361 45.99 -6.32 -0.25
C ILE C 361 46.87 -7.11 0.70
N ARG C 362 48.08 -7.47 0.20
CA ARG C 362 49.31 -7.79 0.94
C ARG C 362 50.40 -8.16 -0.07
N THR C 363 51.64 -8.26 0.40
CA THR C 363 52.77 -8.55 -0.45
C THR C 363 53.05 -10.03 -0.42
N MET C 364 54.17 -10.43 -1.01
CA MET C 364 54.58 -11.82 -0.92
C MET C 364 55.30 -12.11 0.38
N LEU C 365 55.71 -13.36 0.58
CA LEU C 365 56.39 -13.76 1.80
C LEU C 365 57.71 -13.04 1.97
N TYR C 366 57.95 -12.51 3.17
CA TYR C 366 59.24 -11.91 3.47
C TYR C 366 60.33 -12.96 3.39
N THR C 367 61.58 -12.51 3.42
CA THR C 367 62.73 -13.40 3.42
C THR C 367 63.40 -13.40 4.79
N PRO C 368 64.04 -14.51 5.15
CA PRO C 368 64.63 -14.60 6.50
C PRO C 368 65.59 -13.49 6.80
N GLN C 369 66.37 -13.06 5.81
CA GLN C 369 67.27 -11.94 6.04
C GLN C 369 66.50 -10.70 6.46
N GLU C 370 65.61 -10.23 5.60
CA GLU C 370 64.87 -9.02 5.94
C GLU C 370 64.05 -9.24 7.19
N MET C 371 63.58 -10.46 7.41
CA MET C 371 62.78 -10.75 8.59
C MET C 371 63.52 -10.38 9.85
N LYS C 372 64.85 -10.39 9.82
CA LYS C 372 65.63 -10.11 11.01
C LYS C 372 65.33 -8.70 11.52
N GLN C 373 65.62 -7.70 10.71
CA GLN C 373 65.44 -6.33 11.18
C GLN C 373 64.00 -6.04 11.56
N ILE C 374 63.04 -6.69 10.89
CA ILE C 374 61.65 -6.49 11.26
C ILE C 374 61.46 -6.76 12.73
N ILE C 375 61.71 -8.00 13.14
CA ILE C 375 61.71 -8.31 14.56
C ILE C 375 62.62 -7.36 15.31
N LYS C 376 63.80 -7.11 14.74
CA LYS C 376 64.76 -6.23 15.39
C LYS C 376 64.14 -4.88 15.67
N ILE C 377 63.29 -4.40 14.76
CA ILE C 377 62.59 -3.15 15.01
C ILE C 377 61.86 -3.20 16.34
N ARG C 378 61.03 -4.23 16.51
CA ARG C 378 60.20 -4.29 17.70
C ARG C 378 61.06 -4.41 18.96
N ALA C 379 62.32 -4.76 18.80
CA ALA C 379 63.19 -4.82 19.96
C ALA C 379 63.28 -3.47 20.63
N GLN C 380 63.84 -2.48 19.93
CA GLN C 380 63.98 -1.16 20.52
C GLN C 380 62.64 -0.48 20.67
N THR C 381 61.80 -0.55 19.64
CA THR C 381 60.52 0.14 19.71
C THR C 381 59.68 -0.34 20.86
N GLU C 382 60.00 -1.50 21.42
CA GLU C 382 59.42 -1.96 22.66
C GLU C 382 60.44 -1.96 23.78
N GLY C 383 61.69 -1.64 23.46
CA GLY C 383 62.73 -1.56 24.46
C GLY C 383 63.14 -2.90 25.04
N ILE C 384 63.53 -3.82 24.18
CA ILE C 384 64.03 -5.13 24.59
C ILE C 384 65.31 -5.37 23.82
N ASN C 385 66.45 -5.12 24.45
CA ASN C 385 67.74 -5.33 23.83
C ASN C 385 68.04 -6.82 23.76
N ILE C 386 68.31 -7.32 22.56
CA ILE C 386 68.70 -8.70 22.38
C ILE C 386 69.97 -8.74 21.55
N SER C 387 70.63 -9.89 21.55
CA SER C 387 71.79 -10.05 20.69
C SER C 387 71.32 -10.22 19.26
N GLU C 388 71.88 -9.41 18.36
CA GLU C 388 71.73 -9.69 16.93
C GLU C 388 71.95 -11.17 16.66
N GLU C 389 72.87 -11.77 17.40
CA GLU C 389 73.04 -13.21 17.36
C GLU C 389 71.73 -13.93 17.56
N ALA C 390 71.05 -13.64 18.69
CA ALA C 390 69.80 -14.34 18.98
C ALA C 390 68.80 -14.12 17.86
N LEU C 391 68.56 -12.86 17.51
CA LEU C 391 67.66 -12.47 16.44
C LEU C 391 67.73 -13.44 15.29
N ASN C 392 68.95 -13.83 14.94
CA ASN C 392 69.14 -14.77 13.84
C ASN C 392 68.27 -16.00 14.02
N HIS C 393 68.11 -16.46 15.26
CA HIS C 393 67.34 -17.66 15.49
C HIS C 393 65.86 -17.43 15.28
N LEU C 394 65.40 -16.20 15.45
CA LEU C 394 64.00 -15.99 15.18
C LEU C 394 63.70 -15.98 13.70
N GLY C 395 64.71 -15.75 12.87
CA GLY C 395 64.50 -15.71 11.45
C GLY C 395 63.85 -16.97 10.94
N GLU C 396 64.57 -18.08 11.05
CA GLU C 396 64.06 -19.33 10.54
C GLU C 396 62.72 -19.67 11.19
N ILE C 397 62.54 -19.28 12.46
CA ILE C 397 61.30 -19.59 13.14
C ILE C 397 60.11 -19.01 12.39
N GLY C 398 60.04 -17.68 12.31
CA GLY C 398 59.06 -17.07 11.45
C GLY C 398 59.12 -17.64 10.04
N THR C 399 60.33 -17.79 9.53
CA THR C 399 60.48 -18.40 8.22
C THR C 399 59.78 -19.74 8.17
N LYS C 400 59.99 -20.56 9.19
CA LYS C 400 59.27 -21.82 9.26
C LYS C 400 57.78 -21.59 9.38
N THR C 401 57.36 -20.97 10.49
CA THR C 401 55.94 -20.96 10.79
C THR C 401 55.25 -19.70 10.31
N THR C 402 55.56 -18.57 10.94
CA THR C 402 54.90 -17.31 10.62
C THR C 402 55.44 -16.17 11.45
N LEU C 403 55.22 -14.94 10.99
CA LEU C 403 55.72 -13.79 11.72
C LEU C 403 54.89 -13.54 12.95
N ARG C 404 53.58 -13.34 12.77
CA ARG C 404 52.70 -12.93 13.86
C ARG C 404 52.89 -13.85 15.05
N TYR C 405 53.40 -15.06 14.81
CA TYR C 405 53.83 -15.91 15.90
C TYR C 405 55.12 -15.39 16.52
N SER C 406 56.18 -15.36 15.74
CA SER C 406 57.51 -15.12 16.28
C SER C 406 57.53 -13.87 17.13
N VAL C 407 57.03 -12.78 16.57
CA VAL C 407 57.04 -11.50 17.28
C VAL C 407 56.46 -11.64 18.67
N GLN C 408 55.48 -12.52 18.83
CA GLN C 408 54.87 -12.69 20.15
C GLN C 408 55.90 -13.17 21.16
N LEU C 409 56.77 -14.08 20.75
CA LEU C 409 57.70 -14.69 21.69
C LEU C 409 58.62 -13.68 22.35
N LEU C 410 58.62 -12.45 21.87
CA LEU C 410 59.48 -11.43 22.45
C LEU C 410 59.22 -11.28 23.94
N THR C 411 58.02 -10.82 24.29
CA THR C 411 57.74 -10.51 25.68
C THR C 411 58.02 -11.67 26.63
N PRO C 412 57.56 -12.89 26.40
CA PRO C 412 57.83 -13.94 27.39
C PRO C 412 59.32 -14.18 27.50
N ALA C 413 59.96 -14.41 26.36
CA ALA C 413 61.41 -14.64 26.37
C ALA C 413 62.10 -13.58 27.19
N ASN C 414 61.68 -12.33 27.02
CA ASN C 414 62.26 -11.27 27.81
C ASN C 414 62.15 -11.57 29.30
N LEU C 415 60.97 -11.97 29.75
CA LEU C 415 60.79 -12.29 31.15
C LEU C 415 61.75 -13.38 31.58
N LEU C 416 61.89 -14.40 30.73
CA LEU C 416 62.73 -15.54 31.08
C LEU C 416 64.14 -15.09 31.42
N ALA C 417 64.78 -14.37 30.51
CA ALA C 417 66.11 -13.85 30.80
C ALA C 417 66.08 -12.96 32.03
N LYS C 418 64.98 -12.23 32.22
CA LYS C 418 64.90 -11.38 33.40
C LYS C 418 64.99 -12.19 34.68
N ILE C 419 64.52 -13.44 34.65
CA ILE C 419 64.65 -14.30 35.82
C ILE C 419 66.12 -14.43 36.20
N ASN C 420 66.92 -14.91 35.26
CA ASN C 420 68.34 -15.09 35.52
C ASN C 420 69.07 -13.76 35.62
N GLY C 421 68.41 -12.65 35.29
CA GLY C 421 69.09 -11.38 35.32
C GLY C 421 69.89 -11.09 34.07
N LYS C 422 69.36 -11.45 32.90
CA LYS C 422 70.01 -11.18 31.63
C LYS C 422 69.29 -10.01 30.99
N ASP C 423 69.97 -8.87 30.96
CA ASP C 423 69.39 -7.69 30.33
C ASP C 423 69.11 -7.96 28.86
N SER C 424 70.00 -8.67 28.19
CA SER C 424 69.82 -8.97 26.79
C SER C 424 69.46 -10.42 26.59
N ILE C 425 68.65 -10.68 25.58
CA ILE C 425 68.24 -12.05 25.27
C ILE C 425 69.25 -12.66 24.32
N GLU C 426 69.62 -13.91 24.57
CA GLU C 426 70.48 -14.66 23.68
C GLU C 426 69.88 -16.03 23.44
N LYS C 427 70.30 -16.65 22.33
CA LYS C 427 69.62 -17.81 21.76
C LYS C 427 69.19 -18.82 22.80
N GLU C 428 70.08 -19.14 23.74
CA GLU C 428 69.78 -20.19 24.72
C GLU C 428 68.39 -20.06 25.30
N HIS C 429 67.95 -18.82 25.55
CA HIS C 429 66.58 -18.61 25.99
C HIS C 429 65.60 -19.01 24.91
N VAL C 430 65.86 -18.54 23.69
CA VAL C 430 64.89 -18.72 22.62
C VAL C 430 64.75 -20.19 22.25
N GLU C 431 65.86 -20.85 21.92
CA GLU C 431 65.76 -22.29 21.69
C GLU C 431 65.08 -22.98 22.86
N GLU C 432 65.21 -22.41 24.06
CA GLU C 432 64.48 -22.92 25.20
C GLU C 432 63.00 -22.60 25.11
N ILE C 433 62.64 -21.31 25.12
CA ILE C 433 61.24 -20.93 25.22
C ILE C 433 60.44 -21.47 24.04
N SER C 434 61.05 -21.44 22.85
CA SER C 434 60.40 -21.96 21.66
C SER C 434 59.96 -23.39 21.82
N GLU C 435 60.51 -24.10 22.80
CA GLU C 435 60.12 -25.46 23.05
C GLU C 435 58.83 -25.56 23.86
N LEU C 436 58.49 -24.52 24.59
CA LEU C 436 57.41 -24.61 25.56
C LEU C 436 56.08 -24.25 24.95
N PHE C 437 56.05 -23.24 24.09
CA PHE C 437 54.84 -22.78 23.45
C PHE C 437 54.88 -23.18 21.98
N TYR C 438 53.72 -23.44 21.41
CA TYR C 438 53.64 -23.91 20.04
C TYR C 438 52.81 -22.95 19.20
N ASP C 439 53.06 -22.95 17.91
CA ASP C 439 52.08 -22.43 16.99
C ASP C 439 50.89 -23.36 16.96
N ALA C 440 49.76 -22.85 16.48
CA ALA C 440 48.57 -23.69 16.37
C ALA C 440 48.83 -24.90 15.49
N LYS C 441 49.41 -24.67 14.31
CA LYS C 441 49.57 -25.75 13.35
C LYS C 441 50.34 -26.90 13.94
N SER C 442 51.50 -26.63 14.53
CA SER C 442 52.30 -27.68 15.13
C SER C 442 51.51 -28.47 16.15
N SER C 443 50.80 -27.78 17.03
CA SER C 443 50.05 -28.49 18.06
C SER C 443 49.05 -29.45 17.45
N ALA C 444 48.06 -28.93 16.74
CA ALA C 444 46.96 -29.75 16.23
C ALA C 444 47.49 -30.92 15.45
N LYS C 445 48.68 -30.79 14.91
CA LYS C 445 49.30 -31.94 14.29
C LYS C 445 49.85 -32.91 15.32
N ILE C 446 50.65 -32.39 16.26
CA ILE C 446 51.17 -33.24 17.34
C ILE C 446 50.05 -34.04 17.96
N LEU C 447 48.98 -33.38 18.36
CA LEU C 447 47.83 -34.07 18.88
C LEU C 447 47.28 -35.08 17.90
N ALA C 448 47.20 -34.72 16.62
CA ALA C 448 46.64 -35.65 15.65
C ALA C 448 47.51 -36.89 15.50
N ASP C 449 48.83 -36.76 15.69
CA ASP C 449 49.69 -37.93 15.64
C ASP C 449 49.33 -38.91 16.74
N GLN C 450 49.15 -38.42 17.94
CA GLN C 450 48.65 -39.30 18.98
C GLN C 450 47.24 -39.73 18.73
N GLN C 451 46.57 -39.09 17.77
CA GLN C 451 45.22 -39.48 17.37
C GLN C 451 45.23 -40.42 16.18
N ASP C 452 46.28 -41.23 16.05
CA ASP C 452 46.36 -42.24 15.00
C ASP C 452 45.16 -43.17 15.05
N GLY D 23 29.23 6.27 -15.59
CA GLY D 23 29.65 6.93 -16.80
C GLY D 23 30.30 5.99 -17.80
N ALA D 24 30.23 4.70 -17.49
CA ALA D 24 30.89 3.71 -18.33
C ALA D 24 30.11 3.46 -19.61
N HIS D 25 29.08 4.26 -19.86
CA HIS D 25 28.29 4.15 -21.07
C HIS D 25 27.91 5.51 -21.62
N SER D 26 28.59 6.55 -21.17
CA SER D 26 28.29 7.91 -21.62
C SER D 26 28.26 7.98 -23.13
N HIS D 27 29.22 7.35 -23.78
CA HIS D 27 29.33 7.41 -25.22
C HIS D 27 28.07 6.92 -25.92
N ILE D 28 27.40 5.94 -25.34
CA ILE D 28 26.31 5.28 -26.03
C ILE D 28 25.21 6.27 -26.37
N ARG D 29 24.65 6.14 -27.57
CA ARG D 29 23.60 7.05 -28.03
C ARG D 29 22.42 6.30 -28.63
N GLY D 30 22.49 4.97 -28.70
CA GLY D 30 21.38 4.23 -29.27
C GLY D 30 21.78 3.02 -30.10
N LEU D 31 20.80 2.34 -30.67
CA LEU D 31 21.08 1.12 -31.41
C LEU D 31 21.84 1.39 -32.71
N GLY D 32 21.60 2.54 -33.32
CA GLY D 32 22.32 2.85 -34.54
C GLY D 32 21.91 1.99 -35.71
N LEU D 33 20.68 2.16 -36.18
CA LEU D 33 20.24 1.47 -37.37
C LEU D 33 19.48 2.43 -38.27
N ASP D 34 19.37 2.05 -39.53
CA ASP D 34 18.60 2.83 -40.48
C ASP D 34 17.12 2.68 -40.18
N ASP D 35 16.29 3.26 -41.04
CA ASP D 35 14.86 3.08 -40.91
C ASP D 35 14.42 1.68 -41.29
N ALA D 36 15.21 1.00 -42.12
CA ALA D 36 14.88 -0.35 -42.56
C ALA D 36 15.47 -1.41 -41.63
N LEU D 37 15.81 -1.02 -40.40
CA LEU D 37 16.31 -1.94 -39.37
C LEU D 37 17.65 -2.55 -39.77
N GLU D 38 18.54 -1.72 -40.29
CA GLU D 38 19.85 -2.20 -40.72
C GLU D 38 20.93 -1.41 -39.99
N PRO D 39 21.97 -2.07 -39.49
CA PRO D 39 22.97 -1.39 -38.66
C PRO D 39 23.97 -0.65 -39.53
N ARG D 40 24.07 0.66 -39.32
CA ARG D 40 25.14 1.41 -39.96
C ARG D 40 26.46 1.20 -39.31
N GLN D 41 26.43 0.29 -38.34
CA GLN D 41 27.62 -0.35 -37.79
C GLN D 41 28.42 0.59 -36.90
N ALA D 42 28.13 1.89 -36.93
CA ALA D 42 28.84 2.81 -36.05
C ALA D 42 27.95 3.93 -35.54
N SER D 43 26.68 3.97 -35.89
CA SER D 43 25.84 5.05 -35.43
C SER D 43 25.68 4.97 -33.92
N GLN D 44 25.42 6.12 -33.31
CA GLN D 44 25.25 6.24 -31.87
C GLN D 44 26.49 5.86 -31.10
N GLY D 45 27.55 5.47 -31.78
CA GLY D 45 28.73 4.99 -31.10
C GLY D 45 28.64 3.57 -30.60
N MET D 46 28.22 2.62 -31.44
CA MET D 46 28.23 1.22 -31.07
C MET D 46 28.89 0.40 -32.19
N VAL D 47 29.73 -0.54 -31.78
CA VAL D 47 30.66 -1.22 -32.65
C VAL D 47 30.15 -2.62 -32.95
N GLY D 48 30.18 -3.01 -34.21
CA GLY D 48 29.87 -4.36 -34.64
C GLY D 48 28.61 -4.92 -34.02
N GLN D 49 28.71 -6.13 -33.47
CA GLN D 49 27.64 -6.73 -32.69
C GLN D 49 26.32 -6.70 -33.44
N LEU D 50 26.37 -7.12 -34.70
CA LEU D 50 25.24 -6.91 -35.60
C LEU D 50 23.97 -7.55 -35.05
N ALA D 51 23.96 -8.88 -34.96
CA ALA D 51 22.72 -9.60 -34.71
C ALA D 51 22.05 -9.09 -33.45
N ALA D 52 22.82 -8.76 -32.42
CA ALA D 52 22.25 -8.24 -31.20
C ALA D 52 21.48 -6.95 -31.46
N ARG D 53 22.14 -5.96 -32.07
CA ARG D 53 21.48 -4.70 -32.33
C ARG D 53 20.24 -4.91 -33.19
N ARG D 54 20.33 -5.83 -34.15
CA ARG D 54 19.19 -6.05 -35.03
C ARG D 54 17.99 -6.60 -34.26
N ALA D 55 18.21 -7.62 -33.46
CA ALA D 55 17.13 -8.17 -32.65
C ALA D 55 16.59 -7.09 -31.72
N ALA D 56 17.47 -6.28 -31.15
CA ALA D 56 17.03 -5.22 -30.27
C ALA D 56 16.13 -4.25 -31.01
N GLY D 57 16.41 -3.99 -32.28
CA GLY D 57 15.53 -3.14 -33.05
C GLY D 57 14.17 -3.76 -33.25
N VAL D 58 14.14 -5.05 -33.55
CA VAL D 58 12.85 -5.73 -33.66
C VAL D 58 12.07 -5.56 -32.37
N VAL D 59 12.76 -5.67 -31.24
CA VAL D 59 12.09 -5.51 -29.96
C VAL D 59 11.58 -4.08 -29.80
N LEU D 60 12.38 -3.11 -30.22
CA LEU D 60 11.93 -1.72 -30.18
C LEU D 60 10.59 -1.59 -30.88
N GLU D 61 10.50 -2.13 -32.08
CA GLU D 61 9.21 -2.19 -32.76
C GLU D 61 8.15 -2.77 -31.85
N MET D 62 8.36 -4.03 -31.42
CA MET D 62 7.39 -4.70 -30.57
C MET D 62 6.90 -3.78 -29.46
N ILE D 63 7.80 -3.00 -28.88
CA ILE D 63 7.43 -2.07 -27.83
C ILE D 63 6.47 -1.02 -28.40
N ARG D 64 6.84 -0.43 -29.52
CA ARG D 64 6.02 0.65 -30.02
C ARG D 64 4.64 0.21 -30.47
N GLU D 65 4.30 -1.08 -30.35
CA GLU D 65 2.96 -1.55 -30.66
C GLU D 65 2.34 -2.30 -29.48
N GLY D 66 2.87 -2.10 -28.28
CA GLY D 66 2.32 -2.72 -27.09
C GLY D 66 2.25 -4.23 -27.10
N LYS D 67 2.85 -4.84 -28.12
CA LYS D 67 2.82 -6.30 -28.21
C LYS D 67 3.66 -6.95 -27.13
N ILE D 68 4.56 -6.20 -26.48
CA ILE D 68 5.34 -6.74 -25.37
C ILE D 68 4.51 -6.91 -24.12
N ALA D 69 3.22 -6.59 -24.18
CA ALA D 69 2.32 -6.87 -23.08
C ALA D 69 2.47 -8.33 -22.69
N GLY D 70 2.84 -8.59 -21.44
CA GLY D 70 3.08 -9.95 -21.01
C GLY D 70 4.27 -10.56 -21.73
N ARG D 71 5.29 -9.76 -21.98
CA ARG D 71 6.51 -10.25 -22.56
C ARG D 71 7.68 -9.56 -21.91
N ALA D 72 8.84 -10.18 -21.98
CA ALA D 72 10.09 -9.57 -21.60
C ALA D 72 11.19 -10.20 -22.43
N VAL D 73 12.40 -9.69 -22.29
CA VAL D 73 13.50 -10.12 -23.14
C VAL D 73 14.72 -10.35 -22.28
N LEU D 74 15.43 -11.43 -22.56
CA LEU D 74 16.56 -11.87 -21.78
C LEU D 74 17.79 -11.92 -22.67
N ILE D 75 18.92 -11.45 -22.15
CA ILE D 75 20.14 -11.35 -22.93
C ILE D 75 21.08 -12.45 -22.45
N ALA D 76 21.33 -13.42 -23.33
CA ALA D 76 22.25 -14.49 -23.00
C ALA D 76 23.68 -14.09 -23.33
N GLY D 77 24.29 -13.30 -22.47
CA GLY D 77 25.57 -12.70 -22.77
C GLY D 77 26.75 -13.59 -22.46
N GLN D 78 27.91 -13.07 -22.76
CA GLN D 78 29.17 -13.62 -22.31
C GLN D 78 29.76 -12.67 -21.29
N PRO D 79 30.24 -13.15 -20.18
CA PRO D 79 30.65 -12.23 -19.11
C PRO D 79 31.85 -11.43 -19.50
N GLY D 80 32.31 -10.58 -18.58
CA GLY D 80 33.44 -9.73 -18.88
C GLY D 80 33.14 -8.78 -20.02
N THR D 81 31.87 -8.61 -20.32
CA THR D 81 31.46 -7.73 -21.40
C THR D 81 30.32 -6.80 -21.05
N GLY D 82 29.54 -7.07 -20.02
CA GLY D 82 28.57 -6.09 -19.56
C GLY D 82 27.57 -5.71 -20.61
N LYS D 83 26.66 -6.62 -20.94
CA LYS D 83 25.69 -6.47 -22.04
C LYS D 83 24.90 -5.18 -21.92
N THR D 84 25.07 -4.50 -20.80
CA THR D 84 24.47 -3.21 -20.52
C THR D 84 24.55 -2.28 -21.71
N ALA D 85 25.58 -2.45 -22.54
CA ALA D 85 25.72 -1.64 -23.72
C ALA D 85 24.41 -1.57 -24.48
N ILE D 86 23.93 -2.72 -24.96
CA ILE D 86 22.73 -2.72 -25.76
C ILE D 86 21.54 -2.24 -24.95
N ALA D 87 21.56 -2.47 -23.64
CA ALA D 87 20.46 -2.00 -22.81
C ALA D 87 20.36 -0.49 -22.86
N MET D 88 21.43 0.19 -22.49
CA MET D 88 21.51 1.64 -22.60
C MET D 88 21.13 2.10 -24.00
N GLY D 89 21.56 1.35 -25.01
CA GLY D 89 21.23 1.73 -26.37
C GLY D 89 19.74 1.75 -26.62
N MET D 90 19.06 0.68 -26.22
CA MET D 90 17.62 0.67 -26.36
C MET D 90 16.97 1.77 -25.55
N ALA D 91 17.51 2.06 -24.37
CA ALA D 91 16.97 3.15 -23.57
C ALA D 91 17.01 4.45 -24.34
N GLN D 92 18.14 4.72 -24.99
CA GLN D 92 18.23 5.90 -25.84
C GLN D 92 17.20 5.85 -26.96
N ALA D 93 17.25 4.78 -27.75
CA ALA D 93 16.47 4.70 -28.97
C ALA D 93 14.97 4.71 -28.67
N LEU D 94 14.60 4.54 -27.41
CA LEU D 94 13.20 4.72 -27.09
C LEU D 94 12.83 6.19 -27.02
N GLY D 95 13.65 7.00 -26.36
CA GLY D 95 13.34 8.39 -26.21
C GLY D 95 14.50 9.19 -25.66
N PRO D 96 14.25 10.48 -25.41
CA PRO D 96 15.34 11.34 -24.95
C PRO D 96 15.74 11.09 -23.51
N ASP D 97 14.76 10.91 -22.61
CA ASP D 97 15.06 10.79 -21.20
C ASP D 97 14.26 9.69 -20.54
N THR D 98 13.88 8.66 -21.28
CA THR D 98 13.15 7.53 -20.73
C THR D 98 13.93 6.97 -19.55
N PRO D 99 13.34 6.87 -18.37
CA PRO D 99 14.09 6.39 -17.22
C PRO D 99 14.57 4.97 -17.46
N PHE D 100 15.69 4.65 -16.84
CA PHE D 100 16.37 3.38 -17.10
C PHE D 100 17.28 3.11 -15.92
N THR D 101 17.02 2.02 -15.21
CA THR D 101 17.82 1.65 -14.06
C THR D 101 18.34 0.24 -14.24
N ALA D 102 19.55 0.00 -13.77
CA ALA D 102 20.22 -1.29 -13.89
C ALA D 102 20.82 -1.63 -12.54
N ILE D 103 20.28 -2.64 -11.89
CA ILE D 103 20.80 -3.08 -10.61
C ILE D 103 21.09 -4.57 -10.67
N ALA D 104 21.95 -5.02 -9.77
CA ALA D 104 22.41 -6.39 -9.75
C ALA D 104 21.44 -7.27 -8.99
N GLY D 105 21.22 -8.48 -9.50
CA GLY D 105 20.30 -9.40 -8.88
C GLY D 105 20.55 -9.56 -7.40
N SER D 106 21.82 -9.55 -7.01
CA SER D 106 22.19 -9.76 -5.62
C SER D 106 21.86 -8.56 -4.73
N GLU D 107 21.49 -7.44 -5.31
CA GLU D 107 21.31 -6.22 -4.55
C GLU D 107 19.94 -6.13 -3.90
N ILE D 108 19.17 -7.21 -3.91
CA ILE D 108 17.86 -7.19 -3.28
C ILE D 108 17.90 -7.75 -1.86
N PHE D 109 18.92 -8.53 -1.53
CA PHE D 109 19.04 -9.07 -0.17
C PHE D 109 19.73 -8.04 0.71
N SER D 110 18.97 -7.04 1.11
CA SER D 110 19.51 -6.02 1.98
C SER D 110 19.33 -6.42 3.43
N LEU D 111 20.08 -5.75 4.30
CA LEU D 111 19.84 -5.91 5.73
C LEU D 111 18.57 -5.19 6.14
N GLU D 112 18.30 -4.02 5.53
CA GLU D 112 17.20 -3.17 5.96
C GLU D 112 15.96 -3.35 5.10
N MET D 113 16.06 -3.14 3.80
CA MET D 113 14.87 -3.20 2.96
C MET D 113 14.47 -4.65 2.73
N SER D 114 13.17 -4.89 2.70
CA SER D 114 12.70 -6.20 2.31
C SER D 114 12.81 -6.37 0.81
N LYS D 115 12.72 -7.63 0.36
CA LYS D 115 12.75 -7.87 -1.07
C LYS D 115 11.63 -7.17 -1.78
N THR D 116 10.41 -7.27 -1.27
CA THR D 116 9.32 -6.48 -1.81
C THR D 116 9.67 -5.01 -1.84
N GLU D 117 10.18 -4.52 -0.72
CA GLU D 117 10.57 -3.12 -0.67
C GLU D 117 11.56 -2.81 -1.78
N ALA D 118 12.56 -3.66 -1.96
CA ALA D 118 13.55 -3.39 -2.98
C ALA D 118 12.96 -3.39 -4.38
N LEU D 119 12.16 -4.38 -4.73
CA LEU D 119 11.62 -4.43 -6.08
C LEU D 119 10.69 -3.26 -6.34
N THR D 120 9.83 -2.96 -5.38
CA THR D 120 8.96 -1.81 -5.53
C THR D 120 9.77 -0.56 -5.71
N GLN D 121 10.85 -0.43 -4.96
CA GLN D 121 11.66 0.78 -5.08
C GLN D 121 12.24 0.83 -6.47
N ALA D 122 12.67 -0.31 -7.00
CA ALA D 122 13.21 -0.32 -8.36
C ALA D 122 12.17 0.16 -9.35
N PHE D 123 10.98 -0.41 -9.30
CA PHE D 123 9.94 -0.03 -10.25
C PHE D 123 9.61 1.44 -10.14
N ARG D 124 9.25 1.89 -8.93
CA ARG D 124 8.99 3.31 -8.73
C ARG D 124 10.20 4.15 -9.07
N ARG D 125 11.36 3.54 -9.24
CA ARG D 125 12.52 4.22 -9.79
C ARG D 125 12.64 4.05 -11.28
N SER D 126 11.70 3.36 -11.92
CA SER D 126 11.70 3.24 -13.37
C SER D 126 10.54 3.97 -14.04
N ILE D 127 9.99 5.02 -13.42
CA ILE D 127 8.85 5.73 -13.97
C ILE D 127 9.03 7.23 -13.73
N GLY D 128 8.75 8.04 -14.75
CA GLY D 128 8.92 9.48 -14.69
C GLY D 128 7.63 10.26 -14.94
N VAL D 129 7.78 11.58 -14.95
CA VAL D 129 6.67 12.53 -14.92
C VAL D 129 7.06 13.78 -15.72
N ARG D 130 6.10 14.73 -15.82
CA ARG D 130 6.27 16.02 -16.54
C ARG D 130 5.52 17.13 -15.80
N ILE D 131 6.24 17.97 -15.08
CA ILE D 131 5.66 18.77 -14.00
C ILE D 131 5.90 20.27 -14.17
N LYS D 132 5.92 20.79 -15.39
CA LYS D 132 6.45 22.13 -15.62
C LYS D 132 5.50 23.24 -15.15
N GLU D 133 6.06 24.45 -14.93
CA GLU D 133 5.34 25.60 -14.35
C GLU D 133 5.78 26.90 -15.01
N GLU D 134 5.28 28.04 -14.49
CA GLU D 134 5.52 29.35 -15.11
C GLU D 134 5.59 30.49 -14.07
N THR D 135 6.65 31.31 -14.18
CA THR D 135 6.71 32.67 -13.62
C THR D 135 7.96 33.38 -14.15
N GLU D 136 8.29 34.54 -13.56
CA GLU D 136 9.32 35.41 -14.15
C GLU D 136 9.99 36.28 -13.08
N ILE D 137 11.28 36.05 -12.83
CA ILE D 137 12.11 36.95 -12.02
C ILE D 137 13.58 36.59 -12.21
N ILE D 138 14.43 37.63 -12.37
CA ILE D 138 15.85 37.45 -12.68
C ILE D 138 16.55 36.88 -11.46
N GLU D 139 17.80 36.42 -11.65
CA GLU D 139 18.76 36.30 -10.57
C GLU D 139 20.11 36.83 -11.01
N GLY D 140 20.93 37.19 -10.03
CA GLY D 140 22.24 37.79 -10.28
C GLY D 140 22.97 38.29 -9.05
N GLU D 141 24.22 38.75 -9.22
CA GLU D 141 24.99 39.35 -8.13
C GLU D 141 25.81 40.52 -8.66
N VAL D 142 25.51 41.71 -8.14
CA VAL D 142 26.27 42.91 -8.43
C VAL D 142 26.00 43.89 -7.29
N VAL D 143 26.91 44.83 -7.07
CA VAL D 143 26.67 45.90 -6.11
C VAL D 143 25.32 46.54 -6.37
N GLU D 144 24.66 46.98 -5.30
CA GLU D 144 23.29 47.47 -5.42
C GLU D 144 23.24 48.88 -5.97
N ILE D 145 23.93 49.11 -7.08
CA ILE D 145 23.80 50.33 -7.85
C ILE D 145 23.35 49.87 -9.24
N GLN D 146 22.04 49.87 -9.46
CA GLN D 146 21.50 49.19 -10.62
C GLN D 146 20.81 50.15 -11.57
N ILE D 147 21.11 49.99 -12.85
CA ILE D 147 20.37 50.65 -13.91
C ILE D 147 19.03 49.97 -14.13
N ASP D 148 18.92 48.69 -13.77
CA ASP D 148 17.66 47.96 -13.80
C ASP D 148 16.92 48.00 -12.48
N ARG D 149 17.45 48.70 -11.49
CA ARG D 149 16.64 49.07 -10.34
C ARG D 149 15.38 49.80 -10.77
N PRO D 150 15.37 50.59 -11.83
CA PRO D 150 14.14 50.85 -12.56
C PRO D 150 14.00 49.91 -13.76
N ALA D 151 12.77 49.77 -14.22
CA ALA D 151 12.47 48.91 -15.36
C ALA D 151 11.58 49.67 -16.34
N THR D 152 12.03 49.74 -17.59
CA THR D 152 11.20 50.34 -18.63
C THR D 152 9.98 49.48 -18.90
N GLY D 153 10.20 48.21 -19.22
CA GLY D 153 9.10 47.30 -19.49
C GLY D 153 9.56 46.07 -20.25
N THR D 154 8.67 45.53 -21.09
CA THR D 154 8.98 44.33 -21.85
C THR D 154 10.03 44.67 -22.90
N GLY D 155 11.18 44.03 -22.80
CA GLY D 155 12.24 44.21 -23.77
C GLY D 155 13.57 44.37 -23.09
N SER D 156 14.59 44.59 -23.93
CA SER D 156 15.97 44.69 -23.48
C SER D 156 16.13 45.66 -22.31
N LYS D 157 15.84 46.94 -22.55
CA LYS D 157 15.96 48.03 -21.59
C LYS D 157 17.32 48.10 -20.91
N VAL D 158 18.34 47.44 -21.49
CA VAL D 158 19.68 47.51 -20.92
C VAL D 158 20.73 47.89 -21.98
N GLY D 159 20.77 47.14 -23.08
CA GLY D 159 21.79 47.39 -24.11
C GLY D 159 23.14 46.82 -23.73
N LYS D 160 24.21 47.53 -24.09
CA LYS D 160 25.54 47.15 -23.64
C LYS D 160 25.72 47.66 -22.22
N LEU D 161 24.73 47.37 -21.37
CA LEU D 161 24.81 47.74 -19.97
C LEU D 161 25.98 47.01 -19.33
N THR D 162 26.69 47.68 -18.44
CA THR D 162 27.92 47.14 -17.86
C THR D 162 27.84 47.23 -16.34
N LEU D 163 27.59 46.08 -15.70
CA LEU D 163 27.56 45.98 -14.25
C LEU D 163 28.63 45.00 -13.77
N LYS D 164 28.78 44.92 -12.46
CA LYS D 164 29.88 44.19 -11.83
C LYS D 164 29.49 42.73 -11.66
N THR D 165 30.20 41.86 -12.36
CA THR D 165 30.23 40.44 -12.01
C THR D 165 31.69 40.05 -11.77
N THR D 166 31.92 38.75 -11.66
CA THR D 166 33.28 38.25 -11.44
C THR D 166 34.05 38.03 -12.74
N GLU D 167 33.42 38.16 -13.90
CA GLU D 167 34.08 37.87 -15.17
C GLU D 167 34.44 39.13 -15.95
N MET D 168 33.46 39.95 -16.32
CA MET D 168 33.68 41.16 -17.11
C MET D 168 32.35 41.89 -17.22
N GLU D 169 32.33 42.99 -17.98
CA GLU D 169 31.10 43.71 -18.26
C GLU D 169 30.27 42.93 -19.29
N THR D 170 29.18 43.53 -19.74
CA THR D 170 28.25 42.78 -20.59
C THR D 170 27.65 43.67 -21.67
N ILE D 171 27.03 43.01 -22.64
CA ILE D 171 26.20 43.62 -23.67
C ILE D 171 25.04 42.68 -23.93
N TYR D 172 23.83 43.08 -23.57
CA TYR D 172 22.79 42.08 -23.39
C TYR D 172 21.41 42.71 -23.52
N ASP D 173 20.40 41.94 -23.14
CA ASP D 173 19.02 42.38 -23.10
C ASP D 173 18.40 41.87 -21.80
N LEU D 174 17.34 42.53 -21.36
CA LEU D 174 16.72 42.16 -20.09
C LEU D 174 15.23 41.94 -20.34
N GLY D 175 14.48 41.78 -19.25
CA GLY D 175 13.06 41.53 -19.33
C GLY D 175 12.23 42.73 -18.90
N THR D 176 11.24 42.48 -18.06
CA THR D 176 10.18 43.46 -17.80
C THR D 176 10.14 43.95 -16.36
N LYS D 177 10.13 43.05 -15.37
CA LYS D 177 9.70 43.40 -14.03
C LYS D 177 10.84 43.75 -13.08
N MET D 178 11.93 44.36 -13.55
CA MET D 178 13.14 44.47 -12.75
C MET D 178 13.13 45.63 -11.77
N ILE D 179 12.15 46.54 -11.84
CA ILE D 179 12.23 47.73 -11.01
C ILE D 179 11.93 47.40 -9.55
N GLU D 180 10.72 46.94 -9.27
CA GLU D 180 10.21 46.89 -7.91
C GLU D 180 11.12 46.11 -6.99
N SER D 181 11.57 44.93 -7.43
CA SER D 181 12.43 44.10 -6.61
C SER D 181 13.65 44.86 -6.10
N LEU D 182 14.29 45.65 -6.96
CA LEU D 182 15.42 46.45 -6.52
C LEU D 182 14.98 47.64 -5.69
N THR D 183 13.80 48.19 -6.00
CA THR D 183 13.16 49.08 -5.05
C THR D 183 12.86 48.33 -3.76
N LYS D 184 12.58 47.03 -3.85
CA LYS D 184 12.46 46.22 -2.65
C LYS D 184 13.83 45.93 -2.05
N ASP D 185 14.85 45.81 -2.90
CA ASP D 185 16.19 45.52 -2.40
C ASP D 185 16.75 46.73 -1.64
N LYS D 186 16.89 46.55 -0.33
CA LYS D 186 17.58 47.50 0.53
C LYS D 186 19.08 47.35 0.33
N VAL D 187 19.81 48.42 0.63
CA VAL D 187 21.27 48.39 0.54
C VAL D 187 21.78 47.35 1.54
N GLN D 188 22.27 46.22 1.03
CA GLN D 188 22.65 45.09 1.85
C GLN D 188 24.16 44.91 1.83
N ALA D 189 24.69 44.33 2.91
CA ALA D 189 26.07 43.90 2.97
C ALA D 189 26.13 42.47 2.44
N GLY D 190 26.28 42.35 1.13
CA GLY D 190 26.22 41.05 0.46
C GLY D 190 25.09 41.01 -0.55
N ASP D 191 25.42 40.90 -1.83
CA ASP D 191 24.46 41.22 -2.87
C ASP D 191 24.28 40.07 -3.84
N VAL D 192 24.12 38.85 -3.33
CA VAL D 192 23.50 37.78 -4.14
C VAL D 192 22.00 37.98 -3.96
N ILE D 193 21.47 38.97 -4.68
CA ILE D 193 20.07 39.35 -4.64
C ILE D 193 19.73 39.84 -6.04
N THR D 194 18.43 40.01 -6.33
CA THR D 194 17.97 40.28 -7.69
C THR D 194 18.34 41.71 -8.07
N ILE D 195 19.46 41.88 -8.76
CA ILE D 195 19.91 43.22 -9.16
C ILE D 195 20.15 43.31 -10.66
N ASP D 196 21.05 42.48 -11.20
CA ASP D 196 21.42 42.63 -12.60
C ASP D 196 22.01 41.37 -13.22
N LYS D 197 22.63 41.52 -14.39
CA LYS D 197 23.37 40.48 -15.09
C LYS D 197 24.64 41.09 -15.69
N ALA D 198 25.75 40.34 -15.66
CA ALA D 198 26.96 40.84 -16.30
C ALA D 198 27.76 39.75 -17.02
N THR D 199 27.07 38.74 -17.56
CA THR D 199 27.73 37.69 -18.34
C THR D 199 28.51 38.29 -19.51
N GLY D 200 27.81 39.01 -20.37
CA GLY D 200 28.43 39.53 -21.57
C GLY D 200 27.47 39.51 -22.73
N LYS D 201 26.42 38.68 -22.64
CA LYS D 201 25.62 38.40 -23.82
C LYS D 201 24.12 38.68 -23.64
N ILE D 202 23.47 38.14 -22.59
CA ILE D 202 22.01 38.07 -22.51
C ILE D 202 21.54 37.87 -21.07
N SER D 203 20.41 38.52 -20.74
CA SER D 203 19.69 38.28 -19.49
C SER D 203 18.17 38.26 -19.76
N LYS D 204 17.41 37.94 -18.70
CA LYS D 204 15.97 38.08 -18.62
C LYS D 204 15.54 37.67 -17.20
N LEU D 205 14.23 37.72 -16.95
CA LEU D 205 13.73 37.39 -15.61
C LEU D 205 13.72 35.89 -15.34
N GLY D 206 12.81 35.17 -15.99
CA GLY D 206 12.71 33.75 -15.76
C GLY D 206 12.08 33.41 -14.41
N ARG D 207 11.68 32.15 -14.28
CA ARG D 207 10.76 31.73 -13.23
C ARG D 207 11.40 31.58 -11.86
N SER D 208 12.54 32.21 -11.59
CA SER D 208 13.39 31.81 -10.48
C SER D 208 12.62 31.59 -9.18
N PHE D 209 12.13 32.68 -8.59
CA PHE D 209 11.52 32.67 -7.26
C PHE D 209 12.43 31.99 -6.22
N THR D 210 13.69 31.81 -6.56
CA THR D 210 14.68 31.24 -5.64
C THR D 210 15.51 32.39 -5.11
N ARG D 211 14.90 33.22 -4.27
CA ARG D 211 15.46 34.50 -3.92
C ARG D 211 15.32 34.74 -2.42
N ALA D 212 16.23 35.53 -1.87
CA ALA D 212 16.13 36.07 -0.52
C ALA D 212 16.98 37.33 -0.49
N ARG D 213 17.19 37.86 0.71
CA ARG D 213 18.25 38.84 0.89
C ARG D 213 19.34 38.13 1.69
N ASP D 214 20.55 38.11 1.15
CA ASP D 214 21.59 37.28 1.73
C ASP D 214 22.94 37.72 1.19
N TYR D 215 23.97 37.53 2.02
CA TYR D 215 25.33 37.78 1.59
C TYR D 215 25.78 36.68 0.64
N ASP D 216 26.90 36.94 -0.04
CA ASP D 216 27.38 36.08 -1.11
C ASP D 216 28.21 34.89 -0.62
N ALA D 217 28.23 34.58 0.68
CA ALA D 217 29.10 33.56 1.24
C ALA D 217 28.37 32.70 2.26
N MET D 218 29.04 31.65 2.74
CA MET D 218 28.57 30.72 3.77
C MET D 218 29.68 30.49 4.81
N GLY D 219 29.39 29.71 5.85
CA GLY D 219 30.33 29.45 6.94
C GLY D 219 31.06 28.13 6.81
N SER D 220 32.37 28.20 6.56
CA SER D 220 33.15 27.06 6.12
C SER D 220 33.81 26.33 7.28
N GLN D 221 34.35 25.16 6.98
CA GLN D 221 34.83 24.23 8.00
C GLN D 221 36.16 24.66 8.64
N THR D 222 37.24 24.64 7.85
CA THR D 222 38.57 24.84 8.42
C THR D 222 38.79 26.31 8.80
N LYS D 223 38.75 27.20 7.82
CA LYS D 223 38.87 28.63 8.01
C LYS D 223 37.63 29.30 7.42
N PHE D 224 37.62 30.63 7.41
CA PHE D 224 36.46 31.41 6.98
C PHE D 224 36.93 32.58 6.11
N VAL D 225 36.55 32.56 4.83
CA VAL D 225 36.90 33.61 3.86
C VAL D 225 35.65 33.99 3.06
N GLN D 226 35.73 35.11 2.34
CA GLN D 226 34.62 35.59 1.52
C GLN D 226 34.71 35.02 0.10
N CYS D 227 33.55 34.84 -0.53
CA CYS D 227 33.41 34.24 -1.86
C CYS D 227 32.59 35.13 -2.77
N PRO D 228 33.21 35.79 -3.76
CA PRO D 228 32.45 36.57 -4.75
C PRO D 228 31.76 35.64 -5.74
N ASP D 229 30.44 35.56 -5.65
CA ASP D 229 29.70 34.57 -6.43
C ASP D 229 28.40 35.22 -6.89
N GLY D 230 27.44 34.39 -7.27
CA GLY D 230 26.13 34.86 -7.68
C GLY D 230 25.74 34.33 -9.04
N GLU D 231 24.43 34.24 -9.24
CA GLU D 231 23.88 33.82 -10.52
C GLU D 231 24.23 34.83 -11.59
N LEU D 232 24.34 34.35 -12.83
CA LEU D 232 24.35 35.29 -13.94
C LEU D 232 22.93 35.55 -14.41
N GLN D 233 22.14 34.51 -14.56
CA GLN D 233 20.75 34.60 -14.98
C GLN D 233 19.98 33.52 -14.22
N LYS D 234 18.68 33.37 -14.50
CA LYS D 234 17.93 32.28 -13.89
C LYS D 234 16.56 32.14 -14.57
N ARG D 235 16.25 30.93 -15.04
CA ARG D 235 14.97 30.61 -15.66
C ARG D 235 14.86 29.10 -15.85
N LYS D 236 13.66 28.55 -15.62
CA LYS D 236 13.39 27.14 -15.89
C LYS D 236 11.89 26.87 -15.75
N GLU D 237 11.34 26.20 -16.77
CA GLU D 237 9.98 25.66 -16.72
C GLU D 237 10.13 24.23 -16.21
N VAL D 238 10.02 24.07 -14.90
CA VAL D 238 10.80 23.09 -14.16
C VAL D 238 10.15 21.71 -14.20
N VAL D 239 10.99 20.68 -14.30
CA VAL D 239 10.58 19.35 -13.85
C VAL D 239 11.46 18.98 -12.67
N HIS D 240 12.75 18.75 -12.91
CA HIS D 240 13.81 18.67 -11.89
C HIS D 240 13.47 17.72 -10.73
N THR D 241 12.41 16.91 -10.86
CA THR D 241 12.05 15.96 -9.81
C THR D 241 11.54 14.63 -10.38
N VAL D 242 11.97 14.26 -11.58
CA VAL D 242 11.24 13.28 -12.40
C VAL D 242 11.61 11.85 -12.06
N SER D 243 10.95 11.27 -11.06
CA SER D 243 10.85 9.81 -10.92
C SER D 243 9.87 9.49 -9.82
N LEU D 244 9.06 8.45 -10.01
CA LEU D 244 8.13 8.08 -8.97
C LEU D 244 8.86 7.86 -7.67
N HIS D 245 10.06 7.29 -7.74
CA HIS D 245 10.80 7.08 -6.51
C HIS D 245 11.33 8.40 -5.95
N GLU D 246 11.67 9.34 -6.82
CA GLU D 246 12.24 10.60 -6.33
C GLU D 246 11.28 11.32 -5.40
N ILE D 247 10.03 11.44 -5.84
CA ILE D 247 9.02 12.15 -5.07
C ILE D 247 8.94 11.61 -3.66
N ASP D 248 9.33 10.36 -3.49
CA ASP D 248 9.17 9.70 -2.22
C ASP D 248 10.17 10.19 -1.20
N VAL D 249 11.43 10.32 -1.57
CA VAL D 249 12.44 10.78 -0.64
C VAL D 249 12.34 12.29 -0.55
N ILE D 250 11.80 12.91 -1.60
CA ILE D 250 11.33 14.27 -1.48
C ILE D 250 10.43 14.40 -0.26
N ASN D 251 9.59 13.39 -0.03
CA ASN D 251 8.61 13.42 1.04
C ASN D 251 8.99 12.51 2.19
N SER D 252 10.28 12.37 2.45
CA SER D 252 10.78 11.62 3.59
C SER D 252 11.91 12.43 4.21
N ARG D 253 12.67 11.79 5.10
CA ARG D 253 13.75 12.47 5.78
C ARG D 253 14.79 12.97 4.79
N THR D 254 15.63 13.89 5.24
CA THR D 254 16.65 14.47 4.40
C THR D 254 18.00 13.80 4.64
N GLU D 267 13.00 1.35 2.98
CA GLU D 267 12.45 1.85 4.22
C GLU D 267 11.67 3.12 3.97
N ILE D 268 10.49 3.00 3.37
CA ILE D 268 9.64 4.14 3.07
C ILE D 268 8.21 3.78 3.45
N LYS D 269 7.53 4.68 4.13
CA LYS D 269 6.19 4.41 4.62
C LYS D 269 5.19 4.40 3.47
N SER D 270 4.39 3.33 3.41
CA SER D 270 3.50 3.14 2.28
C SER D 270 2.49 4.27 2.15
N GLU D 271 1.88 4.66 3.25
CA GLU D 271 0.89 5.74 3.22
C GLU D 271 1.42 6.95 2.47
N VAL D 272 2.70 7.26 2.65
CA VAL D 272 3.32 8.29 1.84
C VAL D 272 3.17 7.96 0.36
N ARG D 273 3.63 6.76 -0.01
CA ARG D 273 3.63 6.36 -1.41
C ARG D 273 2.23 6.46 -2.00
N GLU D 274 1.28 5.78 -1.39
CA GLU D 274 -0.05 5.73 -1.99
C GLU D 274 -0.66 7.12 -2.09
N GLN D 275 -0.44 7.95 -1.08
CA GLN D 275 -0.98 9.30 -1.15
C GLN D 275 -0.23 10.10 -2.20
N ILE D 276 1.07 9.87 -2.36
CA ILE D 276 1.77 10.42 -3.50
C ILE D 276 1.14 9.92 -4.79
N ASN D 277 1.01 8.60 -4.91
CA ASN D 277 0.25 8.04 -6.01
C ASN D 277 -1.15 8.64 -6.07
N ALA D 278 -1.74 8.90 -4.91
CA ALA D 278 -3.01 9.61 -4.90
C ALA D 278 -2.82 11.03 -5.39
N LYS D 279 -1.79 11.72 -4.90
CA LYS D 279 -1.52 13.07 -5.38
C LYS D 279 -1.45 13.10 -6.89
N VAL D 280 -0.48 12.39 -7.46
CA VAL D 280 -0.32 12.40 -8.91
C VAL D 280 -1.58 11.92 -9.59
N ALA D 281 -2.32 11.03 -8.94
CA ALA D 281 -3.53 10.48 -9.54
C ALA D 281 -4.39 11.58 -10.13
N GLU D 282 -4.42 12.75 -9.49
CA GLU D 282 -5.12 13.88 -10.09
C GLU D 282 -4.20 14.72 -10.96
N TRP D 283 -2.95 14.94 -10.50
CA TRP D 283 -1.98 15.72 -11.28
C TRP D 283 -2.10 15.43 -12.75
N ARG D 284 -2.10 14.15 -13.10
CA ARG D 284 -2.18 13.73 -14.48
C ARG D 284 -3.50 14.13 -15.12
N GLU D 285 -4.56 14.23 -14.33
CA GLU D 285 -5.86 14.50 -14.91
C GLU D 285 -5.91 15.86 -15.58
N GLU D 286 -5.39 16.87 -14.91
CA GLU D 286 -5.41 18.22 -15.46
C GLU D 286 -4.64 18.34 -16.75
N GLY D 287 -3.75 17.39 -17.03
CA GLY D 287 -2.82 17.55 -18.12
C GLY D 287 -1.58 18.29 -17.66
N LYS D 288 -1.59 18.76 -16.41
CA LYS D 288 -0.42 19.42 -15.85
C LYS D 288 0.76 18.46 -15.76
N ALA D 289 0.47 17.17 -15.63
CA ALA D 289 1.48 16.16 -15.36
C ALA D 289 1.34 15.00 -16.34
N GLU D 290 2.47 14.43 -16.73
CA GLU D 290 2.45 13.32 -17.67
C GLU D 290 3.54 12.33 -17.32
N ILE D 291 3.16 11.06 -17.23
CA ILE D 291 4.05 10.01 -16.79
C ILE D 291 4.43 9.14 -17.98
N ILE D 292 5.64 8.61 -17.95
CA ILE D 292 6.12 7.75 -19.03
C ILE D 292 6.62 6.44 -18.45
N PRO D 293 6.44 5.33 -19.14
CA PRO D 293 7.11 4.10 -18.73
C PRO D 293 8.60 4.21 -18.96
N GLY D 294 9.36 3.35 -18.29
CA GLY D 294 10.79 3.32 -18.48
C GLY D 294 11.24 1.94 -18.91
N VAL D 295 12.48 1.60 -18.59
CA VAL D 295 12.94 0.23 -18.83
C VAL D 295 13.94 -0.14 -17.75
N LEU D 296 13.76 -1.32 -17.16
CA LEU D 296 14.57 -1.75 -16.04
C LEU D 296 15.42 -2.92 -16.46
N PHE D 297 16.64 -2.97 -15.93
CA PHE D 297 17.63 -3.94 -16.37
C PHE D 297 18.27 -4.63 -15.17
N ILE D 298 17.98 -5.91 -15.00
CA ILE D 298 18.64 -6.73 -14.00
C ILE D 298 19.69 -7.56 -14.71
N ASP D 299 20.81 -7.79 -14.04
CA ASP D 299 21.77 -8.78 -14.48
C ASP D 299 21.94 -9.83 -13.40
N GLU D 300 22.52 -10.96 -13.81
CA GLU D 300 22.80 -12.07 -12.91
C GLU D 300 21.52 -12.58 -12.27
N VAL D 301 20.50 -12.74 -13.10
CA VAL D 301 19.17 -13.11 -12.61
C VAL D 301 19.24 -14.35 -11.75
N HIS D 302 20.23 -15.20 -11.96
CA HIS D 302 20.31 -16.42 -11.17
C HIS D 302 20.54 -16.12 -9.71
N MET D 303 20.79 -14.87 -9.38
CA MET D 303 20.89 -14.50 -7.97
C MET D 303 19.54 -14.50 -7.29
N LEU D 304 18.46 -14.30 -8.04
CA LEU D 304 17.15 -14.19 -7.44
C LEU D 304 16.68 -15.54 -6.93
N ASP D 305 15.43 -15.59 -6.46
CA ASP D 305 14.78 -16.84 -6.10
C ASP D 305 13.35 -16.82 -6.61
N ILE D 306 12.68 -17.98 -6.47
CA ILE D 306 11.32 -18.10 -6.93
C ILE D 306 10.45 -16.98 -6.38
N GLU D 307 10.55 -16.71 -5.08
CA GLU D 307 9.68 -15.70 -4.50
C GLU D 307 9.89 -14.35 -5.16
N SER D 308 11.06 -14.13 -5.73
CA SER D 308 11.26 -12.90 -6.47
C SER D 308 10.53 -12.95 -7.81
N PHE D 309 10.75 -14.01 -8.58
CA PHE D 309 10.08 -14.10 -9.88
C PHE D 309 8.58 -14.00 -9.72
N SER D 310 8.01 -14.76 -8.79
CA SER D 310 6.58 -14.74 -8.57
C SER D 310 6.07 -13.32 -8.41
N PHE D 311 6.90 -12.44 -7.88
CA PHE D 311 6.54 -11.03 -7.81
C PHE D 311 6.48 -10.43 -9.20
N LEU D 312 7.51 -10.69 -10.01
CA LEU D 312 7.62 -10.05 -11.31
C LEU D 312 6.45 -10.38 -12.21
N ASN D 313 6.31 -11.64 -12.57
CA ASN D 313 5.23 -12.03 -13.46
C ASN D 313 3.88 -11.61 -12.92
N ARG D 314 3.79 -11.25 -11.65
CA ARG D 314 2.62 -10.52 -11.20
C ARG D 314 2.83 -9.02 -11.38
N ALA D 315 4.03 -8.54 -11.11
CA ALA D 315 4.29 -7.12 -11.23
C ALA D 315 4.17 -6.67 -12.68
N LEU D 316 4.77 -7.43 -13.60
CA LEU D 316 4.80 -6.94 -14.97
C LEU D 316 3.42 -6.83 -15.59
N GLU D 317 2.51 -7.73 -15.27
CA GLU D 317 1.21 -7.72 -15.89
C GLU D 317 0.32 -6.60 -15.39
N SER D 318 0.88 -5.65 -14.64
CA SER D 318 0.12 -4.55 -14.10
C SER D 318 -0.27 -3.57 -15.21
N ASP D 319 -0.84 -2.45 -14.77
CA ASP D 319 -1.44 -1.51 -15.70
C ASP D 319 -0.42 -0.91 -16.67
N MET D 320 0.57 -0.19 -16.15
CA MET D 320 1.51 0.54 -17.01
C MET D 320 2.96 0.22 -16.69
N ALA D 321 3.26 -1.00 -16.29
CA ALA D 321 4.60 -1.34 -15.84
C ALA D 321 5.62 -1.12 -16.95
N PRO D 322 6.85 -0.74 -16.60
CA PRO D 322 7.88 -0.54 -17.63
C PRO D 322 8.32 -1.86 -18.21
N VAL D 323 9.18 -1.76 -19.23
CA VAL D 323 9.66 -2.96 -19.89
C VAL D 323 10.81 -3.54 -19.09
N LEU D 324 11.08 -4.83 -19.28
CA LEU D 324 12.06 -5.53 -18.48
C LEU D 324 13.05 -6.25 -19.39
N ILE D 325 14.32 -6.14 -19.05
CA ILE D 325 15.39 -6.86 -19.73
C ILE D 325 16.26 -7.51 -18.66
N MET D 326 16.78 -8.69 -18.97
CA MET D 326 17.57 -9.47 -18.04
C MET D 326 18.79 -10.02 -18.76
N ALA D 327 19.85 -10.27 -18.01
CA ALA D 327 21.10 -10.72 -18.58
C ALA D 327 21.79 -11.68 -17.62
N THR D 328 22.09 -12.87 -18.11
CA THR D 328 22.87 -13.83 -17.35
C THR D 328 23.98 -14.36 -18.22
N ASN D 329 24.93 -15.06 -17.58
CA ASN D 329 25.98 -15.75 -18.30
C ASN D 329 26.18 -17.16 -17.74
N ARG D 330 25.23 -17.64 -16.96
CA ARG D 330 25.24 -19.01 -16.50
C ARG D 330 24.52 -19.87 -17.52
N GLY D 331 24.85 -21.14 -17.53
CA GLY D 331 24.17 -22.09 -18.38
C GLY D 331 22.97 -22.69 -17.69
N ILE D 332 22.70 -23.95 -18.01
CA ILE D 332 21.72 -24.72 -17.25
C ILE D 332 22.13 -24.66 -15.78
N THR D 333 21.17 -24.38 -14.91
CA THR D 333 21.49 -24.10 -13.51
C THR D 333 20.32 -24.42 -12.62
N ARG D 334 20.63 -24.69 -11.36
CA ARG D 334 19.60 -24.85 -10.36
C ARG D 334 18.99 -23.51 -10.01
N ILE D 335 17.67 -23.45 -9.98
CA ILE D 335 16.99 -22.24 -9.56
C ILE D 335 17.23 -22.05 -8.07
N ARG D 336 17.69 -20.87 -7.69
CA ARG D 336 17.92 -20.60 -6.28
C ARG D 336 16.60 -20.62 -5.53
N GLY D 337 16.61 -21.16 -4.32
CA GLY D 337 15.40 -21.29 -3.56
C GLY D 337 14.62 -22.55 -3.82
N THR D 338 15.09 -23.41 -4.70
CA THR D 338 14.47 -24.71 -4.92
C THR D 338 15.54 -25.74 -5.27
N SER D 339 15.10 -26.88 -5.78
CA SER D 339 16.00 -27.97 -6.09
C SER D 339 15.81 -28.48 -7.51
N TYR D 340 15.80 -27.61 -8.49
CA TYR D 340 15.53 -28.02 -9.86
C TYR D 340 16.44 -27.30 -10.84
N GLN D 341 16.75 -27.99 -11.93
CA GLN D 341 17.53 -27.41 -13.00
C GLN D 341 16.60 -26.74 -13.99
N SER D 342 17.04 -25.64 -14.58
CA SER D 342 16.30 -24.96 -15.61
C SER D 342 17.25 -24.05 -16.35
N PRO D 343 17.05 -23.85 -17.63
CA PRO D 343 17.96 -23.01 -18.41
C PRO D 343 18.14 -21.66 -17.76
N HIS D 344 19.38 -21.30 -17.46
CA HIS D 344 19.73 -20.03 -16.87
C HIS D 344 19.18 -19.88 -15.47
N GLY D 345 18.63 -20.94 -14.90
CA GLY D 345 18.00 -20.79 -13.60
C GLY D 345 16.78 -19.89 -13.64
N ILE D 346 15.87 -20.14 -14.57
CA ILE D 346 14.67 -19.34 -14.69
C ILE D 346 13.46 -20.27 -14.69
N PRO D 347 12.44 -20.00 -13.90
CA PRO D 347 11.26 -20.88 -13.90
C PRO D 347 10.65 -20.95 -15.28
N ILE D 348 10.09 -22.12 -15.59
CA ILE D 348 9.58 -22.37 -16.94
C ILE D 348 8.52 -21.36 -17.32
N ASP D 349 7.52 -21.17 -16.47
CA ASP D 349 6.45 -20.24 -16.77
C ASP D 349 6.99 -18.93 -17.32
N LEU D 350 8.03 -18.40 -16.70
CA LEU D 350 8.61 -17.17 -17.19
C LEU D 350 9.38 -17.39 -18.47
N LEU D 351 10.04 -18.52 -18.61
CA LEU D 351 10.85 -18.76 -19.80
C LEU D 351 10.01 -18.82 -21.05
N ASP D 352 8.82 -19.41 -20.97
CA ASP D 352 7.99 -19.53 -22.16
C ASP D 352 7.64 -18.17 -22.73
N ARG D 353 7.37 -17.21 -21.86
CA ARG D 353 6.99 -15.86 -22.28
C ARG D 353 8.19 -14.94 -22.32
N LEU D 354 9.22 -15.30 -23.09
CA LEU D 354 10.43 -14.51 -23.12
C LEU D 354 10.93 -14.39 -24.54
N LEU D 355 11.82 -13.44 -24.76
CA LEU D 355 12.50 -13.28 -26.05
C LEU D 355 13.99 -13.33 -25.76
N ILE D 356 14.65 -14.33 -26.30
CA ILE D 356 16.03 -14.63 -25.97
C ILE D 356 16.93 -14.05 -27.04
N VAL D 357 17.86 -13.20 -26.62
CA VAL D 357 18.82 -12.59 -27.53
C VAL D 357 20.22 -12.94 -27.07
N SER D 358 21.09 -13.23 -28.04
CA SER D 358 22.48 -13.50 -27.71
C SER D 358 23.39 -13.48 -28.93
N THR D 359 24.67 -13.18 -28.69
CA THR D 359 25.68 -13.05 -29.73
C THR D 359 27.08 -13.42 -29.23
N THR D 360 28.10 -12.93 -29.92
CA THR D 360 29.45 -13.44 -29.78
C THR D 360 30.32 -12.55 -28.90
N PRO D 361 31.39 -13.11 -28.34
CA PRO D 361 32.45 -12.27 -27.81
C PRO D 361 33.12 -11.48 -28.91
N TYR D 362 33.88 -10.47 -28.51
CA TYR D 362 34.45 -9.56 -29.48
C TYR D 362 35.64 -10.18 -30.19
N SER D 363 35.92 -9.65 -31.37
CA SER D 363 37.13 -9.93 -32.13
C SER D 363 38.20 -8.92 -31.75
N GLU D 364 39.24 -8.84 -32.57
CA GLU D 364 40.23 -7.80 -32.37
C GLU D 364 39.73 -6.46 -32.88
N LYS D 365 39.48 -6.37 -34.19
CA LYS D 365 39.25 -5.09 -34.84
C LYS D 365 38.33 -4.20 -34.04
N ASP D 366 37.17 -4.75 -33.66
CA ASP D 366 36.22 -4.02 -32.84
C ASP D 366 36.86 -3.48 -31.57
N THR D 367 37.57 -4.34 -30.84
CA THR D 367 38.11 -3.93 -29.56
C THR D 367 38.91 -2.65 -29.66
N LYS D 368 39.83 -2.58 -30.62
CA LYS D 368 40.52 -1.33 -30.90
C LYS D 368 39.53 -0.19 -31.03
N GLN D 369 38.62 -0.33 -32.00
CA GLN D 369 37.56 0.65 -32.15
C GLN D 369 36.82 0.86 -30.84
N ILE D 370 36.51 -0.21 -30.12
CA ILE D 370 35.88 -0.08 -28.81
C ILE D 370 36.78 0.73 -27.89
N LEU D 371 38.05 0.39 -27.86
CA LEU D 371 38.99 1.14 -27.02
C LEU D 371 38.93 2.61 -27.36
N ARG D 372 39.21 2.96 -28.61
CA ARG D 372 39.24 4.36 -29.03
C ARG D 372 38.10 5.14 -28.43
N ILE D 373 36.89 4.59 -28.52
CA ILE D 373 35.71 5.24 -27.98
C ILE D 373 35.96 5.63 -26.53
N ARG D 374 36.24 4.63 -25.68
CA ARG D 374 36.49 4.94 -24.28
C ARG D 374 37.72 5.82 -24.14
N CYS D 375 38.76 5.56 -24.94
CA CYS D 375 39.94 6.40 -24.88
C CYS D 375 39.58 7.86 -25.03
N GLU D 376 38.95 8.22 -26.15
CA GLU D 376 38.61 9.62 -26.35
C GLU D 376 37.64 10.11 -25.29
N GLU D 377 36.74 9.23 -24.85
CA GLU D 377 35.83 9.61 -23.77
C GLU D 377 36.60 9.92 -22.50
N GLU D 378 37.67 9.20 -22.23
CA GLU D 378 38.49 9.47 -21.07
C GLU D 378 39.50 10.57 -21.32
N ASP D 379 39.53 11.10 -22.54
CA ASP D 379 40.33 12.27 -22.85
C ASP D 379 41.82 11.97 -22.65
N VAL D 380 42.31 10.96 -23.35
CA VAL D 380 43.64 10.44 -23.11
C VAL D 380 44.36 10.31 -24.45
N GLU D 381 45.66 10.59 -24.43
CA GLU D 381 46.43 10.58 -25.65
C GLU D 381 47.09 9.23 -25.84
N MET D 382 46.56 8.45 -26.76
CA MET D 382 46.97 7.07 -26.95
C MET D 382 47.56 6.90 -28.33
N SER D 383 48.79 6.41 -28.39
CA SER D 383 49.33 6.00 -29.67
C SER D 383 48.52 4.84 -30.24
N GLU D 384 48.37 4.81 -31.57
CA GLU D 384 47.86 3.60 -32.19
C GLU D 384 48.82 2.44 -32.01
N ASP D 385 50.05 2.73 -31.58
CA ASP D 385 50.94 1.66 -31.14
C ASP D 385 50.42 1.01 -29.86
N ALA D 386 50.12 1.83 -28.85
CA ALA D 386 49.43 1.34 -27.67
C ALA D 386 48.16 0.60 -28.05
N TYR D 387 47.43 1.15 -29.02
CA TYR D 387 46.14 0.60 -29.42
C TYR D 387 46.24 -0.85 -29.88
N THR D 388 47.45 -1.40 -29.94
CA THR D 388 47.63 -2.81 -30.21
C THR D 388 47.99 -3.58 -28.94
N VAL D 389 49.02 -3.12 -28.23
CA VAL D 389 49.46 -3.82 -27.03
C VAL D 389 48.32 -3.97 -26.04
N LEU D 390 47.35 -3.07 -26.09
CA LEU D 390 46.29 -3.11 -25.11
C LEU D 390 45.20 -4.08 -25.52
N THR D 391 44.68 -3.94 -26.74
CA THR D 391 43.64 -4.86 -27.18
C THR D 391 44.10 -6.29 -27.05
N ARG D 392 45.33 -6.58 -27.46
CA ARG D 392 45.85 -7.92 -27.30
C ARG D 392 45.83 -8.37 -25.85
N ILE D 393 45.80 -7.43 -24.91
CA ILE D 393 45.50 -7.80 -23.53
C ILE D 393 44.03 -8.15 -23.41
N GLY D 394 43.16 -7.18 -23.64
CA GLY D 394 41.74 -7.37 -23.41
C GLY D 394 41.13 -8.49 -24.21
N LEU D 395 41.31 -8.44 -25.54
CA LEU D 395 40.77 -9.49 -26.40
C LEU D 395 41.15 -10.86 -25.88
N GLU D 396 42.36 -10.99 -25.38
CA GLU D 396 42.71 -12.20 -24.69
C GLU D 396 42.06 -12.28 -23.32
N THR D 397 41.78 -11.16 -22.68
CA THR D 397 41.41 -11.17 -21.27
C THR D 397 39.96 -10.78 -21.02
N SER D 398 39.59 -9.53 -21.29
CA SER D 398 38.22 -9.08 -21.21
C SER D 398 38.13 -7.61 -21.57
N LEU D 399 37.02 -7.19 -22.17
CA LEU D 399 36.82 -5.78 -22.39
C LEU D 399 36.80 -5.02 -21.08
N ARG D 400 35.93 -5.45 -20.16
CA ARG D 400 35.64 -4.65 -18.98
C ARG D 400 36.85 -4.53 -18.05
N TYR D 401 37.93 -5.24 -18.32
CA TYR D 401 39.12 -5.08 -17.49
C TYR D 401 40.10 -4.13 -18.14
N ALA D 402 40.36 -4.32 -19.43
CA ALA D 402 41.27 -3.45 -20.14
C ALA D 402 40.88 -1.99 -19.92
N ILE D 403 39.63 -1.66 -20.18
CA ILE D 403 39.14 -0.32 -19.90
C ILE D 403 39.51 0.08 -18.49
N GLN D 404 39.23 -0.78 -17.53
CA GLN D 404 39.56 -0.52 -16.14
C GLN D 404 41.01 -0.13 -15.95
N LEU D 405 41.88 -0.40 -16.93
CA LEU D 405 43.26 0.04 -16.83
C LEU D 405 43.49 1.43 -17.36
N ILE D 406 42.61 1.92 -18.23
CA ILE D 406 42.97 3.06 -19.09
C ILE D 406 43.47 4.23 -18.26
N THR D 407 42.71 4.61 -17.23
CA THR D 407 43.14 5.71 -16.39
C THR D 407 44.44 5.38 -15.68
N ALA D 408 44.64 4.12 -15.34
CA ALA D 408 45.76 3.72 -14.50
C ALA D 408 47.09 4.00 -15.16
N ALA D 409 47.09 4.29 -16.46
CA ALA D 409 48.31 4.71 -17.11
C ALA D 409 48.50 6.21 -17.09
N SER D 410 47.43 6.98 -17.23
CA SER D 410 47.55 8.43 -17.21
C SER D 410 48.36 8.90 -16.03
N LEU D 411 48.22 8.24 -14.89
CA LEU D 411 48.91 8.70 -13.70
C LEU D 411 50.41 8.62 -13.82
N VAL D 412 50.94 7.59 -14.47
CA VAL D 412 52.37 7.57 -14.70
C VAL D 412 52.74 8.49 -15.85
N CYS D 413 51.81 8.69 -16.78
CA CYS D 413 52.02 9.75 -17.77
C CYS D 413 52.10 11.10 -17.08
N ARG D 414 51.23 11.33 -16.10
CA ARG D 414 51.36 12.46 -15.21
C ARG D 414 52.69 12.42 -14.50
N LYS D 415 53.18 11.21 -14.25
CA LYS D 415 54.46 11.09 -13.59
C LYS D 415 55.59 11.31 -14.59
N ARG D 416 55.63 10.53 -15.67
CA ARG D 416 56.73 10.66 -16.62
C ARG D 416 56.61 11.90 -17.47
N LYS D 417 55.64 12.77 -17.20
CA LYS D 417 55.42 14.00 -17.97
C LYS D 417 55.08 13.71 -19.43
N GLY D 418 54.82 12.45 -19.75
CA GLY D 418 54.76 12.03 -21.14
C GLY D 418 53.61 12.62 -21.93
N THR D 419 52.51 12.94 -21.26
CA THR D 419 51.34 13.56 -21.87
C THR D 419 50.78 12.75 -23.03
N GLU D 420 51.19 11.49 -23.17
CA GLU D 420 50.72 10.66 -24.26
C GLU D 420 51.03 9.22 -23.89
N VAL D 421 50.18 8.31 -24.36
CA VAL D 421 50.32 6.90 -24.06
C VAL D 421 50.63 6.16 -25.35
N GLN D 422 51.90 5.78 -25.52
CA GLN D 422 52.27 4.75 -26.47
C GLN D 422 52.03 3.42 -25.78
N VAL D 423 52.54 2.33 -26.36
CA VAL D 423 52.85 1.17 -25.56
C VAL D 423 53.81 1.52 -24.42
N ASP D 424 54.41 2.71 -24.48
CA ASP D 424 55.44 3.12 -23.54
C ASP D 424 55.03 2.98 -22.08
N ASP D 425 53.75 3.07 -21.78
CA ASP D 425 53.35 3.28 -20.39
C ASP D 425 52.66 2.07 -19.79
N ILE D 426 51.55 1.62 -20.39
CA ILE D 426 50.86 0.49 -19.83
C ILE D 426 51.77 -0.71 -19.79
N LYS D 427 52.56 -0.91 -20.83
CA LYS D 427 53.58 -1.96 -20.80
C LYS D 427 54.67 -1.68 -19.78
N ARG D 428 55.15 -0.43 -19.72
CA ARG D 428 56.02 -0.10 -18.60
C ARG D 428 55.33 -0.39 -17.28
N VAL D 429 54.05 -0.02 -17.16
CA VAL D 429 53.41 -0.24 -15.89
C VAL D 429 52.75 -1.60 -15.96
N TYR D 430 52.95 -2.31 -17.07
CA TYR D 430 52.72 -3.74 -16.97
C TYR D 430 53.69 -4.38 -15.99
N SER D 431 54.73 -3.64 -15.58
CA SER D 431 55.31 -3.89 -14.27
C SER D 431 54.21 -4.05 -13.25
N LEU D 432 53.41 -3.01 -13.07
CA LEU D 432 52.28 -3.09 -12.16
C LEU D 432 51.03 -3.56 -12.84
N PHE D 433 51.07 -4.04 -14.07
CA PHE D 433 49.86 -4.45 -14.77
C PHE D 433 49.97 -5.91 -15.19
N LEU D 434 48.83 -6.61 -15.12
CA LEU D 434 48.69 -7.96 -15.62
C LEU D 434 47.20 -8.28 -15.72
N ASP D 435 46.86 -9.26 -16.56
CA ASP D 435 45.49 -9.44 -17.05
C ASP D 435 44.65 -10.24 -16.06
N GLU D 436 43.45 -10.67 -16.49
CA GLU D 436 42.51 -11.32 -15.56
C GLU D 436 42.97 -12.68 -15.11
N SER D 437 43.20 -13.61 -16.04
CA SER D 437 43.89 -14.84 -15.69
C SER D 437 45.05 -14.51 -14.78
N ARG D 438 45.92 -13.62 -15.22
CA ARG D 438 46.89 -13.04 -14.33
C ARG D 438 46.24 -12.49 -13.05
N SER D 439 45.21 -11.64 -13.17
CA SER D 439 44.54 -11.06 -12.00
C SER D 439 43.82 -12.14 -11.22
N THR D 440 42.81 -12.72 -11.81
CA THR D 440 42.15 -13.81 -11.14
C THR D 440 43.09 -14.98 -11.01
N GLN D 441 43.33 -15.65 -12.14
CA GLN D 441 43.79 -17.03 -12.10
C GLN D 441 45.24 -17.12 -11.68
N TYR D 442 46.12 -16.35 -12.32
CA TYR D 442 47.51 -16.40 -11.93
C TYR D 442 47.72 -15.87 -10.51
N MET D 443 46.88 -14.95 -10.07
CA MET D 443 46.85 -14.69 -8.64
C MET D 443 46.09 -15.76 -7.89
N LYS D 444 45.01 -16.29 -8.44
CA LYS D 444 44.53 -17.56 -7.94
C LYS D 444 45.64 -18.58 -8.01
N GLU D 445 46.55 -18.42 -8.95
CA GLU D 445 47.75 -19.25 -8.94
C GLU D 445 48.78 -18.70 -7.97
N TYR D 446 48.85 -17.37 -7.79
CA TYR D 446 49.55 -16.87 -6.61
C TYR D 446 48.97 -17.55 -5.38
N GLN D 447 47.65 -17.71 -5.35
CA GLN D 447 47.04 -18.55 -4.35
C GLN D 447 47.45 -20.00 -4.55
N ASP D 448 47.17 -20.54 -5.73
CA ASP D 448 47.54 -21.93 -6.01
C ASP D 448 49.02 -22.16 -5.84
N ALA D 449 49.83 -21.10 -5.90
CA ALA D 449 51.21 -21.23 -5.48
C ALA D 449 51.30 -21.65 -4.03
N PHE D 450 50.78 -20.84 -3.12
CA PHE D 450 51.01 -21.12 -1.72
C PHE D 450 49.98 -22.06 -1.13
N LEU D 451 48.71 -21.99 -1.57
CA LEU D 451 47.71 -22.89 -1.01
C LEU D 451 48.02 -24.34 -1.30
N PHE D 452 48.99 -24.59 -2.19
CA PHE D 452 49.55 -25.92 -2.35
C PHE D 452 50.05 -26.47 -1.03
N ASN D 453 50.47 -25.61 -0.12
CA ASN D 453 50.93 -26.04 1.20
C ASN D 453 49.92 -25.70 2.29
N GLU E 5 -23.86 -4.57 -12.31
CA GLU E 5 -22.64 -4.43 -11.53
C GLU E 5 -21.59 -5.46 -11.94
N VAL E 6 -21.11 -5.33 -13.16
CA VAL E 6 -20.20 -6.30 -13.76
C VAL E 6 -18.90 -5.60 -14.11
N LYS E 7 -17.79 -6.33 -13.98
CA LYS E 7 -16.50 -5.75 -14.29
C LYS E 7 -15.65 -6.68 -15.16
N SER E 8 -15.93 -7.98 -15.12
CA SER E 8 -15.33 -8.96 -16.03
C SER E 8 -13.80 -8.96 -15.91
N THR E 9 -13.34 -9.47 -14.78
CA THR E 9 -11.96 -9.29 -14.33
C THR E 9 -11.03 -10.42 -14.74
N THR E 10 -11.28 -11.06 -15.87
CA THR E 10 -10.38 -12.12 -16.31
C THR E 10 -9.04 -11.53 -16.79
N LYS E 11 -8.17 -12.42 -17.25
CA LYS E 11 -6.84 -12.06 -17.74
C LYS E 11 -6.62 -12.75 -19.09
N THR E 12 -7.07 -12.10 -20.15
CA THR E 12 -7.06 -12.74 -21.47
C THR E 12 -5.66 -13.09 -21.93
N GLN E 13 -4.67 -12.33 -21.54
CA GLN E 13 -3.28 -12.49 -21.93
C GLN E 13 -2.75 -13.82 -21.58
N ARG E 14 -3.54 -14.63 -20.88
CA ARG E 14 -3.24 -16.04 -20.69
C ARG E 14 -3.95 -16.91 -21.71
N ILE E 15 -5.10 -16.48 -22.19
CA ILE E 15 -5.89 -17.31 -23.10
C ILE E 15 -5.71 -16.81 -24.52
N ALA E 16 -4.72 -15.95 -24.69
CA ALA E 16 -4.45 -15.36 -26.00
C ALA E 16 -4.34 -16.44 -27.07
N SER E 17 -3.37 -17.32 -26.92
CA SER E 17 -3.13 -18.32 -27.94
C SER E 17 -4.33 -19.21 -28.19
N HIS E 18 -5.13 -19.47 -27.17
CA HIS E 18 -6.22 -20.42 -27.29
C HIS E 18 -7.51 -19.75 -27.75
N SER E 19 -7.46 -18.42 -27.93
CA SER E 19 -8.59 -17.71 -28.52
C SER E 19 -9.26 -18.49 -29.65
N HIS E 20 -8.48 -19.22 -30.45
CA HIS E 20 -9.05 -19.92 -31.59
C HIS E 20 -9.73 -21.22 -31.22
N VAL E 21 -10.04 -21.46 -29.96
CA VAL E 21 -10.62 -22.73 -29.56
C VAL E 21 -12.09 -22.54 -29.23
N LYS E 22 -12.93 -23.47 -29.67
CA LYS E 22 -14.37 -23.34 -29.47
C LYS E 22 -14.98 -24.52 -28.73
N GLY E 23 -14.24 -25.60 -28.53
CA GLY E 23 -14.76 -26.77 -27.87
C GLY E 23 -14.33 -28.04 -28.58
N LEU E 24 -14.67 -29.17 -27.97
CA LEU E 24 -14.14 -30.44 -28.44
C LEU E 24 -14.55 -30.73 -29.88
N GLY E 25 -15.74 -30.33 -30.27
CA GLY E 25 -16.18 -30.58 -31.63
C GLY E 25 -16.15 -32.06 -31.95
N LEU E 26 -17.02 -32.83 -31.33
CA LEU E 26 -17.07 -34.27 -31.55
C LEU E 26 -18.34 -34.65 -32.28
N ASP E 27 -18.37 -35.89 -32.76
CA ASP E 27 -19.60 -36.40 -33.34
C ASP E 27 -20.62 -36.63 -32.23
N GLU E 28 -21.79 -37.12 -32.61
CA GLU E 28 -22.76 -37.51 -31.59
C GLU E 28 -22.26 -38.70 -30.78
N SER E 29 -21.51 -39.59 -31.43
CA SER E 29 -21.07 -40.82 -30.79
C SER E 29 -19.74 -40.67 -30.09
N GLY E 30 -19.40 -39.46 -29.63
CA GLY E 30 -18.19 -39.24 -28.89
C GLY E 30 -16.92 -39.20 -29.71
N LEU E 31 -16.90 -39.85 -30.86
CA LEU E 31 -15.70 -39.85 -31.68
C LEU E 31 -15.33 -38.43 -32.08
N ALA E 32 -14.05 -38.24 -32.37
CA ALA E 32 -13.53 -36.93 -32.74
C ALA E 32 -13.26 -36.90 -34.23
N LYS E 33 -14.01 -36.08 -34.94
CA LYS E 33 -13.67 -35.77 -36.33
C LYS E 33 -12.32 -35.10 -36.36
N GLN E 34 -11.68 -35.12 -37.53
CA GLN E 34 -10.29 -34.67 -37.62
C GLN E 34 -10.11 -33.25 -37.12
N ALA E 35 -10.76 -32.29 -37.77
CA ALA E 35 -10.56 -30.89 -37.45
C ALA E 35 -11.91 -30.22 -37.35
N ALA E 36 -12.12 -29.48 -36.26
CA ALA E 36 -13.36 -28.76 -36.04
C ALA E 36 -13.18 -27.88 -34.83
N SER E 37 -14.06 -26.89 -34.70
CA SER E 37 -14.15 -26.05 -33.51
C SER E 37 -12.79 -25.51 -33.11
N GLY E 38 -11.87 -25.43 -34.06
CA GLY E 38 -10.50 -25.04 -33.80
C GLY E 38 -9.61 -26.19 -33.42
N LEU E 39 -10.20 -27.34 -33.10
CA LEU E 39 -9.41 -28.47 -32.66
C LEU E 39 -8.82 -29.20 -33.86
N VAL E 40 -7.68 -29.85 -33.63
CA VAL E 40 -6.97 -30.59 -34.67
C VAL E 40 -6.28 -31.78 -34.04
N GLY E 41 -6.49 -32.97 -34.62
CA GLY E 41 -5.78 -34.15 -34.19
C GLY E 41 -6.05 -34.50 -32.73
N GLN E 42 -5.12 -35.28 -32.18
CA GLN E 42 -5.16 -35.62 -30.76
C GLN E 42 -6.44 -36.33 -30.37
N GLU E 43 -7.00 -37.11 -31.32
CA GLU E 43 -8.31 -37.73 -31.12
C GLU E 43 -8.47 -38.35 -29.75
N ASN E 44 -7.64 -39.34 -29.45
CA ASN E 44 -7.76 -40.09 -28.21
C ASN E 44 -8.05 -39.17 -27.04
N ALA E 45 -7.22 -38.16 -26.86
CA ALA E 45 -7.45 -37.21 -25.79
C ALA E 45 -8.80 -36.53 -25.94
N ARG E 46 -9.21 -36.22 -27.17
CA ARG E 46 -10.47 -35.53 -27.36
C ARG E 46 -11.63 -36.38 -26.86
N GLU E 47 -11.71 -37.63 -27.33
CA GLU E 47 -12.77 -38.51 -26.86
C GLU E 47 -12.73 -38.64 -25.35
N ALA E 48 -11.52 -38.70 -24.79
CA ALA E 48 -11.41 -38.78 -23.34
C ALA E 48 -12.12 -37.62 -22.68
N CYS E 49 -11.76 -36.39 -23.08
CA CYS E 49 -12.41 -35.23 -22.48
C CYS E 49 -13.90 -35.27 -22.69
N GLY E 50 -14.35 -35.76 -23.84
CA GLY E 50 -15.79 -35.86 -24.06
C GLY E 50 -16.46 -36.72 -23.01
N VAL E 51 -15.88 -37.90 -22.75
CA VAL E 51 -16.42 -38.75 -21.71
C VAL E 51 -16.39 -38.05 -20.37
N ILE E 52 -15.34 -37.28 -20.13
CA ILE E 52 -15.24 -36.54 -18.87
C ILE E 52 -16.43 -35.61 -18.72
N VAL E 53 -16.75 -34.90 -19.80
CA VAL E 53 -17.89 -33.98 -19.74
C VAL E 53 -19.16 -34.77 -19.48
N GLU E 54 -19.33 -35.90 -20.16
CA GLU E 54 -20.49 -36.73 -19.91
C GLU E 54 -20.63 -37.05 -18.44
N LEU E 55 -19.53 -37.40 -17.79
CA LEU E 55 -19.58 -37.65 -16.36
C LEU E 55 -19.97 -36.39 -15.61
N ILE E 56 -19.38 -35.26 -15.98
CA ILE E 56 -19.65 -34.01 -15.27
C ILE E 56 -21.14 -33.74 -15.25
N LYS E 57 -21.75 -33.65 -16.44
CA LYS E 57 -23.15 -33.27 -16.50
C LYS E 57 -24.06 -34.33 -15.92
N SER E 58 -23.51 -35.48 -15.53
CA SER E 58 -24.28 -36.53 -14.89
C SER E 58 -23.90 -36.72 -13.44
N LYS E 59 -23.24 -35.72 -12.85
CA LYS E 59 -22.94 -35.70 -11.42
C LYS E 59 -22.09 -36.89 -11.00
N LYS E 60 -21.43 -37.52 -11.95
CA LYS E 60 -20.63 -38.69 -11.63
C LYS E 60 -19.24 -38.34 -11.16
N MET E 61 -18.76 -37.14 -11.44
CA MET E 61 -17.43 -36.78 -10.98
C MET E 61 -17.50 -36.54 -9.48
N ALA E 62 -17.63 -37.61 -8.72
CA ALA E 62 -17.75 -37.51 -7.27
C ALA E 62 -16.38 -37.13 -6.72
N GLY E 63 -16.10 -35.85 -6.76
CA GLY E 63 -14.91 -35.32 -6.14
C GLY E 63 -13.62 -35.91 -6.66
N ARG E 64 -13.63 -36.44 -7.88
CA ARG E 64 -12.38 -36.85 -8.50
C ARG E 64 -11.70 -35.63 -9.11
N ALA E 65 -10.68 -35.88 -9.92
CA ALA E 65 -9.97 -34.82 -10.61
C ALA E 65 -9.30 -35.42 -11.82
N VAL E 66 -8.80 -34.56 -12.71
CA VAL E 66 -8.23 -34.99 -13.96
C VAL E 66 -6.79 -34.52 -14.04
N LEU E 67 -5.95 -35.37 -14.61
CA LEU E 67 -4.52 -35.09 -14.74
C LEU E 67 -4.14 -35.36 -16.19
N LEU E 68 -3.56 -34.35 -16.83
CA LEU E 68 -3.17 -34.46 -18.22
C LEU E 68 -1.66 -34.58 -18.29
N ALA E 69 -1.20 -35.80 -18.53
CA ALA E 69 0.23 -36.00 -18.67
C ALA E 69 0.64 -35.86 -20.12
N GLY E 70 1.83 -35.32 -20.33
CA GLY E 70 2.35 -35.15 -21.66
C GLY E 70 3.50 -34.19 -21.73
N PRO E 71 4.24 -34.25 -22.83
CA PRO E 71 5.36 -33.34 -23.02
C PRO E 71 4.86 -31.92 -23.21
N PRO E 72 5.73 -30.93 -23.16
CA PRO E 72 5.28 -29.55 -23.30
C PRO E 72 4.72 -29.29 -24.69
N GLY E 73 3.82 -28.32 -24.77
CA GLY E 73 3.26 -27.93 -26.04
C GLY E 73 2.64 -29.10 -26.78
N THR E 74 1.54 -29.62 -26.26
CA THR E 74 0.84 -30.69 -26.94
C THR E 74 -0.66 -30.49 -27.01
N GLY E 75 -1.22 -29.52 -26.28
CA GLY E 75 -2.64 -29.26 -26.31
C GLY E 75 -3.32 -29.33 -24.97
N LYS E 76 -2.57 -29.52 -23.90
CA LYS E 76 -3.17 -29.61 -22.57
C LYS E 76 -4.00 -28.38 -22.26
N THR E 77 -3.36 -27.21 -22.15
CA THR E 77 -4.10 -25.98 -21.91
C THR E 77 -5.28 -25.87 -22.85
N ALA E 78 -5.03 -26.12 -24.13
CA ALA E 78 -6.09 -26.08 -25.11
C ALA E 78 -7.23 -27.01 -24.71
N LEU E 79 -6.90 -28.24 -24.31
CA LEU E 79 -7.95 -29.19 -24.05
C LEU E 79 -8.76 -28.79 -22.82
N ALA E 80 -8.10 -28.27 -21.80
CA ALA E 80 -8.83 -27.82 -20.63
C ALA E 80 -9.81 -26.73 -21.01
N LEU E 81 -9.33 -25.72 -21.72
CA LEU E 81 -10.22 -24.64 -22.09
C LEU E 81 -11.32 -25.14 -23.00
N ALA E 82 -11.04 -26.15 -23.81
CA ALA E 82 -12.07 -26.68 -24.67
C ALA E 82 -13.13 -27.41 -23.86
N ILE E 83 -12.72 -28.08 -22.80
CA ILE E 83 -13.70 -28.64 -21.90
C ILE E 83 -14.56 -27.55 -21.30
N ALA E 84 -13.94 -26.43 -20.92
CA ALA E 84 -14.73 -25.32 -20.41
C ALA E 84 -15.79 -24.91 -21.42
N GLN E 85 -15.36 -24.60 -22.64
CA GLN E 85 -16.30 -24.22 -23.68
C GLN E 85 -17.38 -25.25 -23.88
N GLU E 86 -17.03 -26.52 -23.94
CA GLU E 86 -18.01 -27.56 -24.17
C GLU E 86 -19.02 -27.62 -23.05
N LEU E 87 -18.56 -27.54 -21.82
CA LEU E 87 -19.47 -27.49 -20.69
C LEU E 87 -20.40 -26.30 -20.83
N GLY E 88 -19.91 -25.21 -21.40
CA GLY E 88 -20.81 -24.27 -22.03
C GLY E 88 -21.01 -22.93 -21.39
N SER E 89 -21.30 -21.94 -22.23
CA SER E 89 -21.93 -20.69 -21.84
C SER E 89 -21.19 -20.02 -20.69
N LYS E 90 -19.98 -19.59 -20.99
CA LYS E 90 -19.27 -18.63 -20.13
C LYS E 90 -18.96 -19.21 -18.76
N VAL E 91 -18.86 -20.54 -18.67
CA VAL E 91 -18.37 -21.04 -17.38
C VAL E 91 -16.93 -20.57 -17.20
N PRO E 92 -16.54 -20.17 -16.02
CA PRO E 92 -15.26 -19.48 -15.85
C PRO E 92 -14.10 -20.45 -15.87
N PHE E 93 -13.02 -20.06 -16.54
CA PHE E 93 -11.83 -20.88 -16.68
C PHE E 93 -10.64 -20.10 -16.14
N CYS E 94 -10.03 -20.58 -15.08
CA CYS E 94 -8.96 -19.80 -14.48
C CYS E 94 -7.65 -20.57 -14.48
N PRO E 95 -6.84 -20.45 -15.54
CA PRO E 95 -5.57 -21.19 -15.57
C PRO E 95 -4.59 -20.61 -14.57
N MET E 96 -3.72 -21.47 -14.06
CA MET E 96 -2.71 -21.06 -13.09
C MET E 96 -1.62 -22.11 -13.05
N VAL E 97 -0.43 -21.71 -12.61
CA VAL E 97 0.70 -22.62 -12.48
C VAL E 97 1.11 -22.65 -11.03
N GLY E 98 1.94 -23.62 -10.66
CA GLY E 98 2.28 -23.81 -9.28
C GLY E 98 3.03 -22.64 -8.66
N SER E 99 4.05 -22.15 -9.35
CA SER E 99 4.95 -21.17 -8.76
C SER E 99 4.20 -19.94 -8.26
N GLU E 100 2.95 -19.77 -8.68
CA GLU E 100 2.21 -18.58 -8.28
C GLU E 100 1.90 -18.58 -6.80
N VAL E 101 2.21 -19.68 -6.10
CA VAL E 101 1.87 -19.69 -4.69
C VAL E 101 3.02 -19.18 -3.83
N TYR E 102 4.27 -19.46 -4.20
CA TYR E 102 5.40 -19.05 -3.38
C TYR E 102 5.62 -17.56 -3.59
N SER E 103 4.67 -16.78 -3.10
CA SER E 103 4.76 -15.33 -3.18
C SER E 103 4.96 -14.81 -1.77
N THR E 104 5.88 -13.87 -1.61
CA THR E 104 6.34 -13.51 -0.27
C THR E 104 5.37 -12.55 0.41
N GLU E 105 4.82 -11.60 -0.32
CA GLU E 105 4.02 -10.56 0.33
C GLU E 105 2.75 -11.13 0.93
N ILE E 106 2.33 -12.30 0.49
CA ILE E 106 0.99 -12.81 0.79
C ILE E 106 1.12 -14.28 1.14
N LYS E 107 0.17 -14.80 1.90
CA LYS E 107 0.18 -16.21 2.24
C LYS E 107 -0.55 -17.00 1.17
N LYS E 108 -0.20 -18.27 1.04
CA LYS E 108 -0.68 -19.05 -0.10
C LYS E 108 -2.17 -19.34 -0.01
N THR E 109 -2.70 -19.52 1.18
CA THR E 109 -4.12 -19.76 1.32
C THR E 109 -4.92 -18.70 0.59
N GLU E 110 -4.50 -17.45 0.71
CA GLU E 110 -5.17 -16.37 0.01
C GLU E 110 -5.16 -16.63 -1.49
N VAL E 111 -4.01 -16.99 -2.03
CA VAL E 111 -3.91 -17.21 -3.47
C VAL E 111 -4.86 -18.30 -3.91
N LEU E 112 -4.85 -19.42 -3.20
CA LEU E 112 -5.70 -20.53 -3.61
C LEU E 112 -7.17 -20.15 -3.52
N MET E 113 -7.60 -19.66 -2.35
CA MET E 113 -9.00 -19.29 -2.20
C MET E 113 -9.39 -18.28 -3.27
N GLU E 114 -8.49 -17.36 -3.58
CA GLU E 114 -8.77 -16.38 -4.62
C GLU E 114 -9.04 -17.08 -5.94
N ASN E 115 -8.18 -18.01 -6.31
CA ASN E 115 -8.39 -18.66 -7.60
C ASN E 115 -9.71 -19.44 -7.60
N PHE E 116 -10.04 -20.05 -6.47
CA PHE E 116 -11.33 -20.71 -6.38
C PHE E 116 -12.45 -19.72 -6.68
N ARG E 117 -12.43 -18.58 -5.98
CA ARG E 117 -13.39 -17.53 -6.23
C ARG E 117 -13.47 -17.23 -7.72
N ARG E 118 -12.32 -17.07 -8.35
CA ARG E 118 -12.29 -16.78 -9.78
C ARG E 118 -12.99 -17.85 -10.57
N ALA E 119 -12.95 -19.08 -10.10
CA ALA E 119 -13.49 -20.17 -10.90
C ALA E 119 -14.93 -20.52 -10.57
N ILE E 120 -15.50 -19.95 -9.51
CA ILE E 120 -16.80 -20.42 -9.05
C ILE E 120 -17.87 -20.23 -10.12
N GLY E 121 -18.16 -18.99 -10.50
CA GLY E 121 -19.17 -18.74 -11.52
C GLY E 121 -20.58 -18.62 -10.96
N LEU E 122 -21.39 -17.73 -11.54
CA LEU E 122 -22.67 -17.36 -10.96
C LEU E 122 -23.61 -16.76 -12.01
N ARG E 123 -24.84 -17.28 -12.06
CA ARG E 123 -25.87 -16.81 -12.99
C ARG E 123 -26.96 -16.11 -12.18
N ILE E 124 -27.50 -15.03 -12.74
CA ILE E 124 -28.61 -14.32 -12.11
C ILE E 124 -29.58 -13.84 -13.19
N LYS E 125 -30.86 -14.06 -12.97
CA LYS E 125 -31.89 -13.68 -13.91
C LYS E 125 -32.47 -12.32 -13.51
N GLU E 126 -32.92 -11.56 -14.52
CA GLU E 126 -33.48 -10.23 -14.29
C GLU E 126 -34.58 -9.98 -15.32
N THR E 127 -35.57 -9.17 -14.94
CA THR E 127 -36.61 -8.71 -15.84
C THR E 127 -36.42 -7.23 -16.14
N LYS E 128 -36.51 -6.86 -17.42
CA LYS E 128 -36.34 -5.48 -17.84
C LYS E 128 -37.31 -5.14 -18.95
N GLU E 129 -37.28 -3.87 -19.35
CA GLU E 129 -38.16 -3.39 -20.41
C GLU E 129 -37.45 -3.39 -21.76
N VAL E 130 -38.25 -3.43 -22.83
CA VAL E 130 -37.76 -3.41 -24.20
C VAL E 130 -38.62 -2.42 -24.95
N TYR E 131 -38.01 -1.66 -25.84
CA TYR E 131 -38.76 -0.83 -26.76
C TYR E 131 -38.48 -1.26 -28.20
N GLU E 132 -39.30 -0.76 -29.12
CA GLU E 132 -39.08 -0.95 -30.55
C GLU E 132 -38.93 0.44 -31.16
N GLY E 133 -37.69 0.90 -31.31
CA GLY E 133 -37.47 2.26 -31.74
C GLY E 133 -36.05 2.48 -32.20
N GLU E 134 -35.62 3.73 -32.15
CA GLU E 134 -34.33 4.09 -32.71
C GLU E 134 -33.96 5.49 -32.24
N VAL E 135 -32.65 5.70 -32.07
CA VAL E 135 -32.16 7.05 -31.81
C VAL E 135 -32.16 7.79 -33.15
N THR E 136 -33.19 8.57 -33.40
CA THR E 136 -33.29 9.32 -34.65
C THR E 136 -32.47 10.60 -34.59
N GLU E 137 -32.53 11.31 -33.47
CA GLU E 137 -31.99 12.65 -33.36
C GLU E 137 -31.18 12.80 -32.10
N LEU E 138 -30.25 13.75 -32.10
CA LEU E 138 -29.47 14.11 -30.92
C LEU E 138 -29.55 15.62 -30.74
N THR E 139 -30.64 16.09 -30.12
CA THR E 139 -30.84 17.53 -29.96
C THR E 139 -31.45 17.84 -28.60
N PRO E 140 -30.77 18.64 -27.77
CA PRO E 140 -31.39 19.08 -26.51
C PRO E 140 -32.49 20.10 -26.77
N HIS E 156 -31.71 16.80 -21.75
CA HIS E 156 -31.26 15.51 -22.25
C HIS E 156 -31.55 15.42 -23.74
N VAL E 157 -30.80 14.56 -24.42
CA VAL E 157 -30.92 14.40 -25.87
C VAL E 157 -32.29 13.82 -26.16
N ILE E 158 -33.16 14.61 -26.80
CA ILE E 158 -34.42 14.05 -27.25
C ILE E 158 -34.10 12.95 -28.25
N ILE E 159 -34.83 11.85 -28.17
CA ILE E 159 -34.65 10.71 -29.06
C ILE E 159 -36.00 10.11 -29.33
N GLY E 160 -36.36 10.04 -30.60
CA GLY E 160 -37.63 9.47 -30.99
C GLY E 160 -37.54 7.99 -31.23
N LEU E 161 -37.91 7.21 -30.23
CA LEU E 161 -37.80 5.76 -30.25
C LEU E 161 -38.83 5.26 -31.26
N LYS E 162 -38.48 5.38 -32.54
CA LYS E 162 -39.45 5.22 -33.62
C LYS E 162 -38.85 4.41 -34.75
N THR E 163 -39.01 3.11 -34.67
CA THR E 163 -38.77 2.22 -35.79
C THR E 163 -40.14 1.80 -36.32
N ALA E 164 -40.16 0.92 -37.34
CA ALA E 164 -41.37 0.58 -38.07
C ALA E 164 -42.55 0.32 -37.15
N LYS E 165 -42.42 -0.65 -36.24
CA LYS E 165 -43.50 -1.01 -35.34
C LYS E 165 -43.32 -0.40 -33.95
N GLY E 166 -42.79 0.81 -33.87
CA GLY E 166 -42.70 1.47 -32.59
C GLY E 166 -42.48 2.96 -32.67
N THR E 167 -43.30 3.73 -31.97
CA THR E 167 -43.24 5.19 -31.97
C THR E 167 -43.38 5.68 -30.54
N LYS E 168 -42.28 6.15 -29.96
CA LYS E 168 -42.25 6.75 -28.64
C LYS E 168 -41.20 7.85 -28.67
N GLN E 169 -41.02 8.52 -27.53
CA GLN E 169 -39.97 9.53 -27.40
C GLN E 169 -39.40 9.43 -25.99
N LEU E 170 -38.15 9.86 -25.82
CA LEU E 170 -37.61 10.06 -24.48
C LEU E 170 -36.38 10.95 -24.55
N LYS E 171 -36.16 11.69 -23.47
CA LYS E 171 -35.01 12.57 -23.33
C LYS E 171 -33.90 11.76 -22.68
N LEU E 172 -33.11 11.09 -23.51
CA LEU E 172 -32.12 10.13 -23.06
C LEU E 172 -30.82 10.81 -22.69
N ASP E 173 -30.06 10.16 -21.82
CA ASP E 173 -28.82 10.66 -21.23
C ASP E 173 -27.62 10.35 -22.13
N PRO E 174 -26.73 11.31 -22.30
CA PRO E 174 -25.55 11.09 -23.16
C PRO E 174 -24.58 10.09 -22.56
N SER E 175 -23.42 9.95 -23.19
CA SER E 175 -22.36 9.01 -22.84
C SER E 175 -22.77 7.57 -23.09
N ILE E 176 -24.02 7.31 -23.43
CA ILE E 176 -24.47 5.97 -23.76
C ILE E 176 -24.83 5.83 -25.22
N PHE E 177 -25.05 6.93 -25.94
CA PHE E 177 -25.39 6.85 -27.35
C PHE E 177 -24.22 6.32 -28.16
N GLU E 178 -22.99 6.58 -27.71
CA GLU E 178 -21.81 6.11 -28.40
C GLU E 178 -21.19 4.88 -27.76
N SER E 179 -21.43 4.66 -26.47
CA SER E 179 -20.84 3.51 -25.78
C SER E 179 -21.18 2.22 -26.52
N LEU E 180 -22.46 1.98 -26.77
CA LEU E 180 -22.90 0.83 -27.53
C LEU E 180 -23.25 1.17 -28.98
N GLN E 181 -22.91 2.37 -29.44
CA GLN E 181 -23.07 2.64 -30.87
C GLN E 181 -22.25 1.67 -31.69
N LYS E 182 -21.12 1.22 -31.15
CA LYS E 182 -20.31 0.21 -31.80
C LYS E 182 -20.99 -1.15 -31.82
N GLU E 183 -22.13 -1.29 -31.14
CA GLU E 183 -23.02 -2.42 -31.37
C GLU E 183 -23.96 -2.17 -32.53
N ARG E 184 -23.62 -1.20 -33.40
CA ARG E 184 -24.31 -1.00 -34.68
C ARG E 184 -25.76 -0.61 -34.46
N VAL E 185 -25.99 0.34 -33.56
CA VAL E 185 -27.34 0.75 -33.21
C VAL E 185 -27.43 2.27 -33.06
N GLU E 186 -27.85 2.95 -34.12
CA GLU E 186 -28.25 4.35 -34.01
C GLU E 186 -29.69 4.56 -34.43
N ALA E 187 -30.06 4.11 -35.64
CA ALA E 187 -31.42 4.28 -36.09
C ALA E 187 -31.81 3.17 -37.06
N GLY E 188 -33.01 2.63 -36.89
CA GLY E 188 -33.46 1.47 -37.62
C GLY E 188 -33.36 0.24 -36.75
N ASP E 189 -33.74 0.40 -35.49
CA ASP E 189 -33.41 -0.57 -34.47
C ASP E 189 -34.67 -1.19 -33.88
N VAL E 190 -34.50 -2.33 -33.23
CA VAL E 190 -35.51 -2.88 -32.33
C VAL E 190 -34.86 -2.86 -30.95
N ILE E 191 -34.97 -1.72 -30.27
CA ILE E 191 -34.04 -1.38 -29.20
C ILE E 191 -34.26 -2.24 -27.97
N TYR E 192 -33.36 -3.21 -27.80
CA TYR E 192 -33.42 -4.13 -26.66
C TYR E 192 -32.83 -3.41 -25.45
N ILE E 193 -33.37 -2.23 -25.17
CA ILE E 193 -32.83 -1.31 -24.19
C ILE E 193 -33.81 -1.17 -23.04
N GLU E 194 -33.26 -0.96 -21.85
CA GLU E 194 -34.05 -0.91 -20.63
C GLU E 194 -34.20 0.53 -20.17
N ALA E 195 -35.23 1.18 -20.71
CA ALA E 195 -35.47 2.58 -20.40
C ALA E 195 -35.82 2.82 -18.94
N ASN E 196 -36.70 2.00 -18.36
CA ASN E 196 -37.16 2.28 -17.00
C ASN E 196 -36.02 2.23 -16.00
N SER E 197 -35.23 1.16 -16.05
CA SER E 197 -34.06 1.07 -15.18
C SER E 197 -33.04 2.15 -15.50
N GLY E 198 -33.15 2.76 -16.68
CA GLY E 198 -32.29 3.86 -17.06
C GLY E 198 -31.01 3.46 -17.75
N ALA E 199 -30.28 2.48 -17.20
CA ALA E 199 -29.03 2.02 -17.80
C ALA E 199 -29.34 1.15 -19.01
N VAL E 200 -29.85 1.80 -20.06
CA VAL E 200 -30.31 1.08 -21.24
C VAL E 200 -29.14 0.36 -21.89
N LYS E 201 -29.41 -0.83 -22.41
CA LYS E 201 -28.42 -1.60 -23.14
C LYS E 201 -28.85 -1.63 -24.60
N ARG E 202 -28.11 -0.95 -25.44
CA ARG E 202 -28.48 -0.87 -26.85
C ARG E 202 -28.20 -2.20 -27.54
N GLN E 203 -28.88 -3.25 -27.09
CA GLN E 203 -28.64 -4.58 -27.63
C GLN E 203 -29.42 -4.81 -28.93
N GLY E 204 -30.48 -4.04 -29.15
CA GLY E 204 -31.36 -4.35 -30.24
C GLY E 204 -30.91 -3.84 -31.59
N ARG E 205 -30.29 -4.72 -32.37
CA ARG E 205 -30.00 -4.43 -33.76
C ARG E 205 -31.17 -4.91 -34.60
N CYS E 206 -31.47 -4.20 -35.68
CA CYS E 206 -32.67 -4.50 -36.46
C CYS E 206 -32.37 -4.49 -37.96
N ASP E 207 -33.45 -4.45 -38.74
CA ASP E 207 -33.41 -4.51 -40.20
C ASP E 207 -32.37 -3.60 -40.81
N THR E 208 -32.49 -2.28 -40.57
CA THR E 208 -31.61 -1.33 -41.22
C THR E 208 -30.16 -1.55 -40.82
N TYR E 209 -29.93 -2.45 -39.88
CA TYR E 209 -28.57 -2.88 -39.54
C TYR E 209 -28.40 -4.29 -40.09
N ALA E 210 -28.07 -4.35 -41.38
CA ALA E 210 -27.54 -5.53 -42.02
C ALA E 210 -26.06 -5.34 -42.35
N THR E 211 -25.56 -4.11 -42.19
CA THR E 211 -24.12 -3.90 -42.13
C THR E 211 -23.51 -4.74 -41.02
N GLU E 212 -24.22 -4.85 -39.89
CA GLU E 212 -23.90 -5.85 -38.89
C GLU E 212 -24.61 -7.16 -39.15
N PHE E 213 -25.85 -7.14 -39.65
CA PHE E 213 -26.53 -8.39 -40.01
C PHE E 213 -26.17 -8.82 -41.44
N ASP E 214 -24.87 -8.85 -41.71
CA ASP E 214 -24.33 -9.55 -42.88
C ASP E 214 -24.00 -10.99 -42.51
N LEU E 215 -23.12 -11.17 -41.52
CA LEU E 215 -23.24 -12.29 -40.60
C LEU E 215 -24.25 -11.88 -39.53
N GLU E 216 -24.72 -12.86 -38.75
CA GLU E 216 -25.77 -12.56 -37.78
C GLU E 216 -25.19 -11.85 -36.55
N ALA E 217 -24.48 -10.76 -36.79
CA ALA E 217 -23.88 -10.01 -35.70
C ALA E 217 -24.91 -9.26 -34.87
N GLU E 218 -26.17 -9.25 -35.29
CA GLU E 218 -27.25 -8.83 -34.40
C GLU E 218 -27.61 -10.02 -33.52
N GLU E 219 -28.79 -9.95 -32.93
CA GLU E 219 -29.45 -11.14 -32.41
C GLU E 219 -29.32 -12.26 -33.45
N TYR E 220 -29.03 -13.47 -32.99
CA TYR E 220 -28.79 -14.54 -33.97
C TYR E 220 -30.10 -14.91 -34.63
N VAL E 221 -30.59 -13.96 -35.43
CA VAL E 221 -31.88 -14.00 -36.09
C VAL E 221 -31.98 -12.78 -36.97
N PRO E 222 -32.70 -12.87 -38.09
CA PRO E 222 -32.99 -11.67 -38.87
C PRO E 222 -33.73 -10.65 -38.04
N LEU E 223 -34.00 -9.50 -38.66
CA LEU E 223 -34.60 -8.34 -38.02
C LEU E 223 -35.70 -8.77 -37.05
N PRO E 224 -35.45 -8.68 -35.75
CA PRO E 224 -36.43 -9.15 -34.77
C PRO E 224 -37.46 -8.05 -34.50
N LYS E 225 -38.68 -8.29 -34.94
CA LYS E 225 -39.73 -7.33 -34.66
C LYS E 225 -40.49 -7.74 -33.41
N GLY E 226 -40.48 -6.85 -32.41
CA GLY E 226 -41.03 -7.16 -31.11
C GLY E 226 -42.16 -6.23 -30.77
N ASP E 227 -42.00 -5.46 -29.70
CA ASP E 227 -43.01 -4.50 -29.31
C ASP E 227 -42.38 -3.16 -28.93
N VAL E 228 -43.18 -2.11 -29.03
CA VAL E 228 -42.76 -0.78 -28.58
C VAL E 228 -42.39 -0.82 -27.11
N HIS E 229 -42.92 -1.79 -26.38
CA HIS E 229 -42.60 -1.96 -24.97
C HIS E 229 -42.99 -3.37 -24.54
N LYS E 230 -42.00 -4.16 -24.12
CA LYS E 230 -42.24 -5.49 -23.60
C LYS E 230 -41.28 -5.71 -22.43
N LYS E 231 -41.23 -6.93 -21.92
CA LYS E 231 -40.35 -7.27 -20.81
C LYS E 231 -39.42 -8.40 -21.24
N LYS E 232 -38.14 -8.07 -21.36
CA LYS E 232 -37.11 -9.06 -21.61
C LYS E 232 -36.66 -9.68 -20.30
N GLU E 233 -36.12 -10.88 -20.38
CA GLU E 233 -35.68 -11.64 -19.22
C GLU E 233 -34.26 -12.09 -19.50
N ILE E 234 -33.31 -11.34 -18.97
CA ILE E 234 -31.90 -11.52 -19.31
C ILE E 234 -31.18 -12.15 -18.13
N ILE E 235 -29.93 -12.52 -18.35
CA ILE E 235 -29.08 -13.10 -17.32
C ILE E 235 -27.78 -12.32 -17.24
N GLN E 236 -27.40 -11.94 -16.04
CA GLN E 236 -26.06 -11.47 -15.76
C GLN E 236 -25.25 -12.66 -15.26
N ASP E 237 -23.95 -12.65 -15.52
CA ASP E 237 -23.10 -13.81 -15.29
C ASP E 237 -21.74 -13.34 -14.77
N VAL E 238 -21.44 -13.69 -13.52
CA VAL E 238 -20.24 -13.20 -12.86
C VAL E 238 -19.68 -14.26 -11.92
N THR E 239 -18.37 -14.26 -11.75
CA THR E 239 -17.72 -15.11 -10.76
C THR E 239 -17.94 -14.51 -9.38
N LEU E 240 -17.49 -15.20 -8.35
CA LEU E 240 -17.41 -14.55 -7.05
C LEU E 240 -16.40 -13.42 -7.08
N HIS E 241 -15.19 -13.71 -7.56
CA HIS E 241 -14.12 -12.73 -7.52
C HIS E 241 -14.54 -11.42 -8.17
N ASP E 242 -15.43 -11.48 -9.16
CA ASP E 242 -16.00 -10.27 -9.72
C ASP E 242 -16.58 -9.40 -8.62
N LEU E 243 -17.57 -9.92 -7.91
CA LEU E 243 -18.19 -9.16 -6.84
C LEU E 243 -17.17 -8.80 -5.78
N ASP E 244 -16.24 -9.71 -5.51
CA ASP E 244 -15.24 -9.47 -4.48
C ASP E 244 -14.45 -8.21 -4.77
N VAL E 245 -14.06 -8.01 -6.02
CA VAL E 245 -13.33 -6.80 -6.35
C VAL E 245 -14.26 -5.62 -6.58
N ALA E 246 -15.51 -5.87 -7.00
CA ALA E 246 -16.44 -4.77 -7.22
C ALA E 246 -16.78 -4.08 -5.92
N ASN E 247 -16.76 -4.83 -4.82
CA ASN E 247 -17.07 -4.23 -3.54
C ASN E 247 -15.92 -3.38 -3.02
N ALA E 248 -14.95 -3.04 -3.85
CA ALA E 248 -13.88 -2.15 -3.44
C ALA E 248 -13.51 -1.19 -4.55
N THR E 269 -14.37 -1.98 -0.25
CA THR E 269 -13.24 -1.14 0.14
C THR E 269 -12.75 -1.49 1.54
N GLU E 270 -12.32 -2.75 1.73
CA GLU E 270 -11.77 -3.19 3.00
C GLU E 270 -10.95 -4.45 2.75
N ILE E 271 -9.67 -4.43 3.14
CA ILE E 271 -8.76 -5.54 2.91
C ILE E 271 -8.92 -6.49 4.09
N THR E 272 -9.90 -7.38 3.99
CA THR E 272 -10.16 -8.38 5.02
C THR E 272 -11.14 -9.39 4.45
N ASP E 273 -10.95 -10.65 4.84
CA ASP E 273 -11.89 -11.68 4.40
C ASP E 273 -13.29 -11.40 4.91
N LYS E 274 -13.40 -10.68 6.02
CA LYS E 274 -14.71 -10.27 6.53
C LYS E 274 -15.53 -9.64 5.41
N LEU E 275 -14.90 -8.79 4.61
CA LEU E 275 -15.57 -8.28 3.42
C LEU E 275 -16.07 -9.44 2.58
N ARG E 276 -15.18 -10.36 2.20
CA ARG E 276 -15.57 -11.49 1.37
C ARG E 276 -16.66 -12.31 2.03
N GLY E 277 -16.59 -12.47 3.34
CA GLY E 277 -17.65 -13.16 4.04
C GLY E 277 -19.01 -12.56 3.76
N GLU E 278 -19.08 -11.23 3.71
CA GLU E 278 -20.36 -10.55 3.54
C GLU E 278 -21.06 -11.01 2.28
N ILE E 279 -20.32 -11.05 1.17
CA ILE E 279 -20.93 -11.31 -0.13
C ILE E 279 -21.71 -12.63 -0.10
N ASN E 280 -21.16 -13.63 0.58
CA ASN E 280 -21.80 -14.93 0.63
C ASN E 280 -23.29 -14.81 0.94
N LYS E 281 -23.61 -14.21 2.09
CA LYS E 281 -25.00 -14.01 2.44
C LYS E 281 -25.74 -13.27 1.35
N VAL E 282 -25.17 -12.14 0.90
CA VAL E 282 -25.75 -11.41 -0.22
C VAL E 282 -26.07 -12.38 -1.35
N VAL E 283 -25.14 -13.28 -1.65
CA VAL E 283 -25.45 -14.35 -2.58
C VAL E 283 -26.48 -15.28 -1.97
N ASN E 284 -26.20 -15.76 -0.76
CA ASN E 284 -27.01 -16.81 -0.15
C ASN E 284 -28.49 -16.55 -0.34
N LYS E 285 -28.93 -15.37 0.07
CA LYS E 285 -30.33 -15.03 -0.11
C LYS E 285 -30.72 -15.06 -1.57
N TYR E 286 -29.84 -14.61 -2.46
CA TYR E 286 -30.23 -14.51 -3.86
C TYR E 286 -30.65 -15.86 -4.41
N ILE E 287 -29.89 -16.90 -4.11
CA ILE E 287 -30.28 -18.25 -4.54
C ILE E 287 -31.66 -18.55 -4.01
N ASP E 288 -31.90 -18.22 -2.74
CA ASP E 288 -33.16 -18.51 -2.11
C ASP E 288 -34.33 -17.92 -2.88
N GLN E 289 -34.11 -16.86 -3.63
CA GLN E 289 -35.13 -16.31 -4.49
C GLN E 289 -35.09 -16.92 -5.88
N GLY E 290 -34.26 -17.93 -6.09
CA GLY E 290 -34.22 -18.58 -7.37
C GLY E 290 -33.61 -17.73 -8.45
N ILE E 291 -33.43 -16.44 -8.18
CA ILE E 291 -32.82 -15.56 -9.18
C ILE E 291 -31.39 -15.98 -9.43
N ALA E 292 -30.73 -16.55 -8.42
CA ALA E 292 -29.30 -16.81 -8.46
C ALA E 292 -29.05 -18.28 -8.70
N GLU E 293 -28.37 -18.58 -9.80
CA GLU E 293 -27.92 -19.93 -10.08
C GLU E 293 -26.40 -19.99 -10.06
N LEU E 294 -25.85 -21.02 -9.42
CA LEU E 294 -24.42 -21.19 -9.31
C LEU E 294 -23.95 -22.17 -10.38
N VAL E 295 -22.84 -21.85 -11.02
CA VAL E 295 -22.33 -22.68 -12.11
C VAL E 295 -20.85 -22.95 -11.89
N PRO E 296 -20.48 -24.06 -11.27
CA PRO E 296 -19.07 -24.30 -10.95
C PRO E 296 -18.22 -24.36 -12.20
N GLY E 297 -17.05 -23.73 -12.13
CA GLY E 297 -16.21 -23.61 -13.29
C GLY E 297 -15.17 -24.69 -13.42
N VAL E 298 -14.00 -24.32 -13.95
CA VAL E 298 -12.93 -25.27 -14.23
C VAL E 298 -11.63 -24.60 -13.82
N LEU E 299 -10.86 -25.27 -12.97
CA LEU E 299 -9.64 -24.69 -12.44
C LEU E 299 -8.45 -25.49 -12.95
N PHE E 300 -7.81 -24.97 -13.97
CA PHE E 300 -6.62 -25.60 -14.52
C PHE E 300 -5.42 -25.28 -13.68
N VAL E 301 -4.68 -26.30 -13.27
CA VAL E 301 -3.50 -26.13 -12.43
C VAL E 301 -2.34 -26.84 -13.10
N ASP E 302 -1.21 -26.17 -13.19
CA ASP E 302 -0.05 -26.73 -13.86
C ASP E 302 1.20 -26.57 -13.02
N GLU E 303 2.23 -27.34 -13.39
CA GLU E 303 3.50 -27.39 -12.66
C GLU E 303 3.29 -27.98 -11.28
N VAL E 304 2.40 -28.97 -11.23
CA VAL E 304 1.96 -29.52 -9.96
C VAL E 304 3.13 -29.87 -9.08
N HIS E 305 4.23 -30.30 -9.66
CA HIS E 305 5.31 -30.73 -8.80
C HIS E 305 6.01 -29.58 -8.14
N MET E 306 5.44 -28.38 -8.19
CA MET E 306 6.00 -27.27 -7.42
C MET E 306 5.27 -27.05 -6.11
N LEU E 307 4.05 -27.55 -5.97
CA LEU E 307 3.32 -27.38 -4.72
C LEU E 307 3.80 -28.36 -3.68
N ASP E 308 3.83 -27.93 -2.43
CA ASP E 308 4.16 -28.88 -1.38
C ASP E 308 2.89 -29.54 -0.86
N ILE E 309 3.08 -30.39 0.14
CA ILE E 309 1.94 -31.18 0.63
C ILE E 309 0.84 -30.27 1.13
N GLU E 310 1.20 -29.24 1.91
CA GLU E 310 0.20 -28.43 2.57
C GLU E 310 -0.82 -27.91 1.59
N CYS E 311 -0.38 -27.53 0.40
CA CYS E 311 -1.34 -27.12 -0.61
C CYS E 311 -2.29 -28.25 -0.95
N PHE E 312 -1.75 -29.43 -1.22
CA PHE E 312 -2.62 -30.54 -1.61
C PHE E 312 -3.68 -30.80 -0.55
N THR E 313 -3.28 -30.79 0.72
CA THR E 313 -4.27 -30.92 1.78
C THR E 313 -5.41 -29.95 1.58
N TYR E 314 -5.09 -28.66 1.49
CA TYR E 314 -6.10 -27.67 1.16
C TYR E 314 -6.87 -28.08 -0.08
N LEU E 315 -6.15 -28.38 -1.16
CA LEU E 315 -6.81 -28.82 -2.36
C LEU E 315 -7.71 -30.01 -2.12
N HIS E 316 -7.37 -30.85 -1.15
CA HIS E 316 -8.17 -32.06 -1.00
C HIS E 316 -9.54 -31.74 -0.43
N ARG E 317 -9.57 -31.15 0.77
CA ARG E 317 -10.86 -30.86 1.39
C ARG E 317 -11.70 -29.96 0.50
N ALA E 318 -11.06 -29.00 -0.17
CA ALA E 318 -11.81 -28.19 -1.10
C ALA E 318 -12.38 -29.03 -2.23
N LEU E 319 -11.59 -29.98 -2.74
CA LEU E 319 -12.08 -30.85 -3.79
C LEU E 319 -13.30 -31.63 -3.33
N GLU E 320 -13.25 -32.16 -2.11
CA GLU E 320 -14.35 -32.98 -1.64
C GLU E 320 -15.56 -32.16 -1.22
N SER E 321 -15.60 -30.88 -1.55
CA SER E 321 -16.77 -30.07 -1.22
C SER E 321 -17.95 -30.47 -2.08
N SER E 322 -19.01 -29.68 -1.97
CA SER E 322 -20.23 -29.95 -2.71
C SER E 322 -20.23 -29.28 -4.07
N ILE E 323 -19.93 -27.99 -4.11
CA ILE E 323 -20.13 -27.21 -5.33
C ILE E 323 -18.80 -26.77 -5.90
N ALA E 324 -17.72 -27.43 -5.49
CA ALA E 324 -16.41 -27.02 -5.95
C ALA E 324 -16.30 -27.16 -7.46
N PRO E 325 -15.48 -26.36 -8.12
CA PRO E 325 -15.24 -26.57 -9.54
C PRO E 325 -14.42 -27.83 -9.74
N ILE E 326 -14.28 -28.22 -10.99
CA ILE E 326 -13.52 -29.43 -11.30
C ILE E 326 -12.06 -29.03 -11.46
N VAL E 327 -11.17 -29.79 -10.86
CA VAL E 327 -9.75 -29.49 -10.92
C VAL E 327 -9.12 -30.29 -12.05
N ILE E 328 -8.22 -29.66 -12.79
CA ILE E 328 -7.48 -30.34 -13.83
C ILE E 328 -6.00 -30.11 -13.58
N PHE E 329 -5.28 -31.19 -13.36
CA PHE E 329 -3.83 -31.09 -13.24
C PHE E 329 -3.18 -31.43 -14.56
N ALA E 330 -1.95 -30.96 -14.72
CA ALA E 330 -1.21 -31.29 -15.92
C ALA E 330 0.26 -31.30 -15.58
N SER E 331 0.99 -32.29 -16.08
CA SER E 331 2.40 -32.38 -15.79
C SER E 331 3.11 -33.09 -16.92
N ASN E 332 4.43 -33.04 -16.86
CA ASN E 332 5.30 -33.70 -17.82
C ASN E 332 6.39 -34.51 -17.15
N ARG E 333 6.68 -34.24 -15.90
CA ARG E 333 7.70 -34.98 -15.18
C ARG E 333 7.25 -36.42 -14.98
N GLY E 334 8.13 -37.20 -14.37
CA GLY E 334 7.79 -38.56 -14.03
C GLY E 334 7.78 -38.74 -12.53
N ASN E 335 8.22 -39.89 -12.07
CA ASN E 335 8.28 -40.13 -10.65
C ASN E 335 9.26 -39.13 -10.02
N CYS E 336 8.74 -38.15 -9.30
CA CYS E 336 9.59 -37.12 -8.71
C CYS E 336 9.30 -36.98 -7.23
N VAL E 337 10.09 -36.12 -6.58
CA VAL E 337 10.03 -35.97 -5.13
C VAL E 337 8.90 -35.03 -4.77
N ILE E 338 8.10 -35.43 -3.79
CA ILE E 338 7.04 -34.55 -3.29
C ILE E 338 7.69 -33.39 -2.55
N ARG E 339 7.45 -32.19 -3.02
CA ARG E 339 7.97 -31.01 -2.35
C ARG E 339 7.53 -30.99 -0.91
N GLY E 340 8.43 -30.57 -0.03
CA GLY E 340 8.13 -30.47 1.37
C GLY E 340 8.51 -31.68 2.20
N THR E 341 8.53 -32.87 1.60
CA THR E 341 9.03 -34.02 2.33
C THR E 341 10.50 -34.23 2.14
N GLU E 342 11.02 -33.80 0.99
CA GLU E 342 12.44 -33.72 0.66
C GLU E 342 13.09 -35.09 0.54
N ASP E 343 12.34 -36.16 0.76
CA ASP E 343 12.87 -37.48 0.45
C ASP E 343 11.85 -38.43 -0.17
N ILE E 344 10.55 -38.22 0.02
CA ILE E 344 9.58 -39.15 -0.54
C ILE E 344 9.45 -38.93 -2.03
N THR E 345 8.96 -39.95 -2.72
CA THR E 345 8.84 -39.90 -4.17
C THR E 345 7.49 -40.50 -4.56
N SER E 346 6.89 -39.94 -5.60
CA SER E 346 5.58 -40.40 -6.03
C SER E 346 5.34 -39.93 -7.45
N PRO E 347 4.53 -40.63 -8.22
CA PRO E 347 4.27 -40.23 -9.60
C PRO E 347 3.91 -38.76 -9.68
N HIS E 348 4.65 -38.04 -10.51
CA HIS E 348 4.38 -36.64 -10.80
C HIS E 348 4.39 -35.80 -9.55
N GLY E 349 4.95 -36.31 -8.47
CA GLY E 349 5.03 -35.52 -7.26
C GLY E 349 3.70 -35.27 -6.58
N ILE E 350 2.78 -36.21 -6.65
CA ILE E 350 1.49 -36.10 -5.97
C ILE E 350 1.49 -37.09 -4.81
N PRO E 351 1.08 -36.67 -3.63
CA PRO E 351 0.92 -37.65 -2.54
C PRO E 351 -0.03 -38.75 -2.97
N LEU E 352 0.40 -39.99 -2.74
CA LEU E 352 -0.27 -41.13 -3.34
C LEU E 352 -1.75 -41.20 -2.99
N ASP E 353 -2.13 -40.76 -1.81
CA ASP E 353 -3.54 -40.84 -1.43
C ASP E 353 -4.38 -40.07 -2.42
N LEU E 354 -4.17 -38.75 -2.48
CA LEU E 354 -4.92 -37.93 -3.43
C LEU E 354 -4.77 -38.48 -4.84
N LEU E 355 -3.62 -39.06 -5.14
CA LEU E 355 -3.36 -39.52 -6.50
C LEU E 355 -4.44 -40.48 -6.97
N ASP E 356 -4.79 -41.46 -6.15
CA ASP E 356 -5.69 -42.51 -6.63
C ASP E 356 -7.01 -41.94 -7.10
N ARG E 357 -7.42 -40.81 -6.57
CA ARG E 357 -8.71 -40.26 -6.92
C ARG E 357 -8.68 -39.47 -8.22
N VAL E 358 -7.67 -39.67 -9.05
CA VAL E 358 -7.53 -38.90 -10.27
C VAL E 358 -7.68 -39.83 -11.45
N MET E 359 -8.02 -39.25 -12.59
CA MET E 359 -8.15 -39.98 -13.85
C MET E 359 -7.20 -39.31 -14.83
N ILE E 360 -6.31 -40.09 -15.43
CA ILE E 360 -5.24 -39.51 -16.22
C ILE E 360 -5.46 -39.76 -17.70
N ILE E 361 -4.94 -38.85 -18.52
CA ILE E 361 -5.07 -38.91 -19.97
C ILE E 361 -3.79 -38.39 -20.57
N ARG E 362 -3.19 -39.14 -21.48
CA ARG E 362 -1.91 -38.74 -22.06
C ARG E 362 -2.14 -37.87 -23.28
N THR E 363 -1.27 -36.89 -23.45
CA THR E 363 -1.23 -36.09 -24.67
C THR E 363 0.01 -36.48 -25.45
N MET E 364 -0.17 -36.90 -26.68
CA MET E 364 0.98 -37.31 -27.47
C MET E 364 1.58 -36.12 -28.19
N LEU E 365 2.57 -36.41 -29.03
CA LEU E 365 3.22 -35.36 -29.77
C LEU E 365 2.59 -35.19 -31.14
N TYR E 366 2.44 -33.93 -31.55
CA TYR E 366 1.92 -33.62 -32.86
C TYR E 366 2.89 -34.10 -33.93
N THR E 367 2.40 -34.20 -35.15
CA THR E 367 3.28 -34.53 -36.26
C THR E 367 3.34 -33.36 -37.25
N PRO E 368 4.43 -33.24 -38.00
CA PRO E 368 4.64 -32.03 -38.80
C PRO E 368 3.45 -31.60 -39.62
N GLN E 369 2.97 -32.49 -40.48
CA GLN E 369 1.81 -32.19 -41.30
C GLN E 369 0.61 -31.77 -40.48
N GLU E 370 0.62 -32.03 -39.17
CA GLU E 370 -0.40 -31.45 -38.30
C GLU E 370 0.04 -30.07 -37.82
N MET E 371 1.33 -29.91 -37.56
CA MET E 371 1.81 -28.61 -37.10
C MET E 371 1.45 -27.52 -38.08
N LYS E 372 1.22 -27.89 -39.33
CA LYS E 372 0.83 -26.91 -40.33
C LYS E 372 -0.48 -26.25 -39.95
N GLN E 373 -1.56 -27.02 -39.97
CA GLN E 373 -2.89 -26.45 -39.74
C GLN E 373 -2.91 -25.63 -38.48
N ILE E 374 -2.26 -26.12 -37.42
CA ILE E 374 -2.23 -25.38 -36.17
C ILE E 374 -1.69 -23.98 -36.40
N ILE E 375 -0.43 -23.89 -36.80
CA ILE E 375 0.13 -22.58 -37.10
C ILE E 375 -0.67 -21.92 -38.21
N LYS E 376 -1.09 -22.70 -39.20
CA LYS E 376 -2.01 -22.18 -40.20
C LYS E 376 -3.21 -21.53 -39.54
N ILE E 377 -3.84 -22.24 -38.61
CA ILE E 377 -5.08 -21.72 -38.02
C ILE E 377 -4.79 -20.47 -37.19
N ARG E 378 -3.72 -20.49 -36.42
CA ARG E 378 -3.39 -19.31 -35.64
C ARG E 378 -3.16 -18.11 -36.55
N ALA E 379 -2.75 -18.37 -37.79
CA ALA E 379 -2.47 -17.28 -38.71
C ALA E 379 -3.72 -16.44 -38.98
N GLN E 380 -4.78 -17.07 -39.49
CA GLN E 380 -5.98 -16.32 -39.83
C GLN E 380 -6.52 -15.60 -38.59
N THR E 381 -6.70 -16.33 -37.51
CA THR E 381 -7.07 -15.72 -36.24
C THR E 381 -6.15 -14.58 -35.86
N GLU E 382 -4.93 -14.58 -36.36
CA GLU E 382 -4.06 -13.43 -36.20
C GLU E 382 -4.14 -12.49 -37.40
N GLY E 383 -4.76 -12.92 -38.49
CA GLY E 383 -4.77 -12.13 -39.70
C GLY E 383 -3.48 -12.10 -40.45
N ILE E 384 -2.38 -12.56 -39.87
CA ILE E 384 -1.08 -12.49 -40.51
C ILE E 384 -1.03 -13.54 -41.59
N ASN E 385 -1.20 -13.13 -42.84
CA ASN E 385 -1.08 -14.05 -43.96
C ASN E 385 0.38 -14.37 -44.20
N ILE E 386 0.67 -15.62 -44.53
CA ILE E 386 2.02 -16.03 -44.84
C ILE E 386 1.96 -16.95 -46.05
N SER E 387 3.13 -17.21 -46.61
CA SER E 387 3.22 -18.09 -47.76
C SER E 387 2.92 -19.52 -47.34
N GLU E 388 2.98 -20.41 -48.31
CA GLU E 388 2.82 -21.82 -47.97
C GLU E 388 4.12 -22.39 -47.42
N GLU E 389 5.19 -22.35 -48.22
CA GLU E 389 6.39 -23.08 -47.84
C GLU E 389 6.95 -22.58 -46.53
N ALA E 390 6.60 -21.36 -46.14
CA ALA E 390 6.98 -20.87 -44.82
C ALA E 390 6.49 -21.82 -43.74
N LEU E 391 5.17 -21.95 -43.60
CA LEU E 391 4.58 -22.96 -42.75
C LEU E 391 5.32 -24.27 -42.93
N ASN E 392 5.42 -24.69 -44.19
CA ASN E 392 6.12 -25.92 -44.51
C ASN E 392 7.49 -25.92 -43.85
N HIS E 393 8.23 -24.83 -44.01
CA HIS E 393 9.49 -24.74 -43.28
C HIS E 393 9.26 -24.49 -41.80
N LEU E 394 8.23 -23.72 -41.46
CA LEU E 394 8.03 -23.40 -40.06
C LEU E 394 7.64 -24.63 -39.27
N GLY E 395 6.81 -25.49 -39.87
CA GLY E 395 6.30 -26.64 -39.16
C GLY E 395 7.37 -27.47 -38.49
N GLU E 396 8.43 -27.81 -39.20
CA GLU E 396 9.44 -28.68 -38.63
C GLU E 396 10.13 -28.06 -37.44
N ILE E 397 10.28 -26.74 -37.40
CA ILE E 397 11.03 -26.10 -36.33
C ILE E 397 10.35 -26.30 -34.98
N GLY E 398 9.03 -26.38 -34.97
CA GLY E 398 8.34 -26.75 -33.76
C GLY E 398 8.71 -28.17 -33.45
N THR E 399 8.53 -29.04 -34.45
CA THR E 399 8.92 -30.44 -34.32
C THR E 399 10.37 -30.49 -33.91
N LYS E 400 11.15 -29.52 -34.37
CA LYS E 400 12.53 -29.45 -33.91
C LYS E 400 12.57 -29.18 -32.41
N THR E 401 11.97 -28.08 -31.96
CA THR E 401 12.04 -27.75 -30.55
C THR E 401 10.68 -27.77 -29.86
N THR E 402 9.75 -26.93 -30.29
CA THR E 402 8.57 -26.70 -29.47
C THR E 402 7.49 -25.92 -30.20
N LEU E 403 6.25 -26.42 -30.16
CA LEU E 403 5.15 -25.65 -30.69
C LEU E 403 5.05 -24.29 -30.00
N ARG E 404 5.01 -24.29 -28.68
CA ARG E 404 4.88 -23.06 -27.90
C ARG E 404 6.03 -22.12 -28.20
N TYR E 405 7.05 -22.59 -28.92
CA TYR E 405 8.07 -21.73 -29.48
C TYR E 405 7.80 -21.37 -30.93
N SER E 406 7.38 -22.35 -31.72
CA SER E 406 7.16 -22.09 -33.13
C SER E 406 5.90 -21.29 -33.39
N VAL E 407 5.24 -20.78 -32.36
CA VAL E 407 4.18 -19.82 -32.54
C VAL E 407 4.54 -18.48 -31.94
N GLN E 408 5.33 -18.50 -30.89
CA GLN E 408 5.92 -17.28 -30.37
C GLN E 408 6.62 -16.48 -31.44
N LEU E 409 7.10 -17.13 -32.48
CA LEU E 409 7.84 -16.45 -33.54
C LEU E 409 6.96 -15.77 -34.54
N LEU E 410 5.70 -16.18 -34.65
CA LEU E 410 4.90 -15.76 -35.79
C LEU E 410 4.79 -14.25 -35.88
N THR E 411 4.54 -13.58 -34.77
CA THR E 411 4.43 -12.14 -34.83
C THR E 411 5.77 -11.48 -35.11
N PRO E 412 6.79 -11.65 -34.27
CA PRO E 412 8.02 -10.88 -34.46
C PRO E 412 8.62 -11.04 -35.83
N ALA E 413 8.28 -12.08 -36.56
CA ALA E 413 8.68 -12.14 -37.96
C ALA E 413 7.82 -11.25 -38.84
N ASN E 414 6.52 -11.22 -38.62
CA ASN E 414 5.64 -10.39 -39.43
C ASN E 414 6.01 -8.92 -39.40
N LEU E 415 6.67 -8.46 -38.35
CA LEU E 415 7.16 -7.10 -38.32
C LEU E 415 8.31 -6.87 -39.27
N LEU E 416 9.17 -7.87 -39.45
CA LEU E 416 10.27 -7.73 -40.38
C LEU E 416 9.77 -7.60 -41.82
N ALA E 417 8.83 -8.46 -42.21
CA ALA E 417 8.27 -8.38 -43.56
C ALA E 417 7.75 -6.99 -43.84
N LYS E 418 7.12 -6.37 -42.84
CA LYS E 418 6.69 -4.99 -42.99
C LYS E 418 7.82 -4.09 -43.42
N ILE E 419 8.94 -4.14 -42.71
CA ILE E 419 10.04 -3.23 -43.00
C ILE E 419 10.63 -3.46 -44.39
N ASN E 420 10.57 -4.68 -44.89
CA ASN E 420 10.88 -4.89 -46.28
C ASN E 420 9.67 -4.75 -47.18
N GLY E 421 8.69 -3.96 -46.73
CA GLY E 421 7.51 -3.69 -47.51
C GLY E 421 6.67 -4.90 -47.85
N LYS E 422 6.70 -5.94 -47.04
CA LYS E 422 5.98 -7.16 -47.34
C LYS E 422 4.85 -7.36 -46.34
N ASP E 423 3.65 -7.57 -46.85
CA ASP E 423 2.51 -7.84 -45.98
C ASP E 423 2.48 -9.31 -45.58
N SER E 424 2.66 -10.21 -46.54
CA SER E 424 2.65 -11.63 -46.26
C SER E 424 3.95 -12.02 -45.59
N ILE E 425 4.18 -13.31 -45.47
CA ILE E 425 5.44 -13.82 -44.94
C ILE E 425 5.96 -14.91 -45.85
N GLU E 426 7.17 -14.71 -46.37
CA GLU E 426 7.92 -15.75 -47.03
C GLU E 426 8.93 -16.34 -46.05
N LYS E 427 9.69 -17.33 -46.51
CA LYS E 427 10.47 -18.12 -45.57
C LYS E 427 11.73 -17.42 -45.13
N GLU E 428 12.33 -16.59 -45.99
CA GLU E 428 13.51 -15.86 -45.56
C GLU E 428 13.19 -15.04 -44.33
N HIS E 429 12.06 -14.33 -44.35
CA HIS E 429 11.57 -13.64 -43.16
C HIS E 429 11.77 -14.50 -41.92
N VAL E 430 11.27 -15.74 -41.98
CA VAL E 430 11.46 -16.68 -40.90
C VAL E 430 12.93 -16.80 -40.55
N GLU E 431 13.76 -16.96 -41.57
CA GLU E 431 15.14 -17.39 -41.41
C GLU E 431 15.87 -16.53 -40.40
N GLU E 432 15.93 -15.23 -40.66
CA GLU E 432 16.68 -14.34 -39.77
C GLU E 432 16.13 -14.40 -38.36
N ILE E 433 14.81 -14.29 -38.22
CA ILE E 433 14.19 -14.47 -36.91
C ILE E 433 14.66 -15.77 -36.29
N SER E 434 14.54 -16.86 -37.04
CA SER E 434 15.07 -18.14 -36.60
C SER E 434 16.56 -18.07 -36.28
N GLU E 435 17.25 -17.02 -36.73
CA GLU E 435 18.65 -16.87 -36.43
C GLU E 435 18.93 -15.83 -35.37
N LEU E 436 17.91 -15.18 -34.83
CA LEU E 436 18.14 -14.12 -33.85
C LEU E 436 17.58 -14.46 -32.48
N PHE E 437 16.65 -15.42 -32.41
CA PHE E 437 16.09 -15.84 -31.14
C PHE E 437 16.29 -17.33 -30.95
N TYR E 438 16.18 -17.78 -29.73
CA TYR E 438 16.57 -19.13 -29.36
C TYR E 438 15.54 -19.77 -28.47
N ASP E 439 15.21 -21.02 -28.77
CA ASP E 439 14.67 -21.88 -27.75
C ASP E 439 15.66 -21.95 -26.60
N ALA E 440 15.14 -22.09 -25.38
CA ALA E 440 16.00 -22.03 -24.20
C ALA E 440 17.13 -23.05 -24.28
N LYS E 441 16.78 -24.31 -24.51
CA LYS E 441 17.75 -25.39 -24.48
C LYS E 441 18.94 -25.08 -25.37
N SER E 442 18.68 -24.86 -26.66
CA SER E 442 19.73 -24.50 -27.58
C SER E 442 20.61 -23.40 -27.00
N SER E 443 19.97 -22.33 -26.53
CA SER E 443 20.72 -21.24 -25.93
C SER E 443 21.60 -21.74 -24.80
N ALA E 444 20.99 -22.35 -23.79
CA ALA E 444 21.75 -22.76 -22.61
C ALA E 444 22.91 -23.66 -22.99
N LYS E 445 22.71 -24.51 -23.99
CA LYS E 445 23.83 -25.29 -24.50
C LYS E 445 24.95 -24.40 -24.98
N ILE E 446 24.64 -23.57 -25.97
CA ILE E 446 25.65 -22.68 -26.57
C ILE E 446 26.46 -22.00 -25.48
N LEU E 447 25.77 -21.43 -24.51
CA LEU E 447 26.48 -20.73 -23.45
C LEU E 447 27.36 -21.69 -22.66
N ALA E 448 26.83 -22.86 -22.32
CA ALA E 448 27.64 -23.82 -21.57
C ALA E 448 28.82 -24.29 -22.40
N ASP E 449 28.69 -24.26 -23.72
CA ASP E 449 29.83 -24.60 -24.57
C ASP E 449 30.92 -23.54 -24.47
N GLN E 450 30.55 -22.27 -24.66
CA GLN E 450 31.47 -21.19 -24.38
C GLN E 450 32.02 -21.23 -22.97
N GLN E 451 31.24 -21.77 -22.02
CA GLN E 451 31.68 -21.82 -20.64
C GLN E 451 33.00 -22.58 -20.52
N ASP E 452 33.28 -23.44 -21.48
CA ASP E 452 34.46 -24.28 -21.42
C ASP E 452 35.46 -23.93 -22.52
N ILE F 22 -16.73 -41.53 -1.16
CA ILE F 22 -17.51 -42.41 -0.30
C ILE F 22 -18.15 -43.50 -1.14
N GLY F 23 -18.83 -44.44 -0.49
CA GLY F 23 -19.44 -45.55 -1.18
C GLY F 23 -18.49 -46.66 -1.55
N ALA F 24 -17.20 -46.36 -1.67
CA ALA F 24 -16.22 -47.37 -2.06
C ALA F 24 -16.20 -48.56 -1.12
N HIS F 25 -16.91 -48.49 -0.01
CA HIS F 25 -17.02 -49.61 0.90
C HIS F 25 -18.46 -49.80 1.30
N SER F 26 -19.37 -49.66 0.34
CA SER F 26 -20.78 -49.88 0.62
C SER F 26 -21.03 -51.31 1.06
N HIS F 27 -20.68 -52.26 0.19
CA HIS F 27 -21.03 -53.66 0.39
C HIS F 27 -20.56 -54.22 1.72
N ILE F 28 -19.47 -53.71 2.27
CA ILE F 28 -18.89 -54.31 3.47
C ILE F 28 -19.82 -54.06 4.65
N ARG F 29 -20.14 -55.10 5.40
CA ARG F 29 -21.01 -54.98 6.56
C ARG F 29 -20.57 -55.87 7.72
N GLY F 30 -19.28 -56.08 7.87
CA GLY F 30 -18.78 -56.90 8.94
C GLY F 30 -17.65 -57.75 8.45
N LEU F 31 -17.45 -58.89 9.10
CA LEU F 31 -16.41 -59.82 8.69
C LEU F 31 -16.96 -61.18 8.33
N GLY F 32 -18.19 -61.51 8.72
CA GLY F 32 -18.75 -62.79 8.45
C GLY F 32 -17.91 -63.92 9.01
N LEU F 33 -17.70 -63.88 10.31
CA LEU F 33 -16.96 -64.92 11.01
C LEU F 33 -17.92 -65.82 11.74
N ASP F 34 -17.45 -67.01 12.07
CA ASP F 34 -18.20 -67.86 12.96
C ASP F 34 -17.90 -67.48 14.39
N ASP F 35 -18.67 -68.04 15.31
CA ASP F 35 -18.29 -67.98 16.72
C ASP F 35 -16.86 -68.46 16.91
N ALA F 36 -16.49 -69.52 16.20
CA ALA F 36 -15.11 -70.01 16.20
C ALA F 36 -14.18 -69.07 15.46
N LEU F 37 -14.70 -68.00 14.88
CA LEU F 37 -13.91 -67.08 14.06
C LEU F 37 -13.35 -67.81 12.85
N GLU F 38 -14.24 -68.41 12.09
CA GLU F 38 -13.85 -69.08 10.86
C GLU F 38 -14.41 -68.29 9.70
N PRO F 39 -13.57 -67.65 8.89
CA PRO F 39 -14.08 -66.93 7.73
C PRO F 39 -14.86 -67.86 6.82
N ARG F 40 -16.10 -67.47 6.54
CA ARG F 40 -16.93 -68.31 5.68
C ARG F 40 -16.79 -67.96 4.21
N GLN F 41 -15.80 -67.15 3.85
CA GLN F 41 -15.34 -67.02 2.47
C GLN F 41 -16.32 -66.23 1.59
N ALA F 42 -17.53 -65.97 2.08
CA ALA F 42 -18.46 -65.17 1.29
C ALA F 42 -19.53 -64.63 2.24
N SER F 43 -19.41 -63.35 2.59
CA SER F 43 -20.41 -62.74 3.45
C SER F 43 -20.09 -61.26 3.58
N GLN F 44 -21.14 -60.47 3.82
CA GLN F 44 -21.05 -59.01 3.86
C GLN F 44 -20.18 -58.50 2.72
N GLY F 45 -20.19 -59.21 1.60
CA GLY F 45 -19.29 -58.88 0.51
C GLY F 45 -17.86 -59.28 0.78
N MET F 46 -17.49 -59.48 2.03
CA MET F 46 -16.11 -59.85 2.32
C MET F 46 -15.78 -61.15 1.63
N VAL F 47 -14.60 -61.20 1.00
CA VAL F 47 -14.20 -62.31 0.15
C VAL F 47 -12.72 -62.58 0.35
N GLY F 48 -12.38 -63.83 0.62
CA GLY F 48 -10.98 -64.19 0.72
C GLY F 48 -10.32 -63.51 1.89
N GLN F 49 -8.99 -63.36 1.80
CA GLN F 49 -8.21 -62.68 2.82
C GLN F 49 -8.45 -63.28 4.20
N LEU F 50 -8.49 -64.61 4.27
CA LEU F 50 -9.03 -65.29 5.43
C LEU F 50 -8.22 -65.00 6.68
N ALA F 51 -6.90 -65.19 6.60
CA ALA F 51 -6.06 -65.03 7.77
C ALA F 51 -6.25 -63.66 8.41
N ALA F 52 -6.22 -62.62 7.60
CA ALA F 52 -6.37 -61.28 8.12
C ALA F 52 -7.70 -61.12 8.83
N ARG F 53 -8.77 -61.66 8.24
CA ARG F 53 -10.07 -61.53 8.86
C ARG F 53 -10.12 -62.24 10.20
N ARG F 54 -9.58 -63.46 10.26
CA ARG F 54 -9.53 -64.17 11.53
C ARG F 54 -8.81 -63.34 12.58
N ALA F 55 -7.65 -62.79 12.22
CA ALA F 55 -6.92 -61.97 13.16
C ALA F 55 -7.77 -60.80 13.62
N ALA F 56 -8.47 -60.16 12.69
CA ALA F 56 -9.30 -59.03 13.05
C ALA F 56 -10.34 -59.44 14.08
N GLY F 57 -10.96 -60.59 13.88
CA GLY F 57 -11.93 -61.06 14.85
C GLY F 57 -11.31 -61.24 16.21
N VAL F 58 -10.11 -61.80 16.26
CA VAL F 58 -9.41 -61.91 17.54
C VAL F 58 -9.29 -60.55 18.18
N VAL F 59 -8.90 -59.56 17.38
CA VAL F 59 -8.76 -58.22 17.91
C VAL F 59 -10.08 -57.73 18.47
N LEU F 60 -11.15 -58.00 17.74
CA LEU F 60 -12.47 -57.56 18.17
C LEU F 60 -12.81 -58.12 19.55
N GLU F 61 -12.43 -59.37 19.78
CA GLU F 61 -12.65 -59.95 21.10
C GLU F 61 -11.79 -59.23 22.13
N MET F 62 -10.52 -58.98 21.79
CA MET F 62 -9.67 -58.19 22.67
C MET F 62 -10.37 -56.91 23.08
N ILE F 63 -11.11 -56.33 22.16
CA ILE F 63 -11.79 -55.07 22.44
C ILE F 63 -12.92 -55.29 23.42
N ARG F 64 -13.87 -56.15 23.03
CA ARG F 64 -15.02 -56.37 23.91
C ARG F 64 -14.58 -56.75 25.31
N GLU F 65 -13.47 -57.46 25.45
CA GLU F 65 -12.97 -57.73 26.78
C GLU F 65 -12.28 -56.54 27.39
N GLY F 66 -12.22 -55.41 26.70
CA GLY F 66 -11.54 -54.26 27.24
C GLY F 66 -10.06 -54.43 27.41
N LYS F 67 -9.47 -55.50 26.90
CA LYS F 67 -8.04 -55.69 27.05
C LYS F 67 -7.25 -54.84 26.09
N ILE F 68 -7.87 -54.43 24.97
CA ILE F 68 -7.22 -53.61 23.98
C ILE F 68 -6.62 -52.34 24.54
N ALA F 69 -7.08 -51.91 25.70
CA ALA F 69 -6.60 -50.68 26.31
C ALA F 69 -5.09 -50.63 26.32
N GLY F 70 -4.54 -49.50 25.92
CA GLY F 70 -3.10 -49.32 25.93
C GLY F 70 -2.37 -50.03 24.82
N ARG F 71 -3.05 -50.28 23.70
CA ARG F 71 -2.38 -50.84 22.53
C ARG F 71 -3.02 -50.23 21.30
N ALA F 72 -2.64 -50.75 20.13
CA ALA F 72 -3.19 -50.27 18.87
C ALA F 72 -2.94 -51.33 17.82
N VAL F 73 -3.47 -51.08 16.64
CA VAL F 73 -3.40 -52.06 15.57
C VAL F 73 -2.72 -51.45 14.36
N LEU F 74 -2.01 -52.28 13.63
CA LEU F 74 -1.31 -51.82 12.45
C LEU F 74 -1.40 -52.91 11.38
N ILE F 75 -1.89 -52.53 10.21
CA ILE F 75 -2.10 -53.46 9.12
C ILE F 75 -1.06 -53.15 8.05
N ALA F 76 -0.28 -54.14 7.66
CA ALA F 76 0.78 -53.96 6.68
C ALA F 76 0.45 -54.79 5.45
N GLY F 77 0.67 -54.23 4.28
CA GLY F 77 0.46 -54.98 3.06
C GLY F 77 0.38 -54.06 1.87
N GLN F 78 0.56 -54.65 0.70
CA GLN F 78 0.59 -53.94 -0.56
C GLN F 78 -0.66 -53.09 -0.73
N PRO F 79 -0.61 -52.04 -1.53
CA PRO F 79 -1.81 -51.25 -1.78
C PRO F 79 -2.86 -52.10 -2.48
N GLY F 80 -4.12 -51.74 -2.27
CA GLY F 80 -5.19 -52.46 -2.92
C GLY F 80 -5.30 -53.90 -2.51
N THR F 81 -5.24 -54.18 -1.22
CA THR F 81 -5.50 -55.51 -0.69
C THR F 81 -6.54 -55.42 0.41
N GLY F 82 -7.44 -54.46 0.31
CA GLY F 82 -8.58 -54.36 1.19
C GLY F 82 -8.28 -53.94 2.61
N LYS F 83 -7.13 -53.34 2.88
CA LYS F 83 -6.82 -52.90 4.23
C LYS F 83 -7.95 -52.04 4.78
N THR F 84 -8.20 -50.92 4.10
CA THR F 84 -9.31 -50.07 4.50
C THR F 84 -10.61 -50.85 4.57
N ALA F 85 -10.81 -51.79 3.66
CA ALA F 85 -12.01 -52.60 3.70
C ALA F 85 -12.11 -53.34 5.03
N ILE F 86 -11.00 -53.89 5.50
CA ILE F 86 -11.03 -54.64 6.74
C ILE F 86 -11.31 -53.71 7.91
N ALA F 87 -10.69 -52.54 7.92
CA ALA F 87 -10.98 -51.61 8.99
C ALA F 87 -12.47 -51.28 9.03
N MET F 88 -13.04 -50.96 7.88
CA MET F 88 -14.47 -50.72 7.82
C MET F 88 -15.25 -51.92 8.33
N GLY F 89 -14.78 -53.12 8.02
CA GLY F 89 -15.47 -54.30 8.50
C GLY F 89 -15.48 -54.36 10.02
N MET F 90 -14.36 -54.03 10.63
CA MET F 90 -14.33 -53.96 12.09
C MET F 90 -15.33 -52.94 12.60
N ALA F 91 -15.31 -51.75 12.01
CA ALA F 91 -16.24 -50.71 12.43
C ALA F 91 -17.67 -51.22 12.39
N GLN F 92 -18.04 -51.86 11.28
CA GLN F 92 -19.35 -52.49 11.19
C GLN F 92 -19.57 -53.43 12.35
N ALA F 93 -18.73 -54.44 12.45
CA ALA F 93 -18.94 -55.52 13.39
C ALA F 93 -19.00 -55.06 14.83
N LEU F 94 -18.47 -53.89 15.16
CA LEU F 94 -18.63 -53.44 16.52
C LEU F 94 -20.08 -53.09 16.83
N GLY F 95 -20.65 -52.17 16.07
CA GLY F 95 -22.00 -51.73 16.30
C GLY F 95 -22.56 -51.05 15.08
N PRO F 96 -23.88 -51.11 14.92
CA PRO F 96 -24.49 -50.63 13.67
C PRO F 96 -24.34 -49.14 13.47
N ASP F 97 -23.85 -48.42 14.47
CA ASP F 97 -23.79 -46.98 14.44
C ASP F 97 -22.43 -46.43 14.84
N THR F 98 -21.44 -47.27 14.99
CA THR F 98 -20.15 -46.83 15.51
C THR F 98 -19.52 -45.83 14.55
N PRO F 99 -19.03 -44.69 15.05
CA PRO F 99 -18.36 -43.74 14.16
C PRO F 99 -17.06 -44.32 13.65
N PHE F 100 -16.75 -44.02 12.39
CA PHE F 100 -15.57 -44.57 11.74
C PHE F 100 -14.94 -43.47 10.90
N THR F 101 -13.78 -43.01 11.31
CA THR F 101 -13.11 -41.88 10.68
C THR F 101 -11.87 -42.38 9.97
N ALA F 102 -11.67 -41.95 8.73
CA ALA F 102 -10.60 -42.46 7.89
C ALA F 102 -9.89 -41.29 7.24
N ILE F 103 -8.83 -40.86 7.85
CA ILE F 103 -8.01 -39.79 7.30
C ILE F 103 -6.75 -40.39 6.72
N ALA F 104 -6.04 -39.61 5.93
CA ALA F 104 -4.78 -40.02 5.33
C ALA F 104 -3.65 -39.25 5.98
N GLY F 105 -2.61 -39.96 6.39
CA GLY F 105 -1.53 -39.42 7.19
C GLY F 105 -1.06 -38.04 6.79
N SER F 106 -1.06 -37.76 5.50
CA SER F 106 -0.65 -36.43 5.05
C SER F 106 -1.56 -35.34 5.54
N GLU F 107 -2.81 -35.65 5.85
CA GLU F 107 -3.80 -34.61 6.09
C GLU F 107 -3.55 -33.83 7.37
N ILE F 108 -2.60 -34.23 8.20
CA ILE F 108 -2.35 -33.41 9.37
C ILE F 108 -1.59 -32.15 9.01
N PHE F 109 -0.94 -32.13 7.85
CA PHE F 109 -0.15 -30.97 7.46
C PHE F 109 -1.08 -30.05 6.70
N SER F 110 -1.45 -28.96 7.32
CA SER F 110 -2.37 -28.03 6.68
C SER F 110 -1.98 -26.60 7.04
N LEU F 111 -2.85 -25.68 6.66
CA LEU F 111 -2.62 -24.26 6.83
C LEU F 111 -3.59 -23.64 7.81
N GLU F 112 -4.89 -23.84 7.60
CA GLU F 112 -5.89 -23.39 8.55
C GLU F 112 -5.68 -23.94 9.94
N MET F 113 -5.02 -25.10 10.07
CA MET F 113 -4.96 -25.80 11.34
C MET F 113 -3.53 -26.08 11.72
N SER F 114 -3.28 -26.12 13.03
CA SER F 114 -2.08 -26.75 13.51
C SER F 114 -2.23 -28.26 13.39
N LYS F 115 -1.10 -28.95 13.49
CA LYS F 115 -1.15 -30.40 13.52
C LYS F 115 -1.96 -30.90 14.71
N THR F 116 -1.65 -30.40 15.89
CA THR F 116 -2.44 -30.73 17.07
C THR F 116 -3.91 -30.49 16.81
N GLU F 117 -4.24 -29.40 16.15
CA GLU F 117 -5.63 -29.11 15.88
C GLU F 117 -6.27 -30.19 15.04
N ALA F 118 -5.61 -30.57 13.94
CA ALA F 118 -6.18 -31.58 13.07
C ALA F 118 -6.34 -32.89 13.80
N LEU F 119 -5.38 -33.22 14.66
CA LEU F 119 -5.50 -34.49 15.36
C LEU F 119 -6.61 -34.46 16.39
N THR F 120 -6.76 -33.34 17.08
CA THR F 120 -7.89 -33.19 17.97
C THR F 120 -9.20 -33.39 17.24
N GLN F 121 -9.35 -32.73 16.09
CA GLN F 121 -10.59 -32.91 15.34
C GLN F 121 -10.79 -34.35 14.93
N ALA F 122 -9.72 -35.01 14.50
CA ALA F 122 -9.86 -36.41 14.14
C ALA F 122 -10.40 -37.21 15.31
N PHE F 123 -9.65 -37.23 16.41
CA PHE F 123 -10.09 -37.93 17.60
C PHE F 123 -11.53 -37.62 17.92
N ARG F 124 -11.89 -36.35 17.92
CA ARG F 124 -13.25 -35.97 18.22
C ARG F 124 -14.22 -36.64 17.28
N ARG F 125 -13.97 -36.51 15.98
CA ARG F 125 -14.81 -37.19 14.99
C ARG F 125 -14.92 -38.67 15.26
N SER F 126 -13.99 -39.24 16.02
CA SER F 126 -14.03 -40.68 16.26
C SER F 126 -14.70 -41.03 17.59
N ILE F 127 -15.62 -40.22 18.07
CA ILE F 127 -16.35 -40.52 19.31
C ILE F 127 -17.81 -40.18 19.07
N GLY F 128 -18.67 -41.19 19.22
CA GLY F 128 -20.09 -40.98 19.02
C GLY F 128 -20.86 -40.88 20.32
N VAL F 129 -22.04 -40.25 20.22
CA VAL F 129 -22.94 -40.13 21.35
C VAL F 129 -24.36 -40.41 20.88
N ARG F 130 -25.16 -40.97 21.78
CA ARG F 130 -26.56 -41.26 21.51
C ARG F 130 -27.44 -40.35 22.37
N ILE F 131 -27.99 -39.32 21.75
CA ILE F 131 -28.95 -38.46 22.40
C ILE F 131 -30.31 -39.12 22.30
N LYS F 132 -31.00 -39.22 23.43
CA LYS F 132 -32.30 -39.86 23.48
C LYS F 132 -33.40 -38.81 23.49
N GLU F 133 -34.11 -38.70 22.38
CA GLU F 133 -35.23 -37.79 22.21
C GLU F 133 -36.50 -38.63 22.15
N GLU F 134 -37.64 -37.98 21.98
CA GLU F 134 -38.88 -38.73 21.90
C GLU F 134 -39.87 -38.02 20.99
N THR F 135 -40.64 -38.83 20.26
CA THR F 135 -41.61 -38.36 19.29
C THR F 135 -42.82 -39.28 19.33
N GLU F 136 -43.85 -38.90 18.57
CA GLU F 136 -45.10 -39.67 18.49
C GLU F 136 -45.69 -39.48 17.10
N ILE F 137 -45.70 -40.55 16.30
CA ILE F 137 -46.25 -40.51 14.95
C ILE F 137 -47.24 -41.66 14.82
N ILE F 138 -48.12 -41.55 13.82
CA ILE F 138 -49.13 -42.57 13.54
C ILE F 138 -48.87 -43.19 12.18
N GLU F 139 -49.12 -44.49 12.06
CA GLU F 139 -49.06 -45.22 10.80
C GLU F 139 -50.45 -45.74 10.46
N GLY F 140 -50.73 -45.85 9.17
CA GLY F 140 -52.01 -46.38 8.74
C GLY F 140 -52.34 -46.08 7.30
N GLU F 141 -53.31 -46.79 6.73
CA GLU F 141 -53.68 -46.58 5.34
C GLU F 141 -54.18 -45.16 5.15
N VAL F 142 -53.60 -44.45 4.18
CA VAL F 142 -53.90 -43.03 3.98
C VAL F 142 -54.45 -42.85 2.58
N VAL F 143 -55.65 -42.29 2.50
CA VAL F 143 -56.25 -41.88 1.23
C VAL F 143 -56.60 -40.41 1.36
N GLU F 144 -55.64 -39.55 1.01
CA GLU F 144 -55.79 -38.11 1.12
C GLU F 144 -55.91 -37.52 -0.28
N ILE F 145 -56.44 -36.30 -0.35
CA ILE F 145 -56.68 -35.60 -1.61
C ILE F 145 -55.94 -34.28 -1.56
N GLN F 146 -55.17 -33.99 -2.60
CA GLN F 146 -54.29 -32.81 -2.62
C GLN F 146 -55.08 -31.62 -3.13
N ILE F 147 -55.86 -30.98 -2.24
CA ILE F 147 -56.73 -29.87 -2.60
C ILE F 147 -56.32 -28.57 -1.91
N ASP F 148 -55.17 -28.54 -1.25
CA ASP F 148 -54.76 -27.33 -0.57
C ASP F 148 -53.70 -26.53 -1.32
N ARG F 149 -53.17 -27.07 -2.41
CA ARG F 149 -52.21 -26.34 -3.21
C ARG F 149 -52.89 -25.29 -4.09
N PRO F 150 -53.96 -25.61 -4.81
CA PRO F 150 -54.67 -24.56 -5.57
C PRO F 150 -55.41 -23.63 -4.64
N ALA F 151 -55.29 -22.33 -4.90
CA ALA F 151 -55.96 -21.32 -4.08
C ALA F 151 -56.05 -20.03 -4.87
N THR F 152 -56.91 -19.12 -4.39
CA THR F 152 -57.10 -17.83 -5.02
C THR F 152 -56.27 -16.72 -4.38
N GLY F 153 -55.98 -16.82 -3.09
CA GLY F 153 -55.17 -15.82 -2.43
C GLY F 153 -54.53 -16.36 -1.18
N THR F 154 -54.52 -15.56 -0.11
CA THR F 154 -54.00 -15.99 1.17
C THR F 154 -54.95 -17.00 1.80
N GLY F 155 -54.39 -17.91 2.58
CA GLY F 155 -55.19 -18.95 3.20
C GLY F 155 -54.38 -19.72 4.20
N SER F 156 -55.06 -20.63 4.90
CA SER F 156 -54.44 -21.47 5.91
C SER F 156 -54.10 -22.87 5.41
N LYS F 157 -54.77 -23.32 4.35
CA LYS F 157 -54.57 -24.61 3.69
C LYS F 157 -54.38 -25.74 4.72
N VAL F 158 -55.41 -25.90 5.54
CA VAL F 158 -55.39 -26.92 6.59
C VAL F 158 -55.39 -28.31 5.98
N GLY F 159 -56.49 -28.67 5.32
CA GLY F 159 -56.63 -29.99 4.73
C GLY F 159 -57.46 -30.92 5.61
N LYS F 160 -57.68 -32.12 5.07
CA LYS F 160 -58.45 -33.16 5.74
C LYS F 160 -57.92 -34.52 5.30
N LEU F 161 -57.93 -35.48 6.23
CA LEU F 161 -57.36 -36.78 5.92
C LEU F 161 -57.98 -37.84 6.83
N THR F 162 -58.08 -39.06 6.30
CA THR F 162 -58.64 -40.20 7.00
C THR F 162 -57.60 -41.31 7.12
N LEU F 163 -57.43 -41.80 8.36
CA LEU F 163 -56.60 -42.97 8.63
C LEU F 163 -57.49 -44.21 8.62
N LYS F 164 -57.18 -45.13 7.71
CA LYS F 164 -57.80 -46.46 7.69
C LYS F 164 -56.84 -47.40 8.41
N THR F 165 -57.20 -47.78 9.64
CA THR F 165 -56.31 -48.50 10.53
C THR F 165 -57.01 -49.72 11.10
N THR F 166 -56.22 -50.60 11.73
CA THR F 166 -56.82 -51.73 12.45
C THR F 166 -57.68 -51.27 13.61
N GLU F 167 -57.24 -50.23 14.33
CA GLU F 167 -57.98 -49.77 15.50
C GLU F 167 -59.33 -49.19 15.08
N MET F 168 -59.33 -48.14 14.27
CA MET F 168 -60.57 -47.53 13.80
C MET F 168 -60.26 -46.55 12.68
N GLU F 169 -61.25 -46.35 11.81
CA GLU F 169 -61.17 -45.33 10.78
C GLU F 169 -61.33 -43.97 11.43
N THR F 170 -60.36 -43.09 11.21
CA THR F 170 -60.33 -41.82 11.92
C THR F 170 -60.25 -40.67 10.93
N ILE F 171 -60.87 -39.55 11.30
CA ILE F 171 -60.90 -38.36 10.47
C ILE F 171 -60.17 -37.25 11.22
N TYR F 172 -59.42 -36.43 10.49
CA TYR F 172 -58.77 -35.30 11.15
C TYR F 172 -58.40 -34.26 10.11
N ASP F 173 -58.43 -33.00 10.52
CA ASP F 173 -57.98 -31.91 9.67
C ASP F 173 -56.46 -31.89 9.58
N LEU F 174 -55.95 -31.67 8.37
CA LEU F 174 -54.53 -31.81 8.12
C LEU F 174 -53.75 -30.61 8.66
N GLY F 175 -52.47 -30.56 8.31
CA GLY F 175 -51.61 -29.50 8.79
C GLY F 175 -51.67 -28.26 7.92
N THR F 176 -51.48 -27.10 8.54
CA THR F 176 -51.59 -25.83 7.82
C THR F 176 -50.44 -25.67 6.83
N LYS F 177 -49.21 -25.55 7.34
CA LYS F 177 -48.04 -25.44 6.49
C LYS F 177 -47.35 -26.78 6.26
N MET F 178 -47.86 -27.87 6.84
CA MET F 178 -47.33 -29.19 6.58
C MET F 178 -48.00 -29.84 5.37
N ILE F 179 -48.99 -29.18 4.77
CA ILE F 179 -49.71 -29.77 3.65
C ILE F 179 -48.83 -29.84 2.41
N GLU F 180 -47.84 -28.95 2.30
CA GLU F 180 -46.87 -29.07 1.20
C GLU F 180 -46.14 -30.39 1.28
N SER F 181 -45.66 -30.77 2.47
CA SER F 181 -44.96 -32.03 2.64
C SER F 181 -45.87 -33.20 2.30
N LEU F 182 -47.16 -33.10 2.63
CA LEU F 182 -48.09 -34.16 2.29
C LEU F 182 -48.40 -34.21 0.80
N THR F 183 -48.27 -33.07 0.10
CA THR F 183 -48.60 -33.04 -1.32
C THR F 183 -47.43 -33.42 -2.22
N LYS F 184 -46.20 -33.19 -1.77
CA LYS F 184 -45.06 -33.57 -2.60
C LYS F 184 -45.03 -35.06 -2.89
N ASP F 185 -45.60 -35.87 -2.01
CA ASP F 185 -45.70 -37.31 -2.22
C ASP F 185 -47.07 -37.66 -2.80
N LYS F 186 -47.11 -38.73 -3.59
CA LYS F 186 -48.34 -39.18 -4.22
C LYS F 186 -49.02 -40.22 -3.35
N VAL F 187 -50.31 -40.05 -3.10
CA VAL F 187 -51.06 -40.90 -2.19
C VAL F 187 -52.16 -41.62 -2.97
N GLN F 188 -52.32 -42.91 -2.71
CA GLN F 188 -53.29 -43.74 -3.40
C GLN F 188 -54.04 -44.64 -2.40
N ALA F 189 -54.78 -45.61 -2.93
CA ALA F 189 -55.56 -46.50 -2.08
C ALA F 189 -54.66 -47.49 -1.37
N GLY F 190 -54.76 -47.52 -0.05
CA GLY F 190 -53.86 -48.34 0.75
C GLY F 190 -52.48 -47.77 0.92
N ASP F 191 -52.24 -46.56 0.40
CA ASP F 191 -50.94 -45.92 0.51
C ASP F 191 -50.74 -45.40 1.93
N VAL F 192 -49.81 -46.01 2.65
CA VAL F 192 -49.59 -45.63 4.05
C VAL F 192 -48.49 -44.58 4.11
N ILE F 193 -48.76 -43.49 4.82
CA ILE F 193 -47.76 -42.45 5.08
C ILE F 193 -47.71 -42.24 6.60
N THR F 194 -46.54 -42.45 7.18
CA THR F 194 -46.37 -42.39 8.63
C THR F 194 -45.95 -40.98 9.07
N ILE F 195 -46.90 -40.06 8.92
CA ILE F 195 -46.77 -38.68 9.34
C ILE F 195 -47.97 -38.35 10.22
N ASP F 196 -49.13 -38.86 9.80
CA ASP F 196 -50.42 -38.32 10.15
C ASP F 196 -50.72 -38.49 11.64
N LYS F 197 -51.79 -37.83 12.08
CA LYS F 197 -52.41 -38.18 13.35
C LYS F 197 -53.23 -39.45 13.18
N ALA F 198 -53.83 -39.88 14.27
CA ALA F 198 -54.97 -40.79 14.16
C ALA F 198 -56.24 -40.18 14.74
N THR F 199 -56.25 -39.84 16.03
CA THR F 199 -57.50 -39.58 16.72
C THR F 199 -57.86 -38.11 16.84
N GLY F 200 -56.87 -37.22 16.84
CA GLY F 200 -57.14 -35.81 17.03
C GLY F 200 -57.19 -35.44 18.50
N LYS F 201 -57.65 -36.36 19.35
CA LYS F 201 -57.67 -36.09 20.79
C LYS F 201 -56.27 -36.22 21.38
N ILE F 202 -55.64 -37.39 21.24
CA ILE F 202 -54.28 -37.64 21.71
C ILE F 202 -53.51 -38.23 20.53
N SER F 203 -52.90 -37.36 19.73
CA SER F 203 -52.18 -37.72 18.51
C SER F 203 -51.60 -36.46 17.91
N LYS F 204 -50.51 -36.60 17.16
CA LYS F 204 -49.88 -35.46 16.52
C LYS F 204 -49.35 -35.86 15.15
N LEU F 205 -49.02 -34.85 14.34
CA LEU F 205 -48.40 -35.07 13.04
C LEU F 205 -46.92 -35.32 13.22
N GLY F 206 -46.58 -36.23 14.12
CA GLY F 206 -45.22 -36.41 14.52
C GLY F 206 -44.84 -35.35 15.53
N ARG F 207 -44.28 -35.76 16.67
CA ARG F 207 -43.76 -34.79 17.61
C ARG F 207 -42.44 -34.20 17.11
N SER F 208 -41.87 -34.78 16.06
CA SER F 208 -40.76 -34.22 15.33
C SER F 208 -41.11 -33.89 13.89
N PHE F 209 -42.40 -33.98 13.53
CA PHE F 209 -42.89 -33.70 12.17
C PHE F 209 -42.22 -34.62 11.15
N THR F 210 -42.36 -35.92 11.37
CA THR F 210 -41.80 -36.91 10.48
C THR F 210 -42.65 -37.07 9.24
N ARG F 211 -41.99 -37.23 8.09
CA ARG F 211 -42.65 -37.47 6.81
C ARG F 211 -42.20 -38.84 6.30
N ALA F 212 -42.88 -39.88 6.76
CA ALA F 212 -42.51 -41.26 6.46
C ALA F 212 -43.58 -41.92 5.60
N ARG F 213 -43.15 -42.62 4.56
CA ARG F 213 -44.04 -43.33 3.66
C ARG F 213 -43.93 -44.83 3.88
N ASP F 214 -44.96 -45.56 3.47
CA ASP F 214 -44.99 -47.01 3.57
C ASP F 214 -45.59 -47.59 2.29
N TYR F 215 -45.85 -48.89 2.32
CA TYR F 215 -46.33 -49.60 1.13
C TYR F 215 -47.85 -49.75 1.15
N ASP F 216 -48.37 -50.43 0.14
CA ASP F 216 -49.82 -50.52 -0.08
C ASP F 216 -50.48 -51.52 0.85
N ALA F 217 -50.09 -52.79 0.75
CA ALA F 217 -50.79 -53.87 1.44
C ALA F 217 -49.83 -55.01 1.74
N MET F 218 -49.93 -55.53 2.95
CA MET F 218 -49.16 -56.70 3.36
C MET F 218 -49.98 -57.96 3.16
N GLY F 219 -49.37 -58.99 2.57
CA GLY F 219 -50.06 -60.23 2.29
C GLY F 219 -49.65 -61.38 3.18
N SER F 220 -50.61 -61.95 3.90
CA SER F 220 -50.38 -63.10 4.77
C SER F 220 -50.69 -64.40 4.03
N GLN F 221 -49.87 -65.41 4.29
CA GLN F 221 -50.00 -66.67 3.57
C GLN F 221 -50.89 -67.68 4.28
N THR F 222 -51.10 -67.54 5.59
CA THR F 222 -51.93 -68.49 6.32
C THR F 222 -53.41 -68.17 6.19
N LYS F 223 -53.76 -66.88 6.16
CA LYS F 223 -55.14 -66.45 5.93
C LYS F 223 -55.09 -64.95 5.64
N PHE F 224 -55.90 -64.52 4.69
CA PHE F 224 -55.89 -63.12 4.29
C PHE F 224 -56.33 -62.23 5.45
N VAL F 225 -55.58 -61.16 5.66
CA VAL F 225 -55.84 -60.21 6.73
C VAL F 225 -56.31 -58.90 6.10
N GLN F 226 -57.22 -58.21 6.79
CA GLN F 226 -57.76 -56.96 6.29
C GLN F 226 -56.66 -55.93 6.02
N CYS F 227 -56.84 -55.18 4.94
CA CYS F 227 -55.81 -54.30 4.38
C CYS F 227 -55.46 -53.11 5.26
N PRO F 228 -56.44 -52.28 5.71
CA PRO F 228 -56.07 -51.10 6.50
C PRO F 228 -55.45 -51.46 7.85
N ASP F 229 -54.17 -51.10 8.02
CA ASP F 229 -53.44 -51.40 9.22
C ASP F 229 -53.18 -50.11 10.01
N GLY F 230 -52.78 -50.27 11.26
CA GLY F 230 -52.51 -49.12 12.11
C GLY F 230 -53.27 -49.13 13.43
N GLU F 231 -53.15 -48.06 14.21
CA GLU F 231 -53.69 -47.99 15.56
C GLU F 231 -54.07 -46.56 15.87
N LEU F 232 -54.40 -46.28 17.14
CA LEU F 232 -54.83 -44.95 17.53
C LEU F 232 -53.67 -44.03 17.93
N GLN F 233 -52.57 -44.59 18.42
CA GLN F 233 -51.41 -43.77 18.79
C GLN F 233 -50.19 -44.66 18.92
N LYS F 234 -49.05 -44.13 18.47
CA LYS F 234 -47.77 -44.81 18.60
C LYS F 234 -46.69 -43.81 19.00
N ARG F 235 -45.94 -44.14 20.04
CA ARG F 235 -44.86 -43.32 20.56
C ARG F 235 -43.52 -43.91 20.17
N LYS F 236 -42.46 -43.13 20.36
CA LYS F 236 -41.12 -43.53 19.92
C LYS F 236 -40.08 -42.80 20.75
N GLU F 237 -39.38 -43.52 21.61
CA GLU F 237 -38.19 -42.99 22.26
C GLU F 237 -37.04 -43.10 21.28
N VAL F 238 -36.85 -42.04 20.49
CA VAL F 238 -35.91 -42.04 19.37
C VAL F 238 -34.51 -41.71 19.89
N VAL F 239 -33.51 -42.03 19.08
CA VAL F 239 -32.13 -41.71 19.40
C VAL F 239 -31.46 -41.12 18.17
N HIS F 240 -30.82 -39.97 18.34
CA HIS F 240 -29.92 -39.44 17.34
C HIS F 240 -28.50 -39.73 17.80
N THR F 241 -27.77 -40.48 16.99
CA THR F 241 -26.38 -40.78 17.29
C THR F 241 -25.49 -39.96 16.38
N VAL F 242 -24.47 -39.35 16.96
CA VAL F 242 -23.80 -38.25 16.30
C VAL F 242 -22.40 -38.10 16.86
N SER F 243 -21.47 -37.66 16.02
CA SER F 243 -20.09 -37.51 16.43
C SER F 243 -19.93 -36.31 17.34
N LEU F 244 -19.00 -36.41 18.28
CA LEU F 244 -18.73 -35.29 19.18
C LEU F 244 -18.32 -34.06 18.39
N HIS F 245 -17.38 -34.23 17.46
CA HIS F 245 -16.95 -33.09 16.65
C HIS F 245 -18.10 -32.48 15.89
N GLU F 246 -19.10 -33.28 15.53
CA GLU F 246 -20.27 -32.72 14.87
C GLU F 246 -20.92 -31.65 15.73
N ILE F 247 -21.22 -32.00 16.99
CA ILE F 247 -21.71 -31.00 17.94
C ILE F 247 -20.78 -29.81 17.99
N ASP F 248 -19.47 -30.08 18.07
CA ASP F 248 -18.51 -28.99 18.14
C ASP F 248 -18.69 -28.03 16.97
N VAL F 249 -19.10 -28.55 15.82
CA VAL F 249 -19.32 -27.70 14.66
C VAL F 249 -20.66 -26.99 14.77
N ILE F 250 -21.67 -27.67 15.35
CA ILE F 250 -23.05 -27.19 15.25
C ILE F 250 -23.18 -25.78 15.80
N ASN F 251 -22.29 -25.41 16.70
CA ASN F 251 -22.29 -24.06 17.27
C ASN F 251 -21.09 -23.23 16.85
N SER F 252 -20.59 -23.41 15.63
CA SER F 252 -19.44 -22.64 15.18
C SER F 252 -19.85 -21.43 14.35
N ARG F 253 -20.58 -21.64 13.27
CA ARG F 253 -21.01 -20.55 12.41
C ARG F 253 -22.53 -20.54 12.23
N GLU F 267 -10.51 -23.87 11.93
CA GLU F 267 -10.19 -24.21 13.31
C GLU F 267 -11.44 -24.09 14.18
N ILE F 268 -11.26 -24.29 15.49
CA ILE F 268 -12.36 -24.23 16.44
C ILE F 268 -11.83 -23.67 17.75
N LYS F 269 -12.53 -22.67 18.29
CA LYS F 269 -12.12 -22.08 19.56
C LYS F 269 -12.11 -23.14 20.66
N SER F 270 -11.10 -23.06 21.53
CA SER F 270 -10.89 -24.10 22.52
C SER F 270 -12.04 -24.15 23.52
N GLU F 271 -12.68 -23.03 23.78
CA GLU F 271 -13.68 -22.97 24.85
C GLU F 271 -14.89 -23.81 24.50
N VAL F 272 -15.36 -23.70 23.27
CA VAL F 272 -16.53 -24.46 22.84
C VAL F 272 -16.34 -25.94 23.15
N ARG F 273 -15.15 -26.46 22.90
CA ARG F 273 -14.90 -27.87 23.12
C ARG F 273 -14.95 -28.22 24.60
N GLU F 274 -14.07 -27.61 25.40
CA GLU F 274 -13.99 -27.95 26.81
C GLU F 274 -15.32 -27.76 27.52
N GLN F 275 -16.12 -26.80 27.08
CA GLN F 275 -17.45 -26.64 27.65
C GLN F 275 -18.30 -27.88 27.37
N ILE F 276 -18.34 -28.32 26.12
CA ILE F 276 -19.05 -29.54 25.79
C ILE F 276 -18.46 -30.72 26.53
N ASN F 277 -17.14 -30.70 26.73
CA ASN F 277 -16.49 -31.74 27.54
C ASN F 277 -17.04 -31.78 28.95
N ALA F 278 -17.75 -30.76 29.39
CA ALA F 278 -18.40 -30.80 30.69
C ALA F 278 -19.87 -31.16 30.59
N LYS F 279 -20.59 -30.54 29.65
CA LYS F 279 -22.04 -30.72 29.59
C LYS F 279 -22.40 -32.18 29.33
N VAL F 280 -21.77 -32.79 28.33
CA VAL F 280 -22.19 -34.13 27.93
C VAL F 280 -21.85 -35.15 29.02
N ALA F 281 -20.81 -34.87 29.81
CA ALA F 281 -20.52 -35.74 30.95
C ALA F 281 -21.75 -35.86 31.83
N GLU F 282 -22.47 -34.77 32.01
CA GLU F 282 -23.73 -34.82 32.73
C GLU F 282 -24.77 -35.60 31.95
N TRP F 283 -24.77 -35.42 30.63
CA TRP F 283 -25.70 -36.17 29.80
C TRP F 283 -25.44 -37.65 29.92
N ARG F 284 -24.17 -38.04 29.87
CA ARG F 284 -23.80 -39.40 30.23
C ARG F 284 -24.15 -39.67 31.69
N GLU F 285 -23.98 -38.66 32.55
CA GLU F 285 -24.30 -38.87 33.95
C GLU F 285 -25.80 -39.00 34.16
N GLU F 286 -26.57 -38.07 33.61
CA GLU F 286 -28.02 -38.14 33.75
C GLU F 286 -28.58 -39.41 33.12
N GLY F 287 -27.87 -39.98 32.16
CA GLY F 287 -28.36 -41.12 31.43
C GLY F 287 -29.23 -40.79 30.24
N LYS F 288 -29.50 -39.50 30.00
CA LYS F 288 -30.26 -39.14 28.81
C LYS F 288 -29.48 -39.43 27.55
N ALA F 289 -28.31 -38.82 27.41
CA ALA F 289 -27.43 -39.06 26.29
C ALA F 289 -26.28 -39.95 26.74
N GLU F 290 -25.66 -40.64 25.79
CA GLU F 290 -24.61 -41.59 26.15
C GLU F 290 -23.53 -41.59 25.09
N ILE F 291 -22.31 -41.87 25.52
CA ILE F 291 -21.11 -41.69 24.70
C ILE F 291 -20.52 -43.05 24.34
N ILE F 292 -20.13 -43.21 23.07
CA ILE F 292 -19.57 -44.46 22.59
C ILE F 292 -18.25 -44.22 21.86
N PRO F 293 -17.20 -44.98 22.17
CA PRO F 293 -15.95 -44.86 21.40
C PRO F 293 -16.10 -45.47 20.03
N GLY F 294 -15.42 -44.88 19.06
CA GLY F 294 -15.49 -45.31 17.69
C GLY F 294 -14.17 -45.88 17.20
N VAL F 295 -13.94 -45.75 15.90
CA VAL F 295 -12.78 -46.31 15.24
C VAL F 295 -12.09 -45.20 14.47
N LEU F 296 -10.81 -44.99 14.76
CA LEU F 296 -10.02 -44.01 14.03
C LEU F 296 -9.03 -44.74 13.15
N PHE F 297 -9.10 -44.46 11.86
CA PHE F 297 -8.27 -45.15 10.87
C PHE F 297 -7.33 -44.15 10.21
N ILE F 298 -6.07 -44.50 10.12
CA ILE F 298 -5.07 -43.58 9.59
C ILE F 298 -4.21 -44.28 8.56
N ASP F 299 -4.33 -43.87 7.31
CA ASP F 299 -3.53 -44.49 6.27
C ASP F 299 -2.24 -43.73 6.05
N GLU F 300 -1.28 -44.39 5.43
CA GLU F 300 -0.01 -43.79 5.03
C GLU F 300 0.73 -43.22 6.23
N VAL F 301 0.70 -44.00 7.30
CA VAL F 301 1.15 -43.51 8.59
C VAL F 301 2.57 -42.99 8.56
N HIS F 302 3.42 -43.53 7.71
CA HIS F 302 4.81 -43.13 7.75
C HIS F 302 4.97 -41.67 7.37
N MET F 303 3.91 -41.04 6.88
CA MET F 303 3.95 -39.61 6.67
C MET F 303 4.08 -38.85 7.98
N LEU F 304 3.65 -39.44 9.09
CA LEU F 304 3.57 -38.72 10.34
C LEU F 304 4.91 -38.15 10.76
N ASP F 305 4.92 -36.85 11.00
CA ASP F 305 6.13 -36.20 11.45
C ASP F 305 6.50 -36.68 12.84
N ILE F 306 7.76 -36.58 13.19
CA ILE F 306 8.20 -37.22 14.41
C ILE F 306 8.84 -36.22 15.35
N GLU F 307 8.46 -34.96 15.23
CA GLU F 307 8.83 -33.93 16.20
C GLU F 307 7.94 -34.00 17.44
N SER F 308 7.18 -35.08 17.54
CA SER F 308 5.77 -34.82 17.67
C SER F 308 4.98 -35.75 18.60
N PHE F 309 5.62 -36.58 19.40
CA PHE F 309 4.97 -37.78 19.95
C PHE F 309 4.08 -37.53 21.14
N SER F 310 3.55 -36.34 21.34
CA SER F 310 2.80 -36.17 22.58
C SER F 310 1.30 -36.23 22.37
N PHE F 311 0.84 -36.89 21.31
CA PHE F 311 -0.59 -37.06 21.12
C PHE F 311 -0.99 -38.53 21.11
N LEU F 312 -0.56 -39.28 20.11
CA LEU F 312 -0.99 -40.66 20.02
C LEU F 312 -0.42 -41.47 21.15
N ASN F 313 0.78 -41.14 21.59
CA ASN F 313 1.26 -41.75 22.82
C ASN F 313 0.50 -41.20 24.02
N ARG F 314 -0.08 -40.02 23.87
CA ARG F 314 -0.72 -39.38 25.01
C ARG F 314 -2.22 -39.52 24.98
N ALA F 315 -2.84 -39.14 23.87
CA ALA F 315 -4.28 -39.26 23.73
C ALA F 315 -4.75 -40.69 23.70
N LEU F 316 -3.85 -41.65 23.67
CA LEU F 316 -4.23 -43.03 23.89
C LEU F 316 -4.22 -43.39 25.35
N GLU F 317 -3.46 -42.69 26.16
CA GLU F 317 -3.48 -42.92 27.59
C GLU F 317 -4.79 -42.48 28.21
N SER F 318 -5.61 -41.72 27.48
CA SER F 318 -6.87 -41.27 28.02
C SER F 318 -7.81 -42.45 28.25
N ASP F 319 -8.85 -42.19 29.01
CA ASP F 319 -9.79 -43.23 29.42
C ASP F 319 -10.62 -43.70 28.24
N MET F 320 -11.41 -42.79 27.67
CA MET F 320 -12.39 -43.13 26.67
C MET F 320 -11.85 -43.02 25.26
N ALA F 321 -10.55 -43.20 25.08
CA ALA F 321 -9.97 -43.05 23.76
C ALA F 321 -10.53 -44.10 22.81
N PRO F 322 -10.74 -43.77 21.54
CA PRO F 322 -11.25 -44.77 20.61
C PRO F 322 -10.13 -45.69 20.18
N VAL F 323 -10.53 -46.77 19.52
CA VAL F 323 -9.53 -47.73 19.06
C VAL F 323 -8.79 -47.10 17.88
N LEU F 324 -7.50 -47.32 17.82
CA LEU F 324 -6.66 -46.71 16.80
C LEU F 324 -6.20 -47.78 15.83
N ILE F 325 -6.26 -47.49 14.55
CA ILE F 325 -5.78 -48.39 13.51
C ILE F 325 -4.87 -47.60 12.58
N MET F 326 -3.76 -48.19 12.20
CA MET F 326 -2.87 -47.57 11.24
C MET F 326 -2.52 -48.59 10.17
N ALA F 327 -2.17 -48.10 8.99
CA ALA F 327 -1.83 -48.97 7.89
C ALA F 327 -0.64 -48.41 7.14
N THR F 328 0.04 -49.27 6.42
CA THR F 328 1.22 -48.86 5.67
C THR F 328 1.67 -49.92 4.68
N ASN F 329 2.55 -49.54 3.78
CA ASN F 329 3.13 -50.47 2.83
C ASN F 329 4.61 -50.23 2.62
N ARG F 330 5.36 -50.05 3.69
CA ARG F 330 6.79 -49.77 3.58
C ARG F 330 7.57 -50.65 4.54
N GLY F 331 8.80 -50.94 4.17
CA GLY F 331 9.67 -51.69 5.04
C GLY F 331 10.34 -50.79 6.05
N ILE F 332 11.65 -50.92 6.18
CA ILE F 332 12.39 -50.03 7.07
C ILE F 332 12.45 -48.67 6.42
N THR F 333 12.20 -47.62 7.20
CA THR F 333 12.17 -46.27 6.68
C THR F 333 12.68 -45.30 7.73
N ARG F 334 13.19 -44.16 7.27
CA ARG F 334 13.60 -43.12 8.19
C ARG F 334 12.40 -42.57 8.92
N ILE F 335 12.47 -42.53 10.24
CA ILE F 335 11.41 -41.94 11.03
C ILE F 335 11.38 -40.46 10.68
N ARG F 336 10.27 -40.01 10.13
CA ARG F 336 10.26 -38.76 9.38
C ARG F 336 10.45 -37.58 10.33
N GLY F 337 11.69 -37.17 10.51
CA GLY F 337 11.98 -36.04 11.37
C GLY F 337 13.23 -36.28 12.18
N THR F 338 13.85 -37.44 12.01
CA THR F 338 15.16 -37.66 12.58
C THR F 338 16.08 -38.29 11.55
N SER F 339 17.23 -38.78 12.01
CA SER F 339 18.22 -39.40 11.16
C SER F 339 18.23 -40.92 11.29
N TYR F 340 17.15 -41.52 11.76
CA TYR F 340 17.16 -42.93 12.09
C TYR F 340 16.19 -43.72 11.22
N GLN F 341 16.68 -44.84 10.69
CA GLN F 341 15.83 -45.81 10.03
C GLN F 341 15.01 -46.52 11.09
N SER F 342 13.96 -47.21 10.66
CA SER F 342 13.12 -48.00 11.55
C SER F 342 12.08 -48.71 10.71
N PRO F 343 11.56 -49.84 11.19
CA PRO F 343 10.47 -50.50 10.46
C PRO F 343 9.26 -49.60 10.37
N HIS F 344 8.79 -49.37 9.15
CA HIS F 344 7.63 -48.56 8.85
C HIS F 344 7.74 -47.15 9.41
N GLY F 345 8.95 -46.68 9.70
CA GLY F 345 9.10 -45.32 10.16
C GLY F 345 8.35 -45.01 11.42
N ILE F 346 8.13 -46.00 12.27
CA ILE F 346 7.39 -45.84 13.51
C ILE F 346 8.37 -46.00 14.66
N PRO F 347 8.38 -45.11 15.63
CA PRO F 347 9.39 -45.18 16.68
C PRO F 347 9.21 -46.42 17.52
N ILE F 348 10.34 -46.95 17.98
CA ILE F 348 10.35 -48.26 18.64
C ILE F 348 9.38 -48.28 19.82
N ASP F 349 9.41 -47.24 20.65
CA ASP F 349 8.58 -47.22 21.84
C ASP F 349 7.12 -47.48 21.51
N LEU F 350 6.67 -46.96 20.38
CA LEU F 350 5.29 -47.21 19.99
C LEU F 350 5.16 -48.58 19.34
N LEU F 351 6.23 -49.08 18.74
CA LEU F 351 6.12 -50.33 18.01
C LEU F 351 5.73 -51.47 18.92
N ASP F 352 6.60 -51.81 19.85
CA ASP F 352 6.44 -53.00 20.68
C ASP F 352 5.04 -53.18 21.26
N ARG F 353 4.29 -52.10 21.42
CA ARG F 353 2.93 -52.19 21.95
C ARG F 353 1.90 -52.24 20.83
N LEU F 354 2.26 -52.73 19.66
CA LEU F 354 1.32 -52.80 18.57
C LEU F 354 0.93 -54.25 18.29
N LEU F 355 -0.16 -54.41 17.56
CA LEU F 355 -0.62 -55.71 17.11
C LEU F 355 -0.61 -55.65 15.60
N ILE F 356 0.23 -56.45 14.98
CA ILE F 356 0.49 -56.29 13.56
C ILE F 356 -0.14 -57.40 12.76
N VAL F 357 -1.16 -57.05 11.96
CA VAL F 357 -1.70 -58.00 11.02
C VAL F 357 -1.02 -57.78 9.67
N SER F 358 -1.12 -58.79 8.82
CA SER F 358 -0.62 -58.68 7.45
C SER F 358 -1.76 -58.91 6.48
N THR F 359 -1.42 -58.83 5.20
CA THR F 359 -2.34 -59.13 4.13
C THR F 359 -1.57 -59.51 2.88
N THR F 360 -2.15 -60.29 2.09
CA THR F 360 -1.43 -60.73 0.92
C THR F 360 -2.10 -60.23 -0.34
N PRO F 361 -1.40 -60.19 -1.46
CA PRO F 361 -2.06 -59.83 -2.71
C PRO F 361 -3.16 -60.82 -3.02
N TYR F 362 -4.29 -60.29 -3.48
CA TYR F 362 -5.44 -61.13 -3.76
C TYR F 362 -5.11 -62.16 -4.83
N SER F 363 -5.89 -63.23 -4.86
CA SER F 363 -5.74 -64.22 -5.91
C SER F 363 -6.49 -63.76 -7.16
N GLU F 364 -6.66 -64.70 -8.08
CA GLU F 364 -7.43 -64.42 -9.27
C GLU F 364 -8.91 -64.32 -8.95
N LYS F 365 -9.51 -65.43 -8.51
CA LYS F 365 -10.96 -65.50 -8.35
C LYS F 365 -11.47 -64.37 -7.48
N ASP F 366 -10.70 -63.99 -6.47
CA ASP F 366 -11.10 -62.92 -5.58
C ASP F 366 -11.53 -61.70 -6.37
N THR F 367 -10.64 -61.22 -7.24
CA THR F 367 -10.97 -60.14 -8.13
C THR F 367 -12.29 -60.42 -8.84
N LYS F 368 -12.35 -61.53 -9.56
CA LYS F 368 -13.55 -61.89 -10.29
C LYS F 368 -14.78 -61.78 -9.39
N GLN F 369 -14.67 -62.26 -8.16
CA GLN F 369 -15.76 -62.05 -7.22
C GLN F 369 -15.92 -60.59 -6.90
N ILE F 370 -14.85 -59.95 -6.43
CA ILE F 370 -14.95 -58.58 -5.95
C ILE F 370 -15.56 -57.69 -7.00
N LEU F 371 -15.00 -57.70 -8.20
CA LEU F 371 -15.57 -56.91 -9.27
C LEU F 371 -17.04 -57.25 -9.44
N ARG F 372 -17.36 -58.54 -9.47
CA ARG F 372 -18.74 -58.95 -9.65
C ARG F 372 -19.65 -58.29 -8.65
N ILE F 373 -19.12 -57.92 -7.49
CA ILE F 373 -19.91 -57.18 -6.53
C ILE F 373 -20.09 -55.74 -6.99
N ARG F 374 -18.99 -55.01 -7.11
CA ARG F 374 -19.08 -53.58 -7.29
C ARG F 374 -19.90 -53.20 -8.51
N CYS F 375 -19.65 -53.89 -9.63
CA CYS F 375 -20.46 -53.62 -10.81
C CYS F 375 -21.93 -53.81 -10.49
N GLU F 376 -22.28 -54.99 -9.99
CA GLU F 376 -23.62 -55.20 -9.47
C GLU F 376 -23.98 -54.14 -8.44
N GLU F 377 -23.02 -53.81 -7.57
CA GLU F 377 -23.30 -52.81 -6.56
C GLU F 377 -23.70 -51.49 -7.19
N GLU F 378 -23.28 -51.25 -8.42
CA GLU F 378 -23.67 -50.06 -9.17
C GLU F 378 -24.43 -50.42 -10.43
N ASP F 379 -25.29 -51.42 -10.34
CA ASP F 379 -26.30 -51.75 -11.34
C ASP F 379 -25.73 -52.04 -12.72
N VAL F 380 -24.42 -52.13 -12.84
CA VAL F 380 -23.80 -52.41 -14.13
C VAL F 380 -23.68 -53.91 -14.31
N GLU F 381 -24.04 -54.40 -15.49
CA GLU F 381 -24.00 -55.82 -15.80
C GLU F 381 -23.13 -56.03 -17.02
N MET F 382 -22.36 -57.13 -17.00
CA MET F 382 -21.35 -57.35 -18.02
C MET F 382 -21.28 -58.83 -18.33
N SER F 383 -21.11 -59.16 -19.60
CA SER F 383 -20.88 -60.53 -19.98
C SER F 383 -19.57 -61.02 -19.37
N GLU F 384 -19.51 -62.31 -19.08
CA GLU F 384 -18.43 -62.83 -18.26
C GLU F 384 -17.08 -62.58 -18.90
N ASP F 385 -16.97 -62.84 -20.21
CA ASP F 385 -15.75 -62.52 -20.93
C ASP F 385 -15.25 -61.13 -20.58
N ALA F 386 -16.16 -60.16 -20.57
CA ALA F 386 -15.80 -58.82 -20.12
C ALA F 386 -15.19 -58.89 -18.73
N TYR F 387 -15.90 -59.53 -17.80
CA TYR F 387 -15.34 -59.72 -16.46
C TYR F 387 -13.94 -60.29 -16.56
N THR F 388 -13.77 -61.35 -17.34
CA THR F 388 -12.46 -61.99 -17.47
C THR F 388 -11.41 -60.97 -17.88
N VAL F 389 -11.57 -60.42 -19.09
CA VAL F 389 -10.57 -59.48 -19.58
C VAL F 389 -10.42 -58.32 -18.61
N LEU F 390 -11.52 -57.91 -17.98
CA LEU F 390 -11.40 -56.88 -16.96
C LEU F 390 -10.50 -57.34 -15.84
N THR F 391 -10.76 -58.52 -15.30
CA THR F 391 -9.95 -59.03 -14.21
C THR F 391 -8.48 -59.07 -14.58
N ARG F 392 -8.18 -59.27 -15.85
CA ARG F 392 -6.81 -59.22 -16.28
C ARG F 392 -6.16 -57.94 -15.81
N ILE F 393 -6.67 -56.79 -16.27
CA ILE F 393 -6.10 -55.51 -15.89
C ILE F 393 -5.92 -55.43 -14.40
N GLY F 394 -6.87 -55.95 -13.64
CA GLY F 394 -6.76 -55.89 -12.20
C GLY F 394 -5.47 -56.47 -11.68
N LEU F 395 -5.04 -57.59 -12.27
CA LEU F 395 -3.86 -58.26 -11.75
C LEU F 395 -2.60 -57.43 -11.97
N GLU F 396 -2.32 -57.07 -13.22
CA GLU F 396 -1.08 -56.35 -13.49
C GLU F 396 -1.11 -54.96 -12.88
N THR F 397 -2.16 -54.19 -13.16
CA THR F 397 -2.13 -52.77 -12.83
C THR F 397 -2.38 -52.54 -11.34
N SER F 398 -3.59 -52.82 -10.89
CA SER F 398 -4.00 -52.55 -9.54
C SER F 398 -5.44 -53.00 -9.42
N LEU F 399 -5.99 -52.90 -8.22
CA LEU F 399 -7.41 -53.11 -8.08
C LEU F 399 -8.17 -51.82 -8.30
N ARG F 400 -7.76 -50.76 -7.62
CA ARG F 400 -8.49 -49.51 -7.69
C ARG F 400 -8.68 -49.06 -9.12
N TYR F 401 -7.58 -48.95 -9.86
CA TYR F 401 -7.68 -48.59 -11.26
C TYR F 401 -8.68 -49.47 -11.97
N ALA F 402 -8.59 -50.78 -11.76
CA ALA F 402 -9.55 -51.69 -12.37
C ALA F 402 -10.97 -51.26 -12.07
N ILE F 403 -11.21 -50.88 -10.83
CA ILE F 403 -12.58 -50.57 -10.42
C ILE F 403 -13.11 -49.37 -11.18
N GLN F 404 -12.40 -48.24 -11.09
CA GLN F 404 -12.96 -47.02 -11.64
C GLN F 404 -13.16 -47.12 -13.14
N LEU F 405 -12.54 -48.10 -13.78
CA LEU F 405 -12.84 -48.37 -15.17
C LEU F 405 -14.33 -48.61 -15.38
N ILE F 406 -14.98 -49.17 -14.37
CA ILE F 406 -16.38 -49.59 -14.52
C ILE F 406 -17.23 -48.44 -15.00
N THR F 407 -17.32 -47.39 -14.17
CA THR F 407 -18.28 -46.32 -14.39
C THR F 407 -18.18 -45.79 -15.81
N ALA F 408 -16.96 -45.46 -16.23
CA ALA F 408 -16.76 -45.03 -17.61
C ALA F 408 -17.29 -46.07 -18.58
N ALA F 409 -16.83 -47.31 -18.44
CA ALA F 409 -17.28 -48.37 -19.33
C ALA F 409 -18.79 -48.40 -19.40
N SER F 410 -19.44 -48.31 -18.24
CA SER F 410 -20.89 -48.26 -18.22
C SER F 410 -21.40 -47.16 -19.15
N LEU F 411 -20.82 -45.98 -19.05
CA LEU F 411 -21.33 -44.84 -19.78
C LEU F 411 -21.19 -45.04 -21.28
N VAL F 412 -20.00 -45.43 -21.72
CA VAL F 412 -19.75 -45.57 -23.15
C VAL F 412 -20.76 -46.53 -23.77
N CYS F 413 -20.94 -47.69 -23.13
CA CYS F 413 -21.96 -48.62 -23.58
C CYS F 413 -23.31 -47.93 -23.63
N ARG F 414 -23.67 -47.24 -22.55
CA ARG F 414 -24.93 -46.51 -22.55
C ARG F 414 -24.91 -45.39 -23.56
N LYS F 415 -23.73 -44.85 -23.87
CA LYS F 415 -23.64 -43.85 -24.92
C LYS F 415 -24.07 -44.45 -26.25
N ARG F 416 -23.42 -45.51 -26.66
CA ARG F 416 -23.98 -46.20 -27.81
C ARG F 416 -25.14 -47.10 -27.43
N LYS F 417 -25.69 -46.85 -26.24
CA LYS F 417 -26.90 -47.51 -25.73
C LYS F 417 -26.89 -49.01 -25.96
N GLY F 418 -25.81 -49.68 -25.54
CA GLY F 418 -25.76 -51.14 -25.61
C GLY F 418 -26.41 -51.83 -24.44
N THR F 419 -26.57 -51.13 -23.32
CA THR F 419 -27.26 -51.65 -22.14
C THR F 419 -26.62 -52.92 -21.59
N GLU F 420 -25.46 -53.30 -22.13
CA GLU F 420 -24.77 -54.49 -21.68
C GLU F 420 -23.33 -54.37 -22.15
N VAL F 421 -22.40 -54.22 -21.21
CA VAL F 421 -21.04 -53.86 -21.57
C VAL F 421 -20.36 -55.03 -22.25
N GLN F 422 -19.58 -54.74 -23.27
CA GLN F 422 -18.76 -55.74 -23.94
C GLN F 422 -17.30 -55.34 -23.92
N VAL F 423 -16.45 -56.33 -24.17
CA VAL F 423 -15.01 -56.16 -24.03
C VAL F 423 -14.52 -54.97 -24.84
N ASP F 424 -14.99 -54.85 -26.08
CA ASP F 424 -14.58 -53.75 -26.95
C ASP F 424 -14.68 -52.42 -26.24
N ASP F 425 -15.78 -52.19 -25.52
CA ASP F 425 -15.88 -51.01 -24.69
C ASP F 425 -14.69 -50.92 -23.77
N ILE F 426 -14.52 -51.94 -22.93
CA ILE F 426 -13.37 -51.99 -22.02
C ILE F 426 -12.08 -51.85 -22.82
N LYS F 427 -11.96 -52.64 -23.88
CA LYS F 427 -10.85 -52.47 -24.81
C LYS F 427 -10.65 -51.00 -25.10
N ARG F 428 -11.70 -50.33 -25.56
CA ARG F 428 -11.58 -48.91 -25.85
C ARG F 428 -11.22 -48.14 -24.59
N VAL F 429 -12.11 -48.15 -23.61
CA VAL F 429 -11.95 -47.23 -22.48
C VAL F 429 -10.58 -47.43 -21.83
N TYR F 430 -10.09 -48.66 -21.81
CA TYR F 430 -8.76 -48.90 -21.28
C TYR F 430 -7.73 -48.09 -22.05
N SER F 431 -7.86 -48.06 -23.37
CA SER F 431 -6.93 -47.31 -24.18
C SER F 431 -6.93 -45.85 -23.79
N LEU F 432 -8.07 -45.34 -23.34
CA LEU F 432 -8.16 -43.93 -23.03
C LEU F 432 -7.46 -43.61 -21.72
N PHE F 433 -7.94 -44.19 -20.63
CA PHE F 433 -7.59 -43.75 -19.30
C PHE F 433 -6.45 -44.60 -18.78
N LEU F 434 -5.29 -43.99 -18.59
CA LEU F 434 -4.12 -44.75 -18.21
C LEU F 434 -4.14 -45.11 -16.74
N ASP F 435 -3.35 -46.11 -16.39
CA ASP F 435 -2.92 -46.32 -15.02
C ASP F 435 -1.67 -45.49 -14.82
N GLU F 436 -1.18 -45.40 -13.58
CA GLU F 436 0.00 -44.59 -13.34
C GLU F 436 1.23 -45.19 -14.02
N SER F 437 1.35 -46.51 -14.00
CA SER F 437 2.58 -47.15 -14.43
C SER F 437 2.88 -46.78 -15.87
N ARG F 438 1.95 -47.05 -16.78
CA ARG F 438 2.13 -46.65 -18.16
C ARG F 438 2.46 -45.18 -18.26
N SER F 439 1.74 -44.35 -17.50
CA SER F 439 2.00 -42.92 -17.52
C SER F 439 3.42 -42.62 -17.08
N THR F 440 3.72 -42.92 -15.82
CA THR F 440 5.03 -42.60 -15.26
C THR F 440 6.14 -43.09 -16.17
N GLN F 441 5.98 -44.28 -16.70
CA GLN F 441 6.97 -44.81 -17.62
C GLN F 441 7.08 -43.96 -18.88
N TYR F 442 5.93 -43.54 -19.43
CA TYR F 442 5.95 -42.75 -20.65
C TYR F 442 6.82 -41.51 -20.50
N MET F 443 6.55 -40.71 -19.48
CA MET F 443 7.29 -39.46 -19.32
C MET F 443 8.78 -39.70 -19.27
N LYS F 444 9.20 -40.83 -18.69
CA LYS F 444 10.61 -41.18 -18.70
C LYS F 444 11.17 -41.20 -20.10
N GLU F 445 10.49 -41.92 -21.00
CA GLU F 445 10.95 -41.99 -22.39
C GLU F 445 11.21 -40.61 -22.94
N TYR F 446 10.24 -39.72 -22.81
CA TYR F 446 10.44 -38.34 -23.24
C TYR F 446 11.57 -37.70 -22.46
N GLN F 447 11.61 -37.92 -21.15
CA GLN F 447 12.75 -37.47 -20.37
C GLN F 447 14.04 -38.06 -20.92
N ASP F 448 14.09 -39.38 -21.05
CA ASP F 448 15.22 -40.03 -21.70
C ASP F 448 15.49 -39.45 -23.07
N ALA F 449 14.46 -38.98 -23.77
CA ALA F 449 14.66 -38.43 -25.10
C ALA F 449 15.41 -37.10 -25.06
N PHE F 450 14.93 -36.15 -24.26
CA PHE F 450 15.53 -34.82 -24.27
C PHE F 450 16.91 -34.81 -23.63
N LEU F 451 17.12 -35.55 -22.55
CA LEU F 451 18.46 -35.63 -21.97
C LEU F 451 19.43 -36.33 -22.90
N PHE F 452 18.94 -37.15 -23.82
CA PHE F 452 19.81 -37.79 -24.80
C PHE F 452 20.48 -36.73 -25.67
N ASN F 453 21.80 -36.82 -25.76
CA ASN F 453 22.57 -35.85 -26.53
C ASN F 453 23.42 -36.54 -27.60
N UNK G 1090 -80.80 -31.04 -12.44
CA UNK G 1090 -80.55 -29.60 -12.19
C UNK G 1090 -81.09 -28.78 -13.37
N UNK G 1091 -80.62 -29.08 -14.59
CA UNK G 1091 -81.06 -28.35 -15.80
C UNK G 1091 -82.59 -28.37 -15.88
N UNK G 1092 -83.19 -29.57 -15.82
CA UNK G 1092 -84.66 -29.72 -15.88
C UNK G 1092 -85.32 -28.81 -14.84
N UNK G 1093 -84.87 -28.91 -13.59
CA UNK G 1093 -85.42 -28.09 -12.49
C UNK G 1093 -85.23 -26.61 -12.81
N UNK G 1094 -84.04 -26.23 -13.27
CA UNK G 1094 -83.73 -24.82 -13.64
C UNK G 1094 -84.69 -24.36 -14.73
N UNK G 1095 -84.89 -25.19 -15.76
CA UNK G 1095 -85.80 -24.86 -16.88
C UNK G 1095 -87.20 -24.56 -16.33
N UNK G 1096 -87.69 -25.41 -15.42
CA UNK G 1096 -89.03 -25.23 -14.81
C UNK G 1096 -89.08 -23.90 -14.05
N UNK G 1097 -88.01 -23.60 -13.30
CA UNK G 1097 -87.93 -22.35 -12.53
C UNK G 1097 -88.02 -21.14 -13.48
N UNK G 1098 -87.23 -21.16 -14.56
CA UNK G 1098 -87.24 -20.06 -15.55
C UNK G 1098 -88.65 -19.91 -16.13
N UNK G 1099 -89.30 -21.04 -16.45
CA UNK G 1099 -90.66 -21.01 -17.01
C UNK G 1099 -91.61 -20.30 -16.04
N UNK G 1100 -91.50 -20.69 -14.79
CA UNK G 1100 -92.31 -20.14 -13.69
C UNK G 1100 -92.12 -18.62 -13.62
N UNK G 1101 -90.86 -18.24 -13.66
CA UNK G 1101 -90.46 -16.83 -13.61
C UNK G 1101 -91.11 -16.05 -14.75
N UNK G 1102 -91.02 -16.63 -15.92
CA UNK G 1102 -91.59 -16.06 -17.15
C UNK G 1102 -93.08 -15.82 -16.98
N UNK G 1103 -93.73 -16.85 -16.46
CA UNK G 1103 -95.18 -16.84 -16.22
C UNK G 1103 -95.54 -15.69 -15.29
N UNK G 1104 -94.79 -15.54 -14.21
CA UNK G 1104 -95.02 -14.48 -13.23
C UNK G 1104 -94.64 -13.12 -13.80
N UNK G 1105 -93.89 -13.12 -14.89
CA UNK G 1105 -93.46 -11.88 -15.53
C UNK G 1105 -94.61 -11.20 -16.26
N UNK G 1106 -95.47 -12.00 -16.88
CA UNK G 1106 -96.62 -11.47 -17.61
C UNK G 1106 -97.90 -11.58 -16.80
N UNK G 1107 -97.75 -11.77 -15.49
CA UNK G 1107 -98.91 -11.87 -14.60
C UNK G 1107 -98.77 -10.94 -13.40
N UNK G 1108 -97.71 -10.13 -13.41
CA UNK G 1108 -97.47 -9.18 -12.33
C UNK G 1108 -97.75 -7.76 -12.77
N UNK G 1109 -98.97 -7.52 -13.24
CA UNK G 1109 -99.37 -6.19 -13.69
C UNK G 1109 -100.22 -5.48 -12.64
N UNK G 1110 -100.26 -6.04 -11.44
CA UNK G 1110 -101.03 -5.46 -10.34
C UNK G 1110 -100.14 -5.20 -9.13
N UNK G 1111 -100.18 -6.12 -8.17
CA UNK G 1111 -99.33 -6.03 -6.99
C UNK G 1111 -99.95 -5.16 -5.91
N UNK G 1112 -101.07 -5.63 -5.35
CA UNK G 1112 -101.77 -4.91 -4.31
C UNK G 1112 -101.43 -5.48 -2.93
N UNK G 1113 -102.33 -6.29 -2.40
CA UNK G 1113 -102.12 -6.92 -1.09
C UNK G 1113 -101.48 -8.29 -1.24
N UNK G 1114 -100.22 -8.30 -1.68
CA UNK G 1114 -99.48 -9.55 -1.87
C UNK G 1114 -98.33 -9.66 -0.88
N UNK G 1115 -98.47 -9.04 0.27
CA UNK G 1115 -97.44 -9.08 1.31
C UNK G 1115 -97.08 -10.51 1.65
N UNK G 1116 -98.08 -11.39 1.63
CA UNK G 1116 -97.87 -12.80 1.94
C UNK G 1116 -96.91 -13.45 0.96
N UNK G 1117 -97.22 -13.28 -0.32
CA UNK G 1117 -96.43 -13.81 -1.42
C UNK G 1117 -95.00 -13.41 -1.23
N UNK G 1118 -94.81 -12.09 -1.10
CA UNK G 1118 -93.53 -11.48 -0.88
C UNK G 1118 -92.77 -12.19 0.23
N UNK G 1119 -93.33 -12.24 1.43
CA UNK G 1119 -92.66 -12.90 2.56
C UNK G 1119 -92.25 -14.35 2.30
N UNK G 1120 -93.18 -15.13 1.76
CA UNK G 1120 -92.92 -16.54 1.49
C UNK G 1120 -91.70 -16.65 0.60
N UNK G 1121 -91.81 -15.92 -0.51
CA UNK G 1121 -90.80 -15.81 -1.54
C UNK G 1121 -89.48 -15.50 -0.86
N UNK G 1122 -89.45 -14.43 -0.08
CA UNK G 1122 -88.29 -13.99 0.67
C UNK G 1122 -87.59 -15.11 1.42
N UNK G 1123 -88.28 -15.77 2.37
CA UNK G 1123 -87.58 -16.82 3.13
C UNK G 1123 -87.02 -17.93 2.23
N UNK G 1124 -87.89 -18.35 1.31
CA UNK G 1124 -87.56 -19.38 0.35
C UNK G 1124 -86.28 -19.03 -0.37
N UNK G 1125 -86.23 -17.82 -0.91
CA UNK G 1125 -85.13 -17.27 -1.70
C UNK G 1125 -83.89 -16.93 -0.91
N UNK G 1126 -83.99 -16.73 0.39
CA UNK G 1126 -82.81 -16.49 1.22
C UNK G 1126 -82.11 -17.83 1.10
N UNK G 1127 -82.88 -18.87 1.44
CA UNK G 1127 -82.33 -20.21 1.28
C UNK G 1127 -81.85 -20.49 -0.17
N UNK G 1128 -82.66 -20.07 -1.14
CA UNK G 1128 -82.38 -20.27 -2.54
C UNK G 1128 -81.11 -19.62 -2.99
N UNK G 1129 -80.80 -18.45 -2.49
CA UNK G 1129 -79.63 -17.66 -2.84
C UNK G 1129 -78.44 -18.40 -2.33
N UNK G 1130 -78.60 -18.87 -1.09
CA UNK G 1130 -77.54 -19.67 -0.50
C UNK G 1130 -77.26 -20.84 -1.45
N UNK G 1131 -78.29 -21.59 -1.82
CA UNK G 1131 -78.13 -22.73 -2.72
C UNK G 1131 -77.52 -22.33 -4.06
N UNK G 1132 -77.98 -21.19 -4.58
CA UNK G 1132 -77.61 -20.58 -5.84
C UNK G 1132 -76.13 -20.40 -5.94
N UNK G 1133 -75.49 -19.94 -4.86
CA UNK G 1133 -74.06 -19.88 -4.95
C UNK G 1133 -73.60 -21.34 -5.12
N UNK G 1134 -73.41 -21.81 -6.36
CA UNK G 1134 -72.97 -23.18 -6.63
C UNK G 1134 -72.21 -23.49 -7.93
N UNK G 1135 -72.93 -23.69 -9.03
CA UNK G 1135 -72.31 -24.02 -10.32
C UNK G 1135 -73.19 -23.69 -11.53
N UNK G 1136 -73.93 -24.65 -12.06
CA UNK G 1136 -74.99 -24.34 -13.08
C UNK G 1136 -74.79 -23.42 -14.31
N UNK G 1137 -74.13 -24.12 -15.27
CA UNK G 1137 -73.68 -23.74 -16.63
C UNK G 1137 -73.79 -22.29 -16.72
N UNK G 1138 -72.83 -21.59 -16.09
CA UNK G 1138 -72.80 -20.16 -15.89
C UNK G 1138 -74.13 -19.43 -15.61
N UNK G 1139 -74.80 -19.27 -16.72
CA UNK G 1139 -75.97 -18.47 -17.03
C UNK G 1139 -77.27 -19.18 -16.99
N UNK G 1140 -77.16 -20.48 -16.75
CA UNK G 1140 -78.30 -21.31 -16.48
C UNK G 1140 -78.43 -20.76 -15.08
N UNK G 1141 -77.32 -20.88 -14.30
CA UNK G 1141 -77.51 -20.24 -12.97
C UNK G 1141 -77.78 -18.72 -13.02
N UNK G 1142 -77.19 -17.99 -13.98
CA UNK G 1142 -77.41 -16.56 -13.98
C UNK G 1142 -78.85 -16.22 -14.23
N UNK G 1143 -79.50 -16.94 -15.14
CA UNK G 1143 -80.87 -16.68 -15.48
C UNK G 1143 -81.71 -16.89 -14.26
N UNK G 1144 -81.48 -18.04 -13.61
CA UNK G 1144 -82.24 -18.34 -12.41
C UNK G 1144 -82.12 -17.20 -11.39
N UNK G 1145 -80.87 -16.88 -11.11
CA UNK G 1145 -80.55 -15.86 -10.16
C UNK G 1145 -81.20 -14.53 -10.50
N UNK G 1146 -81.09 -14.15 -11.76
CA UNK G 1146 -81.61 -12.93 -12.31
C UNK G 1146 -83.05 -12.80 -11.93
N UNK G 1147 -83.81 -13.81 -12.37
CA UNK G 1147 -85.25 -13.89 -12.11
C UNK G 1147 -85.50 -13.64 -10.64
N UNK G 1148 -84.88 -14.48 -9.84
CA UNK G 1148 -84.97 -14.39 -8.39
C UNK G 1148 -84.77 -12.97 -7.84
N UNK G 1149 -83.61 -12.39 -8.09
CA UNK G 1149 -83.25 -11.07 -7.59
C UNK G 1149 -84.28 -10.03 -7.94
N UNK G 1150 -84.24 -9.79 -9.24
CA UNK G 1150 -85.01 -8.79 -9.92
C UNK G 1150 -86.37 -8.92 -9.39
N UNK G 1151 -86.94 -10.10 -9.63
CA UNK G 1151 -88.26 -10.47 -9.20
C UNK G 1151 -88.36 -10.16 -7.74
N UNK G 1152 -87.49 -10.76 -6.96
CA UNK G 1152 -87.46 -10.57 -5.53
C UNK G 1152 -87.51 -9.11 -5.08
N UNK G 1153 -86.53 -8.33 -5.53
CA UNK G 1153 -86.38 -6.96 -5.12
C UNK G 1153 -87.61 -6.19 -5.46
N UNK G 1154 -88.02 -6.35 -6.71
CA UNK G 1154 -89.17 -5.64 -7.27
C UNK G 1154 -90.34 -5.88 -6.38
N UNK G 1155 -90.47 -7.12 -5.90
CA UNK G 1155 -91.52 -7.44 -4.92
C UNK G 1155 -91.26 -6.95 -3.46
N UNK G 1156 -90.05 -7.16 -2.97
CA UNK G 1156 -89.70 -6.76 -1.60
C UNK G 1156 -89.88 -5.26 -1.43
N UNK G 1157 -89.37 -4.51 -2.39
CA UNK G 1157 -89.47 -3.06 -2.38
C UNK G 1157 -90.89 -2.58 -2.64
N UNK G 1158 -91.67 -3.43 -3.29
CA UNK G 1158 -93.07 -3.14 -3.54
C UNK G 1158 -93.71 -3.05 -2.17
N UNK G 1159 -93.28 -3.95 -1.28
CA UNK G 1159 -93.75 -3.99 0.08
C UNK G 1159 -93.51 -2.62 0.67
N UNK G 1160 -92.25 -2.19 0.60
CA UNK G 1160 -91.83 -0.88 1.11
C UNK G 1160 -92.73 0.25 0.62
N UNK G 1161 -92.98 0.26 -0.68
CA UNK G 1161 -93.86 1.26 -1.26
C UNK G 1161 -95.25 1.22 -0.64
N UNK G 1162 -95.96 0.12 -0.83
CA UNK G 1162 -97.34 0.02 -0.34
C UNK G 1162 -97.49 -0.22 1.16
N UNK G 1163 -97.55 -1.52 1.47
CA UNK G 1163 -97.66 -2.19 2.76
C UNK G 1163 -97.08 -1.89 4.14
N UNK G 1164 -96.79 -2.98 4.86
CA UNK G 1164 -96.28 -3.01 6.23
C UNK G 1164 -94.77 -3.12 6.49
N UNK G 1165 -94.33 -2.21 7.35
CA UNK G 1165 -92.95 -2.10 7.77
C UNK G 1165 -92.36 -3.37 8.36
N UNK G 1166 -93.14 -4.14 9.12
CA UNK G 1166 -92.66 -5.38 9.71
C UNK G 1166 -92.12 -6.28 8.63
N UNK G 1167 -93.01 -6.57 7.67
CA UNK G 1167 -92.67 -7.40 6.53
C UNK G 1167 -91.45 -6.82 5.82
N UNK G 1168 -91.49 -5.52 5.54
CA UNK G 1168 -90.37 -4.86 4.88
C UNK G 1168 -89.02 -5.13 5.57
N UNK G 1169 -88.95 -4.83 6.86
CA UNK G 1169 -87.74 -5.02 7.67
C UNK G 1169 -87.27 -6.45 7.59
N UNK G 1170 -88.21 -7.36 7.77
CA UNK G 1170 -87.92 -8.78 7.70
C UNK G 1170 -87.20 -9.11 6.41
N UNK G 1171 -87.83 -8.79 5.28
CA UNK G 1171 -87.24 -9.05 3.97
C UNK G 1171 -85.84 -8.45 3.85
N UNK G 1172 -85.73 -7.18 4.24
CA UNK G 1172 -84.48 -6.46 4.18
C UNK G 1172 -83.35 -7.20 4.86
N UNK G 1173 -83.58 -7.60 6.11
CA UNK G 1173 -82.58 -8.32 6.90
C UNK G 1173 -82.07 -9.51 6.11
N UNK G 1174 -83.02 -10.28 5.61
CA UNK G 1174 -82.67 -11.46 4.82
C UNK G 1174 -81.97 -11.11 3.50
N UNK G 1175 -82.55 -10.13 2.82
CA UNK G 1175 -82.07 -9.67 1.54
C UNK G 1175 -80.69 -9.07 1.63
N UNK G 1176 -80.39 -8.38 2.72
CA UNK G 1176 -79.09 -7.75 2.94
C UNK G 1176 -78.09 -8.86 3.02
N UNK G 1177 -78.44 -9.89 3.79
CA UNK G 1177 -77.56 -11.06 3.90
C UNK G 1177 -77.30 -11.62 2.49
N UNK G 1178 -78.36 -11.82 1.73
CA UNK G 1178 -78.26 -12.36 0.39
C UNK G 1178 -77.39 -11.51 -0.53
N UNK G 1179 -77.52 -10.20 -0.41
CA UNK G 1179 -76.80 -9.21 -1.18
C UNK G 1179 -75.34 -9.38 -0.92
N UNK G 1180 -75.01 -9.49 0.37
CA UNK G 1180 -73.65 -9.70 0.80
C UNK G 1180 -73.14 -10.94 0.08
N UNK G 1181 -73.87 -12.03 0.20
CA UNK G 1181 -73.51 -13.28 -0.48
C UNK G 1181 -73.20 -13.10 -1.96
N UNK G 1182 -74.10 -12.43 -2.66
CA UNK G 1182 -73.95 -12.21 -4.09
C UNK G 1182 -72.72 -11.40 -4.45
N UNK G 1183 -72.48 -10.34 -3.69
CA UNK G 1183 -71.35 -9.44 -3.94
C UNK G 1183 -70.04 -10.19 -4.08
N UNK G 1184 -70.10 -11.46 -3.73
CA UNK G 1184 -68.98 -12.38 -3.74
C UNK G 1184 -69.03 -13.30 -4.95
N UNK G 1185 -70.19 -13.94 -5.15
CA UNK G 1185 -70.38 -14.85 -6.25
C UNK G 1185 -70.06 -14.27 -7.62
N UNK G 1186 -70.88 -13.29 -8.08
CA UNK G 1186 -70.93 -12.57 -9.44
C UNK G 1186 -69.97 -12.62 -10.72
N UNK G 1187 -68.67 -12.45 -10.44
CA UNK G 1187 -67.61 -12.39 -11.44
C UNK G 1187 -67.74 -13.33 -12.64
N UNK G 1188 -67.54 -14.61 -12.40
CA UNK G 1188 -67.61 -15.62 -13.45
C UNK G 1188 -68.96 -15.55 -14.17
N UNK G 1189 -70.04 -15.49 -13.38
CA UNK G 1189 -71.37 -15.30 -13.93
C UNK G 1189 -71.55 -14.30 -15.08
N UNK G 1190 -70.81 -13.18 -15.09
CA UNK G 1190 -70.82 -12.19 -16.19
C UNK G 1190 -72.20 -11.71 -16.61
N UNK G 1191 -72.94 -12.57 -17.29
CA UNK G 1191 -74.30 -12.27 -17.70
C UNK G 1191 -75.10 -12.17 -16.41
N UNK G 1192 -74.88 -13.13 -15.52
CA UNK G 1192 -75.53 -13.13 -14.21
C UNK G 1192 -74.85 -12.17 -13.22
N UNK G 1193 -73.65 -11.69 -13.58
CA UNK G 1193 -72.96 -10.66 -12.82
C UNK G 1193 -73.76 -9.38 -13.10
N UNK G 1194 -74.21 -9.24 -14.36
CA UNK G 1194 -75.08 -8.17 -14.80
C UNK G 1194 -76.50 -8.40 -14.25
N UNK G 1195 -76.85 -9.65 -13.93
CA UNK G 1195 -78.14 -9.99 -13.30
C UNK G 1195 -78.09 -9.50 -11.84
N UNK G 1196 -76.89 -9.57 -11.26
CA UNK G 1196 -76.63 -9.06 -9.93
C UNK G 1196 -76.64 -7.54 -9.99
N UNK G 1197 -76.22 -6.99 -11.14
CA UNK G 1197 -76.27 -5.57 -11.38
C UNK G 1197 -77.74 -5.13 -11.48
N UNK G 1198 -78.60 -5.99 -12.04
CA UNK G 1198 -80.01 -5.73 -12.12
C UNK G 1198 -80.53 -5.70 -10.69
N UNK G 1199 -80.08 -6.63 -9.85
CA UNK G 1199 -80.45 -6.60 -8.45
C UNK G 1199 -80.02 -5.28 -7.77
N UNK G 1200 -78.84 -4.75 -8.09
CA UNK G 1200 -78.38 -3.48 -7.51
C UNK G 1200 -79.20 -2.28 -7.99
N UNK G 1201 -79.69 -2.39 -9.21
CA UNK G 1201 -80.55 -1.37 -9.82
C UNK G 1201 -81.90 -1.43 -9.13
N UNK G 1202 -82.29 -2.66 -8.78
CA UNK G 1202 -83.51 -2.89 -8.03
C UNK G 1202 -83.30 -2.20 -6.69
N GLY G 1203 -82.13 -2.34 -6.04
CA GLY G 1203 -81.88 -1.61 -4.80
C GLY G 1203 -82.09 -0.11 -5.00
N UNK G 1204 -81.52 0.44 -6.07
CA UNK G 1204 -81.72 1.85 -6.39
C UNK G 1204 -83.22 2.23 -6.38
N GLY G 1205 -84.01 1.50 -7.18
CA GLY G 1205 -85.45 1.77 -7.20
C GLY G 1205 -86.10 1.61 -5.81
N UNK G 1206 -85.72 0.53 -5.12
CA UNK G 1206 -86.19 0.12 -3.78
C UNK G 1206 -85.96 1.10 -2.65
N UNK G 1207 -84.99 1.99 -2.80
CA UNK G 1207 -84.80 3.04 -1.79
C UNK G 1207 -84.34 2.77 -0.35
N UNK G 1208 -85.12 3.13 0.68
CA UNK G 1208 -84.47 3.12 1.98
C UNK G 1208 -84.10 1.74 2.51
N UNK G 1209 -84.97 0.77 2.28
CA UNK G 1209 -84.74 -0.59 2.77
C UNK G 1209 -83.43 -1.06 2.19
N UNK G 1210 -83.40 -0.97 0.86
CA UNK G 1210 -82.26 -1.32 0.04
C UNK G 1210 -81.03 -0.64 0.61
N UNK G 1211 -81.12 0.69 0.76
CA UNK G 1211 -80.05 1.52 1.31
C UNK G 1211 -79.44 0.91 2.56
N UNK G 1212 -80.21 0.55 3.59
CA UNK G 1212 -79.72 -0.03 4.91
C UNK G 1212 -78.59 -1.11 5.25
N UNK G 1213 -78.93 -2.10 6.06
CA UNK G 1213 -77.91 -3.11 6.44
C UNK G 1213 -77.49 -3.87 5.20
N UNK G 1214 -78.53 -4.27 4.49
CA UNK G 1214 -78.38 -4.98 3.26
C UNK G 1214 -77.60 -4.14 2.28
N UNK G 1215 -77.87 -2.84 2.15
CA UNK G 1215 -77.08 -2.15 1.14
C UNK G 1215 -75.79 -1.49 1.61
N UNK G 1216 -75.31 -1.78 2.82
CA UNK G 1216 -73.97 -1.26 3.20
C UNK G 1216 -72.93 -1.99 2.31
N UNK G 1217 -72.97 -3.32 2.43
CA UNK G 1217 -72.13 -4.21 1.66
C UNK G 1217 -72.56 -4.12 0.20
N UNK G 1218 -73.87 -4.01 -0.03
CA UNK G 1218 -74.39 -3.87 -1.39
C UNK G 1218 -73.90 -2.56 -2.02
N UNK G 1219 -73.77 -1.47 -1.28
CA UNK G 1219 -73.25 -0.24 -1.90
C UNK G 1219 -71.81 -0.50 -2.28
N UNK G 1220 -71.06 -1.15 -1.39
CA UNK G 1220 -69.68 -1.51 -1.75
C UNK G 1220 -69.63 -2.30 -3.09
N UNK G 1221 -70.49 -3.31 -3.19
CA UNK G 1221 -70.56 -4.16 -4.37
C UNK G 1221 -70.97 -3.38 -5.62
N UNK G 1222 -71.89 -2.44 -5.45
CA UNK G 1222 -72.39 -1.62 -6.53
C UNK G 1222 -71.26 -0.76 -7.05
N UNK G 1223 -70.48 -0.21 -6.13
CA UNK G 1223 -69.33 0.58 -6.49
C UNK G 1223 -68.42 -0.28 -7.36
N UNK G 1224 -68.10 -1.48 -6.85
CA UNK G 1224 -67.26 -2.40 -7.61
C UNK G 1224 -67.78 -2.65 -9.03
N UNK G 1225 -69.07 -2.95 -9.13
CA UNK G 1225 -69.72 -3.23 -10.42
C UNK G 1225 -69.61 -2.05 -11.38
N UNK G 1226 -69.87 -0.85 -10.87
CA UNK G 1226 -69.80 0.36 -11.67
C UNK G 1226 -68.39 0.51 -12.20
N UNK G 1227 -67.41 0.28 -11.33
CA UNK G 1227 -66.01 0.35 -11.75
C UNK G 1227 -65.65 -0.91 -12.52
N UNK G 1228 -66.66 -1.55 -13.10
CA UNK G 1228 -66.45 -2.79 -13.85
C UNK G 1228 -67.50 -3.03 -14.94
N UNK G 1229 -68.40 -2.07 -15.15
CA UNK G 1229 -68.20 -0.96 -16.08
C UNK G 1229 -69.30 -0.84 -17.14
N UNK G 1230 -69.24 0.22 -17.93
CA UNK G 1230 -70.17 0.47 -19.05
C UNK G 1230 -71.71 0.56 -18.83
N GLY G 1231 -72.39 -0.57 -18.68
CA GLY G 1231 -73.85 -0.57 -18.47
C GLY G 1231 -74.17 0.01 -17.11
N UNK G 1232 -73.30 -0.37 -16.18
CA UNK G 1232 -73.31 0.10 -14.82
C UNK G 1232 -73.21 1.60 -14.98
N UNK G 1233 -72.16 2.07 -15.66
CA UNK G 1233 -71.97 3.48 -15.91
C UNK G 1233 -73.23 4.19 -16.44
N UNK G 1234 -73.88 3.61 -17.45
CA UNK G 1234 -75.09 4.17 -18.02
C UNK G 1234 -76.10 4.46 -16.93
N UNK G 1235 -76.46 3.39 -16.23
CA UNK G 1235 -77.41 3.49 -15.13
C UNK G 1235 -76.97 4.54 -14.10
N UNK G 1236 -75.70 4.46 -13.74
CA UNK G 1236 -75.04 5.33 -12.82
C UNK G 1236 -75.11 6.82 -13.15
N UNK G 1237 -74.86 7.23 -14.39
CA UNK G 1237 -74.89 8.65 -14.76
C UNK G 1237 -76.33 9.12 -14.89
N UNK G 1238 -77.20 8.14 -15.21
CA UNK G 1238 -78.61 8.41 -15.26
C UNK G 1238 -78.94 8.83 -13.81
N UNK G 1239 -78.54 8.03 -12.82
CA UNK G 1239 -78.78 8.38 -11.41
C UNK G 1239 -77.93 9.57 -10.89
N UNK G 1240 -76.84 9.91 -11.61
CA UNK G 1240 -75.90 11.05 -11.37
C UNK G 1240 -76.63 12.33 -11.63
N UNK G 1241 -77.59 12.28 -12.55
CA UNK G 1241 -78.47 13.42 -12.67
C UNK G 1241 -79.74 13.18 -11.78
N UNK G 1242 -80.25 11.94 -11.78
CA UNK G 1242 -81.49 11.50 -11.08
C UNK G 1242 -81.46 11.58 -9.57
N UNK G 1243 -81.98 12.70 -9.06
CA UNK G 1243 -81.92 13.12 -7.64
C UNK G 1243 -80.90 12.39 -6.79
N UNK G 1244 -79.97 11.84 -7.54
CA UNK G 1244 -78.84 11.15 -7.05
C UNK G 1244 -79.03 9.93 -6.13
N UNK G 1245 -80.24 9.31 -6.10
CA UNK G 1245 -80.66 8.18 -5.23
C UNK G 1245 -80.66 8.62 -3.77
N UNK G 1246 -81.20 9.83 -3.61
CA UNK G 1246 -81.29 10.69 -2.42
C UNK G 1246 -79.85 11.04 -2.10
N UNK G 1247 -79.13 11.39 -3.18
CA UNK G 1247 -77.67 11.56 -3.08
C UNK G 1247 -77.08 10.34 -2.38
N UNK G 1248 -77.37 9.15 -2.91
CA UNK G 1248 -77.04 7.79 -2.48
C UNK G 1248 -77.44 7.41 -1.06
N UNK G 1249 -78.44 8.12 -0.51
CA UNK G 1249 -78.90 8.17 0.89
C UNK G 1249 -77.87 8.93 1.75
N UNK G 1250 -77.82 10.25 1.54
CA UNK G 1250 -76.92 11.20 2.28
C UNK G 1250 -75.84 10.74 3.32
N UNK G 1251 -76.17 10.83 4.62
CA UNK G 1251 -75.31 10.36 5.69
C UNK G 1251 -74.74 9.00 5.37
N UNK G 1252 -75.60 8.02 5.09
CA UNK G 1252 -75.15 6.66 4.78
C UNK G 1252 -74.32 6.62 3.52
N UNK G 1253 -74.70 7.43 2.54
CA UNK G 1253 -73.97 7.50 1.29
C UNK G 1253 -72.53 7.86 1.61
N UNK G 1254 -72.36 8.94 2.36
CA UNK G 1254 -71.06 9.44 2.73
C UNK G 1254 -70.34 8.54 3.73
N UNK G 1255 -71.07 7.73 4.49
CA UNK G 1255 -70.53 6.80 5.48
C UNK G 1255 -69.92 5.63 4.74
N UNK G 1256 -70.55 5.31 3.62
CA UNK G 1256 -70.09 4.28 2.72
C UNK G 1256 -68.86 4.86 2.05
N UNK G 1257 -68.87 6.17 1.77
CA UNK G 1257 -67.74 6.86 1.22
C UNK G 1257 -66.59 6.95 2.24
N UNK G 1258 -66.89 6.95 3.53
CA UNK G 1258 -65.92 7.00 4.61
C UNK G 1258 -65.31 5.61 4.75
N UNK G 1259 -66.11 4.60 4.41
CA UNK G 1259 -65.69 3.23 4.37
C UNK G 1259 -64.75 3.15 3.16
N UNK G 1260 -65.09 3.86 2.09
CA UNK G 1260 -64.28 3.95 0.91
C UNK G 1260 -62.99 4.74 1.20
N UNK G 1261 -63.01 5.67 2.14
CA UNK G 1261 -61.85 6.45 2.54
C UNK G 1261 -60.91 5.49 3.22
N UNK G 1262 -61.51 4.64 4.06
CA UNK G 1262 -60.77 3.61 4.72
C UNK G 1262 -60.18 2.66 3.67
N UNK G 1263 -60.97 2.32 2.68
CA UNK G 1263 -60.55 1.45 1.61
C UNK G 1263 -59.42 2.05 0.77
N UNK G 1264 -59.41 3.37 0.62
CA UNK G 1264 -58.40 4.12 -0.11
C UNK G 1264 -57.12 3.98 0.64
N UNK G 1265 -57.24 4.13 1.96
CA UNK G 1265 -56.09 3.94 2.82
C UNK G 1265 -55.57 2.50 2.60
N UNK G 1266 -56.46 1.53 2.62
CA UNK G 1266 -56.13 0.12 2.40
C UNK G 1266 -55.52 -0.21 1.04
N UNK G 1267 -55.86 0.58 0.04
CA UNK G 1267 -55.36 0.38 -1.29
C UNK G 1267 -53.95 0.90 -1.35
N UNK G 1268 -53.71 2.05 -0.70
CA UNK G 1268 -52.39 2.71 -0.67
C UNK G 1268 -51.31 1.68 -0.38
N UNK G 1269 -51.76 0.65 0.31
CA UNK G 1269 -51.00 -0.54 0.64
C UNK G 1269 -50.70 -1.43 -0.57
N UNK G 1270 -51.73 -1.96 -1.23
CA UNK G 1270 -51.47 -2.86 -2.37
C UNK G 1270 -52.02 -2.33 -3.68
N UNK G 1271 -53.13 -2.93 -4.12
CA UNK G 1271 -53.92 -2.46 -5.25
C UNK G 1271 -53.19 -2.04 -6.51
N UNK G 1272 -53.18 -2.94 -7.48
CA UNK G 1272 -52.71 -2.58 -8.82
C UNK G 1272 -53.96 -2.13 -9.63
N UNK G 1273 -54.36 -2.93 -10.62
CA UNK G 1273 -55.52 -2.61 -11.44
C UNK G 1273 -56.84 -2.70 -10.65
N UNK G 1274 -56.85 -3.55 -9.63
CA UNK G 1274 -57.99 -3.72 -8.75
C UNK G 1274 -58.24 -2.37 -8.11
N UNK G 1275 -57.19 -1.74 -7.57
CA UNK G 1275 -57.35 -0.43 -6.95
C UNK G 1275 -57.65 0.63 -7.98
N UNK G 1276 -57.16 0.46 -9.21
CA UNK G 1276 -57.52 1.40 -10.28
C UNK G 1276 -59.06 1.41 -10.37
N UNK G 1277 -59.66 0.22 -10.48
CA UNK G 1277 -61.12 0.14 -10.53
C UNK G 1277 -61.80 0.58 -9.23
N UNK G 1278 -61.12 0.39 -8.11
CA UNK G 1278 -61.60 0.80 -6.80
C UNK G 1278 -61.80 2.30 -6.81
N UNK G 1279 -60.79 3.01 -7.32
CA UNK G 1279 -60.81 4.46 -7.43
C UNK G 1279 -61.89 4.87 -8.41
N UNK G 1280 -62.03 4.10 -9.48
CA UNK G 1280 -63.07 4.34 -10.45
C UNK G 1280 -64.41 4.33 -9.73
N UNK G 1281 -64.68 3.32 -8.91
CA UNK G 1281 -65.92 3.17 -8.14
C UNK G 1281 -66.09 4.23 -7.06
N UNK G 1282 -64.97 4.74 -6.56
CA UNK G 1282 -64.98 5.80 -5.58
C UNK G 1282 -65.61 6.97 -6.31
N UNK G 1283 -65.06 7.26 -7.49
CA UNK G 1283 -65.59 8.31 -8.34
C UNK G 1283 -66.98 8.00 -8.93
N UNK G 1284 -67.36 6.74 -8.99
CA UNK G 1284 -68.63 6.30 -9.47
C UNK G 1284 -69.62 6.78 -8.45
N UNK G 1285 -69.28 6.56 -7.19
CA UNK G 1285 -70.08 7.04 -6.09
C UNK G 1285 -70.12 8.56 -6.17
N UNK G 1286 -68.98 9.19 -6.44
CA UNK G 1286 -68.96 10.64 -6.59
C UNK G 1286 -69.98 11.12 -7.62
N UNK G 1287 -70.01 10.48 -8.79
CA UNK G 1287 -70.92 10.84 -9.86
C UNK G 1287 -72.34 10.67 -9.36
N UNK G 1288 -72.56 9.52 -8.75
CA UNK G 1288 -73.84 9.15 -8.16
C UNK G 1288 -74.27 10.25 -7.23
N UNK G 1289 -73.51 10.46 -6.15
CA UNK G 1289 -73.88 11.50 -5.23
C UNK G 1289 -72.83 12.59 -5.01
N UNK G 1290 -72.39 13.27 -6.07
CA UNK G 1290 -71.40 14.34 -5.89
C UNK G 1290 -71.95 15.42 -4.97
N UNK G 1291 -71.85 14.85 -3.67
CA UNK G 1291 -72.10 15.31 -2.24
C UNK G 1291 -70.76 15.47 -1.48
N UNK G 1292 -69.87 16.24 -2.06
CA UNK G 1292 -68.50 16.48 -1.53
C UNK G 1292 -68.27 16.62 -0.01
N UNK G 1293 -68.94 17.64 0.51
CA UNK G 1293 -68.86 18.00 1.91
C UNK G 1293 -69.19 16.79 2.71
N UNK G 1294 -70.38 16.24 2.43
CA UNK G 1294 -70.89 15.04 3.07
C UNK G 1294 -69.85 13.95 3.10
N UNK G 1295 -69.25 13.66 1.96
CA UNK G 1295 -68.18 12.69 1.93
C UNK G 1295 -67.06 12.93 2.95
N UNK G 1296 -66.49 14.11 2.75
CA UNK G 1296 -65.47 14.86 3.50
C UNK G 1296 -64.14 14.38 4.17
N UNK G 1297 -63.85 15.04 5.29
CA UNK G 1297 -62.67 14.95 6.19
C UNK G 1297 -61.70 13.77 6.20
N UNK G 1298 -62.20 12.65 6.70
CA UNK G 1298 -61.41 11.43 6.82
C UNK G 1298 -60.87 11.13 5.47
N UNK G 1299 -61.78 11.00 4.52
CA UNK G 1299 -61.43 10.73 3.14
C UNK G 1299 -60.42 11.73 2.62
N UNK G 1300 -60.64 13.02 2.85
CA UNK G 1300 -59.69 14.06 2.44
C UNK G 1300 -58.27 13.71 2.85
N UNK G 1301 -58.10 13.57 4.16
CA UNK G 1301 -56.82 13.22 4.73
C UNK G 1301 -56.23 11.97 4.07
N UNK G 1302 -57.08 10.94 4.02
CA UNK G 1302 -56.76 9.66 3.45
C UNK G 1302 -56.16 9.83 2.06
N UNK G 1303 -56.89 10.48 1.19
CA UNK G 1303 -56.49 10.73 -0.18
C UNK G 1303 -55.13 11.35 -0.26
N UNK G 1304 -55.00 12.43 0.51
CA UNK G 1304 -53.76 13.19 0.59
C UNK G 1304 -52.59 12.26 0.79
N UNK G 1305 -52.65 11.52 1.90
CA UNK G 1305 -51.59 10.58 2.24
C UNK G 1305 -51.36 9.62 1.09
N UNK G 1306 -52.46 9.01 0.67
CA UNK G 1306 -52.53 8.06 -0.42
C UNK G 1306 -51.83 8.40 -1.72
N UNK G 1307 -51.72 9.66 -2.11
CA UNK G 1307 -51.02 9.93 -3.37
C UNK G 1307 -49.52 9.51 -3.46
N UNK G 1308 -49.21 8.18 -3.49
CA UNK G 1308 -47.88 7.60 -3.49
C UNK G 1308 -47.95 6.08 -3.59
N UNK G 1309 -48.95 5.59 -4.31
CA UNK G 1309 -49.14 4.15 -4.49
C UNK G 1309 -47.91 3.50 -5.10
N UNK G 1310 -47.57 2.31 -4.60
CA UNK G 1310 -46.41 1.58 -5.09
C UNK G 1310 -46.53 1.27 -6.58
N UNK G 1311 -47.72 0.85 -6.98
CA UNK G 1311 -47.98 0.51 -8.38
C UNK G 1311 -48.71 1.65 -9.10
N UNK G 1312 -47.96 2.68 -9.47
CA UNK G 1312 -48.53 3.82 -10.17
C UNK G 1312 -48.91 3.47 -11.60
N UNK G 1313 -47.90 3.18 -12.41
CA UNK G 1313 -48.09 2.81 -13.82
C UNK G 1313 -49.00 3.80 -14.56
N UNK G 1314 -50.05 3.27 -15.21
CA UNK G 1314 -50.99 4.10 -15.96
C UNK G 1314 -52.30 4.14 -15.22
N UNK G 1315 -52.59 3.04 -14.52
CA UNK G 1315 -53.79 2.95 -13.73
C UNK G 1315 -53.73 4.05 -12.68
N UNK G 1316 -52.59 4.16 -12.02
CA UNK G 1316 -52.35 5.19 -11.05
C UNK G 1316 -52.72 6.57 -11.57
N UNK G 1317 -52.17 6.98 -12.71
CA UNK G 1317 -52.46 8.32 -13.25
C UNK G 1317 -53.90 8.48 -13.68
N UNK G 1318 -54.47 7.39 -14.16
CA UNK G 1318 -55.85 7.36 -14.56
C UNK G 1318 -56.66 7.72 -13.35
N UNK G 1319 -56.41 7.05 -12.23
CA UNK G 1319 -57.08 7.28 -10.96
C UNK G 1319 -56.76 8.64 -10.35
N UNK G 1320 -55.59 9.19 -10.67
CA UNK G 1320 -55.19 10.51 -10.20
C UNK G 1320 -56.20 11.42 -10.80
N UNK G 1321 -56.32 11.30 -12.12
CA UNK G 1321 -57.29 12.06 -12.88
C UNK G 1321 -58.67 11.82 -12.28
N UNK G 1322 -59.04 10.57 -12.04
CA UNK G 1322 -60.28 10.21 -11.41
C UNK G 1322 -60.56 11.04 -10.15
N UNK G 1323 -59.73 10.98 -9.14
CA UNK G 1323 -60.00 11.74 -7.92
C UNK G 1323 -60.08 13.23 -8.14
N UNK G 1324 -59.18 13.74 -8.99
CA UNK G 1324 -59.16 15.17 -9.24
C UNK G 1324 -60.45 15.61 -9.89
N UNK G 1325 -60.90 14.82 -10.84
CA UNK G 1325 -62.11 15.06 -11.59
C UNK G 1325 -63.35 14.70 -10.81
N UNK G 1326 -63.18 13.93 -9.75
CA UNK G 1326 -64.23 13.53 -8.84
C UNK G 1326 -64.54 14.75 -8.05
N UNK G 1327 -63.51 15.50 -7.69
CA UNK G 1327 -63.75 16.75 -7.00
C UNK G 1327 -64.69 17.55 -7.91
N UNK G 1328 -64.39 17.56 -9.21
CA UNK G 1328 -65.27 18.18 -10.20
C UNK G 1328 -65.65 19.62 -9.82
N UNK G 1329 -66.84 19.79 -9.29
CA UNK G 1329 -67.33 21.10 -8.87
C UNK G 1329 -68.49 20.95 -7.88
N UNK G 1330 -68.16 20.83 -6.60
CA UNK G 1330 -69.17 20.68 -5.57
C UNK G 1330 -69.27 21.92 -4.68
N UNK G 1331 -69.21 21.71 -3.37
CA UNK G 1331 -69.31 22.80 -2.41
C UNK G 1331 -67.99 23.55 -2.28
N UNK G 1332 -67.20 23.09 -1.30
CA UNK G 1332 -65.90 23.61 -0.91
C UNK G 1332 -64.91 23.67 -2.03
N UNK G 1333 -65.11 22.79 -2.99
CA UNK G 1333 -64.33 22.67 -4.20
C UNK G 1333 -62.87 23.10 -4.17
N UNK G 1334 -62.59 24.12 -4.97
CA UNK G 1334 -61.27 24.71 -5.16
C UNK G 1334 -60.71 24.96 -3.82
N UNK G 1335 -61.40 25.76 -3.04
CA UNK G 1335 -61.00 26.09 -1.69
C UNK G 1335 -60.53 24.89 -0.84
N UNK G 1336 -61.40 23.91 -0.63
CA UNK G 1336 -61.02 22.73 0.17
C UNK G 1336 -59.75 22.08 -0.30
N UNK G 1337 -59.80 21.84 -1.60
CA UNK G 1337 -58.70 21.21 -2.30
C UNK G 1337 -57.42 21.93 -1.99
N UNK G 1338 -57.46 23.20 -2.30
CA UNK G 1338 -56.38 24.13 -2.12
C UNK G 1338 -55.81 24.02 -0.75
N UNK G 1339 -56.65 24.10 0.26
CA UNK G 1339 -56.24 23.98 1.65
C UNK G 1339 -55.36 22.77 1.91
N UNK G 1340 -55.94 21.60 1.67
CA UNK G 1340 -55.13 20.39 1.92
C UNK G 1340 -53.83 20.35 1.12
N UNK G 1341 -53.91 20.75 -0.14
CA UNK G 1341 -52.76 20.75 -1.03
C UNK G 1341 -51.66 21.70 -0.61
N UNK G 1342 -52.06 22.84 -0.12
CA UNK G 1342 -51.15 23.88 0.30
C UNK G 1342 -50.42 23.36 1.50
N UNK G 1343 -51.15 22.68 2.39
CA UNK G 1343 -50.49 22.10 3.54
C UNK G 1343 -49.30 21.22 3.17
N UNK G 1344 -49.53 20.22 2.33
CA UNK G 1344 -48.54 19.25 1.97
C UNK G 1344 -48.23 19.48 0.53
N UNK G 1345 -47.57 20.63 0.25
CA UNK G 1345 -47.14 21.02 -1.11
C UNK G 1345 -46.32 19.95 -1.85
N UNK G 1346 -46.46 18.73 -1.38
CA UNK G 1346 -45.88 17.52 -1.88
C UNK G 1346 -46.69 16.92 -3.03
N UNK G 1347 -47.89 17.46 -3.29
CA UNK G 1347 -48.79 16.94 -4.35
C UNK G 1347 -49.54 17.95 -5.27
N UNK G 1348 -48.77 18.63 -6.12
CA UNK G 1348 -49.36 19.58 -7.07
C UNK G 1348 -49.85 18.91 -8.34
N UNK G 1349 -49.63 17.61 -8.47
CA UNK G 1349 -50.19 16.83 -9.56
C UNK G 1349 -51.66 16.68 -9.18
N UNK G 1350 -51.95 16.54 -7.88
CA UNK G 1350 -53.29 16.52 -7.36
C UNK G 1350 -53.79 17.94 -7.50
N UNK G 1351 -52.92 18.95 -7.30
CA UNK G 1351 -53.36 20.30 -7.56
C UNK G 1351 -53.83 20.40 -9.01
N UNK G 1352 -53.08 19.88 -9.97
CA UNK G 1352 -53.44 19.87 -11.35
C UNK G 1352 -54.73 19.17 -11.55
N UNK G 1353 -54.87 18.02 -10.92
CA UNK G 1353 -56.03 17.20 -11.00
C UNK G 1353 -57.23 18.03 -10.68
N UNK G 1354 -57.24 18.65 -9.52
CA UNK G 1354 -58.40 19.41 -9.13
C UNK G 1354 -58.58 20.70 -9.92
N UNK G 1355 -57.47 21.23 -10.41
CA UNK G 1355 -57.44 22.41 -11.21
C UNK G 1355 -58.27 22.05 -12.39
N UNK G 1356 -57.90 20.97 -13.04
CA UNK G 1356 -58.57 20.44 -14.20
C UNK G 1356 -60.00 19.96 -13.92
N UNK G 1357 -60.28 19.55 -12.68
CA UNK G 1357 -61.60 19.12 -12.27
C UNK G 1357 -62.45 20.34 -12.46
N UNK G 1358 -62.01 21.44 -11.88
CA UNK G 1358 -62.68 22.71 -12.05
C UNK G 1358 -62.73 23.00 -13.55
N UNK G 1359 -61.62 22.92 -14.26
CA UNK G 1359 -61.60 23.14 -15.71
C UNK G 1359 -62.69 22.41 -16.54
N UNK G 1360 -63.07 21.18 -16.18
CA UNK G 1360 -64.11 20.47 -16.92
C UNK G 1360 -65.34 20.08 -16.08
N UNK G 1361 -65.63 20.83 -15.02
CA UNK G 1361 -66.82 20.52 -14.21
C UNK G 1361 -67.41 21.70 -13.42
N UNK G 1362 -67.06 22.96 -13.70
CA UNK G 1362 -67.67 24.05 -12.85
C UNK G 1362 -68.58 25.31 -12.58
N UNK G 1363 -68.07 26.31 -11.82
CA UNK G 1363 -68.80 27.56 -11.46
C UNK G 1363 -67.87 28.67 -10.90
N UNK G 1364 -68.38 29.92 -10.79
CA UNK G 1364 -67.68 31.16 -10.29
C UNK G 1364 -66.46 31.20 -11.14
N UNK G 1365 -66.59 31.75 -12.36
CA UNK G 1365 -65.55 31.12 -13.18
C UNK G 1365 -64.26 31.94 -13.22
N UNK G 1366 -64.39 33.23 -13.46
CA UNK G 1366 -63.24 34.09 -13.32
C UNK G 1366 -62.84 34.05 -11.85
N UNK G 1367 -63.75 33.63 -10.97
CA UNK G 1367 -63.45 33.53 -9.55
C UNK G 1367 -62.62 32.27 -9.36
N GLY G 1368 -62.88 31.28 -10.20
CA GLY G 1368 -62.16 30.04 -10.20
C GLY G 1368 -60.85 30.37 -10.88
N UNK G 1369 -60.84 31.32 -11.84
CA UNK G 1369 -59.59 31.76 -12.42
C UNK G 1369 -58.79 32.32 -11.25
N UNK G 1370 -59.36 33.19 -10.45
CA UNK G 1370 -58.68 33.71 -9.31
C UNK G 1370 -58.17 32.61 -8.36
N UNK G 1371 -58.96 31.59 -8.08
CA UNK G 1371 -58.54 30.53 -7.16
C UNK G 1371 -57.31 29.86 -7.69
N UNK G 1372 -57.45 29.52 -8.95
CA UNK G 1372 -56.42 28.87 -9.71
C UNK G 1372 -55.19 29.70 -9.63
N UNK G 1373 -55.33 30.96 -9.97
CA UNK G 1373 -54.30 31.96 -9.98
C UNK G 1373 -53.57 31.91 -8.68
N UNK G 1374 -54.30 32.05 -7.59
CA UNK G 1374 -53.79 32.01 -6.26
C UNK G 1374 -52.91 30.80 -6.06
N UNK G 1375 -53.48 29.62 -6.20
CA UNK G 1375 -52.73 28.39 -6.02
C UNK G 1375 -51.47 28.33 -6.88
N UNK G 1376 -51.65 28.66 -8.14
CA UNK G 1376 -50.60 28.65 -9.13
C UNK G 1376 -49.45 29.49 -8.70
N UNK G 1377 -49.79 30.74 -8.43
CA UNK G 1377 -48.87 31.76 -8.05
C UNK G 1377 -48.09 31.28 -6.86
N UNK G 1378 -48.84 30.86 -5.85
CA UNK G 1378 -48.33 30.35 -4.61
C UNK G 1378 -47.25 29.35 -4.90
N UNK G 1379 -47.65 28.30 -5.60
CA UNK G 1379 -46.79 27.20 -6.01
C UNK G 1379 -45.48 27.71 -6.56
N UNK G 1380 -45.55 28.49 -7.64
CA UNK G 1380 -44.34 29.01 -8.28
C UNK G 1380 -43.47 29.77 -7.29
N UNK G 1381 -44.09 30.77 -6.70
CA UNK G 1381 -43.46 31.65 -5.74
C UNK G 1381 -42.70 30.93 -4.65
N UNK G 1382 -43.30 29.89 -4.08
CA UNK G 1382 -42.62 29.19 -3.03
C UNK G 1382 -41.52 28.39 -3.66
N UNK G 1383 -41.94 27.43 -4.46
CA UNK G 1383 -41.04 26.48 -5.08
C UNK G 1383 -39.89 27.13 -5.81
N UNK G 1384 -40.23 27.96 -6.76
CA UNK G 1384 -39.16 28.56 -7.55
C UNK G 1384 -38.43 29.66 -6.77
N UNK G 1385 -38.75 29.77 -5.49
CA UNK G 1385 -38.13 30.76 -4.63
C UNK G 1385 -36.76 30.28 -4.15
N UNK G 1386 -36.49 28.99 -4.37
CA UNK G 1386 -35.22 28.39 -3.97
C UNK G 1386 -34.67 27.47 -5.06
N UNK G 1387 -34.46 26.21 -4.71
CA UNK G 1387 -33.95 25.22 -5.65
C UNK G 1387 -34.27 23.80 -5.22
N UNK G 1388 -33.91 22.83 -6.05
CA UNK G 1388 -34.17 21.43 -5.75
C UNK G 1388 -33.26 20.51 -6.56
N UNK G 1389 -33.51 19.20 -6.48
CA UNK G 1389 -32.71 18.23 -7.19
C UNK G 1389 -33.55 17.01 -7.59
N UNK G 1390 -33.84 16.13 -6.67
CA UNK G 1390 -34.60 14.96 -7.07
C UNK G 1390 -36.06 15.30 -7.08
N UNK G 1391 -36.74 15.05 -5.97
CA UNK G 1391 -38.18 15.28 -5.92
C UNK G 1391 -38.78 16.61 -6.41
N UNK G 1392 -38.27 17.72 -5.93
CA UNK G 1392 -38.90 18.98 -6.34
C UNK G 1392 -38.66 19.50 -7.75
N UNK G 1393 -37.76 18.86 -8.51
CA UNK G 1393 -37.58 19.24 -9.92
C UNK G 1393 -38.84 18.75 -10.61
N UNK G 1394 -39.22 17.52 -10.24
CA UNK G 1394 -40.44 16.88 -10.66
C UNK G 1394 -41.63 17.65 -10.08
N UNK G 1395 -41.48 18.22 -8.87
CA UNK G 1395 -42.55 19.03 -8.31
C UNK G 1395 -42.78 20.23 -9.21
N UNK G 1396 -41.73 20.85 -9.70
CA UNK G 1396 -41.83 21.95 -10.63
C UNK G 1396 -42.54 21.47 -11.88
N UNK G 1397 -42.17 20.29 -12.37
CA UNK G 1397 -42.85 19.71 -13.53
C UNK G 1397 -44.37 19.57 -13.31
N UNK G 1398 -44.74 19.11 -12.12
CA UNK G 1398 -46.12 18.94 -11.74
C UNK G 1398 -46.80 20.28 -11.71
N UNK G 1399 -46.10 21.28 -11.20
CA UNK G 1399 -46.57 22.64 -11.17
C UNK G 1399 -46.86 23.11 -12.58
N UNK G 1400 -45.99 22.82 -13.53
CA UNK G 1400 -46.23 23.16 -14.92
C UNK G 1400 -47.54 22.52 -15.33
N UNK G 1401 -47.71 21.25 -15.06
CA UNK G 1401 -48.99 20.60 -15.35
C UNK G 1401 -50.25 21.26 -14.75
N UNK G 1402 -50.17 21.66 -13.48
CA UNK G 1402 -51.34 22.29 -12.86
C UNK G 1402 -51.61 23.64 -13.52
N UNK G 1403 -50.51 24.35 -13.86
CA UNK G 1403 -50.52 25.62 -14.57
C UNK G 1403 -51.28 25.34 -15.82
N UNK G 1404 -50.89 24.31 -16.55
CA UNK G 1404 -51.63 23.87 -17.69
C UNK G 1404 -53.07 23.84 -17.64
N UNK G 1405 -53.57 22.98 -16.75
CA UNK G 1405 -55.01 22.81 -16.57
C UNK G 1405 -55.66 24.17 -16.41
N UNK G 1406 -55.15 24.87 -15.41
CA UNK G 1406 -55.59 26.20 -15.08
C UNK G 1406 -55.73 27.13 -16.26
N UNK G 1407 -54.58 27.39 -16.86
CA UNK G 1407 -54.43 28.32 -17.94
C UNK G 1407 -55.42 28.04 -19.00
N UNK G 1408 -55.41 26.79 -19.47
CA UNK G 1408 -56.26 26.42 -20.58
C UNK G 1408 -57.69 26.68 -20.26
N UNK G 1409 -58.10 26.03 -19.18
CA UNK G 1409 -59.46 26.09 -18.69
C UNK G 1409 -60.00 27.50 -18.53
N UNK G 1410 -59.20 28.40 -17.99
CA UNK G 1410 -59.69 29.71 -17.74
C UNK G 1410 -59.52 30.77 -18.80
N UNK G 1411 -58.58 30.62 -19.73
CA UNK G 1411 -58.32 31.74 -20.70
C UNK G 1411 -58.12 33.14 -20.00
N UNK G 1412 -57.93 32.90 -18.71
CA UNK G 1412 -57.67 33.63 -17.47
C UNK G 1412 -56.86 34.83 -17.85
N UNK G 1413 -55.96 34.63 -18.81
CA UNK G 1413 -55.10 35.64 -19.39
C UNK G 1413 -54.55 36.63 -18.42
N UNK G 1414 -55.34 37.53 -17.85
CA UNK G 1414 -54.79 38.44 -16.81
C UNK G 1414 -54.11 37.76 -15.57
N UNK G 1415 -54.91 36.98 -14.87
CA UNK G 1415 -54.43 36.23 -13.72
C UNK G 1415 -53.38 35.29 -14.24
N UNK G 1416 -53.83 34.52 -15.22
CA UNK G 1416 -53.05 33.52 -15.85
C UNK G 1416 -51.67 33.99 -16.29
N UNK G 1417 -51.59 35.14 -16.95
CA UNK G 1417 -50.33 35.59 -17.57
C UNK G 1417 -49.55 36.45 -16.73
N UNK G 1418 -50.13 36.88 -15.63
CA UNK G 1418 -49.33 37.58 -14.65
C UNK G 1418 -48.52 36.35 -14.20
N UNK G 1419 -49.21 35.26 -13.78
CA UNK G 1419 -48.49 34.03 -13.45
C UNK G 1419 -47.73 33.30 -14.61
N UNK G 1420 -47.90 33.71 -15.87
CA UNK G 1420 -47.22 33.06 -16.96
C UNK G 1420 -45.92 33.78 -17.18
N UNK G 1421 -46.06 35.12 -17.10
CA UNK G 1421 -44.95 36.04 -17.23
C UNK G 1421 -44.29 35.52 -16.05
N UNK G 1422 -45.11 35.15 -15.04
CA UNK G 1422 -44.31 34.52 -14.00
C UNK G 1422 -43.86 33.10 -14.34
N UNK G 1423 -44.82 32.26 -14.60
CA UNK G 1423 -44.56 30.88 -14.88
C UNK G 1423 -43.81 30.64 -16.16
N UNK G 1424 -43.96 31.50 -17.14
CA UNK G 1424 -43.28 31.35 -18.40
C UNK G 1424 -41.86 31.63 -18.13
N UNK G 1425 -41.67 32.73 -17.42
CA UNK G 1425 -40.38 33.17 -17.02
C UNK G 1425 -39.80 32.04 -16.27
N UNK G 1426 -40.64 31.12 -15.78
CA UNK G 1426 -39.96 30.05 -15.02
C UNK G 1426 -39.21 28.96 -15.80
N UNK G 1427 -39.74 28.56 -16.95
CA UNK G 1427 -39.17 27.57 -17.90
C UNK G 1427 -37.81 26.89 -17.64
N UNK G 1428 -36.75 27.68 -17.49
CA UNK G 1428 -35.45 27.12 -17.21
C UNK G 1428 -34.91 26.05 -18.15
N UNK G 1429 -34.81 24.80 -17.67
CA UNK G 1429 -34.25 23.69 -18.45
C UNK G 1429 -35.14 22.50 -18.80
N UNK G 1430 -34.97 22.02 -20.04
CA UNK G 1430 -35.70 20.87 -20.58
C UNK G 1430 -37.19 21.01 -20.31
N UNK G 1431 -37.74 19.95 -19.68
CA UNK G 1431 -39.08 19.84 -19.12
C UNK G 1431 -39.79 21.18 -19.02
N UNK G 1432 -39.05 22.17 -18.53
CA UNK G 1432 -39.52 23.53 -18.36
C UNK G 1432 -40.23 24.00 -19.60
N UNK G 1433 -39.48 24.06 -20.69
CA UNK G 1433 -40.03 24.51 -21.97
C UNK G 1433 -41.27 23.75 -22.36
N GLY G 1434 -41.16 22.42 -22.26
CA GLY G 1434 -42.31 21.57 -22.57
C GLY G 1434 -43.60 22.04 -21.86
N UNK G 1435 -43.47 22.03 -20.54
CA UNK G 1435 -44.54 22.41 -19.65
C UNK G 1435 -45.06 23.78 -20.01
N UNK G 1436 -44.16 24.73 -20.21
CA UNK G 1436 -44.49 26.10 -20.58
C UNK G 1436 -45.45 26.14 -21.71
N UNK G 1437 -45.06 25.61 -22.87
CA UNK G 1437 -45.98 25.71 -24.01
C UNK G 1437 -47.34 25.04 -23.76
N UNK G 1438 -47.23 23.86 -23.14
CA UNK G 1438 -48.39 23.08 -22.79
C UNK G 1438 -49.40 23.91 -22.03
N UNK G 1439 -48.94 24.48 -20.92
CA UNK G 1439 -49.80 25.26 -20.06
C UNK G 1439 -50.30 26.44 -20.84
N UNK G 1440 -49.39 27.09 -21.55
CA UNK G 1440 -49.67 28.22 -22.41
C UNK G 1440 -50.90 28.12 -23.31
N UNK G 1441 -51.26 26.95 -23.87
CA UNK G 1441 -52.55 26.87 -24.65
C UNK G 1441 -52.58 27.89 -25.79
N UNK G 1442 -51.66 27.53 -26.63
CA UNK G 1442 -51.02 28.14 -27.80
C UNK G 1442 -51.36 29.58 -28.18
N UNK G 1443 -52.65 29.93 -28.15
CA UNK G 1443 -53.12 31.27 -28.50
C UNK G 1443 -52.38 32.29 -27.66
N UNK G 1444 -52.58 32.17 -26.37
CA UNK G 1444 -51.94 33.00 -25.38
C UNK G 1444 -50.43 32.86 -25.42
N UNK G 1445 -49.91 31.66 -25.70
CA UNK G 1445 -48.48 31.46 -25.80
C UNK G 1445 -47.93 32.45 -26.82
N UNK G 1446 -48.51 32.46 -28.01
CA UNK G 1446 -48.07 33.36 -29.08
C UNK G 1446 -48.42 34.81 -28.79
N UNK G 1447 -49.47 35.02 -28.02
CA UNK G 1447 -49.92 36.33 -27.59
C UNK G 1447 -48.76 36.91 -26.78
N UNK G 1448 -48.26 36.13 -25.84
CA UNK G 1448 -47.15 36.50 -25.00
C UNK G 1448 -45.93 36.73 -25.86
N UNK G 1449 -45.71 35.85 -26.84
CA UNK G 1449 -44.60 35.98 -27.79
C UNK G 1449 -44.60 37.37 -28.38
N UNK G 1450 -45.74 37.80 -28.89
CA UNK G 1450 -45.86 39.14 -29.41
C UNK G 1450 -45.56 40.16 -28.30
N UNK G 1451 -46.39 40.14 -27.26
CA UNK G 1451 -46.32 41.01 -26.10
C UNK G 1451 -45.00 41.64 -25.68
N UNK G 1452 -45.01 42.97 -25.58
CA UNK G 1452 -43.86 43.76 -25.18
C UNK G 1452 -44.07 44.53 -23.87
N UNK G 1453 -45.32 44.81 -23.52
CA UNK G 1453 -45.65 45.51 -22.28
C UNK G 1453 -45.34 44.59 -21.13
N UNK G 1454 -45.67 43.32 -21.35
CA UNK G 1454 -45.41 42.25 -20.40
C UNK G 1454 -43.90 42.17 -20.28
N UNK G 1455 -43.22 42.20 -21.43
CA UNK G 1455 -41.77 42.20 -21.41
C UNK G 1455 -41.21 43.32 -20.52
N UNK G 1456 -41.71 44.54 -20.64
CA UNK G 1456 -41.23 45.67 -19.83
C UNK G 1456 -41.47 45.44 -18.34
N UNK G 1457 -42.63 44.87 -18.05
CA UNK G 1457 -42.99 44.53 -16.69
C UNK G 1457 -41.89 43.63 -16.18
N UNK G 1458 -41.64 42.55 -16.90
CA UNK G 1458 -40.58 41.62 -16.55
C UNK G 1458 -39.21 42.29 -16.39
N UNK G 1459 -38.90 43.22 -17.27
CA UNK G 1459 -37.65 43.94 -17.23
C UNK G 1459 -37.51 44.58 -15.88
N UNK G 1460 -38.47 45.41 -15.48
CA UNK G 1460 -38.35 46.03 -14.17
C UNK G 1460 -38.37 45.03 -12.99
N UNK G 1461 -39.12 43.94 -13.17
CA UNK G 1461 -39.20 42.89 -12.18
C UNK G 1461 -37.80 42.40 -11.93
N UNK G 1462 -37.14 42.03 -13.01
CA UNK G 1462 -35.78 41.57 -12.98
C UNK G 1462 -34.88 42.62 -12.37
N UNK G 1463 -35.05 43.89 -12.75
CA UNK G 1463 -34.28 44.99 -12.20
C UNK G 1463 -34.29 44.94 -10.68
N UNK G 1464 -35.47 44.85 -10.08
CA UNK G 1464 -35.54 44.72 -8.64
C UNK G 1464 -34.73 43.52 -8.14
N UNK G 1465 -34.88 42.41 -8.84
CA UNK G 1465 -34.20 41.12 -8.60
C UNK G 1465 -34.47 40.37 -7.29
N UNK G 1466 -33.91 39.17 -7.19
CA UNK G 1466 -34.11 38.29 -6.04
C UNK G 1466 -33.04 37.20 -6.01
N UNK G 1467 -32.97 36.56 -7.18
CA UNK G 1467 -32.02 35.49 -7.52
C UNK G 1467 -32.01 35.00 -8.99
N UNK G 1468 -31.90 33.67 -9.08
CA UNK G 1468 -31.87 32.91 -10.30
C UNK G 1468 -33.15 33.00 -11.07
N UNK G 1469 -34.27 33.21 -10.39
CA UNK G 1469 -35.55 33.40 -11.00
C UNK G 1469 -35.35 34.53 -12.00
N UNK G 1470 -34.91 35.69 -11.50
CA UNK G 1470 -34.63 36.85 -12.32
C UNK G 1470 -33.70 36.47 -13.46
N UNK G 1471 -32.60 35.79 -13.10
CA UNK G 1471 -31.67 35.31 -14.13
C UNK G 1471 -32.33 34.59 -15.34
N UNK G 1472 -33.06 33.52 -15.04
CA UNK G 1472 -33.69 32.73 -16.10
C UNK G 1472 -34.87 33.41 -16.76
N UNK G 1473 -35.46 34.39 -16.07
CA UNK G 1473 -36.55 35.17 -16.59
C UNK G 1473 -35.95 35.83 -17.78
N UNK G 1474 -34.86 36.54 -17.53
CA UNK G 1474 -34.12 37.15 -18.62
C UNK G 1474 -33.77 36.13 -19.72
N UNK G 1475 -33.26 34.98 -19.33
CA UNK G 1475 -32.96 33.92 -20.29
C UNK G 1475 -34.10 33.62 -21.27
N UNK G 1476 -35.26 33.30 -20.74
CA UNK G 1476 -36.40 32.96 -21.60
C UNK G 1476 -36.96 34.15 -22.35
N UNK G 1477 -36.78 35.35 -21.79
CA UNK G 1477 -37.20 36.59 -22.40
C UNK G 1477 -36.45 36.65 -23.70
N UNK G 1478 -35.14 36.49 -23.60
CA UNK G 1478 -34.33 36.44 -24.78
C UNK G 1478 -34.86 35.39 -25.75
N UNK G 1479 -35.01 34.15 -25.26
CA UNK G 1479 -35.52 33.02 -26.05
C UNK G 1479 -36.71 33.42 -26.91
N UNK G 1480 -37.62 34.12 -26.26
CA UNK G 1480 -38.81 34.70 -26.82
C UNK G 1480 -38.55 35.75 -27.89
N UNK G 1481 -37.41 35.65 -28.55
CA UNK G 1481 -37.05 36.51 -29.69
C UNK G 1481 -38.22 36.96 -30.63
N UNK G 1482 -38.07 38.19 -31.09
CA UNK G 1482 -39.08 38.95 -31.79
C UNK G 1482 -38.24 40.09 -32.28
N UNK G 1483 -38.21 41.14 -31.48
CA UNK G 1483 -37.45 42.31 -31.81
C UNK G 1483 -37.33 43.05 -30.52
N UNK G 1484 -36.10 43.24 -30.08
CA UNK G 1484 -35.85 43.96 -28.84
C UNK G 1484 -36.46 45.33 -29.02
N UNK G 1485 -35.72 46.09 -29.82
CA UNK G 1485 -35.98 47.50 -30.06
C UNK G 1485 -36.00 48.27 -28.73
N UNK G 1486 -37.21 48.34 -28.19
CA UNK G 1486 -37.48 49.02 -26.95
C UNK G 1486 -36.81 48.26 -25.83
N UNK G 1487 -36.91 46.94 -25.93
CA UNK G 1487 -36.29 46.04 -24.99
C UNK G 1487 -34.80 46.19 -25.09
N UNK G 1488 -34.26 46.36 -26.29
CA UNK G 1488 -32.84 46.58 -26.44
C UNK G 1488 -32.48 47.77 -25.58
N UNK G 1489 -33.16 48.90 -25.75
CA UNK G 1489 -32.81 50.05 -24.88
C UNK G 1489 -32.94 49.76 -23.35
N UNK G 1490 -34.01 49.04 -23.02
CA UNK G 1490 -34.29 48.69 -21.65
C UNK G 1490 -33.19 47.83 -21.05
N UNK G 1491 -32.71 46.90 -21.85
CA UNK G 1491 -31.68 45.96 -21.49
C UNK G 1491 -30.34 46.64 -21.42
N UNK G 1492 -30.17 47.73 -22.16
CA UNK G 1492 -28.95 48.52 -22.07
C UNK G 1492 -28.96 49.02 -20.66
N UNK G 1493 -30.07 49.62 -20.27
CA UNK G 1493 -30.18 50.04 -18.87
C UNK G 1493 -29.93 48.86 -17.91
N UNK G 1494 -30.51 47.70 -18.17
CA UNK G 1494 -30.32 46.51 -17.36
C UNK G 1494 -28.85 46.16 -17.16
N UNK G 1495 -28.15 46.17 -18.27
CA UNK G 1495 -26.76 45.87 -18.33
C UNK G 1495 -26.04 46.75 -17.39
N UNK G 1496 -26.26 48.07 -17.59
CA UNK G 1496 -25.66 49.13 -16.78
C UNK G 1496 -25.81 48.71 -15.34
N UNK G 1497 -27.05 48.47 -14.92
CA UNK G 1497 -27.24 47.87 -13.61
C UNK G 1497 -26.43 46.58 -13.42
N UNK G 1498 -26.52 45.77 -14.45
CA UNK G 1498 -25.93 44.49 -14.57
C UNK G 1498 -24.47 44.65 -14.23
N UNK G 1499 -23.82 45.50 -15.00
CA UNK G 1499 -22.43 45.85 -14.88
C UNK G 1499 -22.12 46.17 -13.45
N UNK G 1500 -22.85 47.16 -12.93
CA UNK G 1500 -22.68 47.58 -11.56
C UNK G 1500 -22.58 46.46 -10.51
N UNK G 1501 -23.57 45.56 -10.49
CA UNK G 1501 -23.63 44.42 -9.52
C UNK G 1501 -22.38 43.89 -8.76
N UNK G 1502 -22.27 44.12 -7.43
CA UNK G 1502 -21.14 43.57 -6.70
C UNK G 1502 -21.38 42.12 -6.30
N UNK G 1503 -22.59 41.83 -5.81
CA UNK G 1503 -22.93 40.49 -5.35
C UNK G 1503 -23.34 39.59 -6.51
N UNK G 1504 -23.96 38.45 -6.17
CA UNK G 1504 -24.51 37.51 -7.14
C UNK G 1504 -25.27 38.22 -8.26
N UNK G 1505 -25.75 39.43 -7.98
CA UNK G 1505 -26.25 40.31 -9.02
C UNK G 1505 -25.26 40.39 -10.18
N UNK G 1506 -24.03 39.99 -9.88
CA UNK G 1506 -22.96 39.95 -10.86
C UNK G 1506 -23.20 38.82 -11.87
N UNK G 1507 -23.52 37.63 -11.38
CA UNK G 1507 -23.76 36.46 -12.25
C UNK G 1507 -25.09 36.57 -12.99
N UNK G 1508 -25.98 37.31 -12.36
CA UNK G 1508 -27.28 37.62 -12.91
C UNK G 1508 -26.92 38.35 -14.17
N UNK G 1509 -26.15 39.42 -14.02
CA UNK G 1509 -25.66 40.18 -15.15
C UNK G 1509 -24.95 39.27 -16.17
N UNK G 1510 -24.11 38.32 -15.75
CA UNK G 1510 -23.47 37.39 -16.69
C UNK G 1510 -24.47 36.72 -17.61
N UNK G 1511 -25.45 36.06 -17.01
CA UNK G 1511 -26.48 35.41 -17.80
C UNK G 1511 -27.21 36.40 -18.70
N UNK G 1512 -27.52 37.57 -18.16
CA UNK G 1512 -28.18 38.66 -18.87
C UNK G 1512 -27.42 39.04 -20.11
N UNK G 1513 -26.13 39.18 -19.94
CA UNK G 1513 -25.22 39.51 -20.98
C UNK G 1513 -25.32 38.47 -22.04
N UNK G 1514 -25.28 37.20 -21.67
CA UNK G 1514 -25.44 36.11 -22.65
C UNK G 1514 -26.71 36.32 -23.48
N UNK G 1515 -27.80 36.55 -22.77
CA UNK G 1515 -29.07 36.80 -23.39
C UNK G 1515 -28.95 37.94 -24.38
N UNK G 1516 -28.39 39.04 -23.95
CA UNK G 1516 -28.17 40.20 -24.77
C UNK G 1516 -27.43 39.88 -26.03
N UNK G 1517 -26.36 39.11 -25.91
CA UNK G 1517 -25.58 38.68 -27.04
C UNK G 1517 -26.45 38.00 -28.04
N UNK G 1518 -27.20 37.03 -27.57
CA UNK G 1518 -28.12 36.32 -28.46
C UNK G 1518 -29.18 37.23 -29.11
N UNK G 1519 -29.64 38.20 -28.34
CA UNK G 1519 -30.59 39.19 -28.76
C UNK G 1519 -30.00 40.00 -29.89
N UNK G 1520 -28.74 40.37 -29.74
CA UNK G 1520 -27.98 41.09 -30.72
C UNK G 1520 -27.91 40.26 -31.97
N UNK G 1521 -27.65 38.96 -31.84
CA UNK G 1521 -27.66 38.07 -32.99
C UNK G 1521 -28.98 38.20 -33.73
N UNK G 1522 -30.10 38.12 -33.00
CA UNK G 1522 -31.40 38.36 -33.60
C UNK G 1522 -31.46 39.81 -34.12
N UNK G 1523 -31.58 40.79 -33.21
CA UNK G 1523 -31.53 42.19 -33.58
C UNK G 1523 -30.36 42.51 -34.49
N UNK G 1524 -29.66 41.47 -34.97
CA UNK G 1524 -28.45 41.59 -35.78
C UNK G 1524 -28.55 42.68 -36.82
N UNK G 1525 -29.78 43.01 -37.23
CA UNK G 1525 -30.06 44.24 -37.96
C UNK G 1525 -29.29 45.41 -37.37
N UNK G 1526 -29.14 45.44 -36.04
CA UNK G 1526 -28.25 46.38 -35.38
C UNK G 1526 -28.70 47.81 -35.62
N UNK G 1527 -29.48 48.27 -34.66
CA UNK G 1527 -29.77 49.69 -34.64
C UNK G 1527 -28.66 50.40 -33.81
N UNK G 1528 -29.05 51.53 -33.23
CA UNK G 1528 -28.16 52.26 -32.34
C UNK G 1528 -28.11 51.53 -31.00
N UNK G 1529 -29.19 50.79 -30.71
CA UNK G 1529 -29.29 49.91 -29.59
C UNK G 1529 -28.10 48.97 -29.76
N UNK G 1530 -27.94 48.31 -30.90
CA UNK G 1530 -26.78 47.45 -31.08
C UNK G 1530 -25.44 48.18 -31.12
N UNK G 1531 -25.45 49.44 -31.53
CA UNK G 1531 -24.24 50.25 -31.51
C UNK G 1531 -23.78 50.38 -30.05
N UNK G 1532 -24.74 50.66 -29.18
CA UNK G 1532 -24.50 50.76 -27.76
C UNK G 1532 -24.40 49.40 -27.09
N UNK G 1533 -24.78 48.34 -27.79
CA UNK G 1533 -24.66 46.95 -27.39
C UNK G 1533 -23.22 46.58 -27.59
N UNK G 1534 -22.57 47.20 -28.58
CA UNK G 1534 -21.15 47.08 -28.80
C UNK G 1534 -20.54 47.91 -27.69
N UNK G 1535 -21.18 49.01 -27.29
CA UNK G 1535 -20.70 49.73 -26.09
C UNK G 1535 -20.88 48.87 -24.80
N UNK G 1536 -21.87 47.99 -24.80
CA UNK G 1536 -22.18 47.06 -23.73
C UNK G 1536 -21.21 45.92 -23.77
N UNK G 1537 -20.65 45.66 -24.94
CA UNK G 1537 -19.64 44.67 -25.17
C UNK G 1537 -18.34 45.25 -24.66
N UNK G 1538 -18.20 46.57 -24.68
CA UNK G 1538 -17.05 47.24 -24.07
C UNK G 1538 -17.25 47.10 -22.58
N UNK G 1539 -18.50 47.20 -22.14
CA UNK G 1539 -18.79 46.94 -20.75
C UNK G 1539 -18.51 45.47 -20.40
N UNK G 1540 -18.71 44.56 -21.35
CA UNK G 1540 -18.49 43.14 -21.24
C UNK G 1540 -17.01 42.83 -21.25
N UNK G 1541 -16.23 43.70 -21.86
CA UNK G 1541 -14.80 43.60 -21.88
C UNK G 1541 -14.41 43.90 -20.44
N UNK G 1542 -15.01 44.94 -19.88
CA UNK G 1542 -14.79 45.19 -18.47
C UNK G 1542 -15.28 43.99 -17.63
N UNK G 1543 -16.38 43.35 -17.99
CA UNK G 1543 -16.86 42.18 -17.28
C UNK G 1543 -15.77 41.13 -17.27
N UNK G 1544 -15.24 40.86 -18.45
CA UNK G 1544 -14.16 39.93 -18.64
C UNK G 1544 -13.02 40.20 -17.71
N UNK G 1545 -12.60 41.48 -17.61
CA UNK G 1545 -11.52 41.91 -16.69
C UNK G 1545 -11.57 41.20 -15.33
N UNK G 1546 -12.60 41.49 -14.50
CA UNK G 1546 -12.93 40.69 -13.33
C UNK G 1546 -12.64 39.22 -13.60
N UNK G 1547 -12.24 38.91 -14.83
CA UNK G 1547 -11.88 37.59 -15.33
C UNK G 1547 -13.14 36.73 -15.52
N UNK G 1548 -14.28 37.23 -15.05
CA UNK G 1548 -15.58 36.60 -15.24
C UNK G 1548 -15.47 35.08 -15.18
N UNK G 1549 -14.43 34.45 -14.60
CA UNK G 1549 -14.12 32.90 -14.88
C UNK G 1549 -14.53 32.04 -16.29
N UNK G 1550 -15.47 31.12 -16.10
CA UNK G 1550 -16.03 30.44 -17.29
C UNK G 1550 -17.06 31.39 -17.97
N UNK G 1551 -17.46 32.41 -17.23
CA UNK G 1551 -18.44 33.40 -17.66
C UNK G 1551 -17.83 34.39 -18.62
N UNK G 1552 -16.51 34.49 -18.61
CA UNK G 1552 -15.79 35.35 -19.51
C UNK G 1552 -15.76 34.66 -20.85
N UNK G 1553 -15.80 33.32 -20.86
CA UNK G 1553 -15.91 32.56 -22.09
C UNK G 1553 -17.31 32.84 -22.57
N UNK G 1554 -18.27 32.84 -21.63
CA UNK G 1554 -19.60 33.25 -22.06
C UNK G 1554 -19.62 34.70 -22.64
N UNK G 1555 -18.85 35.59 -22.04
CA UNK G 1555 -18.69 36.97 -22.38
C UNK G 1555 -18.01 37.13 -23.69
N UNK G 1556 -17.12 36.21 -23.99
CA UNK G 1556 -16.34 36.15 -25.18
C UNK G 1556 -17.34 35.87 -26.23
N UNK G 1557 -18.21 34.90 -26.00
CA UNK G 1557 -19.26 34.64 -26.97
C UNK G 1557 -20.11 35.87 -27.19
N UNK G 1558 -20.47 36.54 -26.10
CA UNK G 1558 -21.24 37.74 -26.17
C UNK G 1558 -20.56 38.77 -27.08
N UNK G 1559 -19.28 38.99 -26.86
CA UNK G 1559 -18.47 39.92 -27.59
C UNK G 1559 -18.31 39.53 -29.03
N UNK G 1560 -18.28 38.24 -29.29
CA UNK G 1560 -18.17 37.70 -30.60
C UNK G 1560 -19.37 38.15 -31.36
N UNK G 1561 -20.54 37.97 -30.77
CA UNK G 1561 -21.74 38.45 -31.40
C UNK G 1561 -21.57 39.95 -31.63
N UNK G 1562 -21.26 40.65 -30.54
CA UNK G 1562 -21.04 42.09 -30.50
C UNK G 1562 -20.19 42.56 -31.65
N UNK G 1563 -19.03 41.91 -31.77
CA UNK G 1563 -18.15 42.08 -32.88
C UNK G 1563 -18.98 42.01 -34.12
N UNK G 1564 -19.69 40.89 -34.27
CA UNK G 1564 -20.59 40.63 -35.39
C UNK G 1564 -21.45 41.83 -35.78
N UNK G 1565 -22.07 42.49 -34.81
CA UNK G 1565 -22.81 43.73 -35.10
C UNK G 1565 -21.98 44.82 -35.83
N UNK G 1566 -21.14 45.55 -35.07
CA UNK G 1566 -20.22 46.60 -35.48
C UNK G 1566 -19.72 46.38 -36.90
N UNK G 1567 -19.88 45.17 -37.41
CA UNK G 1567 -19.50 44.82 -38.77
C UNK G 1567 -19.98 45.85 -39.79
N UNK G 1568 -21.02 46.62 -39.45
CA UNK G 1568 -21.51 47.66 -40.34
C UNK G 1568 -20.43 48.71 -40.62
N UNK G 1569 -20.05 49.48 -39.60
CA UNK G 1569 -19.03 50.51 -39.81
C UNK G 1569 -17.79 50.26 -38.96
N UNK G 1570 -17.99 50.21 -37.64
CA UNK G 1570 -16.92 49.94 -36.67
C UNK G 1570 -15.70 50.84 -36.90
N UNK G 1571 -15.89 52.14 -36.74
CA UNK G 1571 -14.74 53.04 -36.65
C UNK G 1571 -14.45 53.34 -35.19
N UNK G 1572 -15.41 53.96 -34.51
CA UNK G 1572 -15.33 54.10 -33.06
C UNK G 1572 -15.34 52.73 -32.41
N UNK G 1573 -16.18 51.91 -33.06
CA UNK G 1573 -16.46 50.51 -32.80
C UNK G 1573 -15.24 49.75 -33.15
N UNK G 1574 -14.59 50.18 -34.22
CA UNK G 1574 -13.37 49.58 -34.63
C UNK G 1574 -12.41 49.77 -33.47
N UNK G 1575 -12.27 51.00 -32.99
CA UNK G 1575 -11.40 51.33 -31.86
C UNK G 1575 -11.90 50.81 -30.54
N UNK G 1576 -13.22 50.60 -30.46
CA UNK G 1576 -13.86 50.08 -29.29
C UNK G 1576 -13.26 48.72 -29.17
N UNK G 1577 -13.40 47.98 -30.26
CA UNK G 1577 -12.85 46.69 -30.40
C UNK G 1577 -11.35 46.72 -30.18
N UNK G 1578 -10.61 47.70 -30.68
CA UNK G 1578 -9.17 47.79 -30.45
C UNK G 1578 -8.85 47.70 -28.98
N UNK G 1579 -9.50 48.56 -28.21
CA UNK G 1579 -9.28 48.57 -26.76
C UNK G 1579 -9.63 47.22 -26.18
N UNK G 1580 -10.79 46.76 -26.59
CA UNK G 1580 -11.29 45.49 -26.19
C UNK G 1580 -10.31 44.36 -26.43
N UNK G 1581 -9.72 44.34 -27.62
CA UNK G 1581 -8.76 43.38 -28.12
C UNK G 1581 -7.50 43.40 -27.35
N UNK G 1582 -7.11 44.59 -26.91
CA UNK G 1582 -5.93 44.71 -26.08
C UNK G 1582 -6.28 43.88 -24.86
N UNK G 1583 -7.40 44.23 -24.25
CA UNK G 1583 -7.83 43.42 -23.14
C UNK G 1583 -8.01 41.92 -23.43
N UNK G 1584 -8.49 41.56 -24.62
CA UNK G 1584 -8.76 40.21 -25.05
C UNK G 1584 -7.51 39.42 -25.14
N UNK G 1585 -6.51 40.11 -25.65
CA UNK G 1585 -5.20 39.59 -25.82
C UNK G 1585 -4.79 39.26 -24.44
N UNK G 1586 -4.84 40.23 -23.53
CA UNK G 1586 -4.52 39.98 -22.13
C UNK G 1586 -5.24 38.77 -21.55
N UNK G 1587 -6.54 38.66 -21.79
CA UNK G 1587 -7.34 37.55 -21.34
C UNK G 1587 -6.75 36.24 -21.77
N UNK G 1588 -6.60 36.07 -23.07
CA UNK G 1588 -6.08 34.81 -23.61
C UNK G 1588 -4.59 34.57 -23.42
N UNK G 1589 -3.85 35.57 -22.98
CA UNK G 1589 -2.45 35.49 -22.72
C UNK G 1589 -2.29 35.05 -21.29
N UNK G 1590 -3.19 35.51 -20.44
CA UNK G 1590 -3.20 35.14 -19.04
C UNK G 1590 -3.51 33.69 -19.16
N UNK G 1591 -4.12 33.40 -20.31
CA UNK G 1591 -4.51 32.12 -20.90
C UNK G 1591 -5.66 31.48 -20.15
N UNK G 1592 -6.79 31.78 -20.83
CA UNK G 1592 -8.18 31.31 -20.66
C UNK G 1592 -8.68 30.40 -21.85
N UNK G 1593 -7.98 29.28 -22.00
CA UNK G 1593 -8.18 28.24 -23.00
C UNK G 1593 -9.16 28.38 -24.18
N GLY G 1594 -10.20 27.53 -24.17
CA GLY G 1594 -11.20 27.47 -25.23
C GLY G 1594 -11.77 28.82 -25.54
N UNK G 1595 -11.68 29.66 -24.51
CA UNK G 1595 -12.12 31.01 -24.53
C UNK G 1595 -11.41 31.64 -25.65
N UNK G 1596 -10.08 31.58 -25.55
CA UNK G 1596 -9.21 32.14 -26.55
C UNK G 1596 -9.58 31.64 -27.91
N UNK G 1597 -9.77 30.34 -28.11
CA UNK G 1597 -10.16 29.78 -29.40
C UNK G 1597 -11.32 30.50 -30.04
N UNK G 1598 -12.42 30.50 -29.30
CA UNK G 1598 -13.63 31.13 -29.81
C UNK G 1598 -13.37 32.59 -30.13
N UNK G 1599 -12.79 33.24 -29.16
CA UNK G 1599 -12.44 34.62 -29.24
C UNK G 1599 -11.67 34.95 -30.48
N UNK G 1600 -10.61 34.20 -30.68
CA UNK G 1600 -9.70 34.33 -31.76
C UNK G 1600 -10.44 34.37 -33.02
N UNK G 1601 -11.21 33.32 -33.26
CA UNK G 1601 -11.98 33.27 -34.49
C UNK G 1601 -12.85 34.48 -34.69
N UNK G 1602 -13.59 34.77 -33.65
CA UNK G 1602 -14.48 35.91 -33.63
C UNK G 1602 -13.78 37.18 -34.04
N UNK G 1603 -12.70 37.45 -33.34
CA UNK G 1603 -11.86 38.60 -33.49
C UNK G 1603 -11.50 38.72 -34.91
N UNK G 1604 -10.87 37.65 -35.38
CA UNK G 1604 -10.40 37.52 -36.72
C UNK G 1604 -11.42 37.93 -37.76
N UNK G 1605 -12.62 37.37 -37.64
CA UNK G 1605 -13.71 37.65 -38.56
C UNK G 1605 -13.84 39.11 -38.99
N UNK G 1606 -13.26 40.00 -38.22
CA UNK G 1606 -13.28 41.43 -38.54
C UNK G 1606 -12.53 42.12 -39.76
N UNK G 1607 -11.37 42.69 -39.40
CA UNK G 1607 -10.38 43.55 -40.06
C UNK G 1607 -9.30 44.10 -39.14
N UNK G 1608 -8.30 44.74 -39.76
CA UNK G 1608 -7.69 45.98 -39.28
C UNK G 1608 -6.66 45.90 -38.17
N UNK G 1609 -6.22 44.72 -37.74
CA UNK G 1609 -5.20 44.78 -36.70
C UNK G 1609 -3.84 44.30 -37.21
N UNK G 1610 -3.74 43.01 -37.55
CA UNK G 1610 -2.62 42.47 -38.31
C UNK G 1610 -1.26 42.73 -37.66
N UNK G 1611 -1.39 43.24 -36.43
CA UNK G 1611 -0.37 43.54 -35.40
C UNK G 1611 -0.86 42.90 -34.05
N UNK G 1612 -2.19 42.77 -34.01
CA UNK G 1612 -2.93 42.10 -32.99
C UNK G 1612 -2.56 40.63 -33.21
N UNK G 1613 -2.46 40.18 -34.46
CA UNK G 1613 -2.02 38.85 -34.78
C UNK G 1613 -0.54 38.60 -34.44
N UNK G 1614 0.30 39.62 -34.30
CA UNK G 1614 1.69 39.48 -33.85
C UNK G 1614 1.57 39.11 -32.39
N UNK G 1615 0.68 39.80 -31.70
CA UNK G 1615 0.39 39.32 -30.35
C UNK G 1615 -0.22 37.85 -30.37
N UNK G 1616 -0.99 37.49 -31.40
CA UNK G 1616 -1.53 36.15 -31.61
C UNK G 1616 -0.47 35.10 -31.96
N UNK G 1617 0.65 35.56 -32.48
CA UNK G 1617 1.82 34.77 -32.81
C UNK G 1617 2.48 34.44 -31.49
N UNK G 1618 2.44 35.40 -30.56
CA UNK G 1618 2.87 35.03 -29.22
C UNK G 1618 1.88 33.96 -28.68
N UNK G 1619 0.58 34.12 -28.95
CA UNK G 1619 -0.33 33.03 -28.59
C UNK G 1619 -0.03 31.65 -29.26
N UNK G 1620 0.53 31.63 -30.46
CA UNK G 1620 0.91 30.36 -31.14
C UNK G 1620 2.21 29.79 -30.56
N UNK G 1621 2.96 30.72 -29.97
CA UNK G 1621 4.15 30.38 -29.24
C UNK G 1621 3.59 29.61 -28.05
N UNK G 1622 2.52 30.09 -27.39
CA UNK G 1622 1.88 29.24 -26.39
C UNK G 1622 1.50 27.91 -27.06
N UNK G 1623 0.85 27.91 -28.22
CA UNK G 1623 0.62 26.63 -28.95
C UNK G 1623 1.77 25.59 -29.19
N UNK G 1624 3.06 25.93 -29.07
CA UNK G 1624 4.13 24.86 -29.18
C UNK G 1624 4.42 23.97 -27.90
N UNK G 1625 5.65 23.38 -27.69
CA UNK G 1625 5.93 22.54 -26.53
C UNK G 1625 4.83 21.52 -26.28
N UNK G 1626 3.76 21.57 -27.07
CA UNK G 1626 2.58 20.73 -26.90
C UNK G 1626 2.81 19.26 -27.25
N UNK G 1627 4.06 18.83 -27.43
CA UNK G 1627 4.44 17.63 -28.17
C UNK G 1627 3.48 16.45 -28.09
N UNK G 1628 2.86 16.22 -26.93
CA UNK G 1628 1.79 15.24 -26.79
C UNK G 1628 0.66 15.52 -27.81
N UNK G 1629 -0.25 14.58 -28.15
CA UNK G 1629 -0.52 13.21 -27.64
C UNK G 1629 -1.11 13.19 -26.23
N UNK G 1630 -1.75 14.28 -25.79
CA UNK G 1630 -2.16 14.34 -24.39
C UNK G 1630 -3.49 13.65 -24.08
N UNK G 1631 -4.61 14.26 -24.47
CA UNK G 1631 -5.91 13.71 -24.12
C UNK G 1631 -6.82 13.72 -25.34
N UNK G 1632 -6.70 14.79 -26.12
CA UNK G 1632 -7.50 15.00 -27.32
C UNK G 1632 -6.95 16.19 -28.08
N UNK G 1633 -7.50 16.46 -29.25
CA UNK G 1633 -6.97 17.46 -30.16
C UNK G 1633 -7.26 18.89 -29.71
N UNK G 1634 -7.96 18.97 -28.57
CA UNK G 1634 -8.54 20.17 -27.95
C UNK G 1634 -8.04 21.52 -28.42
N UNK G 1635 -6.96 21.86 -27.75
CA UNK G 1635 -6.26 23.08 -27.96
C UNK G 1635 -5.87 23.12 -29.41
N UNK G 1636 -5.21 22.07 -29.86
CA UNK G 1636 -4.79 21.99 -31.23
C UNK G 1636 -5.87 22.27 -32.29
N UNK G 1637 -7.04 21.69 -32.05
CA UNK G 1637 -8.17 21.80 -32.94
C UNK G 1637 -8.42 23.25 -33.17
N UNK G 1638 -8.41 23.95 -32.06
CA UNK G 1638 -8.63 25.36 -32.01
C UNK G 1638 -7.64 26.00 -32.91
N UNK G 1639 -6.39 25.73 -32.64
CA UNK G 1639 -5.31 26.30 -33.41
C UNK G 1639 -5.42 25.95 -34.88
N UNK G 1640 -5.70 24.68 -35.12
CA UNK G 1640 -5.88 24.15 -36.45
C UNK G 1640 -6.95 24.97 -37.09
N UNK G 1641 -8.10 25.06 -36.44
CA UNK G 1641 -9.17 25.85 -36.94
C UNK G 1641 -8.72 27.27 -37.17
N UNK G 1642 -8.11 27.85 -36.15
CA UNK G 1642 -7.64 29.21 -36.16
C UNK G 1642 -6.84 29.57 -37.37
N UNK G 1643 -5.86 28.74 -37.63
CA UNK G 1643 -4.91 28.89 -38.71
C UNK G 1643 -5.32 29.61 -39.99
N UNK G 1644 -6.01 28.90 -40.88
CA UNK G 1644 -6.40 29.48 -42.18
C UNK G 1644 -7.30 30.67 -42.02
N UNK G 1645 -8.20 30.59 -41.06
CA UNK G 1645 -9.08 31.69 -40.74
C UNK G 1645 -8.20 32.86 -40.44
N UNK G 1646 -7.27 32.69 -39.50
CA UNK G 1646 -6.32 33.73 -39.14
C UNK G 1646 -5.59 34.15 -40.40
N UNK G 1647 -5.06 33.16 -41.11
CA UNK G 1647 -4.37 33.38 -42.35
C UNK G 1647 -5.13 34.18 -43.37
N UNK G 1648 -6.44 33.97 -43.50
CA UNK G 1648 -7.27 34.70 -44.43
C UNK G 1648 -7.06 36.20 -44.26
N UNK G 1649 -7.17 36.68 -43.03
CA UNK G 1649 -6.92 38.07 -42.76
C UNK G 1649 -5.51 38.17 -42.25
N UNK G 1650 -5.35 38.71 -41.04
CA UNK G 1650 -4.06 38.88 -40.35
C UNK G 1650 -2.99 39.38 -41.30
N UNK G 1651 -2.33 38.40 -41.94
CA UNK G 1651 -1.35 38.64 -42.98
C UNK G 1651 -0.32 39.60 -42.47
N UNK G 1652 0.26 39.27 -41.32
CA UNK G 1652 1.68 39.33 -41.13
C UNK G 1652 2.27 38.05 -41.69
N UNK G 1653 2.49 38.08 -43.00
CA UNK G 1653 3.06 36.95 -43.71
C UNK G 1653 4.36 36.63 -43.06
N UNK G 1654 5.01 37.65 -42.51
CA UNK G 1654 6.34 37.29 -41.81
C UNK G 1654 6.16 36.18 -40.71
N UNK G 1655 5.16 36.47 -39.90
CA UNK G 1655 4.78 35.57 -38.83
C UNK G 1655 3.94 34.41 -39.36
N UNK G 1656 3.50 34.51 -40.62
CA UNK G 1656 2.87 33.48 -41.37
C UNK G 1656 3.88 32.37 -41.25
N UNK G 1657 5.08 32.60 -41.75
CA UNK G 1657 6.15 31.63 -41.62
C UNK G 1657 6.30 31.16 -40.18
N UNK G 1658 6.37 32.08 -39.21
CA UNK G 1658 6.45 31.53 -37.80
C UNK G 1658 5.37 30.45 -37.38
N UNK G 1659 4.18 30.85 -37.74
CA UNK G 1659 2.98 30.11 -37.52
C UNK G 1659 3.07 28.80 -38.22
N UNK G 1660 3.48 28.89 -39.46
CA UNK G 1660 3.68 27.78 -40.31
C UNK G 1660 4.56 26.76 -39.65
N UNK G 1661 5.69 27.15 -39.06
CA UNK G 1661 6.54 26.18 -38.33
C UNK G 1661 5.70 25.35 -37.37
N UNK G 1662 5.05 26.07 -36.47
CA UNK G 1662 4.18 25.29 -35.55
C UNK G 1662 3.15 24.31 -36.23
N UNK G 1663 2.50 24.89 -37.23
CA UNK G 1663 1.51 24.18 -38.04
C UNK G 1663 2.06 22.87 -38.55
N UNK G 1664 3.21 22.98 -39.19
CA UNK G 1664 3.91 21.89 -39.77
C UNK G 1664 4.02 20.78 -38.80
N UNK G 1665 4.59 21.08 -37.64
CA UNK G 1665 4.70 20.00 -36.63
C UNK G 1665 3.42 19.19 -36.33
N UNK G 1666 2.40 20.01 -36.03
CA UNK G 1666 1.09 19.44 -35.72
C UNK G 1666 0.65 18.51 -36.83
N UNK G 1667 0.66 19.07 -38.04
CA UNK G 1667 0.31 18.38 -39.28
C UNK G 1667 1.01 17.04 -39.38
N UNK G 1668 2.33 17.05 -39.18
CA UNK G 1668 3.15 15.82 -39.26
C UNK G 1668 2.46 14.68 -38.50
N UNK G 1669 2.63 14.64 -37.17
CA UNK G 1669 2.00 13.60 -36.33
C UNK G 1669 1.49 14.23 -35.02
N UNK G 1670 0.16 14.33 -34.88
CA UNK G 1670 -0.44 14.92 -33.66
C UNK G 1670 -1.89 14.41 -33.52
N UNK G 1671 -2.05 13.10 -33.34
CA UNK G 1671 -3.39 12.47 -33.19
C UNK G 1671 -4.32 12.95 -34.31
N UNK G 1672 -5.12 13.99 -34.04
CA UNK G 1672 -6.05 14.54 -35.04
C UNK G 1672 -5.28 14.96 -36.30
N UNK G 1673 -5.26 14.11 -37.32
CA UNK G 1673 -4.55 14.41 -38.58
C UNK G 1673 -5.44 15.26 -39.49
N UNK G 1674 -6.75 15.02 -39.45
CA UNK G 1674 -7.72 15.79 -40.28
C UNK G 1674 -7.67 17.27 -39.90
N UNK G 1675 -7.29 17.56 -38.65
CA UNK G 1675 -7.20 18.92 -38.18
C UNK G 1675 -5.91 19.52 -38.66
N UNK G 1676 -4.81 18.83 -38.41
CA UNK G 1676 -3.52 19.28 -38.87
C UNK G 1676 -3.53 19.51 -40.38
N UNK G 1677 -4.08 18.54 -41.12
CA UNK G 1677 -4.17 18.61 -42.57
C UNK G 1677 -4.95 19.86 -42.89
N UNK G 1678 -6.10 20.00 -42.27
CA UNK G 1678 -6.92 21.19 -42.45
C UNK G 1678 -6.15 22.45 -42.11
N UNK G 1679 -5.44 22.42 -40.98
CA UNK G 1679 -4.64 23.55 -40.55
C UNK G 1679 -3.64 23.83 -41.65
N UNK G 1680 -2.95 22.78 -42.10
CA UNK G 1680 -2.06 22.92 -43.22
C UNK G 1680 -2.81 23.42 -44.45
N UNK G 1681 -4.05 22.98 -44.73
CA UNK G 1681 -4.80 23.52 -45.86
C UNK G 1681 -4.98 25.03 -45.76
N UNK G 1682 -5.21 25.55 -44.55
CA UNK G 1682 -5.30 26.98 -44.37
C UNK G 1682 -3.93 27.50 -44.79
N UNK G 1683 -2.86 26.93 -44.25
CA UNK G 1683 -1.51 27.33 -44.64
C UNK G 1683 -1.30 27.21 -46.16
N UNK G 1684 -1.82 26.16 -46.77
CA UNK G 1684 -1.77 25.95 -48.21
C UNK G 1684 -2.34 27.14 -48.93
N UNK G 1685 -3.47 27.69 -48.47
CA UNK G 1685 -4.03 28.90 -49.06
C UNK G 1685 -3.03 30.05 -49.16
N UNK G 1686 -2.17 30.24 -48.16
CA UNK G 1686 -1.14 31.25 -48.25
C UNK G 1686 -0.35 31.07 -49.54
N UNK G 1687 -0.19 29.81 -50.04
CA UNK G 1687 0.41 29.54 -51.34
C UNK G 1687 1.76 30.15 -51.34
N UNK G 1688 2.62 29.58 -50.54
CA UNK G 1688 3.89 30.19 -50.40
C UNK G 1688 5.09 29.49 -50.89
N UNK G 1689 6.09 30.37 -51.08
CA UNK G 1689 7.46 30.05 -51.44
C UNK G 1689 7.62 29.23 -50.20
N UNK G 1690 7.24 29.83 -49.07
CA UNK G 1690 7.12 28.99 -47.91
C UNK G 1690 6.28 27.75 -48.14
N UNK G 1691 5.15 27.90 -48.81
CA UNK G 1691 4.29 26.79 -49.11
C UNK G 1691 5.11 25.73 -49.85
N UNK G 1692 5.70 26.12 -50.97
CA UNK G 1692 6.51 25.13 -51.69
C UNK G 1692 7.71 24.62 -50.89
N UNK G 1693 8.31 25.46 -50.05
CA UNK G 1693 9.45 25.14 -49.23
C UNK G 1693 9.07 24.07 -48.27
N UNK G 1694 7.91 24.21 -47.68
CA UNK G 1694 7.38 23.25 -46.75
C UNK G 1694 7.21 21.93 -47.45
N UNK G 1695 6.60 22.05 -48.63
CA UNK G 1695 6.37 20.90 -49.46
C UNK G 1695 7.66 20.17 -49.69
N UNK G 1696 8.64 20.89 -50.17
CA UNK G 1696 9.92 20.34 -50.48
C UNK G 1696 10.55 19.72 -49.24
N UNK G 1697 10.47 20.45 -48.15
CA UNK G 1697 10.98 20.09 -46.83
C UNK G 1697 10.59 18.71 -46.48
N UNK G 1698 9.33 18.32 -46.62
CA UNK G 1698 9.09 16.89 -46.40
C UNK G 1698 8.66 16.55 -45.00
N UNK G 1699 8.15 15.31 -44.83
CA UNK G 1699 7.42 15.03 -43.59
C UNK G 1699 7.02 13.56 -43.52
N UNK G 1700 6.08 13.24 -42.62
CA UNK G 1700 5.47 11.92 -42.60
C UNK G 1700 4.93 11.55 -43.97
N UNK G 1701 4.87 12.61 -44.75
CA UNK G 1701 4.50 12.63 -46.11
C UNK G 1701 3.09 12.25 -46.44
N UNK G 1702 2.32 11.70 -45.54
CA UNK G 1702 0.97 11.33 -45.92
C UNK G 1702 0.24 12.62 -46.18
N UNK G 1703 0.35 13.42 -45.15
CA UNK G 1703 -0.22 14.70 -45.18
C UNK G 1703 0.56 15.55 -46.16
N UNK G 1704 1.88 15.36 -46.25
CA UNK G 1704 2.65 16.16 -47.17
C UNK G 1704 2.18 15.94 -48.57
N UNK G 1705 1.93 14.70 -48.95
CA UNK G 1705 1.49 14.37 -50.26
C UNK G 1705 0.20 15.03 -50.49
N UNK G 1706 -0.72 14.91 -49.53
CA UNK G 1706 -2.01 15.57 -49.63
C UNK G 1706 -1.84 17.04 -49.98
N UNK G 1707 -1.07 17.72 -49.17
CA UNK G 1707 -0.86 19.12 -49.35
C UNK G 1707 -0.11 19.47 -50.63
N UNK G 1708 0.79 18.61 -51.04
CA UNK G 1708 1.60 18.81 -52.21
C UNK G 1708 0.71 18.74 -53.39
N UNK G 1709 -0.20 17.77 -53.36
CA UNK G 1709 -1.17 17.58 -54.38
C UNK G 1709 -1.94 18.87 -54.47
N UNK G 1710 -2.45 19.34 -53.33
CA UNK G 1710 -3.17 20.61 -53.28
C UNK G 1710 -2.38 21.72 -53.98
N UNK G 1711 -1.10 21.62 -53.61
CA UNK G 1711 0.04 22.41 -54.02
C UNK G 1711 0.03 22.64 -55.50
N UNK G 1712 -0.87 23.53 -55.88
CA UNK G 1712 -1.18 23.96 -57.24
C UNK G 1712 -2.30 24.99 -57.10
N UNK G 1713 -3.32 24.86 -57.95
CA UNK G 1713 -4.54 25.70 -58.01
C UNK G 1713 -4.41 27.21 -58.35
N UNK G 1714 -4.41 27.54 -59.65
CA UNK G 1714 -4.31 28.94 -60.11
C UNK G 1714 -4.76 29.20 -61.56
N UNK G 1715 -4.06 28.57 -62.51
CA UNK G 1715 -4.25 28.64 -63.98
C UNK G 1715 -3.87 29.94 -64.69
N UNK G 1716 -3.18 29.82 -65.84
CA UNK G 1716 -2.73 30.98 -66.61
C UNK G 1716 -2.42 30.72 -68.09
N UNK G 1717 -1.14 30.50 -68.38
CA UNK G 1717 -0.59 30.23 -69.73
C UNK G 1717 -0.78 31.33 -70.80
N UNK G 1718 -1.21 30.90 -71.99
CA UNK G 1718 -1.43 31.79 -73.14
C UNK G 1718 -0.20 32.60 -73.54
N UNK G 1719 0.86 31.91 -73.95
CA UNK G 1719 2.10 32.55 -74.38
C UNK G 1719 1.83 33.43 -75.59
N UNK G 1720 0.57 33.57 -75.93
CA UNK G 1720 0.09 34.38 -77.05
C UNK G 1720 -0.71 35.57 -76.54
N UNK G 1721 -1.61 35.26 -75.62
CA UNK G 1721 -2.49 36.25 -74.99
C UNK G 1721 -1.65 37.34 -74.30
N UNK G 1722 -0.67 36.86 -73.57
CA UNK G 1722 0.26 37.73 -72.82
C UNK G 1722 0.96 38.69 -73.78
N UNK G 1723 1.44 38.11 -74.87
CA UNK G 1723 2.15 38.86 -75.92
C UNK G 1723 1.25 39.97 -76.47
N UNK G 1724 0.02 39.58 -76.76
CA UNK G 1724 -1.00 40.49 -77.29
C UNK G 1724 -1.20 41.67 -76.34
N UNK G 1725 -1.33 41.32 -75.08
CA UNK G 1725 -1.54 42.30 -73.99
C UNK G 1725 -0.39 43.31 -73.97
N UNK G 1726 0.81 42.76 -74.05
CA UNK G 1726 2.06 43.53 -74.04
C UNK G 1726 2.05 44.54 -75.21
N UNK G 1727 1.68 44.02 -76.36
CA UNK G 1727 1.60 44.80 -77.60
C UNK G 1727 0.64 45.98 -77.43
N UNK G 1728 -0.51 45.65 -76.86
CA UNK G 1728 -1.58 46.63 -76.59
C UNK G 1728 -1.04 47.75 -75.69
N UNK G 1729 -0.36 47.32 -74.65
CA UNK G 1729 0.24 48.23 -73.66
C UNK G 1729 1.21 49.19 -74.35
N UNK G 1730 2.04 48.61 -75.20
CA UNK G 1730 3.04 49.36 -75.97
C UNK G 1730 2.37 50.42 -76.82
N UNK G 1731 1.31 50.00 -77.49
CA UNK G 1731 0.51 50.86 -78.37
C UNK G 1731 -0.03 52.05 -77.59
N UNK G 1732 -0.56 51.73 -76.43
CA UNK G 1732 -1.15 52.72 -75.51
C UNK G 1732 -0.10 53.76 -75.13
N UNK G 1733 1.06 53.25 -74.78
CA UNK G 1733 2.22 54.07 -74.38
C UNK G 1733 2.58 55.05 -75.50
N UNK H 509 14.87 15.30 -51.45
CA UNK H 509 14.57 14.24 -52.49
C UNK H 509 14.51 14.34 -54.06
N UNK H 510 13.34 14.67 -54.57
CA UNK H 510 12.95 14.61 -56.00
C UNK H 510 13.43 15.85 -56.80
N UNK H 511 13.69 16.93 -56.07
CA UNK H 511 14.29 18.14 -56.55
C UNK H 511 15.80 18.02 -56.82
N UNK H 512 16.45 16.90 -56.57
CA UNK H 512 17.88 16.49 -56.90
C UNK H 512 17.68 16.06 -58.21
N UNK H 513 16.66 15.19 -58.41
CA UNK H 513 16.39 15.07 -59.86
C UNK H 513 16.18 16.52 -60.53
N UNK H 514 15.34 17.37 -59.93
CA UNK H 514 15.22 18.71 -60.45
C UNK H 514 16.50 19.59 -60.46
N UNK H 515 17.42 19.36 -59.55
CA UNK H 515 18.64 20.16 -59.37
C UNK H 515 19.60 19.77 -60.41
N UNK H 516 19.54 18.49 -60.80
CA UNK H 516 20.32 17.99 -61.87
C UNK H 516 19.81 18.81 -63.03
N UNK H 517 18.49 18.80 -63.26
CA UNK H 517 17.96 19.63 -64.34
C UNK H 517 18.38 21.13 -64.31
N UNK H 518 18.40 21.74 -63.13
CA UNK H 518 18.70 23.16 -62.97
C UNK H 518 20.13 23.43 -63.38
N UNK H 519 20.95 22.53 -62.90
CA UNK H 519 22.35 22.52 -63.18
C UNK H 519 22.47 22.48 -64.68
N UNK H 520 21.86 21.52 -65.34
CA UNK H 520 21.89 21.40 -66.79
C UNK H 520 21.54 22.69 -67.50
N UNK H 521 20.43 23.28 -67.09
CA UNK H 521 19.98 24.49 -67.74
C UNK H 521 21.04 25.55 -67.66
N UNK H 522 21.57 25.76 -66.45
CA UNK H 522 22.64 26.72 -66.23
C UNK H 522 23.76 26.36 -67.17
N UNK H 523 24.20 25.13 -67.02
CA UNK H 523 25.26 24.52 -67.76
C UNK H 523 25.17 24.74 -69.23
N UNK H 524 24.01 24.44 -69.81
CA UNK H 524 23.75 24.54 -71.23
C UNK H 524 23.70 26.00 -71.68
N UNK H 525 22.97 26.81 -70.94
CA UNK H 525 22.84 28.24 -71.26
C UNK H 525 24.21 28.91 -71.31
N UNK H 526 19.82 28.40 -79.83
CA UNK H 526 19.48 29.75 -79.42
C UNK H 526 19.00 30.58 -80.61
N UNK H 527 18.66 29.89 -81.69
CA UNK H 527 18.18 30.53 -82.90
C UNK H 527 17.01 31.44 -82.58
N UNK H 528 16.03 30.88 -81.87
CA UNK H 528 14.86 31.60 -81.45
C UNK H 528 15.26 32.91 -80.79
N UNK H 529 16.06 32.82 -79.74
CA UNK H 529 16.49 34.01 -79.02
C UNK H 529 17.17 35.04 -79.91
N UNK H 530 18.10 34.58 -80.74
CA UNK H 530 18.85 35.47 -81.62
C UNK H 530 17.88 36.25 -82.46
N UNK H 531 17.01 35.48 -83.11
CA UNK H 531 15.97 35.98 -83.98
C UNK H 531 15.23 37.06 -83.23
N UNK H 532 14.70 36.70 -82.07
CA UNK H 532 13.97 37.59 -81.20
C UNK H 532 14.69 38.91 -81.01
N UNK H 533 15.91 38.90 -80.48
CA UNK H 533 16.64 40.13 -80.24
C UNK H 533 16.77 41.00 -81.48
N UNK H 534 17.25 40.36 -82.54
CA UNK H 534 17.45 41.06 -83.79
C UNK H 534 16.17 41.70 -84.29
N UNK H 535 15.11 40.91 -84.28
CA UNK H 535 13.81 41.30 -84.78
C UNK H 535 13.19 42.37 -83.94
N UNK H 536 13.46 42.31 -82.65
CA UNK H 536 12.98 43.26 -81.68
C UNK H 536 13.55 44.57 -82.11
N UNK H 537 14.87 44.58 -82.29
CA UNK H 537 15.55 45.78 -82.76
C UNK H 537 14.90 46.27 -84.07
N UNK H 538 14.72 45.36 -85.03
CA UNK H 538 14.12 45.67 -86.31
C UNK H 538 12.59 45.76 -86.39
N UNK H 539 11.89 45.54 -85.28
CA UNK H 539 10.45 45.59 -85.33
C UNK H 539 10.19 47.03 -85.28
N UNK H 540 9.35 47.47 -86.22
CA UNK H 540 9.04 48.88 -86.36
C UNK H 540 7.85 49.10 -87.28
N UNK H 541 7.26 48.00 -87.74
CA UNK H 541 6.12 48.06 -88.64
C UNK H 541 5.02 47.09 -88.21
N UNK H 542 5.26 45.80 -88.40
CA UNK H 542 4.27 44.79 -88.07
C UNK H 542 4.90 43.42 -87.88
N UNK H 543 4.86 42.83 -86.65
CA UNK H 543 5.56 41.52 -86.35
C UNK H 543 5.12 40.63 -85.15
N UNK H 544 3.87 40.75 -84.73
CA UNK H 544 3.38 39.97 -83.58
C UNK H 544 3.56 38.44 -83.67
N UNK H 545 3.43 37.88 -84.86
CA UNK H 545 3.57 36.44 -85.07
C UNK H 545 4.91 36.01 -84.53
N UNK H 546 5.92 36.65 -85.09
CA UNK H 546 7.31 36.44 -84.72
C UNK H 546 7.44 36.59 -83.23
N UNK H 547 6.95 37.71 -82.70
CA UNK H 547 6.97 37.95 -81.27
C UNK H 547 6.50 36.77 -80.41
N UNK H 548 5.25 36.32 -80.61
CA UNK H 548 4.72 35.22 -79.80
C UNK H 548 5.48 33.91 -80.00
N UNK H 549 5.92 33.69 -81.24
CA UNK H 549 6.68 32.50 -81.56
C UNK H 549 7.91 32.46 -80.65
N UNK H 550 8.63 33.58 -80.69
CA UNK H 550 9.81 33.79 -79.88
C UNK H 550 9.50 33.50 -78.43
N UNK H 551 8.42 34.11 -77.93
CA UNK H 551 7.96 33.90 -76.56
C UNK H 551 7.91 32.42 -76.22
N UNK H 552 7.10 31.65 -76.94
CA UNK H 552 7.00 30.21 -76.66
C UNK H 552 8.35 29.49 -76.64
N UNK H 553 9.15 29.79 -77.67
CA UNK H 553 10.46 29.20 -77.80
C UNK H 553 11.27 29.40 -76.53
N UNK H 554 11.41 30.67 -76.14
CA UNK H 554 12.17 31.06 -74.94
C UNK H 554 11.39 31.02 -73.61
N UNK H 555 10.28 30.33 -73.62
CA UNK H 555 9.46 30.04 -72.49
C UNK H 555 9.95 28.65 -72.15
N UNK H 556 10.02 27.77 -73.16
CA UNK H 556 10.51 26.43 -72.84
C UNK H 556 11.93 26.46 -72.27
N UNK H 557 12.64 27.56 -72.51
CA UNK H 557 14.00 27.76 -72.14
C UNK H 557 14.02 29.09 -71.42
N UNK H 558 13.80 28.99 -70.13
CA UNK H 558 13.81 30.13 -69.26
C UNK H 558 15.20 30.74 -69.35
N UNK H 559 16.22 29.90 -69.22
CA UNK H 559 17.61 30.31 -69.35
C UNK H 559 17.80 31.15 -70.60
N UNK H 560 17.39 30.61 -71.74
CA UNK H 560 17.52 31.29 -73.03
C UNK H 560 16.94 32.68 -72.93
N UNK H 561 15.68 32.73 -72.50
CA UNK H 561 14.98 33.99 -72.32
C UNK H 561 15.83 35.00 -71.53
N UNK H 562 16.21 34.59 -70.33
CA UNK H 562 17.01 35.43 -69.46
C UNK H 562 18.26 35.95 -70.13
N UNK H 563 19.01 35.03 -70.73
CA UNK H 563 20.26 35.37 -71.37
C UNK H 563 20.06 36.44 -72.42
N UNK H 564 19.08 36.19 -73.26
CA UNK H 564 18.72 37.07 -74.36
C UNK H 564 18.50 38.44 -73.79
N UNK H 565 17.58 38.48 -72.82
CA UNK H 565 17.21 39.68 -72.12
C UNK H 565 18.44 40.42 -71.69
N UNK H 566 19.29 39.76 -70.94
CA UNK H 566 20.54 40.34 -70.46
C UNK H 566 21.37 41.01 -71.55
N UNK H 567 21.74 40.28 -72.58
CA UNK H 567 22.58 40.89 -73.62
C UNK H 567 21.94 42.10 -74.29
N UNK H 568 20.66 41.91 -74.59
CA UNK H 568 19.86 42.91 -75.23
C UNK H 568 19.91 44.15 -74.39
N UNK H 569 19.57 43.97 -73.12
CA UNK H 569 19.54 44.97 -72.09
C UNK H 569 20.83 45.71 -72.17
N UNK H 570 21.96 45.06 -72.05
CA UNK H 570 23.26 45.73 -72.13
C UNK H 570 23.43 46.71 -73.31
N UNK H 571 23.25 46.18 -74.52
CA UNK H 571 23.41 47.06 -75.69
C UNK H 571 22.48 48.28 -75.65
N UNK H 572 21.23 47.91 -75.36
CA UNK H 572 20.13 48.83 -75.25
C UNK H 572 20.54 49.88 -74.27
N UNK H 573 20.92 49.45 -73.09
CA UNK H 573 21.37 50.25 -71.98
C UNK H 573 22.33 51.26 -72.47
N UNK H 574 23.48 50.92 -73.05
CA UNK H 574 24.41 51.99 -73.52
C UNK H 574 23.76 53.09 -74.38
N UNK H 575 23.15 52.61 -75.47
CA UNK H 575 22.52 53.58 -76.36
C UNK H 575 21.46 54.46 -75.69
N UNK H 576 20.60 53.82 -74.90
CA UNK H 576 19.46 54.44 -74.22
C UNK H 576 19.83 55.24 -72.99
N UNK H 577 21.05 54.98 -72.51
CA UNK H 577 21.68 55.66 -71.37
C UNK H 577 21.89 57.01 -71.90
N UNK H 578 22.42 57.12 -73.13
CA UNK H 578 22.42 58.46 -73.67
C UNK H 578 21.02 59.23 -73.60
N UNK H 579 19.94 58.76 -72.90
CA UNK H 579 18.71 59.52 -72.92
C UNK H 579 17.85 59.16 -71.71
N UNK H 580 16.60 59.63 -71.70
CA UNK H 580 15.67 59.36 -70.60
C UNK H 580 14.59 58.37 -71.02
N UNK H 581 14.93 57.36 -71.82
CA UNK H 581 14.02 56.29 -72.23
C UNK H 581 12.81 56.86 -72.98
N UNK H 582 13.09 57.11 -74.25
CA UNK H 582 12.10 57.47 -75.24
C UNK H 582 11.74 56.16 -75.99
N UNK H 583 10.90 56.33 -77.01
CA UNK H 583 10.38 55.27 -77.91
C UNK H 583 10.77 53.80 -77.74
N UNK H 584 11.64 53.35 -78.63
CA UNK H 584 12.10 51.98 -78.66
C UNK H 584 12.81 51.51 -77.40
N UNK H 585 13.52 52.40 -76.72
CA UNK H 585 14.20 52.03 -75.48
C UNK H 585 13.13 51.58 -74.52
N UNK H 586 12.13 52.44 -74.37
CA UNK H 586 10.99 52.17 -73.55
C UNK H 586 10.35 50.85 -73.95
N UNK H 587 10.12 50.69 -75.25
CA UNK H 587 9.54 49.49 -75.81
C UNK H 587 10.27 48.25 -75.31
N UNK H 588 11.58 48.25 -75.49
CA UNK H 588 12.45 47.18 -75.09
C UNK H 588 12.21 46.84 -73.65
N UNK H 589 12.33 47.87 -72.83
CA UNK H 589 12.13 47.73 -71.41
C UNK H 589 10.82 47.05 -71.09
N UNK H 590 9.74 47.58 -71.62
CA UNK H 590 8.41 47.04 -71.39
C UNK H 590 8.31 45.59 -71.79
N UNK H 591 8.84 45.28 -72.95
CA UNK H 591 8.86 43.93 -73.50
C UNK H 591 9.44 43.01 -72.48
N UNK H 592 10.66 43.36 -72.06
CA UNK H 592 11.38 42.62 -71.06
C UNK H 592 10.51 42.38 -69.85
N UNK H 593 9.99 43.47 -69.31
CA UNK H 593 9.13 43.45 -68.16
C UNK H 593 8.01 42.44 -68.29
N UNK H 594 7.24 42.57 -69.35
CA UNK H 594 6.11 41.72 -69.62
C UNK H 594 6.52 40.28 -69.61
N UNK H 595 7.56 40.00 -70.37
CA UNK H 595 8.11 38.69 -70.51
C UNK H 595 8.36 38.09 -69.15
N UNK H 596 9.15 38.82 -68.39
CA UNK H 596 9.53 38.47 -67.05
C UNK H 596 8.33 38.07 -66.23
N UNK H 597 7.38 39.01 -66.19
CA UNK H 597 6.12 38.91 -65.46
C UNK H 597 5.51 37.58 -65.75
N UNK H 598 5.27 37.36 -67.03
CA UNK H 598 4.73 36.12 -67.49
C UNK H 598 5.60 34.98 -67.03
N UNK H 599 6.88 35.02 -67.36
CA UNK H 599 7.70 33.87 -67.02
C UNK H 599 7.91 33.61 -65.54
N UNK H 600 8.01 34.70 -64.78
CA UNK H 600 8.27 34.72 -63.34
C UNK H 600 7.27 33.78 -62.80
N UNK H 601 6.14 33.93 -63.43
CA UNK H 601 5.02 33.04 -63.15
C UNK H 601 5.31 31.63 -63.67
N UNK H 602 5.49 31.57 -64.97
CA UNK H 602 5.76 30.32 -65.65
C UNK H 602 6.91 29.55 -65.04
N UNK H 603 8.00 30.27 -64.84
CA UNK H 603 9.25 29.80 -64.33
C UNK H 603 9.40 29.73 -62.84
N UNK H 604 8.32 29.46 -62.13
CA UNK H 604 8.50 29.11 -60.73
C UNK H 604 9.42 27.82 -60.57
N UNK H 605 10.23 27.55 -61.61
CA UNK H 605 11.30 26.61 -61.91
C UNK H 605 12.43 26.45 -60.86
N UNK H 606 13.62 26.16 -61.37
CA UNK H 606 14.76 25.91 -60.51
C UNK H 606 15.48 27.13 -59.97
N UNK H 607 16.74 26.86 -59.60
CA UNK H 607 17.73 27.82 -59.10
C UNK H 607 18.59 28.32 -60.26
N UNK H 608 18.37 27.71 -61.43
CA UNK H 608 18.92 28.15 -62.69
C UNK H 608 18.16 29.47 -62.78
N UNK H 609 16.82 29.40 -62.68
CA UNK H 609 15.96 30.57 -62.55
C UNK H 609 16.56 31.53 -61.51
N UNK H 610 16.88 31.07 -60.30
CA UNK H 610 17.47 31.94 -59.29
C UNK H 610 18.70 32.75 -59.77
N UNK H 611 19.68 32.07 -60.34
CA UNK H 611 20.92 32.69 -60.83
C UNK H 611 20.69 33.56 -62.05
N UNK H 612 19.68 33.20 -62.82
CA UNK H 612 19.28 33.92 -64.01
C UNK H 612 18.65 35.21 -63.59
N UNK H 613 17.93 35.13 -62.48
CA UNK H 613 17.27 36.21 -61.82
C UNK H 613 18.37 37.14 -61.37
N UNK H 614 19.42 36.58 -60.78
CA UNK H 614 20.56 37.39 -60.37
C UNK H 614 21.07 38.16 -61.57
N UNK H 615 21.30 37.47 -62.67
CA UNK H 615 21.77 38.13 -63.87
C UNK H 615 20.85 39.28 -64.30
N UNK H 616 19.56 38.99 -64.32
CA UNK H 616 18.55 39.93 -64.70
C UNK H 616 18.67 41.18 -63.85
N UNK H 617 18.71 40.97 -62.54
CA UNK H 617 18.83 42.00 -61.54
C UNK H 617 20.00 42.86 -61.88
N UNK H 618 21.13 42.17 -62.01
CA UNK H 618 22.37 42.75 -62.38
C UNK H 618 22.10 43.57 -63.62
N UNK H 619 21.32 43.07 -64.61
CA UNK H 619 21.11 44.05 -65.67
C UNK H 619 20.28 45.25 -65.22
N UNK H 620 19.23 44.90 -64.48
CA UNK H 620 18.37 45.88 -63.85
C UNK H 620 19.29 46.75 -63.02
N UNK H 621 20.34 46.14 -62.48
CA UNK H 621 21.33 46.85 -61.70
C UNK H 621 21.85 47.94 -62.59
N GLY H 622 22.35 47.55 -63.76
CA GLY H 622 22.89 48.50 -64.72
C GLY H 622 21.85 49.45 -65.27
N UNK H 623 20.61 48.98 -65.39
CA UNK H 623 19.51 49.82 -65.85
C UNK H 623 19.45 51.01 -64.91
N GLY H 624 19.35 50.70 -63.62
CA GLY H 624 19.33 51.72 -62.60
C GLY H 624 20.55 52.60 -62.67
N UNK H 625 21.72 51.99 -62.86
CA UNK H 625 22.99 52.73 -62.95
C UNK H 625 22.69 54.23 -63.09
N UNK H 626 22.01 54.61 -64.17
CA UNK H 626 21.64 56.03 -64.42
C UNK H 626 20.14 56.21 -64.17
N UNK H 627 19.43 55.11 -63.86
CA UNK H 627 17.98 55.11 -63.58
C UNK H 627 17.22 55.78 -64.74
N UNK H 628 17.57 55.42 -65.99
CA UNK H 628 16.61 55.12 -67.09
C UNK H 628 15.44 56.10 -67.08
N UNK H 629 14.24 55.60 -66.81
CA UNK H 629 13.01 56.42 -66.76
C UNK H 629 11.90 55.65 -66.04
N UNK H 630 12.28 54.58 -65.32
CA UNK H 630 11.32 53.76 -64.60
C UNK H 630 11.43 52.27 -64.88
N UNK H 631 12.08 51.93 -65.99
CA UNK H 631 12.37 50.57 -66.41
C UNK H 631 12.95 49.91 -65.17
N UNK H 632 13.95 50.59 -64.60
CA UNK H 632 14.57 50.16 -63.36
C UNK H 632 13.51 50.04 -62.28
N UNK H 633 12.63 51.05 -62.17
CA UNK H 633 11.54 50.97 -61.21
C UNK H 633 10.73 49.65 -61.30
N UNK H 634 10.32 49.30 -62.51
CA UNK H 634 9.54 48.09 -62.78
C UNK H 634 10.33 46.83 -62.53
N UNK H 635 11.62 46.90 -62.77
CA UNK H 635 12.53 45.80 -62.54
C UNK H 635 12.61 45.55 -61.05
N UNK H 636 12.64 46.64 -60.29
CA UNK H 636 12.65 46.59 -58.85
C UNK H 636 11.35 45.98 -58.40
N UNK H 637 10.24 46.35 -59.04
CA UNK H 637 8.96 45.75 -58.71
C UNK H 637 9.03 44.25 -58.90
N UNK H 638 9.58 43.83 -60.03
CA UNK H 638 9.76 42.41 -60.30
C UNK H 638 10.54 41.75 -59.18
N UNK H 639 11.66 42.36 -58.81
CA UNK H 639 12.48 41.87 -57.74
C UNK H 639 11.65 41.65 -56.49
N UNK H 640 10.95 42.71 -56.10
CA UNK H 640 10.08 42.77 -54.95
C UNK H 640 9.22 41.56 -54.97
N UNK H 641 8.63 41.28 -56.11
CA UNK H 641 7.93 40.02 -56.19
C UNK H 641 8.93 38.89 -55.98
N UNK H 642 9.93 38.88 -56.86
CA UNK H 642 11.02 37.93 -56.91
C UNK H 642 11.59 37.67 -55.54
N UNK H 643 12.33 38.65 -55.03
CA UNK H 643 12.83 38.50 -53.67
C UNK H 643 11.71 38.16 -52.70
N UNK H 644 10.54 38.76 -52.89
CA UNK H 644 9.41 38.47 -52.01
C UNK H 644 9.11 36.99 -51.98
N UNK H 645 9.31 36.31 -53.10
CA UNK H 645 9.12 34.87 -53.13
C UNK H 645 10.41 34.07 -53.06
N UNK H 646 11.57 34.74 -52.90
CA UNK H 646 12.84 34.07 -53.10
C UNK H 646 13.13 32.95 -52.11
N UNK H 647 13.36 33.30 -50.84
CA UNK H 647 13.76 32.35 -49.80
C UNK H 647 14.88 31.39 -50.26
N UNK H 648 15.69 31.83 -51.23
CA UNK H 648 16.74 30.99 -51.81
C UNK H 648 18.11 31.41 -51.25
N UNK H 649 19.18 30.84 -51.79
CA UNK H 649 20.54 31.15 -51.30
C UNK H 649 21.20 32.27 -52.11
N GLY H 650 21.61 31.90 -53.33
CA GLY H 650 22.32 32.75 -54.29
C GLY H 650 23.10 33.93 -53.73
N UNK H 651 23.86 33.65 -52.68
CA UNK H 651 24.61 34.69 -51.97
C UNK H 651 25.30 35.71 -52.83
N UNK H 652 26.08 35.24 -53.78
CA UNK H 652 26.84 36.12 -54.65
C UNK H 652 25.90 37.06 -55.38
N UNK H 653 24.90 36.45 -55.98
CA UNK H 653 23.88 37.19 -56.71
C UNK H 653 23.25 38.25 -55.82
N UNK H 654 23.23 37.95 -54.52
CA UNK H 654 22.78 38.88 -53.50
C UNK H 654 23.61 40.17 -53.60
N UNK H 655 24.82 40.00 -54.09
CA UNK H 655 25.74 41.10 -54.27
C UNK H 655 25.27 42.06 -55.36
N UNK H 656 24.64 41.51 -56.38
CA UNK H 656 24.14 42.32 -57.49
C UNK H 656 23.05 43.20 -56.93
N UNK H 657 22.40 42.57 -55.97
CA UNK H 657 21.43 43.20 -55.16
C UNK H 657 22.18 44.34 -54.50
N UNK H 658 23.44 44.12 -54.17
CA UNK H 658 24.22 45.18 -53.53
C UNK H 658 24.31 46.38 -54.45
N UNK H 659 24.55 46.06 -55.70
CA UNK H 659 24.65 47.03 -56.75
C UNK H 659 23.35 47.79 -56.79
N UNK H 660 22.25 47.05 -56.85
CA UNK H 660 20.92 47.61 -56.88
C UNK H 660 20.65 48.58 -55.75
N UNK H 661 21.04 48.19 -54.54
CA UNK H 661 20.86 49.02 -53.37
C UNK H 661 21.52 50.36 -53.61
N UNK H 662 22.79 50.29 -54.01
CA UNK H 662 23.55 51.50 -54.34
C UNK H 662 22.78 52.36 -55.33
N UNK H 663 22.37 51.72 -56.41
CA UNK H 663 21.59 52.36 -57.45
C UNK H 663 20.39 53.13 -56.89
N UNK H 664 19.53 52.48 -56.11
CA UNK H 664 18.33 53.11 -55.56
C UNK H 664 18.64 54.29 -54.66
N UNK H 665 19.75 54.15 -53.90
CA UNK H 665 20.18 55.21 -52.97
C UNK H 665 20.63 56.45 -53.76
N UNK H 666 21.12 56.23 -54.99
CA UNK H 666 21.57 57.35 -55.86
C UNK H 666 20.37 58.00 -56.54
N UNK H 667 19.25 57.27 -56.61
CA UNK H 667 18.02 57.78 -57.25
C UNK H 667 16.96 58.08 -56.17
N UNK H 668 17.05 59.27 -55.55
CA UNK H 668 16.10 59.69 -54.49
C UNK H 668 16.00 58.59 -53.43
N UNK H 669 14.77 58.14 -53.15
CA UNK H 669 14.53 57.08 -52.15
C UNK H 669 13.29 56.26 -52.54
N UNK H 670 12.12 56.66 -52.03
CA UNK H 670 10.85 55.96 -52.35
C UNK H 670 10.74 54.42 -52.43
N UNK H 671 10.49 53.92 -53.64
CA UNK H 671 10.31 52.49 -53.88
C UNK H 671 11.59 51.68 -53.80
N UNK H 672 12.73 52.36 -53.93
CA UNK H 672 14.07 51.77 -53.79
C UNK H 672 14.34 51.59 -52.29
N UNK H 673 13.70 52.43 -51.49
CA UNK H 673 13.77 52.29 -50.06
C UNK H 673 12.83 51.12 -49.73
N UNK H 674 11.71 51.06 -50.45
CA UNK H 674 10.76 49.98 -50.26
C UNK H 674 11.61 48.81 -50.62
N UNK H 675 12.29 48.94 -51.76
CA UNK H 675 13.27 47.93 -52.11
C UNK H 675 14.29 47.84 -50.97
N UNK H 676 14.42 48.91 -50.20
CA UNK H 676 15.27 48.85 -49.04
C UNK H 676 14.50 48.00 -48.05
N UNK H 677 13.21 48.27 -47.96
CA UNK H 677 12.33 47.55 -47.08
C UNK H 677 12.45 46.19 -47.65
N UNK H 678 12.44 46.09 -48.98
CA UNK H 678 12.69 44.76 -49.50
C UNK H 678 14.07 44.27 -49.13
N UNK H 679 15.04 45.15 -49.31
CA UNK H 679 16.44 44.91 -49.04
C UNK H 679 16.71 44.73 -47.58
N UNK H 680 15.94 45.42 -46.77
CA UNK H 680 16.03 45.33 -45.32
C UNK H 680 15.65 43.91 -44.97
N UNK H 681 14.54 43.48 -45.57
CA UNK H 681 14.11 42.10 -45.41
C UNK H 681 15.18 41.13 -45.93
N UNK H 682 15.82 41.46 -47.04
CA UNK H 682 16.87 40.69 -47.63
C UNK H 682 18.07 40.53 -46.71
N UNK H 683 18.38 41.56 -45.94
CA UNK H 683 19.49 41.59 -44.99
C UNK H 683 19.14 40.71 -43.82
N UNK H 684 17.84 40.74 -43.50
CA UNK H 684 17.35 39.86 -42.47
C UNK H 684 17.59 38.44 -42.98
N UNK H 685 17.22 38.18 -44.24
CA UNK H 685 17.48 36.91 -44.89
C UNK H 685 18.98 36.54 -44.94
N UNK H 686 19.85 37.51 -45.08
CA UNK H 686 21.28 37.28 -45.07
C UNK H 686 21.59 36.62 -43.75
N UNK H 687 21.18 37.24 -42.65
CA UNK H 687 21.47 36.55 -41.38
C UNK H 687 20.29 35.71 -40.87
N UNK H 688 19.59 35.03 -41.78
CA UNK H 688 18.37 34.26 -41.45
C UNK H 688 18.08 32.84 -40.92
N UNK H 689 17.57 31.99 -41.81
CA UNK H 689 16.82 30.78 -41.35
C UNK H 689 16.52 29.48 -42.10
N UNK H 690 16.75 29.40 -43.40
CA UNK H 690 16.51 28.14 -44.12
C UNK H 690 17.59 27.18 -43.64
N UNK H 691 18.79 27.73 -43.56
CA UNK H 691 19.96 27.05 -43.04
C UNK H 691 19.85 26.92 -41.52
N UNK H 692 19.06 27.77 -40.85
CA UNK H 692 18.81 27.62 -39.43
C UNK H 692 18.07 26.30 -39.31
N UNK H 693 17.05 26.09 -40.15
CA UNK H 693 16.36 24.81 -40.16
C UNK H 693 17.38 23.68 -40.43
N UNK H 694 18.25 23.86 -41.42
CA UNK H 694 19.25 22.81 -41.69
C UNK H 694 20.10 22.46 -40.44
N UNK H 695 20.54 23.53 -39.78
CA UNK H 695 21.35 23.69 -38.52
C UNK H 695 22.90 23.80 -38.50
N UNK H 696 23.44 25.04 -38.39
CA UNK H 696 24.93 25.21 -38.22
C UNK H 696 25.49 26.48 -37.46
N UNK H 697 26.56 27.11 -37.98
CA UNK H 697 27.17 28.32 -37.42
C UNK H 697 27.29 29.56 -38.31
N UNK H 698 28.40 29.56 -39.04
CA UNK H 698 28.74 30.56 -40.00
C UNK H 698 28.45 31.97 -39.55
N UNK H 699 29.06 32.40 -38.45
CA UNK H 699 30.51 32.60 -38.31
C UNK H 699 31.16 33.07 -39.59
N UNK H 700 31.55 32.12 -40.44
CA UNK H 700 32.12 32.41 -41.72
C UNK H 700 31.13 33.17 -42.58
N UNK H 701 29.84 32.81 -42.53
CA UNK H 701 28.85 33.52 -43.36
C UNK H 701 28.42 34.80 -42.71
N UNK H 702 28.72 34.94 -41.41
CA UNK H 702 28.48 36.13 -40.67
C UNK H 702 29.53 37.07 -41.19
N UNK H 703 30.75 36.59 -41.41
CA UNK H 703 31.84 37.34 -42.02
C UNK H 703 31.55 37.61 -43.50
N UNK H 704 30.77 36.75 -44.14
CA UNK H 704 30.37 36.90 -45.53
C UNK H 704 29.40 38.08 -45.59
N UNK H 705 28.56 38.12 -44.57
CA UNK H 705 27.60 39.16 -44.37
C UNK H 705 28.30 40.42 -43.90
N UNK H 706 29.49 40.31 -43.30
CA UNK H 706 30.33 41.41 -42.84
C UNK H 706 30.96 42.02 -44.07
N UNK H 707 31.21 41.20 -45.07
CA UNK H 707 31.69 41.74 -46.31
C UNK H 707 30.50 42.52 -46.83
N UNK H 708 29.33 41.89 -46.84
CA UNK H 708 28.11 42.56 -47.30
C UNK H 708 27.94 43.83 -46.49
N UNK H 709 28.12 43.71 -45.19
CA UNK H 709 28.09 44.83 -44.29
C UNK H 709 29.04 45.88 -44.82
N UNK H 710 30.05 45.46 -45.57
CA UNK H 710 30.94 46.39 -46.22
C UNK H 710 30.03 47.00 -47.28
N UNK H 711 29.27 46.17 -47.99
CA UNK H 711 28.30 46.72 -48.93
C UNK H 711 27.17 47.55 -48.25
N UNK H 712 26.84 47.24 -47.00
CA UNK H 712 25.80 47.90 -46.22
C UNK H 712 26.30 49.25 -45.77
N UNK H 713 27.61 49.31 -45.59
CA UNK H 713 28.35 50.49 -45.23
C UNK H 713 28.36 51.33 -46.47
N UNK H 714 28.43 50.73 -47.66
CA UNK H 714 28.33 51.48 -48.90
C UNK H 714 26.92 52.05 -49.01
N UNK H 715 25.92 51.30 -48.56
CA UNK H 715 24.55 51.80 -48.56
C UNK H 715 24.46 52.99 -47.61
N UNK H 716 25.13 52.89 -46.46
CA UNK H 716 25.20 53.97 -45.49
C UNK H 716 25.83 55.16 -46.17
N UNK H 717 26.94 54.90 -46.87
CA UNK H 717 27.76 55.80 -47.68
C UNK H 717 27.04 56.48 -48.82
N UNK H 718 25.90 55.93 -49.26
CA UNK H 718 25.01 56.54 -50.18
C UNK H 718 24.28 57.57 -49.29
N UNK H 719 23.18 57.17 -48.59
CA UNK H 719 22.42 58.19 -47.77
C UNK H 719 21.35 57.73 -46.73
N UNK H 720 20.08 58.10 -47.02
CA UNK H 720 18.79 57.84 -46.38
C UNK H 720 18.54 56.52 -45.66
N UNK H 721 17.67 56.55 -44.65
CA UNK H 721 17.22 55.38 -43.82
C UNK H 721 17.99 54.76 -42.59
N UNK H 722 17.40 54.90 -41.40
CA UNK H 722 18.07 54.39 -40.18
C UNK H 722 18.26 52.87 -40.09
N UNK H 723 17.67 52.18 -41.05
CA UNK H 723 17.75 50.75 -41.12
C UNK H 723 19.19 50.32 -41.12
N UNK H 724 19.98 50.91 -42.02
CA UNK H 724 21.38 50.56 -42.11
C UNK H 724 22.10 50.71 -40.78
N UNK H 725 21.88 51.81 -40.10
CA UNK H 725 22.53 52.05 -38.81
C UNK H 725 22.24 50.91 -37.87
N UNK H 726 20.95 50.64 -37.76
CA UNK H 726 20.46 49.56 -36.91
C UNK H 726 21.20 48.26 -37.25
N UNK H 727 21.17 47.94 -38.52
CA UNK H 727 21.80 46.76 -39.07
C UNK H 727 23.22 46.65 -38.62
N UNK H 728 23.97 47.70 -38.88
CA UNK H 728 25.37 47.80 -38.54
C UNK H 728 25.60 47.41 -37.12
N UNK H 729 24.89 48.11 -36.26
CA UNK H 729 24.95 47.88 -34.82
C UNK H 729 24.81 46.42 -34.52
N UNK H 730 23.68 45.89 -34.95
CA UNK H 730 23.34 44.49 -34.74
C UNK H 730 24.45 43.57 -35.19
N UNK H 731 24.90 43.78 -36.41
CA UNK H 731 25.94 43.02 -37.04
C UNK H 731 27.12 42.95 -36.13
N UNK H 732 27.66 44.11 -35.79
CA UNK H 732 28.82 44.17 -34.92
C UNK H 732 28.63 43.43 -33.60
N UNK H 733 27.48 43.70 -32.99
CA UNK H 733 27.09 43.11 -31.75
C UNK H 733 27.24 41.61 -31.84
N UNK H 734 26.53 41.07 -32.81
CA UNK H 734 26.50 39.66 -33.11
C UNK H 734 27.91 39.15 -33.26
N UNK H 735 28.64 39.81 -34.15
CA UNK H 735 30.02 39.51 -34.47
C UNK H 735 30.87 39.25 -33.25
N UNK H 736 30.82 40.11 -32.25
CA UNK H 736 31.62 39.80 -31.09
C UNK H 736 30.86 38.90 -30.10
N UNK H 737 30.70 39.42 -28.89
CA UNK H 737 29.99 38.83 -27.74
C UNK H 737 30.05 37.33 -27.66
N UNK H 738 30.25 36.69 -28.80
CA UNK H 738 30.52 35.29 -28.89
C UNK H 738 31.95 35.20 -28.36
N UNK H 739 32.91 35.48 -29.26
CA UNK H 739 34.41 35.45 -29.09
C UNK H 739 35.10 35.39 -30.41
N UNK H 740 34.33 35.21 -31.48
CA UNK H 740 34.76 35.13 -32.87
C UNK H 740 35.90 36.08 -33.26
N UNK H 741 36.85 35.56 -34.05
CA UNK H 741 37.99 36.36 -34.47
C UNK H 741 38.67 35.77 -35.71
N UNK H 742 38.92 36.62 -36.72
CA UNK H 742 39.54 36.19 -37.97
C UNK H 742 40.15 37.31 -38.86
N UNK H 743 40.07 38.57 -38.38
CA UNK H 743 40.71 39.86 -38.91
C UNK H 743 40.29 40.92 -40.00
N UNK H 744 40.36 40.57 -41.27
CA UNK H 744 40.10 41.53 -42.35
C UNK H 744 38.77 42.29 -42.34
N UNK H 745 37.70 41.62 -41.94
CA UNK H 745 36.38 42.25 -41.91
C UNK H 745 36.36 43.32 -40.86
N UNK H 746 37.01 43.04 -39.74
CA UNK H 746 37.15 43.96 -38.65
C UNK H 746 37.86 45.16 -39.20
N UNK H 747 38.98 44.94 -39.91
CA UNK H 747 39.68 46.04 -40.56
C UNK H 747 38.69 46.89 -41.36
N UNK H 748 37.94 46.26 -42.26
CA UNK H 748 36.92 46.94 -43.05
C UNK H 748 35.93 47.82 -42.27
N UNK H 749 35.02 47.14 -41.58
CA UNK H 749 33.95 47.62 -40.72
C UNK H 749 34.27 48.98 -40.16
N UNK H 750 35.45 49.05 -39.56
CA UNK H 750 35.97 50.25 -38.94
C UNK H 750 35.85 51.41 -39.88
N UNK H 751 36.39 51.23 -41.08
CA UNK H 751 36.30 52.26 -42.13
C UNK H 751 34.87 52.73 -42.25
N UNK H 752 33.99 51.78 -42.49
CA UNK H 752 32.56 52.11 -42.59
C UNK H 752 32.03 52.86 -41.37
N UNK H 753 32.37 52.33 -40.20
CA UNK H 753 31.98 52.86 -38.92
C UNK H 753 32.35 54.31 -38.87
N UNK H 754 33.62 54.56 -39.11
CA UNK H 754 34.21 55.88 -39.13
C UNK H 754 33.36 56.78 -39.98
N UNK H 755 33.18 56.38 -41.22
CA UNK H 755 32.36 57.11 -42.15
C UNK H 755 31.00 57.53 -41.60
N UNK H 756 30.19 56.57 -41.17
CA UNK H 756 28.84 56.91 -40.68
C UNK H 756 28.82 57.72 -39.39
N UNK H 757 29.83 57.47 -38.57
CA UNK H 757 29.96 58.14 -37.30
C UNK H 757 30.17 59.60 -37.63
N UNK H 758 31.08 59.86 -38.55
CA UNK H 758 31.37 61.20 -39.04
C UNK H 758 30.06 61.78 -39.53
N UNK H 759 29.39 61.06 -40.41
CA UNK H 759 28.12 61.46 -40.96
C UNK H 759 27.13 61.99 -39.91
N UNK H 760 26.95 61.34 -38.76
CA UNK H 760 26.00 61.91 -37.79
C UNK H 760 26.21 61.87 -36.24
N UNK H 761 25.18 61.29 -35.62
CA UNK H 761 24.76 60.98 -34.26
C UNK H 761 26.07 60.17 -34.28
N UNK H 762 27.04 60.49 -33.44
CA UNK H 762 28.28 59.66 -33.36
C UNK H 762 28.26 58.15 -32.82
N UNK H 763 27.19 57.41 -33.08
CA UNK H 763 27.08 56.02 -32.60
C UNK H 763 28.17 55.14 -33.17
N UNK H 764 28.60 55.54 -34.37
CA UNK H 764 29.65 54.86 -35.07
C UNK H 764 30.86 54.91 -34.19
N UNK H 765 31.20 56.10 -33.70
CA UNK H 765 32.32 56.26 -32.82
C UNK H 765 32.23 55.33 -31.62
N UNK H 766 31.08 55.24 -30.97
CA UNK H 766 30.92 54.34 -29.82
C UNK H 766 31.34 52.93 -30.16
N UNK H 767 30.75 52.47 -31.26
CA UNK H 767 31.02 51.15 -31.79
C UNK H 767 32.52 50.99 -31.95
N UNK H 768 33.08 51.92 -32.70
CA UNK H 768 34.48 51.99 -32.97
C UNK H 768 35.31 51.90 -31.71
N UNK H 769 34.99 52.67 -30.69
CA UNK H 769 35.69 52.68 -29.43
C UNK H 769 35.80 51.29 -28.84
N UNK H 770 34.64 50.67 -28.68
CA UNK H 770 34.64 49.31 -28.12
C UNK H 770 35.53 48.37 -28.95
N UNK H 771 35.28 48.45 -30.25
CA UNK H 771 36.00 47.71 -31.25
C UNK H 771 37.48 47.91 -31.03
N UNK H 772 37.91 49.14 -30.99
CA UNK H 772 39.26 49.57 -30.78
C UNK H 772 39.92 48.94 -29.59
N UNK H 773 39.32 48.98 -28.40
CA UNK H 773 40.00 48.35 -27.24
C UNK H 773 40.26 46.86 -27.50
N UNK H 774 39.15 46.27 -27.94
CA UNK H 774 39.14 44.87 -28.29
C UNK H 774 40.28 44.56 -29.26
N UNK H 775 40.33 45.34 -30.34
CA UNK H 775 41.26 45.30 -31.48
C UNK H 775 42.69 45.64 -31.19
N UNK H 776 42.90 46.36 -30.09
CA UNK H 776 44.21 46.75 -29.61
C UNK H 776 44.75 45.40 -29.30
N UNK H 777 44.04 44.63 -28.47
CA UNK H 777 44.55 43.23 -28.41
C UNK H 777 44.58 42.47 -29.82
N UNK H 778 43.37 42.23 -30.29
CA UNK H 778 42.77 41.57 -31.43
C UNK H 778 43.53 42.09 -32.62
N UNK H 779 43.78 43.40 -32.66
CA UNK H 779 44.52 44.08 -33.70
C UNK H 779 46.00 43.98 -33.45
N UNK H 780 46.43 43.46 -32.31
CA UNK H 780 47.84 43.18 -32.15
C UNK H 780 47.93 42.02 -33.16
N UNK H 781 47.07 41.00 -33.01
CA UNK H 781 47.03 39.96 -34.05
C UNK H 781 46.70 40.51 -35.48
N UNK H 782 45.86 41.53 -35.57
CA UNK H 782 45.50 42.03 -36.86
C UNK H 782 46.61 42.83 -37.51
N UNK H 783 47.53 43.38 -36.73
CA UNK H 783 48.73 44.12 -37.17
C UNK H 783 49.85 43.15 -37.45
N UNK H 784 49.68 41.92 -36.94
CA UNK H 784 50.55 40.83 -37.32
C UNK H 784 50.09 40.56 -38.76
N UNK H 785 48.77 40.59 -39.03
CA UNK H 785 48.31 40.51 -40.42
C UNK H 785 48.27 41.89 -41.16
N UNK H 786 48.81 42.94 -40.50
CA UNK H 786 48.92 44.37 -40.87
C UNK H 786 47.58 45.11 -40.77
N GLY H 787 47.29 45.70 -39.61
CA GLY H 787 46.01 46.32 -39.47
C GLY H 787 46.40 47.60 -40.15
N UNK H 788 46.81 47.54 -41.42
CA UNK H 788 47.23 48.75 -42.12
C UNK H 788 46.05 49.68 -42.21
N UNK H 789 44.95 49.08 -42.65
CA UNK H 789 43.68 49.75 -42.78
C UNK H 789 43.36 50.29 -41.42
N UNK H 790 43.39 49.41 -40.41
CA UNK H 790 43.13 49.78 -39.04
C UNK H 790 43.91 51.02 -38.64
N UNK H 791 45.21 51.03 -38.82
CA UNK H 791 46.08 52.13 -38.48
C UNK H 791 45.61 53.40 -39.10
N UNK H 792 45.46 53.38 -40.42
CA UNK H 792 45.04 54.54 -41.16
C UNK H 792 43.74 55.05 -40.62
N UNK H 793 42.78 54.15 -40.51
CA UNK H 793 41.45 54.44 -40.02
C UNK H 793 41.46 55.02 -38.63
N UNK H 794 42.27 54.43 -37.78
CA UNK H 794 42.43 54.80 -36.40
C UNK H 794 42.81 56.21 -36.42
N UNK H 795 43.90 56.51 -37.10
CA UNK H 795 44.42 57.86 -37.24
C UNK H 795 43.31 58.81 -37.67
N UNK H 796 42.66 58.45 -38.76
CA UNK H 796 41.59 59.21 -39.33
C UNK H 796 40.55 59.60 -38.30
N UNK H 797 39.99 58.60 -37.64
CA UNK H 797 38.92 58.77 -36.67
C UNK H 797 39.35 59.47 -35.41
N UNK H 798 40.61 59.25 -35.08
CA UNK H 798 41.24 59.83 -33.92
C UNK H 798 41.15 61.28 -34.21
N UNK H 799 41.67 61.69 -35.36
CA UNK H 799 41.65 63.06 -35.81
C UNK H 799 40.24 63.61 -35.97
N UNK H 800 39.29 62.78 -36.39
CA UNK H 800 37.93 63.17 -36.56
C UNK H 800 37.46 63.69 -35.23
N UNK H 801 37.63 62.89 -34.19
CA UNK H 801 37.23 63.33 -32.86
C UNK H 801 38.06 64.54 -32.46
N UNK H 802 39.35 64.40 -32.69
CA UNK H 802 40.34 65.40 -32.40
C UNK H 802 39.91 66.69 -32.99
N UNK H 803 39.30 66.63 -34.17
CA UNK H 803 38.84 67.85 -34.75
C UNK H 803 37.79 68.38 -33.81
N UNK H 804 36.83 67.52 -33.52
CA UNK H 804 35.78 67.88 -32.60
C UNK H 804 36.37 68.29 -31.26
N UNK H 805 37.49 67.65 -30.92
CA UNK H 805 38.17 67.87 -29.64
C UNK H 805 37.16 67.75 -28.50
N UNK H 806 36.43 66.65 -28.47
CA UNK H 806 36.82 65.41 -27.83
C UNK H 806 35.61 64.52 -27.60
N UNK H 807 34.42 65.09 -27.77
CA UNK H 807 33.17 64.37 -27.60
C UNK H 807 33.05 63.61 -26.28
N UNK H 808 33.47 64.24 -25.18
CA UNK H 808 33.43 63.68 -23.84
C UNK H 808 33.75 62.19 -23.75
N UNK H 809 32.68 61.42 -23.59
CA UNK H 809 32.72 59.98 -23.50
C UNK H 809 33.50 59.49 -24.66
N UNK H 810 33.15 59.97 -25.85
CA UNK H 810 33.98 59.57 -26.96
C UNK H 810 35.33 60.22 -26.69
N UNK H 811 35.35 61.47 -26.25
CA UNK H 811 36.61 62.13 -25.90
C UNK H 811 37.36 61.40 -24.76
N UNK H 812 36.63 60.83 -23.80
CA UNK H 812 37.21 60.11 -22.66
C UNK H 812 37.84 58.84 -23.21
N UNK H 813 37.08 58.25 -24.12
CA UNK H 813 37.53 57.07 -24.81
C UNK H 813 38.82 57.42 -25.53
N UNK H 814 38.88 58.56 -26.23
CA UNK H 814 40.03 59.07 -26.95
C UNK H 814 41.25 59.43 -26.10
N UNK H 815 41.05 59.81 -24.84
CA UNK H 815 42.16 60.09 -23.91
C UNK H 815 42.80 58.75 -23.61
N UNK H 816 41.89 57.78 -23.39
CA UNK H 816 42.32 56.41 -23.21
C UNK H 816 42.96 55.88 -24.52
N UNK H 817 42.49 56.35 -25.67
CA UNK H 817 42.95 56.02 -27.00
C UNK H 817 44.28 56.65 -27.27
N UNK H 818 44.63 57.73 -26.58
CA UNK H 818 45.93 58.37 -26.71
C UNK H 818 46.84 57.37 -26.03
N UNK H 819 46.41 56.90 -24.85
CA UNK H 819 47.21 55.82 -24.25
C UNK H 819 47.30 54.56 -25.15
N UNK H 820 46.21 54.22 -25.85
CA UNK H 820 46.17 53.05 -26.69
C UNK H 820 46.91 53.24 -27.97
N UNK H 821 47.06 54.51 -28.36
CA UNK H 821 47.76 54.92 -29.54
C UNK H 821 49.11 54.50 -29.17
N UNK H 822 49.64 54.96 -28.03
CA UNK H 822 50.97 54.50 -27.60
C UNK H 822 51.13 52.97 -27.64
N UNK H 823 50.14 52.30 -27.05
CA UNK H 823 50.11 50.85 -27.02
C UNK H 823 50.32 50.23 -28.40
N UNK H 824 49.46 50.63 -29.33
CA UNK H 824 49.45 50.15 -30.70
C UNK H 824 50.54 50.73 -31.60
N UNK H 825 51.19 51.76 -31.12
CA UNK H 825 52.30 52.42 -31.79
C UNK H 825 53.47 51.49 -31.61
N UNK H 826 53.56 50.84 -30.43
CA UNK H 826 54.59 49.82 -30.24
C UNK H 826 54.48 48.83 -31.42
N UNK H 827 53.30 48.84 -32.05
CA UNK H 827 53.02 48.05 -33.25
C UNK H 827 52.94 48.87 -34.60
N UNK H 828 52.66 50.16 -34.54
CA UNK H 828 52.54 50.97 -35.73
C UNK H 828 53.87 51.47 -36.15
N UNK H 829 54.85 51.39 -35.26
CA UNK H 829 56.27 51.65 -35.46
C UNK H 829 56.71 50.43 -36.22
N UNK H 830 56.20 49.24 -35.85
CA UNK H 830 56.47 48.10 -36.70
C UNK H 830 55.86 48.46 -38.09
N UNK H 831 54.63 48.98 -38.16
CA UNK H 831 54.12 49.43 -39.46
C UNK H 831 54.99 50.51 -40.18
N UNK H 832 55.51 51.48 -39.41
CA UNK H 832 56.30 52.64 -39.87
C UNK H 832 56.92 53.42 -38.68
N UNK H 833 58.22 53.68 -38.72
CA UNK H 833 58.97 54.32 -37.58
C UNK H 833 60.32 55.11 -37.55
N UNK H 834 60.80 55.32 -36.31
CA UNK H 834 62.05 56.04 -35.93
C UNK H 834 62.12 57.54 -36.18
N UNK H 835 63.01 58.19 -35.42
CA UNK H 835 63.27 59.63 -35.43
C UNK H 835 63.13 60.29 -36.80
N UNK H 836 64.03 59.90 -37.68
CA UNK H 836 64.08 60.41 -39.03
C UNK H 836 62.74 60.38 -39.73
N UNK H 837 62.20 59.19 -39.93
CA UNK H 837 60.93 59.10 -40.65
C UNK H 837 59.79 59.82 -39.97
N UNK H 838 59.76 59.76 -38.66
CA UNK H 838 58.76 60.41 -37.85
C UNK H 838 58.74 61.85 -38.24
N UNK H 839 59.89 62.48 -38.08
CA UNK H 839 60.03 63.89 -38.41
C UNK H 839 59.61 64.18 -39.85
N UNK H 840 60.07 63.36 -40.79
CA UNK H 840 59.72 63.58 -42.19
C UNK H 840 58.23 63.64 -42.40
N UNK H 841 57.56 62.62 -41.88
CA UNK H 841 56.14 62.48 -41.97
C UNK H 841 55.50 63.72 -41.39
N UNK H 842 55.91 64.06 -40.17
CA UNK H 842 55.43 65.23 -39.47
C UNK H 842 55.49 66.45 -40.36
N UNK H 843 56.65 66.75 -40.90
CA UNK H 843 56.81 67.91 -41.77
C UNK H 843 55.83 67.91 -42.92
N UNK H 844 55.79 66.79 -43.63
CA UNK H 844 54.88 66.63 -44.76
C UNK H 844 53.47 66.98 -44.34
N UNK H 845 53.02 66.31 -43.29
CA UNK H 845 51.69 66.50 -42.74
C UNK H 845 51.41 67.94 -42.41
N UNK H 846 52.36 68.56 -41.73
CA UNK H 846 52.29 69.95 -41.32
C UNK H 846 51.96 70.78 -42.52
N UNK H 847 52.83 70.70 -43.53
CA UNK H 847 52.66 71.45 -44.77
C UNK H 847 51.27 71.24 -45.33
N UNK H 848 50.91 69.97 -45.49
CA UNK H 848 49.62 69.58 -46.00
C UNK H 848 48.46 70.26 -45.28
N UNK H 849 48.39 70.08 -43.96
CA UNK H 849 47.31 70.62 -43.15
C UNK H 849 47.25 72.13 -43.21
N UNK H 850 48.43 72.75 -43.20
CA UNK H 850 48.54 74.20 -43.28
C UNK H 850 47.83 74.62 -44.55
N UNK H 851 48.26 74.02 -45.65
CA UNK H 851 47.63 74.29 -46.92
C UNK H 851 46.21 73.72 -47.02
N UNK H 852 45.65 73.25 -45.91
CA UNK H 852 44.30 72.68 -45.96
C UNK H 852 43.16 72.83 -44.91
N GLY H 853 43.12 73.95 -44.19
CA GLY H 853 42.04 74.23 -43.23
C GLY H 853 41.60 73.08 -42.36
N UNK H 854 40.32 72.75 -42.30
CA UNK H 854 39.86 71.65 -41.48
C UNK H 854 40.57 70.33 -41.72
N UNK H 855 40.62 69.87 -42.96
CA UNK H 855 41.22 68.57 -43.20
C UNK H 855 42.73 68.59 -43.12
N GLY H 856 43.31 69.75 -43.37
CA GLY H 856 44.75 69.90 -43.30
C GLY H 856 45.16 69.94 -41.86
N UNK H 857 44.27 70.51 -41.04
CA UNK H 857 44.42 70.60 -39.62
C UNK H 857 44.44 69.17 -39.27
N UNK H 858 43.40 68.41 -39.66
CA UNK H 858 43.35 66.99 -39.38
C UNK H 858 44.67 66.28 -39.68
N UNK H 859 45.20 66.44 -40.89
CA UNK H 859 46.46 65.82 -41.27
C UNK H 859 47.58 66.14 -40.29
N UNK H 860 47.84 67.42 -40.20
CA UNK H 860 48.90 67.91 -39.37
C UNK H 860 48.72 67.52 -37.90
N UNK H 861 47.50 67.61 -37.40
CA UNK H 861 47.20 67.38 -36.01
C UNK H 861 47.37 65.95 -35.70
N UNK H 862 46.99 65.10 -36.63
CA UNK H 862 47.11 63.68 -36.51
C UNK H 862 48.56 63.41 -36.30
N UNK H 863 49.38 63.94 -37.21
CA UNK H 863 50.80 63.80 -37.09
C UNK H 863 51.32 64.23 -35.73
N UNK H 864 50.92 65.39 -35.27
CA UNK H 864 51.36 65.90 -33.98
C UNK H 864 51.03 64.93 -32.89
N UNK H 865 49.75 64.58 -32.90
CA UNK H 865 49.12 63.70 -31.98
C UNK H 865 49.96 62.52 -32.03
N UNK H 866 50.16 62.01 -33.24
CA UNK H 866 51.09 60.91 -33.31
C UNK H 866 52.42 61.36 -32.78
N UNK H 867 52.92 62.45 -33.31
CA UNK H 867 54.16 63.05 -32.87
C UNK H 867 54.22 63.22 -31.37
N UNK H 868 53.31 63.93 -30.75
CA UNK H 868 53.30 64.13 -29.30
C UNK H 868 53.37 62.82 -28.53
N UNK H 869 52.52 61.89 -28.96
CA UNK H 869 52.44 60.56 -28.36
C UNK H 869 53.83 59.95 -28.34
N UNK H 870 54.33 59.89 -29.56
CA UNK H 870 55.64 59.39 -29.88
C UNK H 870 56.67 60.04 -28.98
N UNK H 871 56.68 61.36 -28.88
CA UNK H 871 57.59 62.12 -28.05
C UNK H 871 57.67 61.63 -26.61
N UNK H 872 56.54 61.58 -25.90
CA UNK H 872 56.68 61.11 -24.52
C UNK H 872 57.17 59.65 -24.46
N UNK H 873 56.64 58.84 -25.37
CA UNK H 873 57.08 57.46 -25.43
C UNK H 873 58.56 57.27 -25.78
N UNK H 874 59.11 58.16 -26.58
CA UNK H 874 60.48 58.15 -27.05
C UNK H 874 61.38 58.82 -26.07
N UNK H 875 60.80 59.54 -25.11
CA UNK H 875 61.57 60.04 -23.97
C UNK H 875 61.80 58.67 -23.36
N UNK H 876 60.72 57.93 -23.06
CA UNK H 876 60.93 56.55 -22.62
C UNK H 876 61.71 55.57 -23.56
N UNK H 877 61.86 55.84 -24.85
CA UNK H 877 62.53 54.92 -25.73
C UNK H 877 63.51 55.74 -26.50
N UNK H 878 64.34 56.46 -25.76
CA UNK H 878 65.80 56.18 -25.72
C UNK H 878 66.76 57.32 -26.08
N UNK H 879 68.02 56.94 -26.33
CA UNK H 879 69.21 57.81 -26.52
C UNK H 879 69.53 58.88 -25.46
N UNK H 880 70.52 59.72 -25.77
CA UNK H 880 70.96 60.78 -24.88
C UNK H 880 71.52 61.97 -25.64
N UNK H 881 72.65 61.78 -26.31
CA UNK H 881 73.19 62.89 -27.08
C UNK H 881 72.82 62.68 -28.55
N UNK H 882 72.56 61.43 -28.93
CA UNK H 882 72.13 61.06 -30.27
C UNK H 882 70.68 61.49 -30.41
N UNK H 883 69.96 61.40 -29.29
CA UNK H 883 68.58 61.83 -29.18
C UNK H 883 68.47 63.24 -29.72
N UNK H 884 69.31 64.13 -29.16
CA UNK H 884 69.43 65.55 -29.53
C UNK H 884 69.22 65.87 -31.02
N UNK H 885 69.93 65.12 -31.88
CA UNK H 885 69.83 65.19 -33.33
C UNK H 885 68.36 65.26 -33.71
N UNK H 886 67.61 64.26 -33.32
CA UNK H 886 66.19 64.30 -33.60
C UNK H 886 65.53 65.36 -32.72
N UNK H 887 65.87 65.37 -31.44
CA UNK H 887 65.30 66.28 -30.44
C UNK H 887 65.09 67.71 -30.87
N UNK H 888 66.15 68.32 -31.37
CA UNK H 888 66.06 69.68 -31.85
C UNK H 888 65.04 69.75 -32.96
N UNK H 889 65.09 68.81 -33.90
CA UNK H 889 64.14 68.74 -35.01
C UNK H 889 62.76 68.36 -34.54
N UNK H 890 62.67 67.63 -33.44
CA UNK H 890 61.39 67.26 -32.89
C UNK H 890 60.84 68.55 -32.37
N UNK H 891 61.68 69.27 -31.63
CA UNK H 891 61.31 70.57 -31.10
C UNK H 891 60.94 71.45 -32.27
N UNK H 892 61.81 71.45 -33.28
CA UNK H 892 61.57 72.13 -34.53
C UNK H 892 60.21 71.74 -35.05
N UNK H 893 59.95 70.44 -35.18
CA UNK H 893 58.66 69.95 -35.64
C UNK H 893 57.56 70.50 -34.75
N UNK H 894 57.75 70.41 -33.44
CA UNK H 894 56.78 70.96 -32.51
C UNK H 894 56.60 72.45 -32.79
N UNK H 895 57.69 73.18 -32.97
CA UNK H 895 57.60 74.59 -33.29
C UNK H 895 56.87 74.75 -34.61
N UNK H 896 57.25 73.92 -35.58
CA UNK H 896 56.68 73.85 -36.91
C UNK H 896 55.20 73.49 -36.90
N UNK H 897 54.77 72.71 -35.92
CA UNK H 897 53.36 72.39 -35.76
C UNK H 897 52.68 73.74 -35.59
N UNK H 898 53.17 74.52 -34.63
CA UNK H 898 52.64 75.85 -34.42
C UNK H 898 52.88 76.71 -35.66
N UNK H 899 54.03 76.55 -36.30
CA UNK H 899 54.30 77.28 -37.52
C UNK H 899 53.19 76.97 -38.51
N UNK H 900 52.95 75.70 -38.75
CA UNK H 900 51.93 75.28 -39.68
C UNK H 900 50.53 75.56 -39.17
N UNK H 901 50.34 75.56 -37.85
CA UNK H 901 49.01 75.78 -37.31
C UNK H 901 48.94 76.92 -36.33
N UNK H 902 48.75 76.60 -35.06
CA UNK H 902 48.65 77.60 -33.99
C UNK H 902 47.68 78.71 -34.35
N UNK H 903 48.16 79.75 -35.03
CA UNK H 903 47.29 80.83 -35.46
C UNK H 903 46.49 80.34 -36.65
N UNK H 904 47.08 79.45 -37.44
CA UNK H 904 46.38 78.84 -38.58
C UNK H 904 45.25 78.12 -37.95
N UNK H 905 45.58 77.28 -36.97
CA UNK H 905 44.62 76.61 -36.14
C UNK H 905 43.67 77.66 -35.56
N UNK H 906 44.19 78.73 -34.98
CA UNK H 906 43.40 79.81 -34.40
C UNK H 906 42.31 80.43 -35.30
N UNK H 907 42.46 80.43 -36.62
CA UNK H 907 41.42 80.93 -37.51
C UNK H 907 40.42 79.79 -37.63
N UNK H 908 40.46 79.06 -38.74
CA UNK H 908 39.61 77.86 -38.83
C UNK H 908 40.42 76.54 -38.62
N UNK H 909 39.71 75.40 -38.65
CA UNK H 909 40.21 73.99 -38.47
C UNK H 909 40.70 73.58 -37.07
N UNK H 910 40.23 72.43 -36.55
CA UNK H 910 39.90 72.28 -35.12
C UNK H 910 40.65 71.23 -34.27
N UNK H 911 41.83 71.59 -33.78
CA UNK H 911 42.66 70.71 -32.94
C UNK H 911 43.03 71.41 -31.63
N UNK H 912 44.09 70.95 -30.91
CA UNK H 912 44.48 71.55 -29.60
C UNK H 912 45.91 71.45 -28.95
N UNK H 913 46.15 72.35 -27.99
CA UNK H 913 47.42 72.52 -27.22
C UNK H 913 47.92 71.27 -26.55
N UNK H 914 46.94 70.50 -26.07
CA UNK H 914 47.03 69.18 -25.57
C UNK H 914 48.30 68.57 -26.07
N UNK H 915 48.50 68.60 -27.37
CA UNK H 915 49.67 68.00 -27.98
C UNK H 915 50.95 68.53 -27.39
N UNK H 916 50.98 69.85 -27.34
CA UNK H 916 52.08 70.61 -26.82
C UNK H 916 52.45 70.05 -25.48
N UNK H 917 51.46 70.14 -24.62
CA UNK H 917 51.53 69.68 -23.25
C UNK H 917 52.12 68.29 -23.17
N UNK H 918 51.51 67.38 -23.91
CA UNK H 918 51.90 65.99 -23.97
C UNK H 918 53.37 65.82 -24.17
N UNK H 919 53.80 66.37 -25.30
CA UNK H 919 55.18 66.31 -25.72
C UNK H 919 56.11 66.72 -24.59
N UNK H 920 55.83 67.94 -24.11
CA UNK H 920 56.57 68.57 -23.04
C UNK H 920 56.76 67.61 -21.91
N UNK H 921 55.64 67.17 -21.40
CA UNK H 921 55.56 66.23 -20.33
C UNK H 921 56.47 65.05 -20.49
N UNK H 922 56.30 64.28 -21.56
CA UNK H 922 57.12 63.07 -21.79
C UNK H 922 58.59 63.35 -21.68
N UNK H 923 58.97 64.36 -22.46
CA UNK H 923 60.37 64.77 -22.53
C UNK H 923 60.92 65.02 -21.16
N UNK H 924 60.20 65.93 -20.51
CA UNK H 924 60.47 66.43 -19.19
C UNK H 924 60.73 65.28 -18.30
N UNK H 925 59.74 64.42 -18.21
CA UNK H 925 59.76 63.22 -17.41
C UNK H 925 61.06 62.46 -17.51
N UNK H 926 61.35 61.93 -18.71
CA UNK H 926 62.58 61.14 -18.87
C UNK H 926 63.86 61.84 -18.38
N UNK H 927 63.92 63.06 -18.94
CA UNK H 927 64.99 63.98 -18.73
C UNK H 927 65.27 64.10 -17.26
N UNK H 928 64.26 64.55 -16.52
CA UNK H 928 64.31 64.82 -15.09
C UNK H 928 64.65 63.60 -14.29
N UNK H 929 64.08 62.48 -14.71
CA UNK H 929 64.33 61.21 -14.06
C UNK H 929 65.82 60.93 -13.87
N UNK H 930 66.56 61.65 -14.69
CA UNK H 930 67.97 61.76 -14.60
C UNK H 930 67.98 63.13 -13.93
N UNK H 931 68.18 64.15 -14.75
CA UNK H 931 68.20 65.53 -14.31
C UNK H 931 68.12 66.38 -15.56
N UNK H 932 69.24 67.00 -15.91
CA UNK H 932 69.32 67.87 -17.09
C UNK H 932 70.01 67.21 -18.27
N UNK H 933 69.25 66.51 -19.10
CA UNK H 933 69.78 65.85 -20.29
C UNK H 933 68.67 65.53 -21.26
N UNK H 934 68.71 66.12 -22.46
CA UNK H 934 69.85 66.91 -22.91
C UNK H 934 69.47 68.31 -23.41
N UNK H 935 68.20 68.71 -23.33
CA UNK H 935 67.74 70.07 -23.77
C UNK H 935 68.30 70.69 -25.08
N UNK H 936 69.42 71.39 -24.93
CA UNK H 936 70.14 72.02 -26.04
C UNK H 936 69.33 72.95 -26.95
N UNK H 937 69.50 72.74 -28.26
CA UNK H 937 68.84 73.51 -29.30
C UNK H 937 67.36 73.22 -29.33
N UNK H 938 67.00 71.99 -28.98
CA UNK H 938 65.62 71.61 -28.92
C UNK H 938 65.02 72.53 -27.85
N UNK H 939 65.66 72.59 -26.68
CA UNK H 939 65.23 73.47 -25.59
C UNK H 939 65.18 74.95 -26.01
N UNK H 940 66.16 75.38 -26.79
CA UNK H 940 66.23 76.74 -27.28
C UNK H 940 64.91 77.04 -28.00
N UNK H 941 64.65 76.17 -28.97
CA UNK H 941 63.44 76.23 -29.77
C UNK H 941 62.22 76.29 -28.88
N UNK H 942 62.16 75.37 -27.93
CA UNK H 942 61.08 75.28 -26.97
C UNK H 942 60.78 76.62 -26.33
N UNK H 943 61.78 77.22 -25.68
CA UNK H 943 61.62 78.52 -25.02
C UNK H 943 61.05 79.53 -25.98
N UNK H 944 61.69 79.62 -27.14
CA UNK H 944 61.25 80.50 -28.20
C UNK H 944 59.77 80.37 -28.50
N UNK H 945 59.34 79.17 -28.89
CA UNK H 945 57.95 78.92 -29.24
C UNK H 945 56.97 79.13 -28.10
N UNK H 946 57.41 78.81 -26.89
CA UNK H 946 56.61 78.97 -25.69
C UNK H 946 56.23 80.41 -25.64
N UNK H 947 57.28 81.22 -25.65
CA UNK H 947 57.13 82.66 -25.63
C UNK H 947 56.18 83.11 -26.74
N UNK H 948 56.45 82.66 -27.96
CA UNK H 948 55.66 82.99 -29.15
C UNK H 948 54.17 82.84 -28.91
N UNK H 949 53.80 81.68 -28.40
CA UNK H 949 52.41 81.44 -28.11
C UNK H 949 51.92 82.39 -27.05
N UNK H 950 52.48 82.28 -25.85
CA UNK H 950 52.06 83.09 -24.71
C UNK H 950 50.53 83.04 -24.49
N UNK H 951 49.89 82.01 -25.03
CA UNK H 951 48.45 81.83 -24.88
C UNK H 951 48.09 80.37 -24.61
N UNK H 952 47.57 80.11 -23.41
CA UNK H 952 47.32 81.17 -22.43
C UNK H 952 48.31 81.08 -21.27
N UNK H 953 47.81 81.34 -20.06
CA UNK H 953 48.64 81.26 -18.89
C UNK H 953 48.99 79.82 -18.59
N UNK H 954 48.05 78.91 -18.83
CA UNK H 954 48.25 77.49 -18.56
C UNK H 954 49.53 76.97 -19.19
N UNK H 955 49.55 77.06 -20.51
CA UNK H 955 50.68 76.62 -21.28
C UNK H 955 51.95 77.37 -20.90
N UNK H 956 51.85 78.67 -20.67
CA UNK H 956 53.03 79.44 -20.31
C UNK H 956 53.65 78.92 -19.03
N UNK H 957 52.78 78.68 -18.05
CA UNK H 957 53.14 78.17 -16.75
C UNK H 957 53.90 76.89 -16.96
N UNK H 958 53.26 75.99 -17.70
CA UNK H 958 53.85 74.71 -18.05
C UNK H 958 55.27 74.87 -18.57
N UNK H 959 55.42 75.72 -19.59
CA UNK H 959 56.70 76.03 -20.20
C UNK H 959 57.76 76.39 -19.16
N UNK H 960 57.45 77.42 -18.38
CA UNK H 960 58.38 77.88 -17.36
C UNK H 960 58.80 76.76 -16.42
N UNK H 961 57.81 76.05 -15.92
CA UNK H 961 58.04 74.95 -15.00
C UNK H 961 58.98 73.92 -15.59
N UNK H 962 58.69 73.51 -16.81
CA UNK H 962 59.50 72.52 -17.49
C UNK H 962 60.93 73.00 -17.56
N UNK H 963 61.09 74.23 -18.02
CA UNK H 963 62.39 74.88 -18.12
C UNK H 963 63.15 74.77 -16.81
N UNK H 964 62.49 75.19 -15.74
CA UNK H 964 63.07 75.14 -14.41
C UNK H 964 62.88 73.80 -13.71
N ALA I 11 -27.13 63.31 -14.94
CA ALA I 11 -27.21 64.23 -13.82
C ALA I 11 -27.32 63.48 -12.50
N VAL I 12 -28.53 63.02 -12.19
CA VAL I 12 -28.78 62.29 -10.95
C VAL I 12 -27.83 61.11 -10.81
N ARG I 13 -27.80 60.25 -11.83
CA ARG I 13 -26.94 59.08 -11.81
C ARG I 13 -25.50 59.47 -11.55
N GLU I 14 -25.02 60.46 -12.29
CA GLU I 14 -23.65 60.94 -12.15
C GLU I 14 -23.36 61.32 -10.70
N ALA I 15 -24.21 62.18 -10.14
CA ALA I 15 -24.07 62.63 -8.77
C ALA I 15 -23.99 61.44 -7.82
N ILE I 16 -24.93 60.51 -7.97
CA ILE I 16 -24.97 59.32 -7.12
C ILE I 16 -23.64 58.58 -7.17
N HIS I 17 -23.18 58.28 -8.38
CA HIS I 17 -21.92 57.57 -8.56
C HIS I 17 -20.78 58.30 -7.85
N ALA I 18 -20.69 59.61 -8.09
CA ALA I 18 -19.65 60.42 -7.48
C ALA I 18 -19.67 60.30 -5.95
N LEU I 19 -20.85 60.47 -5.36
CA LEU I 19 -21.00 60.39 -3.92
C LEU I 19 -20.60 59.02 -3.38
N SER I 20 -20.98 57.97 -4.09
CA SER I 20 -20.66 56.60 -3.69
C SER I 20 -19.17 56.33 -3.76
N SER I 21 -18.50 56.94 -4.74
CA SER I 21 -17.08 56.77 -4.94
C SER I 21 -16.24 57.48 -3.88
N SER I 22 -16.07 58.78 -4.05
CA SER I 22 -15.28 59.59 -3.12
C SER I 22 -16.05 60.77 -2.56
N GLU I 23 -15.81 61.11 -1.29
CA GLU I 23 -16.52 62.22 -0.68
C GLU I 23 -15.84 62.85 0.53
N ASP I 24 -15.69 64.16 0.47
CA ASP I 24 -15.21 64.94 1.61
C ASP I 24 -16.45 65.35 2.42
N GLY I 25 -16.26 65.93 3.60
CA GLY I 25 -17.36 66.36 4.45
C GLY I 25 -18.43 67.19 3.75
N GLY I 26 -18.00 68.33 3.21
CA GLY I 26 -18.89 69.22 2.50
C GLY I 26 -19.61 68.52 1.36
N HIS I 27 -18.85 67.75 0.58
CA HIS I 27 -19.43 67.01 -0.54
C HIS I 27 -20.58 66.15 -0.06
N ILE I 28 -20.31 65.32 0.95
CA ILE I 28 -21.33 64.43 1.51
C ILE I 28 -22.56 65.22 1.94
N PHE I 29 -22.32 66.30 2.67
CA PHE I 29 -23.42 67.15 3.15
C PHE I 29 -24.29 67.60 1.98
N CYS I 30 -23.67 68.17 0.96
CA CYS I 30 -24.37 68.66 -0.22
C CYS I 30 -25.19 67.55 -0.87
N THR I 31 -24.56 66.39 -1.03
CA THR I 31 -25.23 65.24 -1.63
C THR I 31 -26.52 64.93 -0.86
N LEU I 32 -26.38 64.78 0.46
CA LEU I 32 -27.53 64.50 1.31
C LEU I 32 -28.63 65.54 1.11
N GLU I 33 -28.24 66.81 1.15
CA GLU I 33 -29.17 67.92 0.98
C GLU I 33 -29.85 67.85 -0.38
N SER I 34 -29.29 67.04 -1.28
CA SER I 34 -29.84 66.87 -2.62
C SER I 34 -31.31 66.48 -2.55
N LEU I 35 -31.59 65.40 -1.83
CA LEU I 35 -32.96 64.92 -1.68
C LEU I 35 -33.88 66.02 -1.15
N LYS I 36 -33.42 66.70 -0.09
CA LYS I 36 -34.19 67.80 0.54
C LYS I 36 -34.62 68.80 -0.55
N ARG I 37 -33.64 69.31 -1.32
CA ARG I 37 -33.93 70.29 -2.40
C ARG I 37 -34.95 69.69 -3.37
N TYR I 38 -34.74 68.43 -3.78
CA TYR I 38 -35.66 67.74 -4.72
C TYR I 38 -35.91 68.63 -5.95
N UNK I 51 -37.06 69.32 -5.96
CA UNK I 51 -37.44 70.22 -7.07
C UNK I 51 -37.29 69.48 -8.41
N UNK I 52 -37.87 68.28 -8.51
CA UNK I 52 -37.79 67.48 -9.76
C UNK I 52 -39.07 66.64 -9.92
N UNK I 53 -40.19 67.15 -9.39
CA UNK I 53 -41.50 66.45 -9.46
C UNK I 53 -41.34 64.99 -9.02
N UNK I 54 -41.81 64.05 -9.84
CA UNK I 54 -41.73 62.63 -9.53
C UNK I 54 -40.70 61.92 -10.40
N UNK I 55 -40.15 62.65 -11.37
CA UNK I 55 -39.16 62.11 -12.27
C UNK I 55 -38.03 61.85 -11.37
N UNK I 56 -37.64 62.92 -10.65
CA UNK I 56 -36.63 62.87 -9.66
C UNK I 56 -37.01 61.77 -8.72
N UNK I 57 -38.22 61.73 -8.17
CA UNK I 57 -38.65 60.67 -7.30
C UNK I 57 -38.35 59.25 -7.75
N UNK I 58 -38.75 58.84 -8.94
CA UNK I 58 -38.53 57.47 -9.36
C UNK I 58 -37.09 57.20 -9.64
N UNK I 59 -36.46 58.22 -10.17
CA UNK I 59 -35.06 58.14 -10.47
C UNK I 59 -34.32 57.91 -9.18
N UNK I 60 -34.67 58.68 -8.15
CA UNK I 60 -34.10 58.64 -6.83
C UNK I 60 -34.56 57.48 -6.05
N SER I 70 -35.63 56.84 -6.45
CA SER I 70 -36.12 55.68 -5.80
C SER I 70 -35.00 54.73 -6.15
N PRO I 71 -34.71 54.60 -7.46
CA PRO I 71 -33.57 53.75 -7.76
C PRO I 71 -32.24 54.24 -7.15
N VAL I 72 -32.05 55.55 -7.11
CA VAL I 72 -30.86 56.11 -6.56
C VAL I 72 -30.71 55.69 -5.13
N LEU I 73 -31.76 55.78 -4.35
CA LEU I 73 -31.77 55.45 -2.95
C LEU I 73 -31.70 54.00 -2.70
N ARG I 74 -32.10 53.18 -3.65
CA ARG I 74 -31.98 51.73 -3.51
C ARG I 74 -30.49 51.52 -3.47
N CYS I 75 -29.86 52.08 -4.49
CA CYS I 75 -28.43 52.05 -4.53
C CYS I 75 -27.78 52.71 -3.32
N LEU I 76 -28.35 53.80 -2.82
CA LEU I 76 -27.88 54.56 -1.72
C LEU I 76 -28.02 53.86 -0.43
N ALA I 77 -28.95 52.95 -0.32
CA ALA I 77 -29.22 52.13 0.83
C ALA I 77 -28.16 51.08 0.86
N SER I 78 -27.75 50.64 -0.33
CA SER I 78 -26.62 49.72 -0.44
C SER I 78 -25.33 50.51 -0.11
N ARG I 79 -25.38 51.80 -0.46
CA ARG I 79 -24.35 52.73 -0.22
C ARG I 79 -24.37 53.12 1.21
N LEU I 80 -25.51 52.98 1.89
CA LEU I 80 -25.73 53.24 3.27
C LEU I 80 -25.22 52.06 4.01
N SER I 81 -25.11 50.88 3.41
CA SER I 81 -24.43 49.79 4.09
C SER I 81 -22.99 50.26 4.09
N PRO I 82 -22.55 50.71 2.88
CA PRO I 82 -21.19 51.26 2.97
C PRO I 82 -21.07 52.52 3.87
N ALA I 83 -22.14 53.33 3.94
CA ALA I 83 -22.14 54.55 4.77
C ALA I 83 -22.08 54.17 6.26
N TRP I 84 -22.53 52.96 6.59
CA TRP I 84 -22.51 52.46 7.99
C TRP I 84 -21.09 52.53 8.55
N LEU I 85 -20.11 52.04 7.78
CA LEU I 85 -18.69 52.05 8.22
C LEU I 85 -18.16 53.48 8.14
N GLU I 86 -18.71 54.29 7.22
CA GLU I 86 -18.27 55.71 7.06
C GLU I 86 -18.86 56.55 8.19
N LEU I 87 -19.98 56.10 8.76
CA LEU I 87 -20.65 56.83 9.88
C LEU I 87 -19.84 56.63 11.16
N UNK I 95 -19.11 55.51 11.26
CA UNK I 95 -18.29 55.21 12.45
C UNK I 95 -16.84 55.63 12.20
N UNK I 96 -16.60 56.33 11.08
CA UNK I 96 -15.24 56.80 10.73
C UNK I 96 -15.10 58.28 11.10
N UNK I 97 -15.72 58.70 12.20
CA UNK I 97 -15.66 60.10 12.67
C UNK I 97 -16.00 61.05 11.53
N UNK I 98 -17.19 60.91 10.95
CA UNK I 98 -17.63 61.78 9.83
C UNK I 98 -18.79 62.67 10.31
N UNK I 99 -18.57 63.99 10.31
CA UNK I 99 -19.59 64.98 10.75
C UNK I 99 -20.12 64.60 12.14
N UNK I 100 -19.26 64.67 13.16
CA UNK I 100 -19.64 64.32 14.55
C UNK I 100 -20.89 65.09 14.97
N UNK I 101 -20.92 66.41 14.71
CA UNK I 101 -22.07 67.26 15.07
C UNK I 101 -23.38 66.64 14.57
N UNK I 102 -23.51 66.49 13.25
CA UNK I 102 -24.73 65.91 12.65
C UNK I 102 -24.53 64.40 12.42
N PRO I 113 -24.09 63.63 13.44
CA PRO I 113 -23.87 62.19 13.25
C PRO I 113 -25.19 61.45 12.98
N ALA I 114 -26.28 61.91 13.60
CA ALA I 114 -27.61 61.27 13.42
C ALA I 114 -28.26 61.78 12.13
N ASP I 115 -27.74 62.88 11.59
CA ASP I 115 -28.29 63.47 10.33
C ASP I 115 -28.17 62.45 9.20
N GLN I 116 -26.98 61.88 9.01
CA GLN I 116 -26.76 60.90 7.96
C GLN I 116 -27.58 59.69 8.32
N ALA I 117 -27.78 59.52 9.62
CA ALA I 117 -28.67 58.56 10.13
C ALA I 117 -30.05 59.18 9.90
N PHE I 118 -30.18 60.52 9.92
CA PHE I 118 -31.37 61.23 9.62
C PHE I 118 -31.53 61.33 8.13
N LEU I 119 -30.49 61.05 7.36
CA LEU I 119 -30.50 60.99 5.92
C LEU I 119 -31.02 59.59 5.59
N VAL I 120 -30.78 58.63 6.49
CA VAL I 120 -31.35 57.33 6.41
C VAL I 120 -32.79 57.51 6.91
N LEU I 121 -33.06 58.49 7.77
CA LEU I 121 -34.37 58.81 8.22
C LEU I 121 -35.04 59.73 7.21
N MET I 122 -34.27 60.28 6.29
CA MET I 122 -34.72 61.09 5.19
C MET I 122 -35.15 60.07 4.15
N GLU I 123 -34.50 58.88 4.14
CA GLU I 123 -34.95 57.81 3.31
C GLU I 123 -36.26 57.46 4.03
N THR I 124 -36.27 57.36 5.37
CA THR I 124 -37.49 57.12 6.13
C THR I 124 -38.59 58.21 6.07
N ILE I 125 -38.33 59.21 5.25
CA ILE I 125 -39.30 60.23 4.90
C ILE I 125 -39.46 60.01 3.38
N GLU I 126 -39.55 58.75 2.95
CA GLU I 126 -39.63 58.40 1.52
C GLU I 126 -40.67 57.36 1.03
N GLY I 127 -40.21 56.32 0.32
CA GLY I 127 -41.05 55.27 -0.19
C GLY I 127 -40.93 53.95 0.56
N ALA I 128 -41.94 53.13 0.34
CA ALA I 128 -42.02 51.83 0.98
C ALA I 128 -41.07 50.82 0.39
N ALA I 129 -40.61 51.08 -0.83
CA ALA I 129 -39.62 50.29 -1.50
C ALA I 129 -38.47 50.37 -0.55
N GLY I 130 -38.03 51.59 -0.29
CA GLY I 130 -36.98 51.82 0.67
C GLY I 130 -37.25 51.15 1.98
N PRO I 131 -38.47 51.33 2.48
CA PRO I 131 -38.88 50.52 3.62
C PRO I 131 -38.66 49.06 3.24
N SER I 132 -38.80 48.83 1.95
CA SER I 132 -38.58 47.58 1.34
C SER I 132 -37.17 47.20 1.66
N PHE I 133 -36.26 48.09 1.32
CA PHE I 133 -34.85 47.86 1.53
C PHE I 133 -34.46 47.94 2.99
N ARG I 134 -35.26 48.60 3.81
CA ARG I 134 -35.02 48.64 5.23
C ARG I 134 -35.10 47.19 5.63
N LEU I 135 -36.21 46.55 5.29
CA LEU I 135 -36.33 45.14 5.52
C LEU I 135 -35.20 44.33 4.86
N MET I 136 -34.82 44.68 3.65
CA MET I 136 -33.74 44.00 2.99
C MET I 136 -32.48 43.96 3.83
N LYS I 137 -32.08 45.10 4.39
CA LYS I 137 -30.87 45.21 5.19
C LYS I 137 -31.05 44.64 6.56
N MET I 138 -32.30 44.64 6.98
CA MET I 138 -32.69 44.09 8.21
C MET I 138 -32.34 42.64 8.05
N ALA I 139 -32.79 41.99 6.97
CA ALA I 139 -32.45 40.63 6.66
C ALA I 139 -30.94 40.56 6.62
N ARG I 140 -30.33 41.45 5.85
CA ARG I 140 -28.90 41.58 5.77
C ARG I 140 -28.02 41.61 7.06
N LEU I 141 -28.54 41.93 8.25
CA LEU I 141 -27.72 41.89 9.49
C LEU I 141 -26.46 42.74 9.37
N LEU I 142 -25.27 42.15 9.11
CA LEU I 142 -24.06 42.95 8.90
C LEU I 142 -23.86 43.93 10.04
N ALA I 143 -24.47 45.10 9.96
CA ALA I 143 -24.16 46.21 10.84
C ALA I 143 -24.25 46.13 12.31
N ARG I 144 -24.41 44.89 12.78
CA ARG I 144 -24.46 44.46 14.17
C ARG I 144 -24.68 45.61 15.10
N PHE I 145 -23.60 46.27 15.49
CA PHE I 145 -23.68 47.42 16.37
C PHE I 145 -24.49 48.55 15.80
N LEU I 146 -23.98 49.02 14.69
CA LEU I 146 -24.59 50.10 13.98
C LEU I 146 -26.01 49.69 13.59
N ARG I 147 -26.26 48.48 13.11
CA ARG I 147 -27.58 48.04 12.70
C ARG I 147 -28.51 47.89 13.82
N GLU I 148 -28.00 47.62 15.00
CA GLU I 148 -28.79 47.46 16.18
C GLU I 148 -29.37 48.78 16.34
N GLY I 149 -28.50 49.79 16.42
CA GLY I 149 -29.01 51.14 16.50
C GLY I 149 -29.95 51.46 15.35
N ARG I 150 -29.57 51.09 14.14
CA ARG I 150 -30.30 51.30 12.95
C ARG I 150 -31.65 50.76 13.06
N LEU I 151 -31.78 49.54 13.44
CA LEU I 151 -33.03 48.87 13.45
C LEU I 151 -33.86 49.27 14.59
N ALA I 152 -33.24 49.69 15.65
CA ALA I 152 -33.93 50.17 16.82
C ALA I 152 -34.68 51.37 16.32
N VAL I 153 -33.86 52.24 15.75
CA VAL I 153 -34.31 53.45 15.17
C VAL I 153 -35.37 53.13 14.16
N LEU I 154 -35.10 52.20 13.26
CA LEU I 154 -35.92 51.74 12.18
C LEU I 154 -37.23 51.46 12.75
N MET I 155 -37.30 50.57 13.70
CA MET I 155 -38.51 50.23 14.39
C MET I 155 -39.33 51.42 14.86
N GLU I 156 -38.82 52.32 15.70
CA GLU I 156 -39.69 53.46 16.13
C GLU I 156 -40.05 54.49 15.04
N ALA I 157 -39.12 54.55 14.09
CA ALA I 157 -39.21 55.40 12.93
C ALA I 157 -40.36 54.88 12.19
N GLN I 158 -40.37 53.57 11.99
CA GLN I 158 -41.37 52.78 11.39
C GLN I 158 -42.57 52.61 12.24
N CYS I 159 -42.63 53.02 13.49
CA CYS I 159 -43.90 53.03 14.18
C CYS I 159 -44.51 54.18 13.37
N ARG I 160 -43.83 55.33 13.39
CA ARG I 160 -44.32 56.37 12.49
C ARG I 160 -44.38 55.99 10.96
N GLN I 161 -43.51 55.12 10.48
CA GLN I 161 -43.47 54.81 9.08
C GLN I 161 -44.37 53.67 8.75
N GLN I 162 -44.96 53.04 9.75
CA GLN I 162 -46.00 52.01 9.60
C GLN I 162 -47.20 52.84 9.33
N THR I 163 -47.32 54.00 10.02
CA THR I 163 -48.38 54.89 9.60
C THR I 163 -48.06 55.23 8.13
N GLN I 164 -46.86 55.77 8.03
CA GLN I 164 -46.27 56.03 6.78
C GLN I 164 -46.31 54.67 6.11
N PRO I 165 -46.07 53.59 6.86
CA PRO I 165 -46.07 52.23 6.38
C PRO I 165 -47.31 51.95 5.57
N GLY I 166 -48.44 51.98 6.24
CA GLY I 166 -49.62 51.74 5.44
C GLY I 166 -50.25 52.93 4.82
N PHE I 167 -49.62 54.10 4.94
CA PHE I 167 -50.04 55.25 4.12
C PHE I 167 -49.39 55.02 2.78
N ILE I 168 -48.26 54.31 2.74
CA ILE I 168 -47.58 53.87 1.55
C ILE I 168 -48.50 52.76 1.08
N LEU I 169 -49.06 51.94 1.98
CA LEU I 169 -50.07 51.02 1.49
C LEU I 169 -51.27 51.78 0.87
N LEU I 170 -51.66 52.93 1.43
CA LEU I 170 -52.74 53.79 1.00
C LEU I 170 -52.42 54.53 -0.27
N ARG I 171 -51.14 54.74 -0.46
CA ARG I 171 -50.62 55.41 -1.61
C ARG I 171 -50.68 54.40 -2.73
N GLU I 172 -50.47 53.12 -2.41
CA GLU I 172 -50.60 52.04 -3.35
C GLU I 172 -52.07 51.91 -3.68
N THR I 173 -52.95 52.15 -2.70
CA THR I 173 -54.37 52.13 -2.98
C THR I 173 -54.61 53.22 -4.02
N LEU I 174 -54.14 54.43 -3.71
CA LEU I 174 -54.29 55.59 -4.62
C LEU I 174 -53.68 55.25 -5.99
N LEU I 175 -52.56 54.52 -5.97
CA LEU I 175 -51.87 54.11 -7.22
C LEU I 175 -52.31 52.70 -7.63
N GLY I 176 -51.58 52.07 -8.55
CA GLY I 176 -51.91 50.70 -9.01
C GLY I 176 -50.79 50.10 -9.85
N UNK I 180 -50.70 48.77 -9.84
CA UNK I 180 -49.65 48.06 -10.62
C UNK I 180 -50.24 46.83 -11.30
N UNK I 181 -49.83 46.55 -12.54
CA UNK I 181 -50.33 45.38 -13.30
C UNK I 181 -49.49 44.15 -12.96
N UNK I 182 -48.21 44.35 -12.66
CA UNK I 182 -47.29 43.23 -12.32
C UNK I 182 -46.95 43.29 -10.82
N UNK I 183 -47.87 43.84 -10.02
CA UNK I 183 -47.66 43.95 -8.56
C UNK I 183 -47.96 42.75 -7.63
N UNK I 184 -47.86 41.55 -8.14
CA UNK I 184 -48.04 40.40 -7.26
C UNK I 184 -46.89 40.38 -6.28
N UNK I 185 -45.74 40.88 -6.73
CA UNK I 185 -44.56 40.91 -5.91
C UNK I 185 -44.61 42.08 -4.98
N UNK I 186 -45.41 43.09 -5.32
CA UNK I 186 -45.59 44.22 -4.44
C UNK I 186 -46.27 43.59 -3.26
N UNK I 187 -47.34 42.86 -3.52
CA UNK I 187 -47.98 42.08 -2.49
C UNK I 187 -46.98 41.14 -1.85
N UNK I 188 -46.13 40.45 -2.61
CA UNK I 188 -45.11 39.58 -2.02
C UNK I 188 -44.26 40.38 -1.05
N UNK I 189 -43.79 41.52 -1.48
CA UNK I 189 -43.03 42.40 -0.66
C UNK I 189 -43.88 42.81 0.52
N UNK I 190 -45.11 43.21 0.25
CA UNK I 190 -46.05 43.61 1.26
C UNK I 190 -46.22 42.51 2.28
N UNK I 191 -46.38 41.28 1.81
CA UNK I 191 -46.48 40.13 2.64
C UNK I 191 -45.25 40.06 3.50
N UNK I 192 -44.08 40.19 2.89
CA UNK I 192 -42.84 40.20 3.65
C UNK I 192 -42.88 41.33 4.64
N UNK I 193 -43.29 42.51 4.20
CA UNK I 193 -43.44 43.62 5.10
C UNK I 193 -44.42 43.31 6.23
N UNK I 194 -45.52 42.64 5.92
CA UNK I 194 -46.47 42.27 6.93
C UNK I 194 -45.73 41.32 7.83
N UNK I 195 -45.11 40.33 7.22
CA UNK I 195 -44.34 39.37 7.95
C UNK I 195 -43.23 39.96 8.81
N UNK I 196 -42.58 41.03 8.36
CA UNK I 196 -41.53 41.71 9.09
C UNK I 196 -41.60 41.81 10.60
N UNK I 197 -42.76 42.07 11.19
CA UNK I 197 -42.87 42.09 12.65
C UNK I 197 -42.44 40.73 13.15
N GLY I 204 -43.01 39.68 12.55
CA GLY I 204 -42.63 38.32 12.88
C GLY I 204 -41.33 37.95 12.20
N ASN I 205 -40.92 38.69 11.17
CA ASN I 205 -39.64 38.40 10.56
C ASN I 205 -38.55 38.96 11.43
N ARG I 206 -38.87 40.00 12.19
CA ARG I 206 -37.98 40.60 13.15
C ARG I 206 -37.84 39.57 14.22
N LEU I 207 -38.98 39.02 14.62
CA LEU I 207 -39.03 37.95 15.57
C LEU I 207 -38.18 36.85 15.01
N GLN I 208 -38.45 36.45 13.76
CA GLN I 208 -37.67 35.44 13.06
C GLN I 208 -36.21 35.78 13.13
N GLN I 209 -35.88 37.02 12.78
CA GLN I 209 -34.55 37.49 12.87
C GLN I 209 -34.09 37.33 14.26
N GLU I 210 -35.02 37.65 15.14
CA GLU I 210 -34.90 37.56 16.55
C GLU I 210 -33.58 38.14 16.86
N ASN I 211 -32.60 37.26 16.86
CA ASN I 211 -31.22 37.54 17.08
C ASN I 211 -31.26 38.20 18.39
N LEU I 212 -30.95 39.47 18.40
CA LEU I 212 -30.98 40.14 19.66
C LEU I 212 -32.39 40.23 20.11
N ALA I 213 -33.23 40.81 19.26
CA ALA I 213 -34.66 41.07 19.48
C ALA I 213 -35.08 42.10 20.59
N GLU I 214 -36.21 42.79 20.41
CA GLU I 214 -36.64 43.81 21.39
C GLU I 214 -38.14 44.02 21.52
N PHE I 215 -38.64 45.11 20.94
CA PHE I 215 -40.04 45.40 20.97
C PHE I 215 -40.49 44.24 20.16
N PHE I 216 -41.56 43.68 20.72
CA PHE I 216 -42.31 42.55 20.23
C PHE I 216 -43.52 42.84 19.36
N PRO I 217 -44.09 41.75 18.86
CA PRO I 217 -45.23 41.50 17.99
C PRO I 217 -46.52 41.90 18.63
N GLN I 218 -46.55 41.91 19.95
CA GLN I 218 -47.70 42.32 20.69
C GLN I 218 -47.91 43.74 20.28
N ASN I 219 -46.84 44.48 20.52
CA ASN I 219 -46.80 45.84 20.14
C ASN I 219 -47.02 45.99 18.65
N TYR I 220 -46.48 45.00 17.93
CA TYR I 220 -46.75 44.83 16.52
C TYR I 220 -48.26 44.87 16.45
N PHE I 221 -48.89 44.24 17.43
CA PHE I 221 -50.27 44.23 17.67
C PHE I 221 -50.81 45.63 17.64
N ARG I 222 -50.29 46.40 18.58
CA ARG I 222 -50.76 47.75 18.76
C ARG I 222 -50.50 48.58 17.57
N LEU I 223 -49.33 48.39 16.98
CA LEU I 223 -48.88 49.09 15.84
C LEU I 223 -49.91 48.95 14.79
N LEU I 224 -50.18 47.71 14.47
CA LEU I 224 -51.14 47.32 13.50
C LEU I 224 -52.44 48.02 13.74
N GLY I 225 -52.96 47.90 14.95
CA GLY I 225 -54.21 48.54 15.30
C GLY I 225 -54.24 50.01 14.96
N GLU I 226 -53.29 50.73 15.48
CA GLU I 226 -53.21 52.16 15.24
C GLU I 226 -53.16 52.51 13.77
N GLU I 227 -52.34 51.77 13.05
CA GLU I 227 -52.14 51.97 11.63
C GLU I 227 -53.45 51.90 10.94
N VAL I 228 -54.12 50.81 11.19
CA VAL I 228 -55.42 50.56 10.62
C VAL I 228 -56.36 51.68 10.87
N VAL I 229 -56.44 52.09 12.13
CA VAL I 229 -57.31 53.16 12.54
C VAL I 229 -57.09 54.37 11.70
N ARG I 230 -55.85 54.78 11.69
CA ARG I 230 -55.41 55.90 10.94
C ARG I 230 -55.87 55.81 9.52
N VAL I 231 -55.54 54.71 8.89
CA VAL I 231 -55.87 54.43 7.53
C VAL I 231 -57.32 54.63 7.28
N LEU I 232 -58.09 53.94 8.07
CA LEU I 232 -59.50 53.99 8.01
C LEU I 232 -60.02 55.38 8.04
N GLN I 233 -59.67 56.15 9.04
CA GLN I 233 -60.17 57.50 9.14
C GLN I 233 -59.74 58.41 8.02
N ALA I 234 -58.51 58.19 7.62
CA ALA I 234 -57.89 58.94 6.57
C ALA I 234 -58.75 58.75 5.37
N VAL I 235 -58.94 57.49 5.04
CA VAL I 235 -59.75 57.06 3.96
C VAL I 235 -61.09 57.70 4.04
N VAL I 236 -61.73 57.57 5.22
CA VAL I 236 -63.04 58.09 5.55
C VAL I 236 -63.15 59.47 5.02
N ASP I 237 -62.26 60.36 5.45
CA ASP I 237 -62.21 61.70 4.86
C ASP I 237 -63.53 62.43 4.65
N SER I 238 -64.39 61.69 4.03
CA SER I 238 -65.74 61.98 3.64
C SER I 238 -65.62 60.71 2.86
N LEU I 239 -65.14 60.86 1.66
CA LEU I 239 -64.88 59.74 0.83
C LEU I 239 -63.77 60.17 -0.05
N GLN I 240 -62.84 60.95 0.50
CA GLN I 240 -61.70 61.44 -0.27
C GLN I 240 -60.95 60.27 -0.92
N GLY I 241 -61.36 59.06 -0.58
CA GLY I 241 -60.75 57.86 -1.14
C GLY I 241 -61.82 56.83 -1.49
N GLY I 242 -62.42 57.01 -2.66
CA GLY I 242 -63.46 56.10 -3.12
C GLY I 242 -62.93 54.83 -3.75
N LEU I 243 -61.63 54.80 -4.01
CA LEU I 243 -60.99 53.63 -4.61
C LEU I 243 -61.13 52.41 -3.72
N ASP I 244 -61.28 51.24 -4.34
CA ASP I 244 -61.42 49.99 -3.60
C ASP I 244 -60.07 49.51 -3.05
N SER I 245 -58.99 49.96 -3.66
CA SER I 245 -57.64 49.58 -3.24
C SER I 245 -57.43 49.84 -1.75
N SER I 246 -58.36 50.57 -1.14
CA SER I 246 -58.27 50.88 0.25
C SER I 246 -58.52 49.55 0.88
N VAL I 247 -59.68 49.01 0.52
CA VAL I 247 -60.06 47.70 0.97
C VAL I 247 -59.02 46.70 0.52
N SER I 248 -58.50 46.78 -0.70
CA SER I 248 -57.48 45.87 -1.15
C SER I 248 -56.33 45.76 -0.19
N PHE I 249 -55.71 46.87 0.16
CA PHE I 249 -54.58 46.85 1.04
C PHE I 249 -54.99 46.34 2.38
N VAL I 250 -56.12 46.85 2.82
CA VAL I 250 -56.69 46.50 4.06
C VAL I 250 -56.82 45.02 4.16
N SER I 251 -57.47 44.42 3.19
CA SER I 251 -57.80 43.03 3.17
C SER I 251 -56.60 42.19 2.96
N GLN I 252 -55.63 42.71 2.25
CA GLN I 252 -54.41 42.03 1.98
C GLN I 252 -53.81 41.85 3.31
N VAL I 253 -53.65 42.97 3.97
CA VAL I 253 -53.14 43.02 5.29
C VAL I 253 -53.92 42.13 6.23
N LEU I 254 -55.23 42.19 6.17
CA LEU I 254 -56.10 41.44 7.00
C LEU I 254 -55.82 39.97 6.90
N GLY I 255 -55.78 39.53 5.66
CA GLY I 255 -55.55 38.15 5.33
C GLY I 255 -54.26 37.73 5.93
N LYS I 256 -53.24 38.52 5.62
CA LYS I 256 -51.91 38.31 6.10
C LYS I 256 -51.90 38.14 7.59
N ALA I 257 -52.50 39.08 8.28
CA ALA I 257 -52.61 39.10 9.71
C ALA I 257 -53.12 37.80 10.22
N CYS I 258 -54.31 37.45 9.76
CA CYS I 258 -54.93 36.22 10.19
C CYS I 258 -54.01 35.04 10.02
N VAL I 259 -53.48 34.90 8.81
CA VAL I 259 -52.56 33.83 8.45
C VAL I 259 -51.45 33.74 9.43
N HIS I 260 -50.81 34.88 9.55
CA HIS I 260 -49.72 35.07 10.42
C HIS I 260 -50.17 34.71 11.78
N GLY I 261 -51.22 35.36 12.31
CA GLY I 261 -51.50 34.96 13.69
C GLY I 261 -52.96 35.14 13.98
N ARG I 262 -53.55 34.12 14.56
CA ARG I 262 -54.90 34.28 15.24
C ARG I 262 -55.02 34.98 16.72
N GLN I 263 -55.99 34.45 17.45
CA GLN I 263 -56.32 34.82 18.85
C GLN I 263 -56.04 36.23 19.34
N GLN I 264 -54.97 36.41 20.09
CA GLN I 264 -54.60 37.68 20.66
C GLN I 264 -54.58 38.87 19.73
N GLU I 265 -53.60 38.89 18.84
CA GLU I 265 -53.35 39.96 17.90
C GLU I 265 -54.58 40.53 17.28
N ILE I 266 -55.11 39.62 16.48
CA ILE I 266 -56.29 39.82 15.72
C ILE I 266 -57.36 40.42 16.57
N LEU I 267 -57.70 39.69 17.62
CA LEU I 267 -58.78 40.13 18.46
C LEU I 267 -58.61 41.48 19.07
N GLY I 268 -57.44 41.77 19.58
CA GLY I 268 -57.20 43.04 20.24
C GLY I 268 -57.49 44.17 19.30
N VAL I 269 -56.86 44.02 18.13
CA VAL I 269 -56.97 44.97 17.05
C VAL I 269 -58.43 45.22 16.80
N LEU I 270 -59.06 44.10 16.49
CA LEU I 270 -60.43 44.01 16.19
C LEU I 270 -61.24 44.75 17.19
N VAL I 271 -61.18 44.40 18.45
CA VAL I 271 -61.94 45.00 19.52
C VAL I 271 -61.90 46.49 19.49
N PRO I 272 -60.69 47.02 19.53
CA PRO I 272 -60.58 48.47 19.57
C PRO I 272 -61.24 49.11 18.39
N ARG I 273 -60.81 48.56 17.27
CA ARG I 273 -61.26 48.97 15.97
C ARG I 273 -62.73 49.00 15.91
N LEU I 274 -63.30 47.86 16.23
CA LEU I 274 -64.69 47.57 16.21
C LEU I 274 -65.42 48.63 16.85
N ALA I 275 -65.10 48.81 18.13
CA ALA I 275 -65.74 49.80 18.96
C ALA I 275 -65.85 51.13 18.27
N ALA I 276 -64.68 51.64 17.96
CA ALA I 276 -64.57 52.93 17.32
C ALA I 276 -65.42 53.04 16.09
N LEU I 277 -65.14 52.12 15.19
CA LEU I 277 -65.75 52.04 13.91
C LEU I 277 -67.22 52.07 13.99
N THR I 278 -67.73 51.17 14.82
CA THR I 278 -69.13 50.91 15.04
C THR I 278 -69.76 52.20 15.32
N GLN I 279 -69.27 52.71 16.44
CA GLN I 279 -69.68 53.94 17.04
C GLN I 279 -69.82 54.99 15.98
N GLY I 280 -68.75 55.24 15.23
CA GLY I 280 -68.86 56.22 14.18
C GLY I 280 -68.79 55.88 12.71
N SER I 281 -69.51 54.89 12.18
CA SER I 281 -69.39 54.73 10.70
C SER I 281 -70.56 53.99 10.15
N TYR I 282 -70.98 54.24 8.91
CA TYR I 282 -72.01 53.29 8.44
C TYR I 282 -71.62 52.75 7.07
N LEU I 283 -71.65 53.62 6.06
CA LEU I 283 -71.29 53.25 4.73
C LEU I 283 -69.87 52.77 4.79
N HIS I 284 -68.98 53.59 5.31
CA HIS I 284 -67.59 53.24 5.45
C HIS I 284 -67.38 51.93 6.17
N GLN I 285 -68.08 51.80 7.30
CA GLN I 285 -67.97 50.56 8.08
C GLN I 285 -68.16 49.33 7.21
N ARG I 286 -69.32 49.39 6.61
CA ARG I 286 -69.78 48.42 5.69
C ARG I 286 -68.71 48.17 4.66
N VAL I 287 -68.26 49.20 3.99
CA VAL I 287 -67.22 49.12 3.00
C VAL I 287 -66.00 48.32 3.42
N CYS I 288 -65.39 48.64 4.53
CA CYS I 288 -64.19 47.88 4.91
C CYS I 288 -64.44 46.40 5.12
N TRP I 289 -65.53 46.23 5.84
CA TRP I 289 -66.01 44.92 6.17
C TRP I 289 -66.14 44.11 4.91
N ARG I 290 -66.89 44.68 3.96
CA ARG I 290 -67.16 44.14 2.67
C ARG I 290 -65.87 43.77 2.05
N LEU I 291 -65.02 44.76 1.93
CA LEU I 291 -63.71 44.64 1.39
C LEU I 291 -62.92 43.36 1.70
N VAL I 292 -63.21 42.79 2.84
CA VAL I 292 -62.61 41.55 3.28
C VAL I 292 -62.62 40.44 2.22
N GLU I 293 -61.51 39.69 2.14
CA GLU I 293 -61.31 38.75 1.02
C GLU I 293 -60.48 37.46 1.27
N GLN I 294 -59.93 36.92 0.18
CA GLN I 294 -59.11 35.69 0.12
C GLN I 294 -59.81 34.41 0.52
N VAL I 295 -59.13 33.32 0.30
CA VAL I 295 -59.71 32.02 0.59
C VAL I 295 -59.09 31.57 1.87
N PRO I 296 -57.80 31.87 1.99
CA PRO I 296 -56.91 31.77 3.10
C PRO I 296 -57.67 32.75 3.95
N ASP I 297 -57.83 34.01 3.54
CA ASP I 297 -58.62 34.91 4.36
C ASP I 297 -60.10 34.61 4.46
N ARG I 298 -60.70 33.82 3.58
CA ARG I 298 -62.10 33.43 3.77
C ARG I 298 -62.14 32.70 5.10
N ALA I 299 -61.47 31.56 5.14
CA ALA I 299 -61.35 30.82 6.40
C ALA I 299 -60.52 31.64 7.38
N MET I 300 -59.77 32.58 6.80
CA MET I 300 -58.97 33.53 7.50
C MET I 300 -60.03 34.28 8.21
N GLU I 301 -60.98 34.82 7.45
CA GLU I 301 -62.10 35.52 8.01
C GLU I 301 -62.99 34.64 8.83
N ALA I 302 -63.05 33.34 8.57
CA ALA I 302 -63.87 32.44 9.36
C ALA I 302 -63.32 32.53 10.74
N VAL I 303 -62.03 32.28 10.81
CA VAL I 303 -61.30 32.36 12.02
C VAL I 303 -61.43 33.74 12.64
N LEU I 304 -61.33 34.78 11.84
CA LEU I 304 -61.43 36.14 12.25
C LEU I 304 -62.73 36.39 12.93
N THR I 305 -63.77 35.94 12.29
CA THR I 305 -65.08 36.05 12.76
C THR I 305 -65.19 35.39 14.08
N GLY I 306 -64.67 34.18 14.22
CA GLY I 306 -64.71 33.47 15.50
C GLY I 306 -63.89 34.09 16.61
N LEU I 307 -62.84 34.77 16.20
CA LEU I 307 -61.97 35.48 17.09
C LEU I 307 -62.82 36.58 17.63
N VAL I 308 -63.51 37.27 16.72
CA VAL I 308 -64.43 38.31 17.02
C VAL I 308 -65.62 37.80 17.82
N GLU I 309 -66.02 36.55 17.62
CA GLU I 309 -67.12 35.94 18.32
C GLU I 309 -66.68 35.97 19.73
N ALA I 310 -65.51 35.39 19.97
CA ALA I 310 -64.89 35.36 21.28
C ALA I 310 -64.84 36.78 21.86
N ALA I 311 -64.87 37.69 20.88
CA ALA I 311 -65.09 39.12 21.14
C ALA I 311 -66.49 39.33 21.80
N LEU I 312 -67.20 38.22 21.96
CA LEU I 312 -68.38 38.10 22.77
C LEU I 312 -69.56 38.97 22.50
N GLY I 313 -70.12 39.58 23.54
CA GLY I 313 -71.29 40.43 23.41
C GLY I 313 -70.98 41.70 22.68
N PRO I 314 -69.71 42.17 22.79
CA PRO I 314 -69.32 43.37 22.09
C PRO I 314 -69.45 42.99 20.66
N GLU I 315 -68.80 41.88 20.30
CA GLU I 315 -68.86 41.32 18.99
C GLU I 315 -70.31 41.20 18.60
N VAL I 316 -71.20 40.61 19.37
CA VAL I 316 -72.61 40.49 19.05
C VAL I 316 -73.24 41.75 18.57
N LEU I 317 -73.24 42.77 19.40
CA LEU I 317 -73.95 43.96 18.94
C LEU I 317 -73.24 44.62 17.81
N SER I 318 -71.94 44.63 17.91
CA SER I 318 -71.20 45.32 16.93
C SER I 318 -71.16 44.58 15.64
N ARG I 319 -71.23 43.27 15.66
CA ARG I 319 -71.21 42.47 14.46
C ARG I 319 -72.60 42.15 14.02
N LEU I 320 -73.58 42.59 14.79
CA LEU I 320 -74.94 42.63 14.38
C LEU I 320 -74.66 43.82 13.45
N LEU I 321 -74.14 44.96 13.93
CA LEU I 321 -73.76 46.01 13.02
C LEU I 321 -72.66 45.66 11.96
N GLY I 322 -71.84 44.63 12.14
CA GLY I 322 -70.76 44.23 11.27
C GLY I 322 -71.34 43.44 10.14
N ASN I 323 -72.41 42.73 10.45
CA ASN I 323 -73.19 42.02 9.47
C ASN I 323 -74.05 43.07 8.77
N LEU I 324 -74.40 44.15 9.50
CA LEU I 324 -75.14 45.30 9.05
C LEU I 324 -74.24 46.23 8.26
N VAL I 325 -72.94 46.04 8.38
CA VAL I 325 -71.97 46.74 7.66
C VAL I 325 -72.14 45.86 6.43
N VAL I 326 -71.77 44.60 6.55
CA VAL I 326 -71.92 43.79 5.38
C VAL I 326 -72.13 42.29 5.29
N LYS I 327 -73.11 41.66 4.62
CA LYS I 327 -73.07 40.12 4.45
C LYS I 327 -72.84 39.59 2.97
N ASN I 328 -73.30 40.52 2.14
CA ASN I 328 -73.29 40.53 0.70
C ASN I 328 -73.32 39.18 0.12
N LYS I 329 -74.37 38.42 0.34
CA LYS I 329 -74.45 37.07 -0.25
C LYS I 329 -73.29 36.02 -0.33
N LYS I 330 -72.90 35.70 -1.55
CA LYS I 330 -71.87 34.73 -1.97
C LYS I 330 -70.99 33.97 -0.99
N ALA I 331 -69.78 34.50 -0.83
CA ALA I 331 -68.79 33.91 0.04
C ALA I 331 -69.24 33.86 1.48
N GLN I 332 -69.97 34.89 1.91
CA GLN I 332 -70.51 34.95 3.26
C GLN I 332 -71.28 33.67 3.46
N PHE I 333 -72.26 33.43 2.59
CA PHE I 333 -73.05 32.23 2.63
C PHE I 333 -72.18 30.98 2.68
N VAL I 334 -71.22 30.92 1.77
CA VAL I 334 -70.29 29.81 1.69
C VAL I 334 -69.67 29.49 3.04
N MET I 335 -69.02 30.47 3.63
CA MET I 335 -68.35 30.24 4.88
C MET I 335 -69.26 30.14 6.08
N THR I 336 -70.46 30.64 5.95
CA THR I 336 -71.44 30.61 6.96
C THR I 336 -71.72 29.16 7.10
N GLN I 337 -72.03 28.51 5.99
CA GLN I 337 -72.28 27.09 6.04
C GLN I 337 -71.03 26.27 6.30
N LYS I 338 -69.87 26.81 5.97
CA LYS I 338 -68.62 26.16 6.21
C LYS I 338 -68.56 26.00 7.70
N LEU I 339 -68.73 27.12 8.38
CA LEU I 339 -68.75 27.21 9.81
C LEU I 339 -69.84 26.35 10.37
N LEU I 340 -71.00 26.37 9.74
CA LEU I 340 -72.15 25.61 10.12
C LEU I 340 -71.73 24.19 10.25
N PHE I 341 -71.17 23.65 9.19
CA PHE I 341 -70.66 22.31 9.19
C PHE I 341 -69.68 22.14 10.31
N LEU I 342 -68.60 22.91 10.27
CA LEU I 342 -67.56 22.84 11.29
C LEU I 342 -67.27 24.22 11.87
N GLN I 343 -66.77 24.33 13.15
CA GLN I 343 -66.59 23.36 14.32
C GLN I 343 -66.02 23.87 15.74
N SER I 344 -64.92 23.24 16.24
CA SER I 344 -64.19 23.46 17.49
C SER I 344 -64.44 24.72 18.25
N ARG I 345 -64.98 24.51 19.46
CA ARG I 345 -65.36 25.52 20.46
C ARG I 345 -66.57 26.35 20.08
N LEU I 346 -67.55 26.39 20.97
CA LEU I 346 -68.77 27.11 20.64
C LEU I 346 -69.56 27.67 21.79
N THR I 347 -68.95 27.85 22.96
CA THR I 347 -69.67 28.52 24.04
C THR I 347 -69.78 29.93 23.54
N THR I 348 -68.63 30.44 23.07
CA THR I 348 -68.53 31.67 22.37
C THR I 348 -69.58 31.61 21.28
N PRO I 349 -69.55 30.61 20.40
CA PRO I 349 -70.58 30.59 19.35
C PRO I 349 -72.03 30.43 19.76
N MET I 350 -72.31 29.89 20.96
CA MET I 350 -73.66 29.64 21.46
C MET I 350 -74.16 30.99 21.42
N LEU I 351 -73.61 31.77 22.33
CA LEU I 351 -73.72 33.14 22.09
C LEU I 351 -73.35 33.41 20.67
N GLN I 352 -72.16 32.99 20.27
CA GLN I 352 -71.66 33.21 18.92
C GLN I 352 -72.66 32.92 17.89
N SER I 353 -73.11 31.69 17.94
CA SER I 353 -74.02 31.12 17.02
C SER I 353 -75.18 31.98 16.92
N LEU I 354 -75.80 32.13 18.07
CA LEU I 354 -76.97 32.92 18.21
C LEU I 354 -76.87 34.26 17.57
N LEU I 355 -75.92 35.04 18.01
CA LEU I 355 -75.85 36.39 17.52
C LEU I 355 -75.52 36.48 16.07
N GLY I 356 -74.64 35.59 15.65
CA GLY I 356 -74.16 35.55 14.30
C GLY I 356 -75.35 35.35 13.44
N HIS I 357 -76.06 34.30 13.78
CA HIS I 357 -77.24 33.88 13.13
C HIS I 357 -78.13 35.02 13.03
N LEU I 358 -78.49 35.60 14.16
CA LEU I 358 -79.39 36.71 14.28
C LEU I 358 -79.09 37.75 13.26
N ALA I 359 -77.87 38.24 13.34
CA ALA I 359 -77.34 39.24 12.46
C ALA I 359 -77.58 38.89 11.02
N MET I 360 -76.97 37.81 10.59
CA MET I 360 -77.08 37.43 9.20
C MET I 360 -78.48 37.15 8.72
N ASP I 361 -79.23 36.51 9.58
CA ASP I 361 -80.57 36.10 9.29
C ASP I 361 -81.32 37.30 9.00
N SER I 362 -81.27 38.30 9.87
CA SER I 362 -82.01 39.55 9.76
C SER I 362 -81.47 40.48 8.72
N GLN I 363 -80.22 40.27 8.33
CA GLN I 363 -79.58 41.03 7.29
C GLN I 363 -80.37 40.63 6.10
N ARG I 364 -80.43 39.29 5.90
CA ARG I 364 -81.04 38.55 4.73
C ARG I 364 -82.00 37.30 4.89
N ARG I 365 -83.01 37.68 5.65
CA ARG I 365 -84.11 36.83 6.07
C ARG I 365 -83.76 35.39 6.44
N PRO I 366 -84.18 34.47 5.56
CA PRO I 366 -84.43 33.09 5.11
C PRO I 366 -83.18 32.29 4.96
N LEU I 367 -82.06 32.92 5.26
CA LEU I 367 -80.76 32.31 5.23
C LEU I 367 -80.90 31.20 6.24
N LEU I 368 -81.24 31.64 7.43
CA LEU I 368 -81.57 30.83 8.56
C LEU I 368 -82.38 29.64 8.19
N LEU I 369 -83.52 29.87 7.55
CA LEU I 369 -84.44 28.83 7.13
C LEU I 369 -83.75 27.68 6.44
N GLN I 370 -82.95 28.02 5.46
CA GLN I 370 -82.19 27.06 4.74
C GLN I 370 -81.30 26.37 5.72
N VAL I 371 -80.58 27.12 6.53
CA VAL I 371 -79.68 26.50 7.49
C VAL I 371 -80.42 25.62 8.46
N LEU I 372 -81.57 26.07 8.91
CA LEU I 372 -82.41 25.34 9.78
C LEU I 372 -82.74 24.09 9.04
N LYS I 373 -83.26 24.24 7.82
CA LYS I 373 -83.60 23.10 6.98
C LYS I 373 -82.43 22.17 6.84
N GLU I 374 -81.29 22.73 6.52
CA GLU I 374 -80.07 22.01 6.42
C GLU I 374 -79.81 21.29 7.72
N LEU I 375 -79.88 22.00 8.83
CA LEU I 375 -79.63 21.42 10.14
C LEU I 375 -80.40 20.14 10.47
N LEU I 376 -81.64 20.06 10.04
CA LEU I 376 -82.50 18.89 10.22
C LEU I 376 -81.78 17.64 9.78
N GLU I 377 -81.27 17.69 8.55
CA GLU I 377 -80.50 16.62 7.96
C GLU I 377 -79.36 16.27 8.88
N THR I 378 -78.61 17.28 9.33
CA THR I 378 -77.52 17.07 10.26
C THR I 378 -77.91 16.27 11.50
N TRP I 379 -79.11 16.47 12.08
CA TRP I 379 -79.54 15.68 13.23
C TRP I 379 -79.46 14.16 13.10
N GLY I 380 -79.64 13.62 11.89
CA GLY I 380 -79.49 12.20 11.58
C GLY I 380 -78.19 11.49 11.92
N SER I 381 -78.21 10.16 11.80
CA SER I 381 -77.11 9.28 12.23
C SER I 381 -76.69 8.11 11.36
N SER I 382 -76.91 6.90 11.89
CA SER I 382 -76.55 5.62 11.27
C SER I 382 -75.08 5.61 10.99
N SER I 383 -74.73 6.07 9.80
CA SER I 383 -73.34 6.21 9.39
C SER I 383 -72.79 7.19 10.40
N ALA I 384 -73.45 8.32 10.53
CA ALA I 384 -73.09 9.29 11.53
C ALA I 384 -73.12 8.66 12.91
N ILE I 385 -74.11 7.83 13.26
CA ILE I 385 -74.18 7.17 14.54
C ILE I 385 -72.90 6.38 14.71
N ARG I 386 -72.55 5.61 13.70
CA ARG I 386 -71.30 4.93 13.77
C ARG I 386 -70.18 5.94 13.89
N HIS I 387 -70.18 6.98 13.06
CA HIS I 387 -69.11 7.96 13.06
C HIS I 387 -69.08 9.01 14.15
N THR I 388 -68.34 10.09 13.89
CA THR I 388 -68.17 11.25 14.79
C THR I 388 -67.52 11.00 16.17
N PRO I 389 -67.41 12.08 16.96
CA PRO I 389 -66.83 12.04 18.30
C PRO I 389 -67.92 12.39 19.32
N LEU I 390 -67.97 13.62 19.86
CA LEU I 390 -69.11 14.08 20.70
C LEU I 390 -69.39 15.60 20.47
N PRO I 391 -68.52 16.23 19.68
CA PRO I 391 -68.53 17.65 19.32
C PRO I 391 -69.68 17.99 18.44
N GLN I 392 -69.99 16.99 17.63
CA GLN I 392 -71.08 17.07 16.73
C GLN I 392 -72.33 17.26 17.55
N GLN I 393 -72.49 16.46 18.60
CA GLN I 393 -73.62 16.58 19.48
C GLN I 393 -73.66 17.95 20.06
N ARG I 394 -72.51 18.42 20.55
CA ARG I 394 -72.48 19.79 21.06
C ARG I 394 -73.08 20.81 20.06
N HIS I 395 -72.56 20.74 18.86
CA HIS I 395 -73.02 21.56 17.76
C HIS I 395 -74.53 21.46 17.58
N VAL I 396 -74.99 20.23 17.52
CA VAL I 396 -76.39 19.95 17.38
C VAL I 396 -77.23 20.69 18.42
N SER I 397 -76.84 20.56 19.67
CA SER I 397 -77.54 21.26 20.76
C SER I 397 -77.69 22.74 20.50
N LYS I 398 -76.56 23.34 20.16
CA LYS I 398 -76.57 24.76 19.84
C LYS I 398 -77.60 25.14 18.78
N ALA I 399 -77.53 24.37 17.70
CA ALA I 399 -78.44 24.53 16.59
C ALA I 399 -79.87 24.54 17.03
N VAL I 400 -80.22 23.53 17.82
CA VAL I 400 -81.55 23.39 18.38
C VAL I 400 -81.97 24.68 19.00
N LEU I 401 -81.16 25.13 19.95
CA LEU I 401 -81.45 26.40 20.60
C LEU I 401 -81.78 27.55 19.62
N ILE I 402 -80.89 27.79 18.67
CA ILE I 402 -81.15 28.86 17.71
C ILE I 402 -82.46 28.75 16.93
N CYS I 403 -82.67 27.53 16.50
CA CYS I 403 -83.83 27.16 15.75
C CYS I 403 -85.03 27.56 16.53
N LEU I 404 -85.11 27.10 17.78
CA LEU I 404 -86.19 27.43 18.71
C LEU I 404 -86.42 28.90 18.75
N ALA I 405 -85.34 29.66 18.95
CA ALA I 405 -85.45 31.07 18.90
C ALA I 405 -86.20 31.65 17.68
N GLN I 406 -85.78 31.47 16.42
CA GLN I 406 -86.60 32.22 15.37
C GLN I 406 -86.86 31.76 13.90
N LEU I 407 -87.94 32.27 13.21
CA LEU I 407 -88.23 31.93 11.82
C LEU I 407 -89.41 32.78 11.39
N GLY I 408 -90.27 32.23 10.55
CA GLY I 408 -91.67 32.58 10.57
C GLY I 408 -92.40 31.60 11.44
N GLU I 409 -93.71 31.70 11.51
CA GLU I 409 -94.43 30.73 12.30
C GLU I 409 -94.50 29.59 11.34
N PRO I 410 -95.18 29.77 10.21
CA PRO I 410 -95.47 28.90 9.04
C PRO I 410 -94.44 27.79 8.81
N GLU I 411 -93.27 28.31 9.15
CA GLU I 411 -92.01 27.63 9.17
C GLU I 411 -92.25 26.31 9.85
N LEU I 412 -92.68 26.37 11.11
CA LEU I 412 -93.03 25.25 11.97
C LEU I 412 -93.71 24.20 11.18
N ARG I 413 -94.88 24.50 10.64
CA ARG I 413 -95.62 23.55 9.82
C ARG I 413 -94.80 22.78 8.78
N ASP I 414 -94.26 23.50 7.80
CA ASP I 414 -93.51 22.74 6.78
C ASP I 414 -92.29 21.96 7.30
N SER I 415 -91.62 22.64 8.21
CA SER I 415 -90.43 22.10 8.77
C SER I 415 -90.67 20.94 9.66
N ARG I 416 -91.91 20.95 10.13
CA ARG I 416 -92.45 19.94 10.98
C ARG I 416 -92.58 18.69 10.14
N ASP I 417 -92.73 18.81 8.83
CA ASP I 417 -92.85 17.64 7.97
C ASP I 417 -91.56 16.92 8.12
N GLU I 418 -90.56 17.70 7.80
CA GLU I 418 -89.22 17.28 7.89
C GLU I 418 -88.91 16.91 9.30
N LEU I 419 -89.34 17.70 10.27
CA LEU I 419 -89.07 17.48 11.65
C LEU I 419 -89.54 16.15 12.05
N LEU I 420 -90.76 15.81 11.72
CA LEU I 420 -91.35 14.56 12.05
C LEU I 420 -90.51 13.47 11.49
N ALA I 421 -90.22 13.58 10.22
CA ALA I 421 -89.39 12.61 9.54
C ALA I 421 -88.10 12.35 10.29
N SER I 422 -87.44 13.49 10.49
CA SER I 422 -86.18 13.60 11.15
C SER I 422 -86.28 12.91 12.44
N MET I 423 -87.25 13.35 13.24
CA MET I 423 -87.55 12.89 14.54
C MET I 423 -87.57 11.42 14.52
N MET I 424 -88.45 10.83 13.75
CA MET I 424 -88.54 9.40 13.69
C MET I 424 -87.23 8.65 13.49
N ALA I 425 -86.54 9.00 12.41
CA ALA I 425 -85.32 8.25 12.14
C ALA I 425 -84.26 8.49 13.18
N GLY I 426 -84.20 9.75 13.52
CA GLY I 426 -83.29 10.29 14.46
C GLY I 426 -83.51 9.59 15.74
N VAL I 427 -84.76 9.51 16.17
CA VAL I 427 -85.24 8.92 17.36
C VAL I 427 -84.65 7.63 17.38
N LYS I 428 -84.96 6.78 16.43
CA LYS I 428 -84.41 5.42 16.42
C LYS I 428 -82.93 5.37 16.74
N CYS I 429 -82.22 6.08 15.89
CA CYS I 429 -80.80 6.20 15.98
C CYS I 429 -80.32 6.59 17.37
N ARG I 430 -80.78 7.73 17.84
CA ARG I 430 -80.35 8.32 19.10
C ARG I 430 -80.93 7.65 20.33
N LEU I 431 -82.01 6.89 20.10
CA LEU I 431 -82.74 6.09 21.11
C LEU I 431 -81.82 5.05 21.51
N ASP I 432 -80.83 4.97 20.64
CA ASP I 432 -79.67 4.15 20.70
C ASP I 432 -78.53 5.02 21.20
N SER I 433 -78.84 6.12 21.89
CA SER I 433 -77.80 7.00 22.37
C SER I 433 -77.38 6.63 23.76
N SER I 434 -76.05 6.50 23.94
CA SER I 434 -75.43 6.21 25.23
C SER I 434 -75.90 7.23 26.19
N LEU I 435 -75.77 8.40 25.59
CA LEU I 435 -76.22 9.67 26.00
C LEU I 435 -77.57 9.56 25.32
N PRO I 436 -78.35 8.64 25.86
CA PRO I 436 -79.69 8.33 25.47
C PRO I 436 -80.39 9.62 25.80
N PRO I 437 -80.22 10.13 27.03
CA PRO I 437 -80.81 11.41 27.39
C PRO I 437 -80.38 12.56 26.49
N VAL I 438 -79.16 12.61 25.97
CA VAL I 438 -78.75 13.67 25.08
C VAL I 438 -79.69 13.68 23.90
N ARG I 439 -79.76 12.50 23.30
CA ARG I 439 -80.70 12.36 22.21
C ARG I 439 -82.16 12.75 22.61
N ARG I 440 -82.60 12.32 23.79
CA ARG I 440 -83.92 12.60 24.39
C ARG I 440 -84.23 14.08 24.56
N LEU I 441 -83.20 14.80 24.90
CA LEU I 441 -83.26 16.21 25.11
C LEU I 441 -83.61 16.80 23.79
N GLY I 442 -82.85 16.39 22.78
CA GLY I 442 -83.17 16.83 21.42
C GLY I 442 -84.64 16.58 21.06
N MET I 443 -85.10 15.37 21.35
CA MET I 443 -86.48 15.03 21.13
C MET I 443 -87.42 16.00 21.77
N ILE I 444 -87.24 16.26 23.05
CA ILE I 444 -88.07 17.18 23.76
C ILE I 444 -88.10 18.53 23.09
N VAL I 445 -86.93 19.03 22.73
CA VAL I 445 -86.86 20.30 22.04
C VAL I 445 -87.75 20.30 20.82
N ALA I 446 -87.54 19.32 19.99
CA ALA I 446 -88.32 19.19 18.80
C ALA I 446 -89.81 19.09 19.06
N GLU I 447 -90.14 18.29 20.06
CA GLU I 447 -91.47 18.01 20.51
C GLU I 447 -92.12 19.31 20.77
N VAL I 448 -91.50 20.08 21.64
CA VAL I 448 -91.96 21.38 22.01
C VAL I 448 -92.26 22.19 20.78
N VAL I 449 -91.22 22.32 19.96
CA VAL I 449 -91.30 23.05 18.70
C VAL I 449 -92.55 22.76 17.87
N SER I 450 -92.90 21.50 17.69
CA SER I 450 -94.15 21.26 16.97
C SER I 450 -95.06 20.33 17.74
N ALA I 451 -95.47 20.76 18.93
CA ALA I 451 -96.33 19.97 19.83
C ALA I 451 -97.45 19.18 19.16
#